data_8PRV
#
_entry.id   8PRV
#
_cell.length_a   1.00
_cell.length_b   1.00
_cell.length_c   1.00
_cell.angle_alpha   90.00
_cell.angle_beta   90.00
_cell.angle_gamma   90.00
#
_symmetry.space_group_name_H-M   'P 1'
#
loop_
_entity.id
_entity.type
_entity.pdbx_description
1 polymer 'Fatty acid synthase subunit alpha'
2 polymer 'Fatty acid synthase subunit beta'
3 non-polymer 'NADP NICOTINAMIDE-ADENINE-DINUCLEOTIDE PHOSPHATE'
4 non-polymer '~{S}-[2-[3-[[(2~{R})-3,3-dimethyl-2-oxidanyl-4-phosphonooxy-butanoyl]amino]propanoylamino]ethyl] 3-oxidanylidenebutanethioate'
5 non-polymer 'FLAVIN MONONUCLEOTIDE'
6 non-polymer 'COENZYME A'
#
loop_
_entity_poly.entity_id
_entity_poly.type
_entity_poly.pdbx_seq_one_letter_code
_entity_poly.pdbx_strand_id
1 'polypeptide(L)'
;MKPEVEQELAHILLTELLAYQFASPVRWIETQDVFLKDFNTERVVEIGPSPTLAGMAQRTLKNKYESYDAALSLHREILC
YSKDAKEIYYTPDPSELAAKEEPAKEEAPAPTPAASAPAPAAAAPAPVAAAAPAAAAAEIADEPVKASLLLHVLVAHKLK
KSLDSIPMSKTIKDLVGGKSTVQNEILGDLGKEFGTTPEKPEETPLEELAETFQDTFSGALGKQSSSLLSRLISSKMPGG
FTITVARKYLQTRWGLPSGRQDGVLLVALSNEPAARLGSEADAKAFLDSMAQKYASIVGVDLSSAASASGAAGAGAAAGA
AMIDAGALEEITKDHKVLARQQLQVLARYLKMDLDNGERKFLKEKDTVAELQAQLDYLNAELGEFFVNGVATSFSRKKAR
TFDSSWNWAKQSLLSLYFEIIHGVLKNVDREVVSEAINIMNRSNDALIKFMEYHISNTDETKGENYQLVKTLGEQLIENC
KQVLDVDPVYKDVAKPTGPKTAIDKNGNITYSEEPREKVRKLSQYVQEMALGGPITKESQPTIEEDLTRVYKAISAQADK
QDISSSTRVEFEKLYSDLMKFLESSKEIDPSQTTQLAGMDVEDALDKDSTKEVASLPNKSTISKTVSSTIPRETIPFLHL
RKKTPAGDWKYDRQLSSLFLDGLEKAAFNGVTFKDKYVLITGAGKGSIGAEVLQGLLQGGAKVVVTTSRFSKQVTDYYQS
IYAKYGAKGSTLIVVPFNQGSKQDVEALIEFIYDTEKNGGLGWDLDAIIPFAAIPEQGIELEHIDSKSEFAHRIMLTNIL
RMMGCVKKQKSARGIETRPAQVILPMSPNHGTFGGDGMYSESKLSLETLFNRWHSESWANQLTVCGAIIGWTRGTGLMSA
NNIIAEGIEKMGVRTFSQKEMAFNLLGLLTPEVVELCQKSPVMADLNGGLQFVPELKEFTAKLRKELVETSEVRKAVSIE
TALEHKVVNGNSADAAYAQVEIQPRANIQLDFPELKPYKQVKQIAPAELEGLLDLERVIVVTGFAEVGPWGSARTRWEME
AFGEFSLEGCVEMAWIMGFISYHNGNLKGRPYTGWVDSKTKEPVDDKDVKAKYETSILEHSGIRLIEPELFNGYNPEKKE
MIQEVIVEEDLEPFEASKETAEQFKHQHGDKVDIFEIPETGEYSVKLLKGATLYIPKALRFDRLVAGQIPTGWNAKTYGI
SDDIISQVDPITLFVLVSVVEAFIASGITDPYEMYKYVHVSEVGNCSGSGMGGVSALRGMFKDRFKDEPVQNDILQESFI
NTMSAWVNMLLISSSGPIKTPVGACATSVESVDIGVETILSGKARICIVGGYDDFQEEGSFEFGNMKATSNTLEEFEHGR
TPAEMSRPATTTRNGFMEAQGAGIQIIMQADLALKMGVPIYGIVAMAATATDKIGRSVPAPGKGILTTAREHHSSVKYAS
PNLNMKYRKRQLVTREAQIKDWVENELEALKLEAEEIPSEDQNEFLLERTREIHNEAESQLRAAQQQWGNDFYKRDPRIA
PLRGALATYGLTIDDLGVASFHGTSTKANDKNESATINEMMKHLGRSEGNPVIGVFQKFLTGHPKGAAGAWMMNGALQIL
NSGIIPGNRNADNVDKILEQFEYVLYPSKTLKTDGVRAVSITSFGFGQKGGQAIVVHPDYLYGAITEDRYNEYVAKVSAR
EKSAYKFFHNGMIYNKLFVSKEHAPYTDELEEDVYLDPLARVSKDKKSGSLTFNSKNIQSKDSYINANTIETAKMIENMT
KEKVSNGGVGVDVELITSINVENDTFIERNFTPQEIEYCSAQPSVQSSFAGTWSAKEAVFKSLGVKSLGGGAALKDIEIV
RVNKNAPAVELHGNAKKAAEEAGVTDVKVSISHDDLQAVAVAVSTKK
;
A,B
2 'polypeptide(L)'
;MDAYSTRPLTLSHGSLEHVLLVPTASFFIASQLQEQFNKILPEPTEGFAADDEPTTPAELVGKFLGYVSSLVEPSKVGQF
DQVLNLCLTEFENCYLEGNDIHALAAKLLQENDTTLVKTKELIKNYITARIMAKRPFDKKSNSALFRAVGEGNAQLVAIF
GGQGNTDDYFEELRDLYQTYHVLVGDLIKFSAETLSELIRTTLDAEKVFTQGLNILEWLENPSNTPDKDYLLSIPISCPL
IGVIQLAHYVVTAKLLGFTPGELRSYLKGATGHSQGLVTAVAIAETDSWESFFVSVRKAITVLFFIGVRCYEAYPNTSLP
PSILEDSLENNEGVPSPMLSISNLTQEQVQDYVNKTNSHLPAGKQVEISLVNGAKNLVVSGPPQSLYGLNLTLRKAKAPS
GLDQSRIPFSERKLKFSNRFLPVASPFHSHLLVPASDLINKDLVKNNVSFNAKDIQIPVYDTFDGSDLRVLSGSISERIV
DCIIRLPVKWETTTQFKATHILDFGPGGASGLGVLTHRNKDGTGVRVIVAGTLDINPDDDYGFKQEIFDVTSNGLKKNPN
WLEEYHPKLIKNKSGKIFVETKFSKLIGRPPLLVPGMTPCTVSPDFVAATTNAGYTIELAGGGYFSAAGMTAAIDSVVSQ
IEKGSTFGINLIYVNPFMLQWGIPLIKELRSKGYPIQFLTIGAGVPSLEVASEYIETLGLKYLGLKPGSIDAISQVINIA
KAHPNFPIALQWTGGRGGGHHSFEDAHTPMLQMYSKIRRHPNIMLIFGSGFGSADDTYPYLTGEWSTKFDYPPMPFDGFL
FGSRVMIAKEVKTSPDAKKCIAACTGVPDDKWEQTYKKPTGGIVTVRSEMGEPIHKIATRGVMLWKEFDETIFNLPKNKL
VPTLEAKRDYIISRLNADFQKPWFATVNGQARDLATMTYEEVAKRLVELMFIRSTNSWFDVTWRTFTGDFLRRVEERFTK
SKTLSLIQSYSLLDKPDEAIEKVFNAYPAAREQFLNAQDIDHFLSMCQNPMQKPVPFVPVLDRRFEIFFKKDSLWQSEHL
EAVVDQDVQRTCILHGPVAAQFTKVIDEPIKSIMDGIHDGHIKKLLHQYYGDDESKIPAVEYFGGESPVDVQSQVDSSSV
SEDSAVFKATSSTDEESWFKALAGSEINWRHASFLCSFITQDKMFVSNPIRKVFKPSQGMVVEISNGNTSSKTVVTLSEP
VQGELKPTVILKLLKENIIQMEMIENRTMDGKPVSLPLLYNFNPDNGFAPISEVMEDRNQRIKEMYWKLWIDEPFNLDFD
PRDVIKGKDFEITAKEVYDFTHAVGNNCEDFVSRPDRTMLAPMDFAIVVGWRAIIKAIFPNTVDGDLLKLVHLSNGYKMI
PGAKPLQVGDVVSTTAVIESVVNQPTGKIVDVVGTLSRNGKPVMEVTSSFFYRGNYTDFENTFQKTVEPVYQMHIKTSKD
IAVLRSKEWFQLDDEDFDLLNKTLTFETETEVTFKNANIFSSVKCFGPIKVELPTKETVEIGIVDYEAGASHGNPVVDFL
KRNGSTLEQKVNLENPIPIAVLDSYTPSTNEPYARVSGDLNPIHVSRHFASYANLPGTITHGMFSSASVRALIENWAADS
VSSRVRGYTCQFVDMVLPNTALKTSIQHVGMINGRKLIKFETRNEDDVVVLTGEAEIEQPVTTFVFTGQGSQEQGMGMDL
YKTSKAAQDVWNRADNHFKDTYGFSILDIVINNPVNLTIHFGGEKGKRIRENYSAMIFETIVDGKLKTEKIFKEINEHST
SYTFRSEKGLLSATQFTQPALTLMEKAAFEDLKSKGLIPADATFAGH(J8W)LGEYAALASLADVMSIESLVEVVFYRGM
TMQVAVPRDELGRSNYGMIAINPGRVAASFSQEALQYVVERVGKRTGWLVEIVNYNVENQQYVAAGDLRALDTVTNVLNF
IKLQKIDIIELQKSLSLEEVEGHLFEIIDEASKKSAVKPRPLKLERGFACIPLVGISVPFHSTYLMNGVKPFKSFLKKNI
IKENVKVARLAGKYIPNLTAKPFQVTKEYFQDVYDLTGSEPIKEIIDNWEKYEQS
;
G
#
# COMPACT_ATOMS: atom_id res chain seq x y z
N MET A 1 63.55 -1.54 37.25
CA MET A 1 62.71 -0.43 37.83
C MET A 1 61.23 -0.76 37.70
N LYS A 2 60.45 -0.50 38.75
CA LYS A 2 58.97 -0.60 38.75
C LYS A 2 58.43 0.48 37.79
N PRO A 3 57.39 0.19 36.98
CA PRO A 3 56.82 1.18 36.07
C PRO A 3 56.44 2.54 36.71
N GLU A 4 56.02 2.54 37.99
CA GLU A 4 55.57 3.73 38.75
C GLU A 4 56.77 4.54 39.26
N VAL A 5 57.96 3.94 39.32
CA VAL A 5 59.24 4.59 39.70
C VAL A 5 59.90 5.15 38.44
N GLU A 6 59.87 4.40 37.34
CA GLU A 6 60.38 4.87 36.02
C GLU A 6 59.61 6.14 35.66
N GLN A 7 58.28 6.13 35.87
CA GLN A 7 57.35 7.27 35.66
C GLN A 7 57.90 8.48 36.42
N GLU A 8 58.06 8.36 37.73
CA GLU A 8 58.61 9.42 38.63
C GLU A 8 59.96 9.93 38.10
N LEU A 9 60.88 9.08 37.70
CA LEU A 9 62.18 9.55 37.15
C LEU A 9 61.94 10.30 35.83
N ALA A 10 61.13 9.74 34.94
CA ALA A 10 60.81 10.32 33.60
C ALA A 10 60.18 11.70 33.79
N HIS A 11 59.30 11.85 34.78
CA HIS A 11 58.78 13.16 35.22
C HIS A 11 59.92 14.13 35.53
N ILE A 12 60.83 13.80 36.48
CA ILE A 12 61.90 14.72 36.94
C ILE A 12 62.82 15.04 35.75
N LEU A 13 63.10 14.07 34.89
CA LEU A 13 64.08 14.28 33.80
C LEU A 13 63.51 15.23 32.76
N LEU A 14 62.22 15.08 32.46
CA LEU A 14 61.47 15.91 31.48
C LEU A 14 61.31 17.34 32.01
N THR A 15 61.01 17.54 33.30
CA THR A 15 60.87 18.90 33.91
C THR A 15 62.23 19.62 33.94
N GLU A 16 63.33 18.89 34.11
CA GLU A 16 64.69 19.50 34.09
C GLU A 16 65.13 19.71 32.65
N LEU A 17 64.71 18.85 31.71
CA LEU A 17 64.95 19.08 30.26
C LEU A 17 64.24 20.36 29.82
N LEU A 18 62.96 20.54 30.14
CA LEU A 18 62.18 21.70 29.63
C LEU A 18 62.65 22.97 30.32
N ALA A 19 62.76 22.94 31.65
CA ALA A 19 63.21 24.07 32.47
C ALA A 19 64.52 24.64 31.91
N TYR A 20 65.49 23.80 31.55
CA TYR A 20 66.87 24.29 31.24
C TYR A 20 67.00 24.63 29.77
N GLN A 21 66.09 24.14 28.93
CA GLN A 21 66.01 24.44 27.48
C GLN A 21 65.72 25.94 27.30
N PHE A 22 64.93 26.50 28.20
CA PHE A 22 64.68 27.95 28.42
C PHE A 22 65.93 28.79 28.12
N ALA A 23 67.08 28.36 28.66
CA ALA A 23 68.35 29.12 28.71
C ALA A 23 69.58 28.24 28.41
N SER A 24 69.44 27.25 27.52
CA SER A 24 70.57 26.49 26.94
C SER A 24 70.49 26.54 25.41
N PRO A 25 71.63 26.49 24.71
CA PRO A 25 71.61 26.58 23.26
C PRO A 25 70.89 25.37 22.66
N VAL A 26 70.14 25.61 21.60
CA VAL A 26 69.43 24.56 20.80
C VAL A 26 70.46 23.85 19.93
N ARG A 27 70.45 22.52 19.94
CA ARG A 27 71.41 21.66 19.20
C ARG A 27 70.63 20.93 18.10
N TRP A 28 70.35 21.63 17.02
CA TRP A 28 69.55 21.07 15.89
C TRP A 28 70.49 20.39 14.89
N ILE A 29 71.80 20.60 15.03
CA ILE A 29 72.83 19.86 14.24
C ILE A 29 72.73 18.42 14.71
N GLU A 30 73.00 18.18 15.99
CA GLU A 30 73.01 16.81 16.57
C GLU A 30 71.64 16.17 16.40
N THR A 31 70.55 16.93 16.52
CA THR A 31 69.16 16.39 16.42
C THR A 31 68.91 15.85 15.01
N GLN A 32 69.17 16.61 13.96
CA GLN A 32 69.01 16.11 12.57
C GLN A 32 69.94 14.90 12.36
N ASP A 33 71.22 15.01 12.74
CA ASP A 33 72.20 13.90 12.74
C ASP A 33 71.73 12.68 13.53
N VAL A 34 70.68 12.81 14.35
CA VAL A 34 70.04 11.61 14.99
C VAL A 34 68.94 11.14 14.07
N PHE A 35 67.89 11.91 13.84
CA PHE A 35 66.73 11.37 13.11
C PHE A 35 67.04 11.14 11.62
N LEU A 36 68.05 11.77 11.01
CA LEU A 36 68.37 11.51 9.58
C LEU A 36 69.35 10.33 9.44
N LYS A 37 70.23 10.06 10.40
CA LYS A 37 71.32 9.06 10.22
C LYS A 37 71.14 7.85 11.13
N ASP A 38 70.61 8.00 12.34
CA ASP A 38 70.54 6.89 13.34
C ASP A 38 69.21 6.15 13.16
N PHE A 39 68.13 6.84 12.79
CA PHE A 39 66.79 6.23 12.55
C PHE A 39 66.52 6.03 11.05
N ASN A 40 67.30 6.65 10.15
CA ASN A 40 67.15 6.52 8.67
C ASN A 40 65.71 6.91 8.29
N THR A 41 65.32 8.12 8.67
CA THR A 41 63.94 8.60 8.52
C THR A 41 63.64 8.83 7.04
N GLU A 42 62.51 8.32 6.56
CA GLU A 42 62.11 8.41 5.14
C GLU A 42 61.17 9.61 4.95
N ARG A 43 60.17 9.80 5.84
CA ARG A 43 59.33 11.01 5.90
C ARG A 43 59.79 11.87 7.08
N VAL A 44 60.10 13.14 6.86
CA VAL A 44 60.31 14.17 7.92
C VAL A 44 59.19 15.17 7.73
N VAL A 45 58.14 15.06 8.52
CA VAL A 45 57.00 16.01 8.51
C VAL A 45 57.34 17.16 9.45
N GLU A 46 57.30 18.40 8.94
CA GLU A 46 57.47 19.62 9.76
C GLU A 46 56.09 20.23 9.98
N ILE A 47 55.69 20.32 11.25
CA ILE A 47 54.42 20.96 11.70
C ILE A 47 54.76 22.39 12.07
N GLY A 48 54.18 23.35 11.37
CA GLY A 48 54.50 24.76 11.56
C GLY A 48 53.72 25.59 10.54
N PRO A 49 53.78 26.92 10.64
CA PRO A 49 53.10 27.78 9.68
C PRO A 49 53.96 28.06 8.44
N SER A 50 55.30 28.04 8.56
CA SER A 50 56.23 28.28 7.44
C SER A 50 57.32 27.21 7.42
N PRO A 51 57.77 26.78 6.23
CA PRO A 51 58.78 25.71 6.10
C PRO A 51 60.22 26.13 6.46
N THR A 52 60.55 26.21 7.76
CA THR A 52 61.90 26.60 8.23
C THR A 52 62.74 25.35 8.46
N LEU A 53 62.27 24.41 9.29
CA LEU A 53 62.97 23.16 9.66
C LEU A 53 63.02 22.19 8.47
N ALA A 54 62.04 22.28 7.56
CA ALA A 54 62.03 21.54 6.28
C ALA A 54 63.21 22.03 5.45
N GLY A 55 63.32 23.35 5.26
CA GLY A 55 64.46 24.01 4.59
C GLY A 55 65.80 23.57 5.16
N MET A 56 65.91 23.54 6.50
CA MET A 56 67.14 23.16 7.25
C MET A 56 67.48 21.70 6.99
N ALA A 57 66.49 20.81 7.10
CA ALA A 57 66.65 19.36 6.90
C ALA A 57 67.17 19.09 5.47
N GLN A 58 66.50 19.64 4.45
CA GLN A 58 66.92 19.59 3.02
C GLN A 58 68.37 20.05 2.91
N ARG A 59 68.71 21.20 3.46
CA ARG A 59 70.10 21.73 3.41
C ARG A 59 71.03 20.75 4.13
N THR A 60 70.67 20.17 5.26
CA THR A 60 71.54 19.22 6.00
C THR A 60 71.73 17.95 5.15
N LEU A 61 70.72 17.55 4.38
CA LEU A 61 70.72 16.31 3.53
C LEU A 61 71.62 16.51 2.31
N LYS A 62 71.69 17.73 1.78
CA LYS A 62 72.48 18.09 0.57
C LYS A 62 73.96 18.29 0.93
N ASN A 63 74.31 18.42 2.22
CA ASN A 63 75.66 18.89 2.68
C ASN A 63 76.49 17.76 3.29
N LYS A 64 75.87 16.69 3.79
CA LYS A 64 76.63 15.58 4.43
C LYS A 64 75.97 14.20 4.26
N TYR A 65 74.85 14.09 3.54
CA TYR A 65 74.06 12.84 3.42
C TYR A 65 73.65 12.58 1.97
N GLU A 66 74.31 13.21 0.99
CA GLU A 66 73.95 12.98 -0.44
C GLU A 66 74.56 11.64 -0.87
N SER A 67 75.82 11.39 -0.49
CA SER A 67 76.58 10.15 -0.82
C SER A 67 76.04 8.95 -0.03
N TYR A 68 75.62 9.17 1.21
CA TYR A 68 75.05 8.16 2.14
C TYR A 68 73.61 7.81 1.72
N ASP A 69 72.82 8.79 1.29
CA ASP A 69 71.44 8.53 0.78
C ASP A 69 71.54 7.68 -0.49
N ALA A 70 72.49 7.99 -1.37
CA ALA A 70 72.72 7.34 -2.70
C ALA A 70 73.18 5.89 -2.50
N ALA A 71 74.22 5.67 -1.68
CA ALA A 71 74.84 4.34 -1.42
C ALA A 71 73.83 3.37 -0.77
N LEU A 72 72.99 3.84 0.16
CA LEU A 72 71.98 3.02 0.88
C LEU A 72 70.66 2.99 0.10
N SER A 73 70.63 3.65 -1.07
CA SER A 73 69.45 3.87 -1.95
C SER A 73 68.18 4.04 -1.10
N LEU A 74 68.06 5.18 -0.40
CA LEU A 74 66.86 5.52 0.42
C LEU A 74 66.29 6.88 0.00
N HIS A 75 64.96 6.92 -0.22
CA HIS A 75 64.18 8.13 -0.65
C HIS A 75 63.66 8.85 0.59
N ARG A 76 64.11 10.10 0.77
CA ARG A 76 63.68 11.02 1.85
C ARG A 76 62.60 11.94 1.29
N GLU A 77 61.42 11.94 1.92
CA GLU A 77 60.41 13.01 1.80
C GLU A 77 60.70 14.02 2.91
N ILE A 78 60.74 15.31 2.59
CA ILE A 78 60.81 16.42 3.57
C ILE A 78 59.58 17.29 3.33
N LEU A 79 58.56 17.07 4.15
CA LEU A 79 57.20 17.62 3.97
C LEU A 79 56.95 18.70 5.01
N CYS A 80 56.49 19.87 4.59
CA CYS A 80 55.96 20.92 5.49
C CYS A 80 54.43 20.80 5.50
N TYR A 81 53.81 20.93 6.66
CA TYR A 81 52.34 20.84 6.82
C TYR A 81 51.65 21.93 6.00
N SER A 82 52.21 23.15 5.99
CA SER A 82 51.61 24.37 5.41
C SER A 82 51.59 24.33 3.88
N LYS A 83 52.51 23.55 3.28
CA LYS A 83 52.87 23.55 1.84
C LYS A 83 52.49 22.22 1.20
N ASP A 84 52.94 21.11 1.79
CA ASP A 84 52.88 19.72 1.25
C ASP A 84 51.70 18.95 1.89
N ALA A 85 50.53 19.56 2.02
CA ALA A 85 49.36 18.95 2.70
C ALA A 85 48.90 17.73 1.90
N LYS A 86 49.01 17.80 0.57
CA LYS A 86 48.51 16.75 -0.34
C LYS A 86 49.31 15.46 -0.13
N GLU A 87 50.62 15.56 0.07
CA GLU A 87 51.54 14.40 0.21
C GLU A 87 51.35 13.78 1.59
N ILE A 88 51.01 14.59 2.61
CA ILE A 88 50.83 14.16 4.03
C ILE A 88 49.47 13.47 4.21
N TYR A 89 48.39 14.04 3.67
CA TYR A 89 47.01 13.52 3.87
C TYR A 89 46.70 12.39 2.87
N TYR A 90 47.59 12.16 1.89
CA TYR A 90 47.44 11.25 0.73
C TYR A 90 46.19 11.67 -0.05
N THR A 91 46.20 12.87 -0.63
CA THR A 91 45.11 13.42 -1.46
C THR A 91 45.71 13.96 -2.75
N PRO A 92 46.26 13.09 -3.63
CA PRO A 92 46.81 13.55 -4.91
C PRO A 92 45.68 14.02 -5.84
N ASP A 93 46.03 14.81 -6.86
CA ASP A 93 45.09 15.33 -7.90
C ASP A 93 44.79 14.24 -8.92
N PRO A 94 43.60 14.25 -9.58
CA PRO A 94 43.32 13.34 -10.69
C PRO A 94 44.01 13.78 -11.99
N LEU A 328 10.08 50.39 -46.58
CA LEU A 328 9.66 49.23 -45.73
C LEU A 328 8.66 49.73 -44.66
N GLU A 329 9.16 50.29 -43.55
CA GLU A 329 8.37 50.89 -42.42
C GLU A 329 8.81 52.35 -42.16
N GLU A 330 9.64 52.94 -43.04
CA GLU A 330 10.09 54.36 -42.96
C GLU A 330 9.05 55.25 -43.66
N ILE A 331 8.30 54.71 -44.64
CA ILE A 331 7.12 55.38 -45.27
C ILE A 331 6.02 55.58 -44.22
N THR A 332 5.76 54.56 -43.39
CA THR A 332 4.73 54.59 -42.32
C THR A 332 5.19 55.57 -41.23
N LYS A 333 6.49 55.57 -40.90
CA LYS A 333 7.14 56.49 -39.94
C LYS A 333 6.97 57.94 -40.41
N ASP A 334 7.30 58.24 -41.68
CA ASP A 334 7.27 59.62 -42.26
C ASP A 334 5.83 60.11 -42.40
N HIS A 335 4.88 59.24 -42.74
CA HIS A 335 3.42 59.57 -42.81
C HIS A 335 2.92 59.89 -41.39
N LYS A 336 3.32 59.10 -40.39
CA LYS A 336 2.92 59.28 -38.97
C LYS A 336 3.56 60.56 -38.42
N VAL A 337 4.84 60.83 -38.73
CA VAL A 337 5.54 62.09 -38.33
C VAL A 337 4.75 63.29 -38.86
N LEU A 338 4.28 63.23 -40.11
CA LEU A 338 3.43 64.30 -40.71
C LEU A 338 2.20 64.46 -39.83
N ALA A 339 1.42 63.37 -39.69
CA ALA A 339 0.16 63.35 -38.90
C ALA A 339 0.41 64.00 -37.52
N ARG A 340 1.52 63.69 -36.85
CA ARG A 340 1.82 64.22 -35.48
C ARG A 340 2.11 65.72 -35.58
N GLN A 341 2.72 66.18 -36.68
CA GLN A 341 3.03 67.62 -36.91
C GLN A 341 1.74 68.38 -37.24
N GLN A 342 0.76 67.72 -37.85
CA GLN A 342 -0.58 68.30 -38.16
C GLN A 342 -1.42 68.33 -36.89
N LEU A 343 -1.24 67.35 -36.00
CA LEU A 343 -1.93 67.29 -34.69
C LEU A 343 -1.44 68.45 -33.81
N GLN A 344 -0.12 68.67 -33.68
CA GLN A 344 0.44 69.77 -32.84
C GLN A 344 0.00 71.14 -33.41
N VAL A 345 -0.22 71.24 -34.73
CA VAL A 345 -0.71 72.49 -35.41
C VAL A 345 -2.17 72.72 -35.03
N LEU A 346 -2.96 71.65 -34.96
CA LEU A 346 -4.40 71.71 -34.58
C LEU A 346 -4.53 72.00 -33.09
N ALA A 347 -3.61 71.49 -32.26
CA ALA A 347 -3.59 71.74 -30.81
C ALA A 347 -3.34 73.23 -30.59
N ARG A 348 -2.21 73.71 -31.12
CA ARG A 348 -1.76 75.14 -31.04
C ARG A 348 -2.91 76.08 -31.44
N TYR A 349 -3.69 75.74 -32.49
CA TYR A 349 -4.82 76.59 -32.98
C TYR A 349 -5.92 76.62 -31.92
N LEU A 350 -6.30 75.44 -31.39
CA LEU A 350 -7.43 75.24 -30.44
C LEU A 350 -7.02 75.64 -29.01
N LYS A 351 -5.71 75.87 -28.77
CA LYS A 351 -5.11 76.30 -27.46
C LYS A 351 -5.23 75.17 -26.43
N MET A 352 -5.22 73.92 -26.93
CA MET A 352 -5.38 72.68 -26.15
C MET A 352 -3.98 72.17 -25.79
N ASP A 353 -3.50 72.53 -24.60
CA ASP A 353 -2.22 72.02 -24.03
C ASP A 353 -2.37 70.49 -23.88
N LEU A 354 -1.58 69.72 -24.64
CA LEU A 354 -1.61 68.23 -24.64
C LEU A 354 -0.90 67.64 -23.41
N ASP A 355 0.12 68.33 -22.90
CA ASP A 355 1.03 67.83 -21.82
C ASP A 355 0.52 68.25 -20.43
N ASN A 356 -0.52 69.08 -20.34
CA ASN A 356 -1.09 69.59 -19.06
C ASN A 356 -1.32 68.41 -18.10
N GLY A 357 -1.94 67.33 -18.57
CA GLY A 357 -2.29 66.13 -17.78
C GLY A 357 -1.06 65.44 -17.24
N GLU A 358 0.01 65.35 -18.03
CA GLU A 358 1.29 64.72 -17.62
C GLU A 358 2.05 65.64 -16.65
N ARG A 359 1.99 66.95 -16.82
CA ARG A 359 2.64 67.92 -15.90
C ARG A 359 2.01 67.77 -14.51
N LYS A 360 0.67 67.84 -14.43
CA LYS A 360 -0.11 67.75 -13.18
C LYS A 360 0.20 66.42 -12.48
N PHE A 361 0.22 65.32 -13.23
CA PHE A 361 0.54 63.95 -12.73
C PHE A 361 1.90 63.93 -12.02
N LEU A 362 2.90 64.61 -12.58
CA LEU A 362 4.28 64.65 -12.01
C LEU A 362 4.33 65.50 -10.72
N LYS A 363 3.48 66.52 -10.56
CA LYS A 363 3.34 67.30 -9.29
C LYS A 363 2.72 66.38 -8.22
N GLU A 364 1.58 65.75 -8.51
CA GLU A 364 0.90 64.83 -7.56
C GLU A 364 1.86 63.70 -7.17
N LYS A 365 2.65 63.17 -8.09
CA LYS A 365 3.58 62.04 -7.82
C LYS A 365 4.76 62.48 -6.94
N ASP A 366 5.14 63.76 -6.96
CA ASP A 366 6.18 64.35 -6.06
C ASP A 366 5.57 64.64 -4.69
N THR A 367 4.29 65.03 -4.63
CA THR A 367 3.53 65.22 -3.36
C THR A 367 3.41 63.86 -2.68
N VAL A 368 2.96 62.82 -3.40
CA VAL A 368 2.85 61.43 -2.87
C VAL A 368 4.19 61.00 -2.25
N ALA A 369 5.30 61.21 -2.94
CA ALA A 369 6.66 60.77 -2.54
C ALA A 369 7.17 61.59 -1.34
N GLU A 370 6.57 62.77 -1.07
CA GLU A 370 6.86 63.59 0.13
C GLU A 370 6.07 63.03 1.33
N LEU A 371 4.77 62.72 1.16
CA LEU A 371 3.90 62.12 2.23
C LEU A 371 4.36 60.70 2.55
N GLN A 372 4.86 59.95 1.57
CA GLN A 372 5.33 58.57 1.81
C GLN A 372 6.58 58.64 2.69
N ALA A 373 7.38 59.69 2.56
CA ALA A 373 8.62 59.89 3.34
C ALA A 373 8.29 60.26 4.79
N GLN A 374 7.29 61.12 4.99
CA GLN A 374 6.75 61.52 6.33
C GLN A 374 6.16 60.33 7.07
N LEU A 375 5.37 59.46 6.42
CA LEU A 375 4.75 58.27 7.05
C LEU A 375 5.84 57.24 7.35
N ASP A 376 6.81 57.06 6.47
CA ASP A 376 7.93 56.10 6.68
C ASP A 376 8.77 56.53 7.89
N TYR A 377 8.93 57.83 8.11
CA TYR A 377 9.66 58.39 9.26
C TYR A 377 8.86 58.12 10.55
N LEU A 378 7.55 58.35 10.58
CA LEU A 378 6.74 58.05 11.78
C LEU A 378 6.70 56.53 12.04
N ASN A 379 6.69 55.69 11.00
CA ASN A 379 6.68 54.21 11.16
C ASN A 379 8.03 53.71 11.63
N ALA A 380 9.06 54.54 11.55
CA ALA A 380 10.43 54.22 12.00
C ALA A 380 10.60 54.66 13.45
N GLU A 381 10.06 55.81 13.84
CA GLU A 381 10.22 56.40 15.21
C GLU A 381 9.17 55.82 16.18
N LEU A 382 8.20 55.06 15.71
CA LEU A 382 7.13 54.50 16.56
C LEU A 382 7.07 52.99 16.39
N GLY A 383 7.17 52.50 15.17
CA GLY A 383 7.20 51.07 14.89
C GLY A 383 5.88 50.61 14.35
N GLU A 384 5.89 49.50 13.61
CA GLU A 384 4.71 48.84 13.01
C GLU A 384 3.65 48.62 14.10
N PHE A 385 4.01 48.00 15.23
CA PHE A 385 3.03 47.56 16.24
C PHE A 385 2.22 48.75 16.75
N PHE A 386 2.89 49.87 16.96
CA PHE A 386 2.31 51.06 17.62
C PHE A 386 1.38 51.74 16.64
N VAL A 387 1.84 51.96 15.42
CA VAL A 387 1.09 52.74 14.40
C VAL A 387 -0.16 51.97 13.98
N ASN A 388 -0.11 50.64 14.00
CA ASN A 388 -1.26 49.77 13.60
C ASN A 388 -2.14 49.47 14.81
N GLY A 389 -1.63 49.75 16.00
CA GLY A 389 -2.32 49.47 17.28
C GLY A 389 -3.10 50.66 17.78
N VAL A 390 -2.82 51.87 17.31
CA VAL A 390 -3.60 53.08 17.68
C VAL A 390 -4.77 53.28 16.71
N ALA A 391 -5.20 52.25 16.00
CA ALA A 391 -6.35 52.35 15.08
C ALA A 391 -7.62 52.45 15.92
N THR A 392 -8.55 53.36 15.57
CA THR A 392 -9.85 53.52 16.27
C THR A 392 -10.71 52.26 16.08
N SER A 393 -11.37 51.87 17.17
CA SER A 393 -12.28 50.72 17.26
C SER A 393 -13.68 51.22 17.61
N PHE A 394 -13.78 52.32 18.35
CA PHE A 394 -15.04 52.80 18.97
C PHE A 394 -15.90 53.52 17.94
N SER A 395 -17.19 53.17 17.94
CA SER A 395 -18.28 53.97 17.33
C SER A 395 -19.52 53.88 18.23
N ARG A 396 -20.32 54.93 18.30
CA ARG A 396 -21.55 54.95 19.11
C ARG A 396 -22.57 53.95 18.56
N LYS A 397 -22.57 53.76 17.25
CA LYS A 397 -23.58 52.92 16.57
C LYS A 397 -23.35 51.44 16.93
N LYS A 398 -22.13 51.09 17.35
CA LYS A 398 -21.82 49.68 17.65
C LYS A 398 -22.12 49.30 19.11
N ALA A 399 -22.57 50.22 19.95
CA ALA A 399 -22.90 49.88 21.35
C ALA A 399 -24.09 48.91 21.40
N ARG A 400 -23.94 47.79 22.09
CA ARG A 400 -25.02 46.83 22.36
C ARG A 400 -25.53 46.92 23.81
N THR A 401 -26.77 47.34 24.01
CA THR A 401 -27.43 47.41 25.33
C THR A 401 -28.04 46.04 25.64
N PHE A 402 -27.93 45.64 26.91
CA PHE A 402 -28.58 44.44 27.49
C PHE A 402 -29.31 44.90 28.73
N ASP A 403 -30.64 44.98 28.72
CA ASP A 403 -31.42 45.48 29.88
C ASP A 403 -32.66 44.62 30.17
N SER A 404 -32.82 43.46 29.53
CA SER A 404 -34.10 42.71 29.55
C SER A 404 -34.00 41.58 30.56
N SER A 405 -33.77 41.92 31.81
CA SER A 405 -33.63 40.97 32.95
C SER A 405 -34.98 40.34 33.24
N TRP A 406 -36.06 41.09 33.08
CA TRP A 406 -37.45 40.58 33.22
C TRP A 406 -37.69 39.33 32.35
N ASN A 407 -37.16 39.27 31.15
CA ASN A 407 -37.34 38.08 30.31
C ASN A 407 -36.44 36.97 30.82
N TRP A 408 -35.18 37.27 31.07
CA TRP A 408 -34.17 36.23 31.32
C TRP A 408 -34.44 35.54 32.66
N ALA A 409 -35.03 36.23 33.63
CA ALA A 409 -35.35 35.64 34.95
C ALA A 409 -36.22 34.42 34.77
N LYS A 410 -37.27 34.55 33.98
CA LYS A 410 -38.24 33.50 33.66
C LYS A 410 -37.53 32.39 32.90
N GLN A 411 -36.62 32.71 32.00
CA GLN A 411 -35.91 31.68 31.21
C GLN A 411 -34.95 30.94 32.13
N SER A 412 -34.29 31.65 33.04
CA SER A 412 -33.34 31.08 34.05
C SER A 412 -34.08 30.07 34.91
N LEU A 413 -35.30 30.42 35.31
CA LEU A 413 -36.11 29.56 36.16
C LEU A 413 -36.53 28.31 35.42
N LEU A 414 -37.07 28.48 34.24
CA LEU A 414 -37.49 27.35 33.40
C LEU A 414 -36.30 26.48 33.09
N SER A 415 -35.12 27.03 32.91
CA SER A 415 -33.95 26.19 32.57
C SER A 415 -33.63 25.32 33.78
N LEU A 416 -33.62 25.92 34.97
CA LEU A 416 -33.29 25.25 36.25
C LEU A 416 -34.32 24.15 36.49
N TYR A 417 -35.60 24.49 36.40
CA TYR A 417 -36.72 23.54 36.56
C TYR A 417 -36.45 22.29 35.73
N PHE A 418 -36.24 22.42 34.43
CA PHE A 418 -36.06 21.27 33.51
C PHE A 418 -34.70 20.59 33.75
N GLU A 419 -33.67 21.31 34.16
CA GLU A 419 -32.33 20.70 34.40
C GLU A 419 -32.41 19.79 35.63
N ILE A 420 -33.29 20.07 36.57
CA ILE A 420 -33.51 19.24 37.79
C ILE A 420 -34.32 18.00 37.43
N ILE A 421 -35.44 18.20 36.75
CA ILE A 421 -36.37 17.13 36.29
C ILE A 421 -35.60 16.10 35.46
N HIS A 422 -34.69 16.54 34.60
CA HIS A 422 -33.93 15.65 33.68
C HIS A 422 -32.72 15.06 34.41
N GLY A 423 -32.33 15.67 35.53
CA GLY A 423 -31.31 15.11 36.46
C GLY A 423 -29.92 15.65 36.18
N VAL A 424 -29.83 16.70 35.39
CA VAL A 424 -28.55 17.39 35.03
C VAL A 424 -28.04 18.17 36.26
N LEU A 425 -28.95 18.68 37.09
CA LEU A 425 -28.65 19.33 38.40
C LEU A 425 -29.26 18.48 39.52
N LYS A 426 -28.47 18.29 40.59
CA LYS A 426 -28.79 17.41 41.74
C LYS A 426 -28.87 18.26 42.99
N ASN A 427 -29.41 17.69 44.07
CA ASN A 427 -29.61 18.37 45.36
C ASN A 427 -28.28 18.60 46.09
N VAL A 428 -27.12 18.19 45.54
CA VAL A 428 -25.77 18.39 46.15
C VAL A 428 -24.89 19.30 45.28
N ASP A 429 -25.48 20.07 44.35
CA ASP A 429 -24.75 20.90 43.37
C ASP A 429 -24.86 22.37 43.79
N ARG A 430 -23.75 23.10 43.81
CA ARG A 430 -23.71 24.55 44.11
C ARG A 430 -24.29 25.37 42.95
N GLU A 431 -24.48 24.75 41.78
CA GLU A 431 -25.11 25.39 40.60
C GLU A 431 -26.58 25.69 40.91
N VAL A 432 -27.25 24.88 41.73
CA VAL A 432 -28.67 25.10 42.16
C VAL A 432 -28.75 26.33 43.06
N VAL A 433 -27.79 26.49 43.97
CA VAL A 433 -27.77 27.65 44.90
C VAL A 433 -27.40 28.94 44.16
N SER A 434 -26.44 28.87 43.22
CA SER A 434 -26.06 30.01 42.33
C SER A 434 -27.27 30.47 41.51
N GLU A 435 -28.01 29.55 40.89
CA GLU A 435 -29.20 29.88 40.05
C GLU A 435 -30.31 30.44 40.94
N ALA A 436 -30.45 29.94 42.15
CA ALA A 436 -31.42 30.46 43.15
C ALA A 436 -31.09 31.92 43.46
N ILE A 437 -29.83 32.23 43.70
CA ILE A 437 -29.42 33.63 44.04
C ILE A 437 -29.74 34.51 42.84
N ASN A 438 -29.33 34.07 41.65
CA ASN A 438 -29.50 34.87 40.42
C ASN A 438 -30.99 35.06 40.11
N ILE A 439 -31.85 34.12 40.45
CA ILE A 439 -33.33 34.28 40.23
C ILE A 439 -33.91 35.25 41.25
N MET A 440 -33.59 35.08 42.54
CA MET A 440 -34.04 35.99 43.62
C MET A 440 -33.65 37.43 43.32
N ASN A 441 -32.50 37.66 42.68
CA ASN A 441 -32.01 39.03 42.33
C ASN A 441 -32.80 39.58 41.15
N ARG A 442 -33.69 38.83 40.57
CA ARG A 442 -34.55 39.34 39.49
C ARG A 442 -36.01 39.09 39.85
N SER A 443 -36.31 38.92 41.14
CA SER A 443 -37.69 38.72 41.62
C SER A 443 -38.54 39.96 41.30
N ASN A 444 -39.73 39.72 40.77
CA ASN A 444 -40.81 40.71 40.58
C ASN A 444 -42.12 39.94 40.57
N ASP A 445 -43.26 40.63 40.50
CA ASP A 445 -44.58 40.00 40.65
C ASP A 445 -44.81 38.99 39.52
N ALA A 446 -44.38 39.30 38.29
CA ALA A 446 -44.49 38.41 37.12
C ALA A 446 -43.67 37.14 37.33
N LEU A 447 -42.47 37.24 37.88
CA LEU A 447 -41.61 36.03 38.06
C LEU A 447 -42.17 35.14 39.14
N ILE A 448 -42.76 35.73 40.17
CA ILE A 448 -43.37 34.93 41.26
C ILE A 448 -44.52 34.14 40.64
N LYS A 449 -45.43 34.79 39.91
CA LYS A 449 -46.63 34.11 39.37
C LYS A 449 -46.20 32.97 38.44
N PHE A 450 -45.11 33.17 37.71
CA PHE A 450 -44.52 32.19 36.76
C PHE A 450 -44.09 30.95 37.53
N MET A 451 -43.36 31.13 38.63
CA MET A 451 -42.95 30.03 39.56
C MET A 451 -44.18 29.38 40.18
N GLU A 452 -45.08 30.15 40.76
CA GLU A 452 -46.28 29.58 41.37
C GLU A 452 -46.93 28.63 40.36
N TYR A 453 -47.08 29.00 39.10
CA TYR A 453 -47.84 28.19 38.12
C TYR A 453 -47.06 26.90 37.83
N HIS A 454 -45.78 27.02 37.52
CA HIS A 454 -44.96 25.87 37.06
C HIS A 454 -44.78 24.88 38.22
N ILE A 455 -44.45 25.38 39.42
CA ILE A 455 -44.20 24.57 40.65
C ILE A 455 -45.52 23.95 41.13
N SER A 456 -46.61 24.70 41.21
CA SER A 456 -47.93 24.19 41.69
C SER A 456 -48.57 23.21 40.71
N ASN A 457 -48.10 23.09 39.46
CA ASN A 457 -48.63 22.12 38.47
C ASN A 457 -47.68 20.94 38.31
N THR A 458 -46.54 20.93 39.01
CA THR A 458 -45.55 19.82 38.97
C THR A 458 -46.11 18.62 39.72
N ASP A 459 -46.18 17.45 39.09
CA ASP A 459 -46.68 16.21 39.72
C ASP A 459 -45.51 15.59 40.51
N GLU A 460 -45.64 15.54 41.84
CA GLU A 460 -44.59 15.04 42.77
C GLU A 460 -44.61 13.49 42.82
N THR A 461 -45.34 12.83 41.91
CA THR A 461 -45.51 11.34 41.87
C THR A 461 -45.00 10.75 40.54
N LYS A 462 -44.36 11.56 39.68
CA LYS A 462 -43.77 11.10 38.39
C LYS A 462 -42.34 10.59 38.62
N GLY A 463 -41.71 10.93 39.76
CA GLY A 463 -40.30 10.57 40.05
C GLY A 463 -39.77 11.25 41.31
N GLU A 464 -38.55 10.89 41.70
CA GLU A 464 -37.84 11.54 42.82
C GLU A 464 -37.52 12.98 42.41
N ASN A 465 -37.09 13.13 41.15
CA ASN A 465 -36.68 14.41 40.53
C ASN A 465 -37.84 15.41 40.58
N TYR A 466 -39.06 15.00 40.22
CA TYR A 466 -40.24 15.88 40.24
C TYR A 466 -40.56 16.28 41.68
N GLN A 467 -40.39 15.38 42.64
CA GLN A 467 -40.56 15.73 44.08
C GLN A 467 -39.49 16.75 44.45
N LEU A 468 -38.25 16.55 44.00
CA LEU A 468 -37.13 17.46 44.34
C LEU A 468 -37.38 18.86 43.77
N VAL A 469 -37.85 18.98 42.52
CA VAL A 469 -38.07 20.31 41.88
C VAL A 469 -39.28 20.97 42.51
N LYS A 470 -40.23 20.19 43.04
CA LYS A 470 -41.41 20.76 43.72
C LYS A 470 -40.96 21.35 45.04
N THR A 471 -40.16 20.63 45.82
CA THR A 471 -39.65 21.06 47.15
C THR A 471 -38.77 22.30 46.99
N LEU A 472 -37.79 22.25 46.08
CA LEU A 472 -36.87 23.37 45.79
C LEU A 472 -37.66 24.59 45.27
N GLY A 473 -38.66 24.33 44.42
CA GLY A 473 -39.52 25.37 43.82
C GLY A 473 -40.28 26.14 44.88
N GLU A 474 -40.90 25.43 45.83
CA GLU A 474 -41.76 26.07 46.87
C GLU A 474 -40.86 26.90 47.79
N GLN A 475 -39.60 26.47 47.97
CA GLN A 475 -38.62 27.18 48.81
C GLN A 475 -38.13 28.44 48.09
N LEU A 476 -37.99 28.37 46.76
CA LEU A 476 -37.50 29.49 45.91
C LEU A 476 -38.60 30.52 45.70
N ILE A 477 -39.86 30.08 45.76
CA ILE A 477 -41.05 30.98 45.73
C ILE A 477 -41.09 31.78 47.03
N GLU A 478 -40.81 31.14 48.18
CA GLU A 478 -40.80 31.82 49.50
C GLU A 478 -39.69 32.87 49.50
N ASN A 479 -38.48 32.48 49.11
CA ASN A 479 -37.29 33.37 49.03
C ASN A 479 -37.57 34.55 48.13
N CYS A 480 -38.21 34.32 46.98
CA CYS A 480 -38.47 35.36 45.94
C CYS A 480 -39.57 36.28 46.41
N LYS A 481 -40.45 35.85 47.33
CA LYS A 481 -41.48 36.74 47.92
C LYS A 481 -40.84 37.63 48.98
N GLN A 482 -39.87 37.11 49.73
CA GLN A 482 -39.22 37.82 50.85
C GLN A 482 -38.37 38.97 50.29
N VAL A 483 -37.62 38.71 49.22
CA VAL A 483 -36.68 39.67 48.57
C VAL A 483 -37.35 40.29 47.35
N LEU A 484 -38.63 40.59 47.42
CA LEU A 484 -39.34 41.26 46.32
C LEU A 484 -38.91 42.73 46.21
N ASP A 485 -38.80 43.43 47.34
CA ASP A 485 -38.56 44.90 47.41
C ASP A 485 -37.13 45.22 47.88
N VAL A 486 -36.29 44.19 48.08
CA VAL A 486 -34.87 44.31 48.51
C VAL A 486 -34.00 44.53 47.27
N ASP A 487 -32.87 45.21 47.44
CA ASP A 487 -31.88 45.45 46.35
C ASP A 487 -31.12 44.16 46.09
N PRO A 488 -30.76 43.88 44.83
CA PRO A 488 -30.13 42.61 44.46
C PRO A 488 -28.68 42.62 44.94
N VAL A 489 -28.11 41.44 45.20
CA VAL A 489 -26.82 41.29 45.94
C VAL A 489 -25.88 40.38 45.18
N TYR A 490 -24.65 40.85 44.98
CA TYR A 490 -23.47 40.03 44.62
C TYR A 490 -23.18 39.06 45.77
N LYS A 491 -23.09 37.78 45.43
CA LYS A 491 -23.02 36.69 46.43
C LYS A 491 -22.49 35.44 45.75
N ASP A 492 -21.16 35.28 45.70
CA ASP A 492 -20.52 34.09 45.06
C ASP A 492 -20.60 32.94 46.06
N VAL A 493 -21.00 31.77 45.58
CA VAL A 493 -21.09 30.52 46.40
C VAL A 493 -20.34 29.41 45.67
N ALA A 494 -19.46 29.77 44.72
CA ALA A 494 -18.58 28.82 43.99
C ALA A 494 -17.53 28.31 44.98
N LYS A 495 -17.12 27.06 44.78
CA LYS A 495 -16.06 26.39 45.58
C LYS A 495 -14.74 27.09 45.28
N PRO A 496 -14.03 27.66 46.28
CA PRO A 496 -12.70 28.23 46.07
C PRO A 496 -11.70 27.16 45.67
N THR A 497 -10.75 27.52 44.80
CA THR A 497 -9.82 26.60 44.11
C THR A 497 -8.39 27.09 44.30
N GLY A 498 -7.46 26.14 44.40
CA GLY A 498 -6.00 26.37 44.48
C GLY A 498 -5.30 25.77 43.28
N PRO A 499 -4.03 26.11 43.04
CA PRO A 499 -3.31 25.57 41.92
C PRO A 499 -2.77 24.18 42.25
N LYS A 500 -2.71 23.31 41.23
CA LYS A 500 -2.19 21.93 41.30
C LYS A 500 -1.47 21.66 39.98
N THR A 501 -0.15 21.48 40.00
CA THR A 501 0.66 21.06 38.83
C THR A 501 1.11 19.63 39.09
N ALA A 502 0.78 18.72 38.18
CA ALA A 502 1.16 17.29 38.23
C ALA A 502 2.00 16.94 37.01
N ILE A 503 3.06 16.16 37.23
CA ILE A 503 3.79 15.45 36.15
C ILE A 503 3.49 13.96 36.34
N ASP A 504 2.93 13.33 35.29
CA ASP A 504 2.64 11.87 35.24
C ASP A 504 3.94 11.09 34.99
N LYS A 505 3.86 9.76 34.90
CA LYS A 505 5.02 8.84 34.70
C LYS A 505 5.72 9.12 33.35
N ASN A 506 4.97 9.51 32.30
CA ASN A 506 5.48 9.80 30.92
C ASN A 506 6.01 11.23 30.78
N GLY A 507 5.86 12.06 31.83
CA GLY A 507 6.54 13.37 31.97
C GLY A 507 5.74 14.56 31.46
N ASN A 508 4.43 14.39 31.16
CA ASN A 508 3.55 15.47 30.64
C ASN A 508 3.10 16.37 31.79
N ILE A 509 3.32 17.69 31.66
CA ILE A 509 2.97 18.69 32.72
C ILE A 509 1.53 19.12 32.49
N THR A 510 0.69 18.92 33.51
CA THR A 510 -0.75 19.29 33.51
C THR A 510 -1.03 20.19 34.72
N TYR A 511 -1.49 21.42 34.46
CA TYR A 511 -2.00 22.35 35.50
C TYR A 511 -3.52 22.27 35.57
N SER A 512 -4.06 22.05 36.77
CA SER A 512 -5.52 22.13 37.06
C SER A 512 -5.80 23.12 38.20
N GLU A 513 -7.07 23.54 38.32
CA GLU A 513 -7.65 24.28 39.47
C GLU A 513 -8.40 23.27 40.32
N GLU A 514 -7.72 22.74 41.35
CA GLU A 514 -8.22 21.73 42.30
C GLU A 514 -8.84 22.45 43.50
N PRO A 515 -10.04 22.05 43.95
CA PRO A 515 -10.63 22.57 45.19
C PRO A 515 -9.68 22.49 46.39
N ARG A 516 -9.64 23.57 47.17
CA ARG A 516 -8.88 23.64 48.45
C ARG A 516 -9.59 22.75 49.46
N GLU A 517 -8.90 22.42 50.57
CA GLU A 517 -9.37 21.44 51.58
C GLU A 517 -9.93 22.19 52.81
N LYS A 518 -9.23 23.21 53.33
CA LYS A 518 -9.66 23.99 54.52
C LYS A 518 -10.79 24.95 54.14
N VAL A 519 -10.67 25.61 52.97
CA VAL A 519 -11.56 26.71 52.48
C VAL A 519 -12.58 26.15 51.47
N ARG A 520 -13.87 26.10 51.84
CA ARG A 520 -14.95 25.58 50.98
C ARG A 520 -16.08 26.62 50.81
N LYS A 521 -15.97 27.78 51.43
CA LYS A 521 -16.92 28.91 51.28
C LYS A 521 -16.09 30.18 51.09
N LEU A 522 -16.72 31.33 50.89
CA LEU A 522 -15.95 32.59 50.84
C LEU A 522 -15.78 33.13 52.26
N SER A 523 -16.73 32.89 53.16
CA SER A 523 -16.59 33.25 54.60
C SER A 523 -15.30 32.68 55.17
N GLN A 524 -14.96 31.43 54.84
CA GLN A 524 -13.71 30.73 55.27
C GLN A 524 -12.49 31.33 54.60
N TYR A 525 -12.60 31.76 53.35
CA TYR A 525 -11.50 32.45 52.62
C TYR A 525 -11.23 33.78 53.29
N VAL A 526 -12.24 34.51 53.73
CA VAL A 526 -12.01 35.84 54.37
C VAL A 526 -11.27 35.65 55.70
N GLN A 527 -11.58 34.57 56.44
CA GLN A 527 -10.90 34.17 57.70
C GLN A 527 -9.43 33.82 57.40
N GLU A 528 -9.17 32.87 56.50
CA GLU A 528 -7.79 32.53 56.05
C GLU A 528 -6.99 33.81 55.75
N MET A 529 -7.59 34.81 55.10
CA MET A 529 -6.91 36.07 54.65
C MET A 529 -6.61 36.93 55.86
N ALA A 530 -7.50 36.94 56.84
CA ALA A 530 -7.40 37.78 58.07
C ALA A 530 -6.23 37.29 58.93
N LEU A 531 -6.05 35.98 59.07
CA LEU A 531 -4.96 35.35 59.87
C LEU A 531 -3.60 35.57 59.20
N GLY A 532 -3.58 35.82 57.90
CA GLY A 532 -2.31 35.99 57.18
C GLY A 532 -1.52 34.71 57.21
N GLY A 533 -0.20 34.83 57.26
CA GLY A 533 0.71 33.67 57.25
C GLY A 533 2.08 34.00 57.83
N PRO A 534 2.98 32.99 57.91
CA PRO A 534 4.32 33.19 58.45
C PRO A 534 5.22 34.20 57.72
N ILE A 535 5.12 34.28 56.39
CA ILE A 535 5.92 35.21 55.54
C ILE A 535 5.51 36.67 55.79
N THR A 536 4.25 36.89 56.18
CA THR A 536 3.64 38.24 56.36
C THR A 536 4.06 38.83 57.71
N LYS A 537 4.33 37.99 58.72
CA LYS A 537 4.60 38.40 60.14
C LYS A 537 5.85 39.28 60.23
N GLU A 538 5.76 40.35 61.03
CA GLU A 538 6.88 41.26 61.40
C GLU A 538 7.32 40.92 62.83
N SER A 539 8.08 41.81 63.50
CA SER A 539 8.52 41.67 64.91
C SER A 539 8.86 43.05 65.53
N GLU A 602 -21.73 26.69 60.26
CA GLU A 602 -22.42 25.47 59.76
C GLU A 602 -23.30 25.81 58.56
N ASP A 603 -23.18 25.01 57.48
CA ASP A 603 -23.88 25.19 56.18
C ASP A 603 -24.33 23.83 55.64
N ALA A 604 -25.06 23.83 54.53
CA ALA A 604 -25.62 22.63 53.86
C ALA A 604 -25.11 22.54 52.41
N LEU A 605 -23.97 23.17 52.09
CA LEU A 605 -23.34 23.14 50.75
C LEU A 605 -22.69 21.76 50.50
N ASP A 606 -23.00 21.16 49.34
CA ASP A 606 -22.51 19.83 48.89
C ASP A 606 -23.12 18.71 49.74
N LYS A 607 -24.33 18.92 50.25
CA LYS A 607 -25.14 17.85 50.92
C LYS A 607 -26.64 18.09 50.70
N ASP A 608 -27.14 19.34 50.82
CA ASP A 608 -28.57 19.68 50.62
C ASP A 608 -28.69 21.12 50.09
N SER A 609 -28.72 21.27 48.77
CA SER A 609 -28.87 22.56 48.06
C SER A 609 -30.20 23.24 48.44
N THR A 610 -31.23 22.46 48.75
CA THR A 610 -32.56 22.96 49.16
C THR A 610 -32.48 23.75 50.48
N LYS A 611 -31.70 23.27 51.45
CA LYS A 611 -31.56 23.91 52.78
C LYS A 611 -30.72 25.17 52.63
N GLU A 612 -29.66 25.12 51.81
CA GLU A 612 -28.77 26.30 51.62
C GLU A 612 -29.57 27.42 50.96
N VAL A 613 -30.43 27.08 50.00
CA VAL A 613 -31.42 27.99 49.33
C VAL A 613 -32.32 28.61 50.39
N ALA A 614 -32.95 27.80 51.26
CA ALA A 614 -33.84 28.24 52.35
C ALA A 614 -33.18 29.33 53.22
N SER A 615 -31.86 29.27 53.38
CA SER A 615 -31.04 30.19 54.21
C SER A 615 -30.71 31.50 53.48
N LEU A 616 -30.96 31.60 52.16
CA LEU A 616 -30.42 32.68 51.27
C LEU A 616 -30.93 34.06 51.65
N PRO A 617 -32.25 34.26 51.88
CA PRO A 617 -32.78 35.59 52.14
C PRO A 617 -32.52 36.14 53.56
N ASN A 618 -32.00 35.33 54.48
CA ASN A 618 -31.88 35.62 55.94
C ASN A 618 -30.49 36.20 56.26
N LYS A 619 -30.44 37.52 56.49
CA LYS A 619 -29.19 38.28 56.70
C LYS A 619 -28.59 37.86 58.05
N SER A 620 -27.68 36.88 58.01
CA SER A 620 -26.93 36.31 59.18
C SER A 620 -26.31 37.45 60.00
N THR A 621 -26.60 37.51 61.29
CA THR A 621 -26.05 38.49 62.27
C THR A 621 -24.67 38.01 62.71
N ILE A 622 -23.63 38.80 62.41
CA ILE A 622 -22.21 38.48 62.73
C ILE A 622 -22.00 38.82 64.21
N SER A 623 -21.98 37.80 65.07
CA SER A 623 -21.74 37.92 66.54
C SER A 623 -20.53 38.82 66.79
N LYS A 624 -19.35 38.34 66.38
CA LYS A 624 -18.06 39.08 66.43
C LYS A 624 -17.42 39.01 65.04
N THR A 625 -16.89 40.15 64.58
CA THR A 625 -16.31 40.37 63.22
C THR A 625 -14.98 39.61 63.13
N VAL A 626 -14.58 39.27 61.91
CA VAL A 626 -13.28 38.60 61.58
C VAL A 626 -12.11 39.51 61.97
N SER A 627 -12.33 40.82 62.16
CA SER A 627 -11.26 41.81 62.45
C SER A 627 -10.68 41.62 63.84
N SER A 628 -11.46 41.10 64.79
CA SER A 628 -11.02 40.82 66.19
C SER A 628 -9.98 39.68 66.21
N THR A 629 -10.09 38.72 65.28
CA THR A 629 -9.23 37.50 65.21
C THR A 629 -7.87 37.82 64.57
N ILE A 630 -7.73 38.95 63.87
CA ILE A 630 -6.43 39.39 63.28
C ILE A 630 -5.42 39.38 64.42
N PRO A 631 -4.32 38.59 64.35
CA PRO A 631 -3.38 38.48 65.48
C PRO A 631 -2.53 39.75 65.55
N ARG A 632 -2.15 40.18 66.75
CA ARG A 632 -1.21 41.31 66.97
C ARG A 632 0.19 40.88 66.51
N GLU A 633 0.97 41.82 65.96
CA GLU A 633 2.28 41.55 65.30
C GLU A 633 2.06 40.42 64.28
N THR A 634 1.01 40.55 63.47
CA THR A 634 0.73 39.81 62.20
C THR A 634 -0.12 40.73 61.30
N ILE A 635 0.19 40.70 60.00
CA ILE A 635 -0.48 41.52 58.96
C ILE A 635 -1.33 40.58 58.14
N PRO A 636 -2.63 40.86 57.91
CA PRO A 636 -3.46 40.01 57.07
C PRO A 636 -2.98 40.03 55.62
N PHE A 637 -3.28 38.97 54.87
CA PHE A 637 -2.98 38.86 53.43
C PHE A 637 -3.60 40.01 52.61
N LEU A 638 -4.89 40.29 52.83
CA LEU A 638 -5.60 41.49 52.31
C LEU A 638 -5.62 42.52 53.43
N HIS A 639 -5.11 43.72 53.17
CA HIS A 639 -5.18 44.83 54.15
C HIS A 639 -5.10 46.17 53.45
N LEU A 640 -5.46 47.24 54.14
CA LEU A 640 -5.38 48.64 53.64
C LEU A 640 -4.24 49.36 54.33
N ARG A 641 -3.31 49.91 53.55
CA ARG A 641 -2.20 50.74 54.05
C ARG A 641 -2.68 52.19 54.23
N LYS A 642 -2.03 52.91 55.17
CA LYS A 642 -2.23 54.35 55.47
C LYS A 642 -0.89 55.04 55.32
N LYS A 643 -0.89 56.29 54.84
CA LYS A 643 0.33 57.07 54.57
C LYS A 643 0.81 57.69 55.89
N THR A 644 2.05 57.41 56.30
CA THR A 644 2.71 58.05 57.46
C THR A 644 3.03 59.50 57.09
N PRO A 645 3.28 60.42 58.07
CA PRO A 645 3.70 61.77 57.75
C PRO A 645 5.08 61.92 57.06
N ALA A 646 5.97 60.92 57.18
CA ALA A 646 7.28 60.85 56.48
C ALA A 646 7.06 60.76 54.96
N GLY A 647 6.03 60.02 54.53
CA GLY A 647 5.69 59.74 53.12
C GLY A 647 5.97 58.30 52.74
N ASP A 648 5.41 57.34 53.51
CA ASP A 648 5.51 55.87 53.28
C ASP A 648 4.16 55.24 53.64
N TRP A 649 3.81 54.15 52.97
CA TRP A 649 2.52 53.43 53.17
C TRP A 649 2.75 52.20 54.06
N LYS A 650 2.32 52.30 55.33
CA LYS A 650 2.43 51.22 56.35
C LYS A 650 1.05 50.61 56.57
N TYR A 651 1.02 49.29 56.84
CA TYR A 651 -0.18 48.57 57.33
C TYR A 651 -0.86 49.38 58.44
N ASP A 652 -2.18 49.60 58.30
CA ASP A 652 -3.06 50.27 59.29
C ASP A 652 -4.14 49.30 59.73
N ARG A 653 -4.20 49.00 61.03
CA ARG A 653 -5.12 47.97 61.57
C ARG A 653 -6.56 48.48 61.50
N GLN A 654 -6.76 49.78 61.78
CA GLN A 654 -8.10 50.42 61.87
C GLN A 654 -8.85 50.33 60.52
N LEU A 655 -8.17 50.57 59.39
CA LEU A 655 -8.76 50.50 58.03
C LEU A 655 -8.89 49.02 57.65
N SER A 656 -7.83 48.24 57.76
CA SER A 656 -7.85 46.80 57.42
C SER A 656 -8.95 46.05 58.19
N SER A 657 -9.36 46.52 59.37
CA SER A 657 -10.60 46.05 60.05
C SER A 657 -11.78 46.29 59.10
N LEU A 658 -12.03 47.56 58.79
CA LEU A 658 -13.20 48.07 58.05
C LEU A 658 -13.32 47.37 56.68
N PHE A 659 -12.21 47.09 56.00
CA PHE A 659 -12.17 46.37 54.71
C PHE A 659 -12.57 44.90 54.91
N LEU A 660 -11.94 44.18 55.85
CA LEU A 660 -12.17 42.72 56.07
C LEU A 660 -13.55 42.48 56.72
N ASP A 661 -14.08 43.42 57.50
CA ASP A 661 -15.47 43.37 57.98
C ASP A 661 -16.42 43.42 56.77
N GLY A 662 -16.25 44.41 55.90
CA GLY A 662 -16.94 44.54 54.61
C GLY A 662 -16.88 43.27 53.77
N LEU A 663 -15.72 42.60 53.70
CA LEU A 663 -15.58 41.34 52.91
C LEU A 663 -16.33 40.23 53.63
N GLU A 664 -16.29 40.21 54.96
CA GLU A 664 -16.97 39.16 55.73
C GLU A 664 -18.47 39.28 55.53
N LYS A 665 -19.03 40.50 55.65
CA LYS A 665 -20.47 40.76 55.31
C LYS A 665 -20.76 40.25 53.88
N ALA A 666 -20.01 40.66 52.87
CA ALA A 666 -20.26 40.32 51.46
C ALA A 666 -20.29 38.80 51.26
N ALA A 667 -19.50 38.05 52.04
CA ALA A 667 -19.42 36.58 51.96
C ALA A 667 -20.73 35.99 52.49
N PHE A 668 -21.22 36.55 53.59
CA PHE A 668 -22.36 36.00 54.39
C PHE A 668 -23.68 36.47 53.78
N ASN A 669 -23.84 37.78 53.62
CA ASN A 669 -25.11 38.49 53.29
C ASN A 669 -25.16 39.00 51.85
N GLY A 670 -24.03 39.04 51.14
CA GLY A 670 -23.94 39.64 49.79
C GLY A 670 -24.03 41.14 49.82
N VAL A 671 -23.44 41.79 48.81
CA VAL A 671 -23.34 43.27 48.74
C VAL A 671 -24.04 43.75 47.48
N THR A 672 -24.65 44.93 47.53
CA THR A 672 -25.47 45.50 46.43
C THR A 672 -24.73 46.68 45.79
N PHE A 673 -24.76 46.74 44.47
CA PHE A 673 -24.16 47.82 43.65
C PHE A 673 -25.27 48.53 42.88
N LYS A 674 -26.45 48.64 43.50
CA LYS A 674 -27.60 49.36 42.91
C LYS A 674 -27.23 50.83 42.81
N ASP A 675 -27.71 51.50 41.78
CA ASP A 675 -27.49 52.96 41.52
C ASP A 675 -25.98 53.23 41.51
N LYS A 676 -25.23 52.34 40.85
CA LYS A 676 -23.79 52.47 40.56
C LYS A 676 -23.57 52.30 39.05
N TYR A 677 -23.14 53.37 38.41
CA TYR A 677 -22.76 53.46 37.01
C TYR A 677 -21.27 53.18 36.96
N VAL A 678 -20.84 52.10 36.32
CA VAL A 678 -19.41 51.69 36.29
C VAL A 678 -18.94 51.66 34.86
N LEU A 679 -17.69 52.04 34.60
CA LEU A 679 -17.02 51.78 33.30
C LEU A 679 -15.87 50.82 33.58
N ILE A 680 -15.73 49.78 32.79
CA ILE A 680 -14.73 48.71 33.04
C ILE A 680 -14.14 48.31 31.72
N THR A 681 -12.83 48.37 31.61
CA THR A 681 -12.07 47.94 30.43
C THR A 681 -11.30 46.69 30.82
N GLY A 682 -10.87 45.92 29.86
CA GLY A 682 -10.15 44.67 30.15
C GLY A 682 -11.00 43.69 30.96
N ALA A 683 -12.20 43.39 30.47
CA ALA A 683 -13.10 42.39 31.08
C ALA A 683 -13.36 41.26 30.10
N GLY A 684 -12.35 40.88 29.33
CA GLY A 684 -12.40 39.74 28.38
C GLY A 684 -12.46 38.41 29.10
N LYS A 685 -12.82 37.35 28.39
CA LYS A 685 -12.88 35.99 28.97
C LYS A 685 -11.50 35.59 29.51
N GLY A 686 -11.47 35.16 30.78
CA GLY A 686 -10.27 34.66 31.48
C GLY A 686 -9.69 35.68 32.42
N SER A 687 -10.06 36.95 32.26
CA SER A 687 -9.51 38.08 33.02
C SER A 687 -10.10 38.16 34.43
N ILE A 688 -9.48 39.01 35.23
CA ILE A 688 -10.03 39.50 36.52
C ILE A 688 -11.31 40.25 36.18
N GLY A 689 -11.24 41.18 35.25
CA GLY A 689 -12.33 42.10 34.91
C GLY A 689 -13.61 41.40 34.56
N ALA A 690 -13.56 40.20 34.00
CA ALA A 690 -14.76 39.40 33.64
C ALA A 690 -15.49 38.95 34.90
N GLU A 691 -14.74 38.50 35.89
CA GLU A 691 -15.30 38.09 37.21
C GLU A 691 -15.77 39.33 37.96
N VAL A 692 -15.13 40.47 37.78
CA VAL A 692 -15.58 41.73 38.42
C VAL A 692 -16.91 42.14 37.80
N LEU A 693 -17.05 42.00 36.48
CA LEU A 693 -18.25 42.39 35.71
C LEU A 693 -19.42 41.50 36.11
N GLN A 694 -19.22 40.19 36.27
CA GLN A 694 -20.30 39.30 36.78
C GLN A 694 -20.76 39.78 38.14
N GLY A 695 -19.88 40.27 38.98
CA GLY A 695 -20.28 40.63 40.35
C GLY A 695 -21.13 41.84 40.29
N LEU A 696 -20.63 42.88 39.65
CA LEU A 696 -21.34 44.17 39.44
C LEU A 696 -22.74 43.94 38.88
N LEU A 697 -22.91 43.03 37.94
CA LEU A 697 -24.22 42.81 37.28
C LEU A 697 -25.14 42.13 38.26
N GLN A 698 -24.63 41.13 38.95
CA GLN A 698 -25.34 40.40 40.03
C GLN A 698 -25.83 41.38 41.07
N GLY A 699 -25.13 42.46 41.30
CA GLY A 699 -25.46 43.42 42.36
C GLY A 699 -26.25 44.58 41.85
N GLY A 700 -26.69 44.56 40.60
CA GLY A 700 -27.61 45.57 40.04
C GLY A 700 -26.93 46.79 39.48
N ALA A 701 -25.63 46.76 39.24
CA ALA A 701 -24.91 47.94 38.67
C ALA A 701 -25.28 48.15 37.20
N LYS A 702 -25.37 49.40 36.75
CA LYS A 702 -25.38 49.72 35.30
C LYS A 702 -23.93 49.79 34.84
N VAL A 703 -23.52 49.02 33.84
CA VAL A 703 -22.08 48.87 33.50
C VAL A 703 -21.87 49.07 32.00
N VAL A 704 -20.88 49.87 31.64
CA VAL A 704 -20.32 49.94 30.26
C VAL A 704 -19.08 49.09 30.25
N VAL A 705 -19.06 48.03 29.47
CA VAL A 705 -17.86 47.17 29.36
C VAL A 705 -17.33 47.40 27.97
N THR A 706 -16.03 47.36 27.80
CA THR A 706 -15.38 47.62 26.50
C THR A 706 -14.73 46.33 26.04
N THR A 707 -14.48 46.19 24.75
CA THR A 707 -13.77 45.03 24.20
C THR A 707 -12.93 45.52 23.05
N SER A 708 -11.69 45.07 22.97
CA SER A 708 -10.83 45.34 21.79
C SER A 708 -11.30 44.46 20.61
N ARG A 709 -11.75 43.24 20.89
CA ARG A 709 -11.97 42.14 19.92
C ARG A 709 -13.47 42.00 19.67
N PHE A 710 -14.14 43.08 19.26
CA PHE A 710 -15.60 43.14 19.11
C PHE A 710 -16.02 42.30 17.91
N SER A 711 -16.72 41.21 18.22
CA SER A 711 -17.13 40.17 17.26
C SER A 711 -18.49 39.65 17.68
N LYS A 712 -19.06 38.70 16.94
CA LYS A 712 -20.32 38.00 17.32
C LYS A 712 -20.05 37.07 18.50
N GLN A 713 -18.90 36.39 18.57
CA GLN A 713 -18.61 35.41 19.65
C GLN A 713 -18.47 36.16 20.98
N VAL A 714 -18.04 37.43 20.90
CA VAL A 714 -17.82 38.26 22.12
C VAL A 714 -19.15 38.87 22.52
N THR A 715 -19.95 39.38 21.61
CA THR A 715 -21.24 39.96 22.04
C THR A 715 -22.17 38.87 22.53
N ASP A 716 -22.10 37.66 21.96
CA ASP A 716 -22.86 36.46 22.42
C ASP A 716 -22.38 35.99 23.79
N TYR A 717 -21.14 36.28 24.15
CA TYR A 717 -20.56 35.90 25.45
C TYR A 717 -21.14 36.82 26.52
N TYR A 718 -21.03 38.12 26.33
CA TYR A 718 -21.56 39.15 27.26
C TYR A 718 -23.06 39.01 27.36
N GLN A 719 -23.73 38.65 26.29
CA GLN A 719 -25.19 38.39 26.34
C GLN A 719 -25.47 37.27 27.32
N SER A 720 -24.66 36.22 27.26
CA SER A 720 -24.88 34.98 28.04
C SER A 720 -24.58 35.28 29.52
N ILE A 721 -23.59 36.13 29.80
CA ILE A 721 -23.26 36.66 31.16
C ILE A 721 -24.48 37.45 31.64
N TYR A 722 -24.93 38.45 30.91
CA TYR A 722 -26.05 39.32 31.37
C TYR A 722 -27.32 38.52 31.63
N ALA A 723 -27.63 37.53 30.81
CA ALA A 723 -28.82 36.68 30.96
C ALA A 723 -28.71 35.80 32.19
N LYS A 724 -27.52 35.41 32.60
CA LYS A 724 -27.35 34.55 33.80
C LYS A 724 -27.30 35.42 35.06
N TYR A 725 -26.51 36.49 35.08
CA TYR A 725 -26.18 37.24 36.31
C TYR A 725 -26.87 38.59 36.39
N GLY A 726 -27.25 39.19 35.28
CA GLY A 726 -27.81 40.55 35.26
C GLY A 726 -29.02 40.67 36.15
N ALA A 727 -28.87 41.27 37.31
CA ALA A 727 -29.95 41.45 38.30
C ALA A 727 -30.91 42.51 37.84
N LYS A 728 -32.01 42.69 38.59
CA LYS A 728 -33.04 43.67 38.26
C LYS A 728 -32.42 45.06 38.41
N GLY A 729 -32.74 45.94 37.47
CA GLY A 729 -32.22 47.30 37.47
C GLY A 729 -30.81 47.37 36.93
N SER A 730 -30.16 46.26 36.59
CA SER A 730 -28.82 46.27 35.96
C SER A 730 -28.97 46.48 34.48
N THR A 731 -27.87 46.88 33.86
CA THR A 731 -27.79 47.12 32.39
C THR A 731 -26.34 46.90 32.06
N LEU A 732 -26.09 46.35 30.91
CA LEU A 732 -24.73 46.12 30.41
C LEU A 732 -24.67 46.75 29.02
N ILE A 733 -23.87 47.77 28.82
CA ILE A 733 -23.60 48.34 27.49
C ILE A 733 -22.27 47.78 27.03
N VAL A 734 -22.18 47.06 25.93
CA VAL A 734 -20.87 46.58 25.40
C VAL A 734 -20.48 47.51 24.27
N VAL A 735 -19.23 47.95 24.20
CA VAL A 735 -18.75 48.90 23.16
C VAL A 735 -17.39 48.45 22.70
N PRO A 736 -17.13 48.55 21.39
CA PRO A 736 -15.80 48.27 20.88
C PRO A 736 -14.93 49.44 21.32
N PHE A 737 -13.67 49.18 21.56
CA PHE A 737 -12.80 50.19 22.19
C PHE A 737 -11.37 49.69 22.17
N ASN A 738 -10.48 50.58 21.78
CA ASN A 738 -9.02 50.39 21.84
C ASN A 738 -8.49 51.36 22.86
N GLN A 739 -8.02 50.90 24.01
CA GLN A 739 -7.55 51.84 25.05
C GLN A 739 -6.29 52.53 24.51
N GLY A 740 -5.58 51.90 23.58
CA GLY A 740 -4.36 52.45 22.95
C GLY A 740 -4.63 53.75 22.21
N SER A 741 -5.78 53.87 21.62
CA SER A 741 -6.18 55.10 20.91
C SER A 741 -6.60 56.14 21.92
N LYS A 742 -5.99 57.31 21.86
CA LYS A 742 -6.44 58.55 22.52
C LYS A 742 -7.83 58.95 22.02
N GLN A 743 -8.07 58.86 20.72
CA GLN A 743 -9.36 59.33 20.15
C GLN A 743 -10.51 58.44 20.63
N ASP A 744 -10.28 57.15 20.88
CA ASP A 744 -11.31 56.20 21.34
C ASP A 744 -11.65 56.54 22.78
N VAL A 745 -10.65 56.88 23.56
CA VAL A 745 -10.78 57.24 24.99
C VAL A 745 -11.65 58.46 25.10
N GLU A 746 -11.31 59.52 24.38
CA GLU A 746 -12.05 60.80 24.41
C GLU A 746 -13.51 60.59 23.96
N ALA A 747 -13.73 59.83 22.88
CA ALA A 747 -15.03 59.54 22.23
C ALA A 747 -15.92 58.69 23.14
N LEU A 748 -15.38 57.61 23.71
CA LEU A 748 -16.09 56.75 24.68
C LEU A 748 -16.57 57.58 25.86
N ILE A 749 -15.77 58.52 26.36
CA ILE A 749 -16.22 59.26 27.56
C ILE A 749 -17.23 60.32 27.15
N GLU A 750 -17.06 60.94 26.00
CA GLU A 750 -18.07 61.88 25.46
C GLU A 750 -19.39 61.11 25.39
N PHE A 751 -19.39 59.89 24.87
CA PHE A 751 -20.59 59.04 24.61
C PHE A 751 -21.29 58.63 25.89
N ILE A 752 -20.53 58.34 26.93
CA ILE A 752 -21.10 57.96 28.25
C ILE A 752 -21.79 59.18 28.85
N TYR A 753 -21.26 60.38 28.64
CA TYR A 753 -21.71 61.60 29.35
C TYR A 753 -22.71 62.39 28.52
N ASP A 754 -22.66 62.25 27.20
CA ASP A 754 -23.60 62.89 26.25
C ASP A 754 -25.03 62.46 26.59
N THR A 755 -26.00 63.34 26.33
CA THR A 755 -27.45 63.12 26.58
C THR A 755 -27.95 62.04 25.63
N GLU A 756 -29.16 61.52 25.86
CA GLU A 756 -29.77 60.44 25.03
C GLU A 756 -30.24 61.05 23.71
N LYS A 757 -30.70 62.31 23.76
CA LYS A 757 -31.07 63.16 22.59
C LYS A 757 -29.92 63.14 21.57
N ASN A 758 -28.70 63.48 22.01
CA ASN A 758 -27.46 63.59 21.18
C ASN A 758 -26.86 62.21 20.84
N GLY A 759 -27.47 61.11 21.32
CA GLY A 759 -27.14 59.75 20.88
C GLY A 759 -26.14 59.04 21.78
N GLY A 760 -25.97 59.56 23.02
CA GLY A 760 -25.14 58.98 24.09
C GLY A 760 -25.99 58.22 25.10
N LEU A 761 -25.54 58.13 26.36
CA LEU A 761 -26.13 57.28 27.42
C LEU A 761 -26.77 58.16 28.48
N GLY A 762 -26.28 59.37 28.65
CA GLY A 762 -26.82 60.27 29.69
C GLY A 762 -26.45 59.79 31.08
N TRP A 763 -25.32 59.11 31.22
CA TRP A 763 -24.82 58.61 32.53
C TRP A 763 -23.86 59.61 33.13
N ASP A 764 -23.37 59.28 34.32
CA ASP A 764 -22.34 60.04 35.07
C ASP A 764 -21.65 59.05 36.00
N LEU A 765 -20.44 58.61 35.64
CA LEU A 765 -19.77 57.41 36.21
C LEU A 765 -19.59 57.59 37.70
N ASP A 766 -19.76 56.49 38.43
CA ASP A 766 -19.52 56.36 39.89
C ASP A 766 -18.25 55.54 40.11
N ALA A 767 -17.79 54.80 39.11
CA ALA A 767 -16.53 54.04 39.21
C ALA A 767 -15.96 53.79 37.84
N ILE A 768 -14.65 53.82 37.75
CA ILE A 768 -13.87 53.47 36.54
C ILE A 768 -12.93 52.37 36.98
N ILE A 769 -12.81 51.30 36.20
CA ILE A 769 -11.97 50.12 36.52
C ILE A 769 -11.15 49.80 35.28
N PRO A 770 -10.04 50.52 35.01
CA PRO A 770 -9.31 50.43 33.75
C PRO A 770 -8.31 49.29 33.64
N PHE A 771 -8.81 48.09 33.40
CA PHE A 771 -8.04 46.84 33.57
C PHE A 771 -7.51 46.33 32.24
N ALA A 772 -7.59 47.09 31.16
CA ALA A 772 -7.00 46.68 29.87
C ALA A 772 -5.50 46.55 30.07
N ALA A 773 -4.88 45.78 29.20
CA ALA A 773 -3.49 45.30 29.35
C ALA A 773 -3.20 44.34 28.21
N ILE A 774 -2.05 44.44 27.57
CA ILE A 774 -1.54 43.36 26.67
C ILE A 774 -0.35 42.70 27.34
N PRO A 775 -0.19 41.37 27.15
CA PRO A 775 0.97 40.65 27.66
C PRO A 775 2.19 41.02 26.81
N GLU A 776 3.20 41.56 27.49
CA GLU A 776 4.62 41.72 27.07
C GLU A 776 5.38 40.58 27.74
N GLN A 777 6.03 39.74 26.96
CA GLN A 777 6.62 38.48 27.48
C GLN A 777 7.93 38.24 26.75
N GLY A 778 8.97 37.89 27.51
CA GLY A 778 10.35 37.72 27.01
C GLY A 778 10.89 38.99 26.40
N ILE A 779 10.55 40.16 26.96
CA ILE A 779 11.06 41.48 26.49
C ILE A 779 11.89 42.09 27.62
N GLU A 780 13.21 41.98 27.50
CA GLU A 780 14.20 42.54 28.47
C GLU A 780 14.37 44.01 28.12
N LEU A 781 15.27 44.72 28.77
CA LEU A 781 15.56 46.15 28.50
C LEU A 781 16.02 46.37 27.05
N GLU A 782 16.90 45.53 26.51
CA GLU A 782 17.49 45.73 25.16
C GLU A 782 16.42 45.56 24.07
N HIS A 783 15.36 44.79 24.35
CA HIS A 783 14.30 44.40 23.39
C HIS A 783 13.09 45.33 23.44
N ILE A 784 13.09 46.37 24.29
CA ILE A 784 12.03 47.41 24.41
C ILE A 784 12.02 48.20 23.09
N ASP A 785 10.85 48.23 22.46
CA ASP A 785 10.65 48.65 21.06
C ASP A 785 9.19 49.15 20.98
N SER A 786 8.52 48.93 19.86
CA SER A 786 7.17 49.44 19.55
C SER A 786 6.16 48.83 20.52
N LYS A 787 6.08 47.50 20.57
CA LYS A 787 5.01 46.84 21.32
C LYS A 787 4.99 47.29 22.78
N SER A 788 6.15 47.53 23.35
CA SER A 788 6.27 47.98 24.76
C SER A 788 5.83 49.44 24.85
N GLU A 789 6.32 50.30 23.97
CA GLU A 789 5.93 51.72 24.00
C GLU A 789 4.41 51.82 23.84
N PHE A 790 3.81 50.90 23.08
CA PHE A 790 2.34 50.87 22.83
C PHE A 790 1.64 50.33 24.06
N ALA A 791 2.13 49.26 24.63
CA ALA A 791 1.51 48.70 25.84
C ALA A 791 1.55 49.72 26.97
N HIS A 792 2.61 50.48 27.09
CA HIS A 792 2.77 51.50 28.15
C HIS A 792 1.72 52.58 27.96
N ARG A 793 1.30 52.85 26.72
CA ARG A 793 0.28 53.88 26.36
C ARG A 793 -1.07 53.37 26.83
N ILE A 794 -1.40 52.12 26.55
CA ILE A 794 -2.62 51.45 27.05
C ILE A 794 -2.69 51.50 28.59
N MET A 795 -1.62 51.11 29.27
CA MET A 795 -1.66 50.71 30.68
C MET A 795 -1.33 51.86 31.64
N LEU A 796 -0.83 52.98 31.13
CA LEU A 796 -0.58 54.21 31.91
C LEU A 796 -1.13 55.41 31.15
N THR A 797 -0.49 55.82 30.06
CA THR A 797 -0.70 57.17 29.48
C THR A 797 -2.18 57.41 29.23
N ASN A 798 -2.89 56.44 28.66
CA ASN A 798 -4.32 56.57 28.34
C ASN A 798 -5.22 56.21 29.51
N ILE A 799 -4.71 55.70 30.63
CA ILE A 799 -5.50 55.69 31.89
C ILE A 799 -5.52 57.12 32.42
N LEU A 800 -4.39 57.82 32.40
CA LEU A 800 -4.35 59.23 32.84
C LEU A 800 -5.25 60.08 31.96
N ARG A 801 -5.33 59.79 30.67
CA ARG A 801 -6.10 60.59 29.69
C ARG A 801 -7.59 60.32 29.90
N MET A 802 -7.97 59.10 30.27
CA MET A 802 -9.36 58.68 30.58
C MET A 802 -9.84 59.43 31.82
N MET A 803 -9.03 59.45 32.88
CA MET A 803 -9.36 60.14 34.14
C MET A 803 -9.44 61.64 33.87
N GLY A 804 -8.58 62.13 32.99
CA GLY A 804 -8.62 63.52 32.52
C GLY A 804 -9.97 63.82 31.92
N CYS A 805 -10.41 62.99 30.97
CA CYS A 805 -11.67 63.15 30.18
C CYS A 805 -12.85 63.15 31.13
N VAL A 806 -12.89 62.21 32.06
CA VAL A 806 -14.00 62.09 33.03
C VAL A 806 -14.04 63.34 33.89
N LYS A 807 -12.89 63.84 34.31
CA LYS A 807 -12.83 65.07 35.11
C LYS A 807 -13.34 66.26 34.31
N LYS A 808 -13.03 66.34 33.02
CA LYS A 808 -13.37 67.50 32.16
C LYS A 808 -14.88 67.46 31.88
N GLN A 809 -15.49 66.27 31.85
CA GLN A 809 -16.94 66.08 31.63
C GLN A 809 -17.72 66.37 32.91
N LYS A 810 -17.29 65.89 34.04
CA LYS A 810 -17.89 66.26 35.34
C LYS A 810 -17.77 67.77 35.55
N SER A 811 -16.63 68.40 35.30
CA SER A 811 -16.39 69.83 35.62
C SER A 811 -17.24 70.74 34.73
N ALA A 812 -17.52 70.32 33.50
CA ALA A 812 -18.30 71.12 32.52
C ALA A 812 -19.75 71.18 32.96
N ARG A 813 -20.24 70.15 33.67
CA ARG A 813 -21.63 70.03 34.17
C ARG A 813 -21.75 70.44 35.65
N GLY A 814 -20.67 70.95 36.25
CA GLY A 814 -20.62 71.46 37.64
C GLY A 814 -20.83 70.36 38.67
N ILE A 815 -20.52 69.10 38.31
CA ILE A 815 -20.71 67.91 39.18
C ILE A 815 -19.56 67.86 40.20
N GLU A 816 -19.76 68.44 41.39
CA GLU A 816 -18.71 68.55 42.43
C GLU A 816 -18.98 67.60 43.60
N THR A 817 -20.06 66.81 43.58
CA THR A 817 -20.56 66.05 44.75
C THR A 817 -20.78 64.57 44.41
N ARG A 818 -20.29 64.12 43.26
CA ARG A 818 -20.41 62.70 42.81
C ARG A 818 -19.07 62.27 42.21
N PRO A 819 -18.02 62.13 43.03
CA PRO A 819 -16.75 61.69 42.52
C PRO A 819 -16.85 60.26 42.00
N ALA A 820 -16.14 60.00 40.92
CA ALA A 820 -15.98 58.66 40.30
C ALA A 820 -14.77 57.96 40.90
N GLN A 821 -14.97 56.84 41.57
CA GLN A 821 -13.89 56.02 42.15
C GLN A 821 -13.06 55.37 41.06
N VAL A 822 -11.76 55.60 41.01
CA VAL A 822 -10.87 54.89 40.06
C VAL A 822 -10.13 53.79 40.80
N ILE A 823 -10.48 52.52 40.56
CA ILE A 823 -9.76 51.32 41.08
C ILE A 823 -8.57 51.12 40.16
N LEU A 824 -7.40 51.63 40.53
CA LEU A 824 -6.17 51.47 39.71
C LEU A 824 -5.64 50.06 39.89
N PRO A 825 -5.31 49.33 38.81
CA PRO A 825 -4.81 47.97 38.90
C PRO A 825 -3.29 48.04 39.08
N MET A 826 -2.84 48.22 40.32
CA MET A 826 -1.40 48.32 40.67
C MET A 826 -0.82 46.94 40.90
N SER A 827 0.48 46.82 40.92
CA SER A 827 1.16 45.52 40.98
C SER A 827 2.29 45.58 41.99
N PRO A 828 2.70 44.44 42.58
CA PRO A 828 3.99 44.33 43.25
C PRO A 828 5.18 43.95 42.35
N ASN A 829 4.93 43.70 41.07
CA ASN A 829 5.98 43.53 40.03
C ASN A 829 6.51 44.92 39.71
N HIS A 830 7.55 45.38 40.43
CA HIS A 830 8.28 46.63 40.11
C HIS A 830 9.63 46.33 39.46
N GLY A 831 9.61 45.42 38.49
CA GLY A 831 10.79 44.89 37.78
C GLY A 831 11.33 43.65 38.46
N THR A 832 10.53 43.04 39.32
CA THR A 832 10.96 41.91 40.18
C THR A 832 11.01 40.65 39.32
N PHE A 833 10.01 40.41 38.45
CA PHE A 833 9.91 39.24 37.53
C PHE A 833 10.86 39.39 36.33
N GLY A 834 10.94 40.59 35.76
CA GLY A 834 11.81 40.91 34.60
C GLY A 834 11.30 40.28 33.31
N GLY A 835 11.73 40.82 32.18
CA GLY A 835 11.41 40.27 30.85
C GLY A 835 9.99 40.59 30.44
N ASP A 836 9.41 41.67 30.93
CA ASP A 836 7.99 42.06 30.74
C ASP A 836 7.92 43.50 30.23
N GLY A 837 8.80 43.87 29.29
CA GLY A 837 8.84 45.18 28.62
C GLY A 837 8.84 46.35 29.60
N MET A 838 7.77 47.14 29.55
CA MET A 838 7.56 48.37 30.36
C MET A 838 6.37 48.15 31.31
N TYR A 839 6.06 46.90 31.64
CA TYR A 839 4.89 46.59 32.48
C TYR A 839 5.20 47.23 33.83
N SER A 840 6.28 46.80 34.46
CA SER A 840 6.76 47.35 35.76
C SER A 840 6.71 48.89 35.76
N GLU A 841 7.20 49.55 34.73
CA GLU A 841 7.24 51.03 34.61
C GLU A 841 5.82 51.60 34.67
N SER A 842 4.85 50.96 34.02
CA SER A 842 3.42 51.39 33.96
C SER A 842 2.82 51.29 35.34
N LYS A 843 2.90 50.12 35.94
CA LYS A 843 2.37 49.82 37.28
C LYS A 843 2.97 50.79 38.31
N LEU A 844 4.26 51.05 38.23
CA LEU A 844 4.91 51.91 39.23
C LEU A 844 4.43 53.35 38.99
N SER A 845 4.45 53.84 37.75
CA SER A 845 4.04 55.23 37.40
C SER A 845 2.67 55.58 37.99
N LEU A 846 1.74 54.64 38.09
CA LEU A 846 0.36 54.89 38.59
C LEU A 846 0.40 55.32 40.05
N GLU A 847 1.43 54.97 40.80
CA GLU A 847 1.47 55.28 42.25
C GLU A 847 1.71 56.79 42.47
N THR A 848 1.87 57.58 41.41
CA THR A 848 1.95 59.04 41.51
C THR A 848 0.57 59.59 41.79
N LEU A 849 -0.49 58.91 41.35
CA LEU A 849 -1.86 59.46 41.47
C LEU A 849 -2.26 59.65 42.94
N PHE A 850 -1.67 58.92 43.87
CA PHE A 850 -1.94 59.07 45.31
C PHE A 850 -1.58 60.47 45.78
N ASN A 851 -0.48 61.03 45.27
CA ASN A 851 -0.02 62.37 45.69
C ASN A 851 -0.70 63.41 44.82
N ARG A 852 -0.87 63.12 43.53
CA ARG A 852 -1.42 64.10 42.56
C ARG A 852 -2.85 64.42 42.99
N TRP A 853 -3.51 63.53 43.72
CA TRP A 853 -4.84 63.81 44.29
C TRP A 853 -4.77 65.02 45.22
N HIS A 854 -3.79 65.09 46.11
CA HIS A 854 -3.65 66.22 47.05
C HIS A 854 -3.16 67.50 46.36
N SER A 855 -2.21 67.39 45.42
CA SER A 855 -1.48 68.53 44.82
C SER A 855 -2.32 69.25 43.76
N GLU A 856 -2.90 68.49 42.82
CA GLU A 856 -3.68 69.04 41.67
C GLU A 856 -5.12 69.29 42.17
N SER A 857 -6.03 69.69 41.28
CA SER A 857 -7.40 70.15 41.60
C SER A 857 -8.45 69.35 40.80
N TRP A 858 -8.49 68.02 41.01
CA TRP A 858 -9.54 67.09 40.52
C TRP A 858 -10.06 66.18 41.65
N ALA A 859 -9.72 66.45 42.90
CA ALA A 859 -10.10 65.59 44.05
C ALA A 859 -11.61 65.45 44.16
N ASN A 860 -12.37 66.47 43.76
CA ASN A 860 -13.85 66.50 43.92
C ASN A 860 -14.51 65.64 42.83
N GLN A 861 -13.81 65.46 41.71
CA GLN A 861 -14.36 64.74 40.54
C GLN A 861 -13.96 63.27 40.57
N LEU A 862 -12.75 62.92 40.99
CA LEU A 862 -12.27 61.52 40.98
C LEU A 862 -11.71 61.19 42.34
N THR A 863 -11.85 59.95 42.78
CA THR A 863 -11.15 59.42 43.97
C THR A 863 -10.26 58.26 43.56
N VAL A 864 -9.17 58.07 44.29
CA VAL A 864 -8.13 57.08 43.94
C VAL A 864 -8.28 55.91 44.93
N CYS A 865 -8.31 54.71 44.41
CA CYS A 865 -8.50 53.49 45.22
C CYS A 865 -7.52 52.44 44.72
N GLY A 866 -6.27 52.84 44.53
CA GLY A 866 -5.15 51.92 44.28
C GLY A 866 -5.37 50.56 44.96
N ALA A 867 -5.45 49.52 44.16
CA ALA A 867 -5.49 48.13 44.64
C ALA A 867 -4.25 47.44 44.12
N ILE A 868 -3.36 47.01 45.03
CA ILE A 868 -2.13 46.26 44.65
C ILE A 868 -2.52 44.79 44.49
N ILE A 869 -2.83 44.39 43.29
CA ILE A 869 -3.43 43.06 42.99
C ILE A 869 -2.31 42.05 43.09
N GLY A 870 -2.57 40.92 43.73
CA GLY A 870 -1.59 39.84 43.83
C GLY A 870 -1.62 38.91 42.63
N TRP A 871 -0.72 37.95 42.65
CA TRP A 871 -0.65 36.85 41.68
C TRP A 871 -2.05 36.26 41.51
N THR A 872 -2.59 36.32 40.31
CA THR A 872 -3.97 35.90 39.99
C THR A 872 -3.91 34.96 38.82
N ARG A 873 -4.27 33.72 39.05
CA ARG A 873 -4.01 32.61 38.14
C ARG A 873 -5.01 32.59 36.99
N GLY A 874 -4.49 32.43 35.77
CA GLY A 874 -5.24 32.01 34.58
C GLY A 874 -5.70 33.19 33.78
N THR A 875 -5.11 34.35 34.06
CA THR A 875 -5.40 35.56 33.27
C THR A 875 -4.51 35.61 32.02
N GLY A 876 -4.74 36.60 31.17
CA GLY A 876 -3.86 36.84 30.00
C GLY A 876 -2.42 37.03 30.46
N LEU A 877 -2.24 37.81 31.50
CA LEU A 877 -0.89 38.23 31.95
C LEU A 877 -0.19 37.12 32.75
N MET A 878 -0.90 36.13 33.29
CA MET A 878 -0.31 35.20 34.28
C MET A 878 -0.58 33.72 33.98
N SER A 879 -1.19 33.37 32.84
CA SER A 879 -1.52 31.97 32.47
C SER A 879 -0.23 31.16 32.25
N ALA A 880 0.81 31.81 31.69
CA ALA A 880 2.15 31.22 31.47
C ALA A 880 2.82 30.83 32.78
N ASN A 881 2.46 31.45 33.91
CA ASN A 881 3.04 31.14 35.24
C ASN A 881 2.17 30.18 36.05
N ASN A 882 1.19 29.51 35.46
CA ASN A 882 0.26 28.71 36.29
C ASN A 882 0.99 27.52 36.90
N ILE A 883 1.93 26.95 36.13
CA ILE A 883 2.58 25.66 36.49
C ILE A 883 3.43 25.87 37.75
N ILE A 884 3.96 27.07 37.95
CA ILE A 884 4.82 27.35 39.13
C ILE A 884 4.00 27.88 40.32
N ALA A 885 2.72 28.18 40.14
CA ALA A 885 1.86 28.83 41.17
C ALA A 885 1.74 27.93 42.40
N GLU A 886 1.67 26.61 42.22
CA GLU A 886 1.65 25.66 43.36
C GLU A 886 2.96 25.75 44.16
N GLY A 887 4.08 25.91 43.47
CA GLY A 887 5.41 26.08 44.07
C GLY A 887 5.49 27.34 44.91
N ILE A 888 5.08 28.48 44.33
CA ILE A 888 5.12 29.82 44.99
C ILE A 888 4.31 29.73 46.29
N GLU A 889 3.23 28.95 46.33
CA GLU A 889 2.35 28.82 47.52
C GLU A 889 3.07 28.06 48.63
N LYS A 890 4.17 27.35 48.33
CA LYS A 890 4.97 26.63 49.35
C LYS A 890 5.86 27.61 50.16
N MET A 891 6.02 28.85 49.72
CA MET A 891 6.65 29.95 50.51
C MET A 891 5.60 30.66 51.39
N GLY A 892 4.38 30.12 51.52
CA GLY A 892 3.26 30.75 52.26
C GLY A 892 2.76 32.02 51.58
N VAL A 893 3.06 32.19 50.29
CA VAL A 893 2.41 33.19 49.39
C VAL A 893 1.01 32.66 49.05
N ARG A 894 0.07 33.56 48.81
CA ARG A 894 -1.32 33.20 48.43
C ARG A 894 -1.53 33.64 46.99
N THR A 895 -1.83 32.70 46.08
CA THR A 895 -2.22 33.02 44.69
C THR A 895 -3.73 32.91 44.58
N PHE A 896 -4.35 33.87 43.92
CA PHE A 896 -5.81 33.97 43.85
C PHE A 896 -6.33 33.38 42.55
N SER A 897 -7.50 32.74 42.61
CA SER A 897 -8.37 32.50 41.45
C SER A 897 -8.94 33.84 41.00
N GLN A 898 -9.36 33.95 39.75
CA GLN A 898 -9.94 35.21 39.22
C GLN A 898 -11.18 35.57 40.04
N LYS A 899 -11.96 34.57 40.49
CA LYS A 899 -13.18 34.79 41.32
C LYS A 899 -12.78 35.45 42.64
N GLU A 900 -11.83 34.85 43.35
CA GLU A 900 -11.33 35.39 44.64
C GLU A 900 -10.83 36.81 44.41
N MET A 901 -9.99 37.03 43.40
CA MET A 901 -9.40 38.37 43.22
C MET A 901 -10.49 39.39 42.88
N ALA A 902 -11.55 38.99 42.18
CA ALA A 902 -12.69 39.87 41.85
C ALA A 902 -13.45 40.19 43.13
N PHE A 903 -13.76 39.17 43.92
CA PHE A 903 -14.39 39.37 45.25
C PHE A 903 -13.62 40.42 46.07
N ASN A 904 -12.31 40.34 46.16
CA ASN A 904 -11.52 41.30 46.95
C ASN A 904 -11.65 42.70 46.33
N LEU A 905 -11.68 42.81 45.00
CA LEU A 905 -11.75 44.11 44.30
C LEU A 905 -13.15 44.66 44.47
N LEU A 906 -14.17 43.83 44.43
CA LEU A 906 -15.55 44.31 44.65
C LEU A 906 -15.75 44.77 46.10
N GLY A 907 -14.94 44.29 47.02
CA GLY A 907 -14.90 44.81 48.40
C GLY A 907 -14.49 46.27 48.48
N LEU A 908 -13.79 46.81 47.49
CA LEU A 908 -13.42 48.24 47.45
C LEU A 908 -14.62 49.12 47.02
N LEU A 909 -15.66 48.55 46.40
CA LEU A 909 -16.82 49.33 45.92
C LEU A 909 -17.94 49.39 46.96
N THR A 910 -17.80 48.67 48.09
CA THR A 910 -18.78 48.72 49.20
C THR A 910 -18.86 50.16 49.70
N PRO A 911 -20.01 50.63 50.23
CA PRO A 911 -20.14 52.02 50.68
C PRO A 911 -19.12 52.51 51.71
N GLU A 912 -18.57 51.63 52.56
CA GLU A 912 -17.59 52.00 53.63
C GLU A 912 -16.27 52.40 52.98
N VAL A 913 -15.77 51.61 52.05
CA VAL A 913 -14.46 51.89 51.38
C VAL A 913 -14.61 53.06 50.41
N VAL A 914 -15.76 53.20 49.76
CA VAL A 914 -16.10 54.36 48.88
C VAL A 914 -16.08 55.63 49.73
N GLU A 915 -16.62 55.56 50.95
CA GLU A 915 -16.70 56.73 51.85
C GLU A 915 -15.28 57.05 52.30
N LEU A 916 -14.45 56.03 52.45
CA LEU A 916 -13.02 56.19 52.84
C LEU A 916 -12.22 56.81 51.70
N CYS A 917 -12.51 56.44 50.45
CA CYS A 917 -11.82 56.94 49.24
C CYS A 917 -12.11 58.43 49.04
N GLN A 918 -13.26 58.92 49.50
CA GLN A 918 -13.72 60.31 49.29
C GLN A 918 -13.00 61.24 50.27
N LYS A 919 -12.42 60.69 51.35
CA LYS A 919 -11.63 61.48 52.33
C LYS A 919 -10.22 61.66 51.81
N SER A 920 -9.52 60.55 51.60
CA SER A 920 -8.11 60.50 51.12
C SER A 920 -7.92 59.21 50.32
N PRO A 921 -6.97 59.16 49.36
CA PRO A 921 -6.74 57.95 48.58
C PRO A 921 -6.52 56.72 49.45
N VAL A 922 -6.97 55.58 48.95
CA VAL A 922 -6.92 54.27 49.64
C VAL A 922 -5.95 53.38 48.90
N MET A 923 -5.07 52.71 49.62
CA MET A 923 -4.13 51.75 49.02
C MET A 923 -4.50 50.40 49.63
N ALA A 924 -4.99 49.49 48.82
CA ALA A 924 -5.43 48.16 49.24
C ALA A 924 -4.39 47.16 48.78
N ASP A 925 -3.64 46.59 49.71
CA ASP A 925 -2.70 45.49 49.44
C ASP A 925 -3.54 44.21 49.35
N LEU A 926 -3.70 43.67 48.16
CA LEU A 926 -4.31 42.34 47.91
C LEU A 926 -3.24 41.42 47.31
N ASN A 927 -2.02 41.49 47.86
CA ASN A 927 -0.83 40.78 47.37
C ASN A 927 -0.79 39.30 47.77
N GLY A 928 -1.33 38.93 48.92
CA GLY A 928 -1.04 37.61 49.47
C GLY A 928 0.45 37.40 49.75
N GLY A 929 1.16 38.44 50.19
CA GLY A 929 2.54 38.31 50.71
C GLY A 929 3.58 38.18 49.61
N LEU A 930 3.22 38.37 48.35
CA LEU A 930 4.15 38.22 47.21
C LEU A 930 5.29 39.23 47.30
N GLN A 931 5.10 40.40 47.93
CA GLN A 931 6.14 41.47 47.99
C GLN A 931 7.31 41.02 48.87
N PHE A 932 7.06 40.09 49.79
CA PHE A 932 8.02 39.58 50.81
C PHE A 932 8.82 38.39 50.29
N VAL A 933 8.64 38.00 49.03
CA VAL A 933 9.50 36.97 48.35
C VAL A 933 10.80 37.67 47.95
N PRO A 934 11.94 37.29 48.57
CA PRO A 934 13.24 37.85 48.20
C PRO A 934 13.79 37.12 46.96
N GLU A 935 14.27 37.88 45.97
CA GLU A 935 14.79 37.38 44.67
C GLU A 935 13.72 36.49 44.02
N LEU A 936 12.56 37.07 43.68
CA LEU A 936 11.39 36.31 43.16
C LEU A 936 11.77 35.66 41.84
N LYS A 937 12.49 36.35 40.96
CA LYS A 937 12.86 35.81 39.62
C LYS A 937 13.77 34.59 39.79
N GLU A 938 14.66 34.59 40.78
CA GLU A 938 15.57 33.46 41.07
C GLU A 938 14.74 32.25 41.50
N PHE A 939 13.76 32.45 42.37
CA PHE A 939 12.86 31.39 42.88
C PHE A 939 11.97 30.86 41.75
N THR A 940 11.44 31.76 40.91
CA THR A 940 10.60 31.45 39.73
C THR A 940 11.42 30.60 38.75
N ALA A 941 12.60 31.08 38.38
CA ALA A 941 13.53 30.44 37.41
C ALA A 941 13.95 29.06 37.90
N LYS A 942 14.11 28.89 39.21
CA LYS A 942 14.46 27.60 39.86
C LYS A 942 13.27 26.65 39.68
N LEU A 943 12.09 27.05 40.12
CA LEU A 943 10.87 26.18 40.13
C LEU A 943 10.51 25.73 38.74
N ARG A 944 10.72 26.58 37.74
CA ARG A 944 10.36 26.27 36.35
C ARG A 944 11.40 25.30 35.79
N LYS A 945 12.69 25.55 36.03
CA LYS A 945 13.79 24.66 35.61
C LYS A 945 13.58 23.26 36.21
N GLU A 946 13.38 23.14 37.53
CA GLU A 946 13.14 21.85 38.24
C GLU A 946 11.97 21.07 37.65
N LEU A 947 10.90 21.76 37.28
CA LEU A 947 9.67 21.17 36.71
C LEU A 947 9.92 20.71 35.27
N VAL A 948 10.59 21.53 34.45
CA VAL A 948 10.98 21.17 33.05
C VAL A 948 11.94 19.97 33.12
N GLU A 949 12.97 20.04 33.96
CA GLU A 949 13.97 18.96 34.14
C GLU A 949 13.22 17.65 34.43
N THR A 950 12.46 17.58 35.54
CA THR A 950 11.67 16.38 35.97
C THR A 950 10.82 15.86 34.80
N SER A 951 10.02 16.69 34.17
CA SER A 951 9.28 16.37 32.91
C SER A 951 10.21 15.64 31.93
N GLU A 952 11.25 16.32 31.41
CA GLU A 952 12.11 15.84 30.29
C GLU A 952 12.87 14.56 30.66
N VAL A 953 13.35 14.46 31.90
CA VAL A 953 13.98 13.22 32.46
C VAL A 953 12.97 12.07 32.35
N ARG A 954 11.84 12.15 33.05
CA ARG A 954 10.81 11.07 33.09
C ARG A 954 10.32 10.69 31.69
N LYS A 955 10.35 11.61 30.72
CA LYS A 955 9.91 11.31 29.33
C LYS A 955 11.00 10.51 28.61
N ALA A 956 12.27 10.87 28.84
CA ALA A 956 13.46 10.25 28.21
C ALA A 956 13.70 8.87 28.83
N VAL A 957 13.70 8.76 30.16
CA VAL A 957 13.86 7.47 30.87
C VAL A 957 12.74 6.52 30.45
N SER A 958 11.49 6.99 30.37
CA SER A 958 10.31 6.17 29.97
C SER A 958 10.49 5.64 28.54
N ILE A 959 10.93 6.49 27.60
CA ILE A 959 11.16 6.08 26.17
C ILE A 959 12.26 5.03 26.12
N GLU A 960 13.37 5.22 26.84
CA GLU A 960 14.52 4.28 26.84
C GLU A 960 14.10 2.94 27.44
N THR A 961 13.42 2.93 28.59
CA THR A 961 12.92 1.69 29.26
C THR A 961 11.95 0.95 28.34
N ALA A 962 11.19 1.64 27.48
CA ALA A 962 10.19 1.04 26.56
C ALA A 962 10.88 0.47 25.33
N LEU A 963 12.01 1.04 24.92
CA LEU A 963 12.84 0.52 23.79
C LEU A 963 13.68 -0.67 24.27
N GLU A 964 14.12 -0.69 25.54
CA GLU A 964 14.90 -1.80 26.14
C GLU A 964 13.95 -3.00 26.26
N HIS A 965 12.76 -2.81 26.79
CA HIS A 965 11.73 -3.87 26.96
C HIS A 965 11.31 -4.38 25.57
N LYS A 966 11.36 -3.55 24.53
CA LYS A 966 10.91 -3.94 23.16
C LYS A 966 11.99 -4.78 22.47
N VAL A 967 13.27 -4.41 22.57
CA VAL A 967 14.40 -5.19 21.95
C VAL A 967 14.49 -6.55 22.65
N VAL A 968 14.60 -6.58 23.98
CA VAL A 968 14.79 -7.81 24.80
C VAL A 968 13.69 -8.82 24.52
N ASN A 969 12.42 -8.40 24.43
CA ASN A 969 11.23 -9.29 24.28
C ASN A 969 10.69 -9.32 22.85
N GLY A 970 11.09 -8.37 22.00
CA GLY A 970 10.69 -8.34 20.57
C GLY A 970 9.39 -7.61 20.36
N ASN A 971 8.93 -7.52 19.11
CA ASN A 971 7.73 -6.76 18.68
C ASN A 971 6.45 -7.61 18.82
N SER A 972 6.58 -8.89 19.23
CA SER A 972 5.47 -9.85 19.49
C SER A 972 4.87 -9.64 20.89
N ALA A 973 5.56 -8.95 21.80
CA ALA A 973 5.13 -8.68 23.20
C ALA A 973 4.07 -7.56 23.25
N ASP A 974 4.23 -6.51 22.41
CA ASP A 974 3.34 -5.33 22.33
C ASP A 974 2.36 -5.45 21.14
N ALA A 975 2.05 -6.67 20.68
CA ALA A 975 0.99 -6.99 19.68
C ALA A 975 -0.25 -7.62 20.37
N ALA A 976 -0.05 -8.33 21.49
CA ALA A 976 -1.10 -8.86 22.40
C ALA A 976 -1.58 -7.78 23.38
N TYR A 977 -0.78 -6.71 23.56
CA TYR A 977 -1.03 -5.55 24.46
C TYR A 977 -1.77 -4.43 23.70
N ALA A 978 -1.44 -4.22 22.42
CA ALA A 978 -2.12 -3.26 21.50
C ALA A 978 -3.58 -3.69 21.29
N GLN A 979 -4.49 -2.71 21.20
CA GLN A 979 -5.95 -2.91 21.03
C GLN A 979 -6.39 -2.26 19.72
N VAL A 980 -7.58 -2.62 19.23
CA VAL A 980 -8.17 -2.12 17.96
C VAL A 980 -9.15 -0.99 18.28
N GLU A 981 -9.08 0.09 17.50
CA GLU A 981 -9.91 1.32 17.65
C GLU A 981 -10.98 1.35 16.54
N ILE A 982 -12.24 1.53 16.94
CA ILE A 982 -13.45 1.59 16.08
C ILE A 982 -13.85 3.06 15.92
N GLN A 983 -13.78 3.58 14.70
CA GLN A 983 -14.20 4.96 14.39
C GLN A 983 -15.64 4.96 13.89
N PRO A 984 -16.50 5.87 14.38
CA PRO A 984 -17.89 5.90 13.95
C PRO A 984 -18.06 6.25 12.46
N ARG A 985 -18.90 5.47 11.77
CA ARG A 985 -19.49 5.81 10.47
C ARG A 985 -20.80 6.53 10.75
N ALA A 986 -21.18 7.45 9.86
CA ALA A 986 -22.43 8.23 9.92
C ALA A 986 -23.59 7.30 9.58
N ASN A 987 -24.47 7.05 10.54
CA ASN A 987 -25.69 6.23 10.34
C ASN A 987 -26.91 7.15 10.39
N ILE A 988 -27.24 7.79 9.25
CA ILE A 988 -28.29 8.84 9.13
C ILE A 988 -29.65 8.18 9.34
N GLN A 989 -30.44 8.71 10.26
CA GLN A 989 -31.76 8.15 10.63
C GLN A 989 -32.83 9.08 10.08
N LEU A 990 -34.01 8.52 9.77
CA LEU A 990 -35.19 9.28 9.31
C LEU A 990 -36.03 9.82 10.48
N ASP A 991 -35.64 9.54 11.73
CA ASP A 991 -36.18 10.19 12.94
C ASP A 991 -37.70 10.13 12.84
N PHE A 992 -38.25 8.94 12.65
CA PHE A 992 -39.70 8.68 12.72
C PHE A 992 -40.10 8.79 14.18
N PRO A 993 -41.37 9.15 14.47
CA PRO A 993 -41.82 9.34 15.84
C PRO A 993 -41.74 8.03 16.63
N GLU A 994 -41.36 8.15 17.91
CA GLU A 994 -41.20 7.01 18.83
C GLU A 994 -42.59 6.61 19.29
N LEU A 995 -42.98 5.36 19.05
CA LEU A 995 -44.29 4.82 19.47
C LEU A 995 -44.16 4.08 20.80
N LYS A 996 -44.82 4.62 21.82
CA LYS A 996 -44.85 4.06 23.18
C LYS A 996 -45.70 2.79 23.20
N PRO A 997 -45.58 1.95 24.25
CA PRO A 997 -46.54 0.89 24.49
C PRO A 997 -47.95 1.43 24.79
N TYR A 998 -48.97 0.63 24.48
CA TYR A 998 -50.39 1.04 24.49
C TYR A 998 -50.80 1.45 25.90
N LYS A 999 -50.08 0.96 26.92
CA LYS A 999 -50.36 1.28 28.35
C LYS A 999 -49.92 2.71 28.65
N GLN A 1000 -48.80 3.15 28.09
CA GLN A 1000 -48.22 4.50 28.32
C GLN A 1000 -49.06 5.56 27.59
N VAL A 1001 -49.47 5.33 26.34
CA VAL A 1001 -50.24 6.31 25.52
C VAL A 1001 -51.68 6.38 25.98
N LYS A 1002 -52.18 5.36 26.67
CA LYS A 1002 -53.58 5.35 27.14
C LYS A 1002 -53.73 6.25 28.37
N GLN A 1003 -52.65 6.52 29.10
CA GLN A 1003 -52.68 7.34 30.34
C GLN A 1003 -52.90 8.82 30.03
N ILE A 1004 -52.22 9.35 29.01
CA ILE A 1004 -52.14 10.83 28.75
C ILE A 1004 -53.46 11.36 28.19
N ALA A 1005 -54.14 10.61 27.32
CA ALA A 1005 -55.48 10.96 26.81
C ALA A 1005 -56.51 10.65 27.90
N PRO A 1006 -57.64 11.37 27.96
CA PRO A 1006 -58.75 11.02 28.85
C PRO A 1006 -59.31 9.64 28.49
N ALA A 1007 -59.85 8.92 29.47
CA ALA A 1007 -60.33 7.52 29.32
C ALA A 1007 -61.51 7.45 28.34
N GLU A 1008 -62.24 8.56 28.14
CA GLU A 1008 -63.53 8.63 27.40
C GLU A 1008 -63.27 8.88 25.91
N LEU A 1009 -62.03 9.15 25.50
CA LEU A 1009 -61.73 9.54 24.11
C LEU A 1009 -61.90 8.36 23.16
N GLU A 1010 -61.87 7.12 23.67
CA GLU A 1010 -61.91 5.91 22.82
C GLU A 1010 -63.30 5.77 22.22
N GLY A 1011 -63.40 5.79 20.90
CA GLY A 1011 -64.66 5.66 20.15
C GLY A 1011 -65.34 7.01 19.93
N LEU A 1012 -64.94 8.05 20.64
CA LEU A 1012 -65.61 9.35 20.61
C LEU A 1012 -65.26 10.12 19.34
N LEU A 1013 -64.00 10.10 18.88
CA LEU A 1013 -63.59 10.78 17.61
C LEU A 1013 -63.94 9.96 16.37
N ASP A 1014 -64.46 10.62 15.32
CA ASP A 1014 -64.45 10.12 13.92
C ASP A 1014 -63.04 10.34 13.37
N LEU A 1015 -62.33 9.27 13.04
CA LEU A 1015 -60.93 9.38 12.59
C LEU A 1015 -60.85 9.73 11.10
N GLU A 1016 -61.94 9.73 10.36
CA GLU A 1016 -61.93 10.16 8.94
C GLU A 1016 -61.88 11.68 8.89
N ARG A 1017 -62.13 12.31 10.04
CA ARG A 1017 -62.30 13.78 10.18
C ARG A 1017 -61.25 14.32 11.16
N VAL A 1018 -60.22 13.53 11.47
CA VAL A 1018 -59.02 13.99 12.21
C VAL A 1018 -57.88 14.06 11.21
N ILE A 1019 -57.25 15.21 11.03
CA ILE A 1019 -56.17 15.38 10.03
C ILE A 1019 -54.85 15.16 10.75
N VAL A 1020 -53.95 14.39 10.16
CA VAL A 1020 -52.60 14.15 10.74
C VAL A 1020 -51.56 14.53 9.71
N VAL A 1021 -50.41 15.00 10.16
CA VAL A 1021 -49.22 15.19 9.30
C VAL A 1021 -48.45 13.88 9.33
N THR A 1022 -48.29 13.23 8.19
CA THR A 1022 -47.62 11.93 8.09
C THR A 1022 -46.22 12.13 7.56
N GLY A 1023 -45.87 13.28 7.05
CA GLY A 1023 -44.52 13.45 6.47
C GLY A 1023 -44.21 14.91 6.22
N PHE A 1024 -42.94 15.28 6.25
CA PHE A 1024 -42.58 16.70 6.04
C PHE A 1024 -41.16 16.81 5.53
N ALA A 1025 -40.85 17.90 4.89
CA ALA A 1025 -39.48 18.13 4.43
C ALA A 1025 -39.32 19.56 4.01
N GLU A 1026 -38.08 19.96 3.84
CA GLU A 1026 -37.77 21.31 3.36
C GLU A 1026 -36.46 21.30 2.62
N VAL A 1027 -36.30 22.34 1.86
CA VAL A 1027 -35.04 22.71 1.18
C VAL A 1027 -34.89 24.16 1.55
N GLY A 1028 -33.85 24.51 2.27
CA GLY A 1028 -33.66 25.90 2.66
C GLY A 1028 -32.21 26.13 2.99
N PRO A 1029 -31.89 27.30 3.53
CA PRO A 1029 -30.52 27.70 3.75
C PRO A 1029 -29.63 26.74 4.53
N TRP A 1030 -30.21 25.93 5.41
CA TRP A 1030 -29.51 24.87 6.19
C TRP A 1030 -29.79 23.46 5.66
N GLY A 1031 -30.18 23.31 4.41
CA GLY A 1031 -30.20 21.99 3.79
C GLY A 1031 -31.58 21.42 3.86
N SER A 1032 -31.75 20.31 4.56
CA SER A 1032 -33.02 19.58 4.78
C SER A 1032 -33.64 19.96 6.13
N ALA A 1033 -34.70 19.27 6.53
CA ALA A 1033 -35.34 19.50 7.83
C ALA A 1033 -34.48 18.81 8.88
N ARG A 1034 -33.70 17.80 8.51
CA ARG A 1034 -32.85 17.10 9.50
C ARG A 1034 -31.68 18.01 9.88
N THR A 1035 -30.98 18.55 8.90
CA THR A 1035 -29.83 19.44 9.14
C THR A 1035 -30.33 20.73 9.81
N ARG A 1036 -31.36 21.35 9.29
CA ARG A 1036 -31.83 22.64 9.85
C ARG A 1036 -32.15 22.48 11.33
N TRP A 1037 -32.90 21.45 11.67
CA TRP A 1037 -33.26 21.15 13.06
C TRP A 1037 -32.01 21.01 13.92
N GLU A 1038 -30.97 20.34 13.45
CA GLU A 1038 -29.75 20.19 14.24
C GLU A 1038 -29.19 21.58 14.52
N MET A 1039 -29.07 22.43 13.53
CA MET A 1039 -28.50 23.79 13.66
C MET A 1039 -29.39 24.64 14.54
N GLU A 1040 -30.72 24.57 14.36
CA GLU A 1040 -31.73 25.37 15.11
C GLU A 1040 -31.75 25.04 16.58
N ALA A 1041 -31.72 23.75 16.92
CA ALA A 1041 -31.89 23.25 18.29
C ALA A 1041 -30.55 23.19 19.00
N PHE A 1042 -29.51 22.65 18.38
CA PHE A 1042 -28.20 22.40 19.06
C PHE A 1042 -27.16 23.45 18.69
N GLY A 1043 -27.15 23.97 17.48
CA GLY A 1043 -26.23 25.06 17.08
C GLY A 1043 -24.91 24.53 16.57
N GLU A 1044 -24.81 23.20 16.46
CA GLU A 1044 -23.67 22.47 15.85
C GLU A 1044 -24.22 21.19 15.21
N PHE A 1045 -23.51 20.69 14.20
CA PHE A 1045 -23.86 19.43 13.50
C PHE A 1045 -23.26 18.26 14.25
N SER A 1046 -23.96 17.14 14.24
CA SER A 1046 -23.44 15.82 14.68
C SER A 1046 -22.61 15.23 13.53
N LEU A 1047 -22.25 13.95 13.60
CA LEU A 1047 -21.53 13.30 12.49
C LEU A 1047 -22.49 13.15 11.31
N GLU A 1048 -23.72 12.73 11.59
CA GLU A 1048 -24.78 12.48 10.58
C GLU A 1048 -25.11 13.80 9.88
N GLY A 1049 -25.35 14.85 10.66
CA GLY A 1049 -25.59 16.22 10.18
C GLY A 1049 -24.53 16.67 9.20
N CYS A 1050 -23.24 16.55 9.56
CA CYS A 1050 -22.09 17.01 8.74
C CYS A 1050 -22.06 16.25 7.42
N VAL A 1051 -22.14 14.93 7.50
CA VAL A 1051 -22.09 14.05 6.30
C VAL A 1051 -23.29 14.39 5.42
N GLU A 1052 -24.46 14.62 6.01
CA GLU A 1052 -25.63 14.96 5.19
C GLU A 1052 -25.46 16.32 4.54
N MET A 1053 -24.88 17.30 5.22
CA MET A 1053 -24.57 18.62 4.64
C MET A 1053 -23.46 18.46 3.61
N ALA A 1054 -22.44 17.63 3.89
CA ALA A 1054 -21.31 17.44 2.95
C ALA A 1054 -21.85 16.81 1.66
N TRP A 1055 -22.79 15.89 1.75
CA TRP A 1055 -23.37 15.20 0.59
C TRP A 1055 -24.24 16.17 -0.18
N ILE A 1056 -25.12 16.89 0.52
CA ILE A 1056 -26.03 17.90 -0.07
C ILE A 1056 -25.20 18.87 -0.90
N MET A 1057 -24.14 19.43 -0.31
CA MET A 1057 -23.35 20.53 -0.92
C MET A 1057 -22.31 19.99 -1.90
N GLY A 1058 -22.32 18.69 -2.15
CA GLY A 1058 -21.49 18.01 -3.17
C GLY A 1058 -20.01 18.08 -2.84
N PHE A 1059 -19.65 18.06 -1.55
CA PHE A 1059 -18.25 17.99 -1.09
C PHE A 1059 -17.78 16.53 -1.04
N ILE A 1060 -18.72 15.61 -0.91
CA ILE A 1060 -18.42 14.16 -0.86
C ILE A 1060 -19.40 13.47 -1.79
N SER A 1061 -18.92 12.48 -2.51
CA SER A 1061 -19.72 11.55 -3.30
C SER A 1061 -19.37 10.18 -2.76
N TYR A 1062 -20.17 9.20 -3.10
CA TYR A 1062 -19.91 7.80 -2.73
C TYR A 1062 -19.25 7.11 -3.90
N HIS A 1063 -18.24 6.32 -3.58
CA HIS A 1063 -17.45 5.50 -4.51
C HIS A 1063 -17.60 4.06 -4.05
N ASN A 1064 -17.75 3.14 -5.01
CA ASN A 1064 -17.76 1.68 -4.75
C ASN A 1064 -17.14 0.97 -5.95
N GLY A 1065 -15.95 0.44 -5.75
CA GLY A 1065 -15.15 -0.20 -6.81
C GLY A 1065 -13.69 0.14 -6.65
N ASN A 1066 -12.91 -0.07 -7.72
CA ASN A 1066 -11.43 0.06 -7.71
C ASN A 1066 -11.09 1.55 -7.62
N LEU A 1067 -10.18 1.90 -6.73
CA LEU A 1067 -9.68 3.29 -6.51
C LEU A 1067 -8.17 3.23 -6.21
N LYS A 1068 -7.35 3.51 -7.23
CA LYS A 1068 -5.86 3.37 -7.24
C LYS A 1068 -5.53 1.87 -7.03
N GLY A 1069 -6.15 1.00 -7.84
CA GLY A 1069 -6.02 -0.48 -7.75
C GLY A 1069 -6.82 -1.05 -6.58
N ARG A 1070 -6.52 -0.61 -5.35
CA ARG A 1070 -7.20 -1.01 -4.09
C ARG A 1070 -8.72 -0.82 -4.23
N PRO A 1071 -9.56 -1.83 -3.87
CA PRO A 1071 -11.02 -1.66 -3.85
C PRO A 1071 -11.52 -0.92 -2.60
N TYR A 1072 -12.17 0.22 -2.82
CA TYR A 1072 -12.70 1.15 -1.79
C TYR A 1072 -14.22 1.19 -1.91
N THR A 1073 -14.89 1.16 -0.77
CA THR A 1073 -16.34 1.40 -0.66
C THR A 1073 -16.54 2.44 0.45
N GLY A 1074 -16.77 3.68 0.06
CA GLY A 1074 -17.11 4.73 1.02
C GLY A 1074 -17.27 6.08 0.37
N TRP A 1075 -17.20 7.13 1.18
CA TRP A 1075 -17.22 8.52 0.69
C TRP A 1075 -15.84 8.86 0.14
N VAL A 1076 -15.80 9.80 -0.78
CA VAL A 1076 -14.54 10.38 -1.34
C VAL A 1076 -14.77 11.89 -1.48
N ASP A 1077 -13.74 12.71 -1.39
CA ASP A 1077 -13.83 14.13 -1.78
C ASP A 1077 -14.33 14.12 -3.21
N SER A 1078 -15.13 15.10 -3.61
CA SER A 1078 -15.85 15.07 -4.91
C SER A 1078 -14.95 15.61 -6.03
N LYS A 1079 -13.99 16.47 -5.69
CA LYS A 1079 -13.07 17.11 -6.69
C LYS A 1079 -11.83 16.22 -6.88
N THR A 1080 -11.18 15.80 -5.78
CA THR A 1080 -9.86 15.09 -5.77
C THR A 1080 -10.03 13.56 -5.73
N LYS A 1081 -11.26 13.05 -5.60
CA LYS A 1081 -11.62 11.59 -5.56
C LYS A 1081 -10.77 10.84 -4.53
N GLU A 1082 -10.20 11.55 -3.56
CA GLU A 1082 -9.42 10.98 -2.45
C GLU A 1082 -10.42 10.44 -1.42
N PRO A 1083 -10.23 9.23 -0.86
CA PRO A 1083 -11.06 8.73 0.24
C PRO A 1083 -11.20 9.72 1.40
N VAL A 1084 -12.39 9.70 2.01
CA VAL A 1084 -12.75 10.54 3.18
C VAL A 1084 -13.43 9.61 4.17
N ASP A 1085 -12.80 9.40 5.33
CA ASP A 1085 -13.44 8.67 6.45
C ASP A 1085 -14.52 9.60 7.00
N ASP A 1086 -15.64 9.05 7.48
CA ASP A 1086 -16.77 9.81 8.10
C ASP A 1086 -16.27 10.62 9.30
N LYS A 1087 -15.32 10.11 10.10
CA LYS A 1087 -14.75 10.87 11.24
C LYS A 1087 -14.05 12.14 10.74
N ASP A 1088 -13.43 12.07 9.55
CA ASP A 1088 -12.57 13.14 8.97
C ASP A 1088 -13.41 14.23 8.27
N VAL A 1089 -14.70 13.98 8.04
CA VAL A 1089 -15.64 14.92 7.34
C VAL A 1089 -15.73 16.23 8.11
N LYS A 1090 -16.06 16.19 9.39
CA LYS A 1090 -16.25 17.42 10.21
C LYS A 1090 -14.98 18.28 10.12
N ALA A 1091 -13.82 17.73 10.47
CA ALA A 1091 -12.52 18.45 10.42
C ALA A 1091 -12.34 19.07 9.04
N LYS A 1092 -12.54 18.29 7.98
CA LYS A 1092 -12.21 18.69 6.59
C LYS A 1092 -13.21 19.71 6.04
N TYR A 1093 -14.50 19.61 6.36
CA TYR A 1093 -15.58 20.37 5.69
C TYR A 1093 -16.45 21.24 6.62
N GLU A 1094 -16.52 21.02 7.93
CA GLU A 1094 -17.39 21.84 8.80
C GLU A 1094 -17.18 23.33 8.44
N THR A 1095 -15.96 23.84 8.41
CA THR A 1095 -15.71 25.28 8.22
C THR A 1095 -16.31 25.73 6.89
N SER A 1096 -16.14 24.97 5.80
CA SER A 1096 -16.67 25.28 4.43
C SER A 1096 -18.19 25.15 4.40
N ILE A 1097 -18.76 24.22 5.17
CA ILE A 1097 -20.21 23.97 5.22
C ILE A 1097 -20.89 25.14 5.93
N LEU A 1098 -20.31 25.63 7.03
CA LEU A 1098 -20.88 26.76 7.82
C LEU A 1098 -20.70 28.06 7.05
N GLU A 1099 -19.59 28.21 6.34
CA GLU A 1099 -19.22 29.47 5.65
C GLU A 1099 -20.16 29.66 4.45
N HIS A 1100 -20.73 28.56 3.95
CA HIS A 1100 -21.54 28.51 2.71
C HIS A 1100 -22.98 28.07 2.96
N SER A 1101 -23.45 28.17 4.19
CA SER A 1101 -24.85 27.86 4.58
C SER A 1101 -25.50 29.02 5.34
N GLY A 1102 -26.81 28.98 5.36
CA GLY A 1102 -27.59 29.90 6.19
C GLY A 1102 -27.51 31.28 5.62
N ILE A 1103 -27.76 32.25 6.48
CA ILE A 1103 -27.78 33.67 6.08
C ILE A 1103 -26.33 34.08 5.82
N ARG A 1104 -26.10 34.69 4.67
CA ARG A 1104 -24.72 35.01 4.27
C ARG A 1104 -24.72 36.00 3.14
N LEU A 1105 -23.55 36.45 2.75
CA LEU A 1105 -23.42 37.39 1.61
C LEU A 1105 -23.93 36.69 0.36
N ILE A 1106 -24.74 37.41 -0.40
CA ILE A 1106 -25.29 36.94 -1.70
C ILE A 1106 -24.11 36.54 -2.58
N GLU A 1107 -24.18 35.30 -3.05
CA GLU A 1107 -23.17 34.65 -3.91
C GLU A 1107 -23.70 34.80 -5.33
N PRO A 1108 -23.01 35.54 -6.24
CA PRO A 1108 -23.51 35.71 -7.60
C PRO A 1108 -23.63 34.44 -8.46
N GLU A 1109 -22.85 33.40 -8.16
CA GLU A 1109 -22.84 32.11 -8.91
C GLU A 1109 -24.21 31.42 -8.79
N LEU A 1110 -24.92 31.65 -7.68
CA LEU A 1110 -26.22 31.03 -7.33
C LEU A 1110 -27.36 31.79 -8.02
N PHE A 1111 -27.19 33.08 -8.32
CA PHE A 1111 -28.28 33.97 -8.81
C PHE A 1111 -28.03 34.52 -10.22
N ASN A 1112 -27.52 33.71 -11.15
CA ASN A 1112 -27.36 34.05 -12.60
C ASN A 1112 -26.46 35.29 -12.74
N GLY A 1113 -25.36 35.32 -11.98
CA GLY A 1113 -24.35 36.39 -12.02
C GLY A 1113 -24.74 37.66 -11.28
N TYR A 1114 -25.92 37.70 -10.65
CA TYR A 1114 -26.46 38.87 -9.91
C TYR A 1114 -25.51 39.26 -8.77
N ASN A 1115 -25.03 40.48 -8.80
CA ASN A 1115 -24.13 41.04 -7.76
C ASN A 1115 -24.80 42.32 -7.29
N PRO A 1116 -25.28 42.40 -6.03
CA PRO A 1116 -25.94 43.60 -5.55
C PRO A 1116 -25.04 44.84 -5.42
N GLU A 1117 -23.72 44.66 -5.37
CA GLU A 1117 -22.72 45.75 -5.41
C GLU A 1117 -22.72 46.44 -6.79
N LYS A 1118 -22.94 45.69 -7.88
CA LYS A 1118 -22.89 46.17 -9.28
C LYS A 1118 -24.20 45.72 -9.94
N LYS A 1119 -25.24 46.50 -9.75
CA LYS A 1119 -26.61 46.15 -10.18
C LYS A 1119 -26.89 46.87 -11.49
N GLU A 1120 -26.96 46.15 -12.61
CA GLU A 1120 -27.04 46.68 -13.99
C GLU A 1120 -28.41 47.30 -14.28
N MET A 1121 -28.45 48.59 -14.59
CA MET A 1121 -29.60 49.32 -15.19
C MET A 1121 -29.19 49.83 -16.58
N ILE A 1122 -30.04 50.59 -17.30
CA ILE A 1122 -29.71 51.22 -18.61
C ILE A 1122 -30.32 52.61 -18.66
N GLN A 1123 -29.50 53.62 -18.97
CA GLN A 1123 -29.92 55.04 -19.18
C GLN A 1123 -30.27 55.20 -20.67
N GLU A 1124 -31.41 55.80 -20.96
CA GLU A 1124 -31.80 56.29 -22.31
C GLU A 1124 -31.09 57.62 -22.57
N VAL A 1125 -30.20 57.67 -23.56
CA VAL A 1125 -29.53 58.93 -24.02
C VAL A 1125 -29.94 59.20 -25.47
N ILE A 1126 -30.02 60.47 -25.84
CA ILE A 1126 -30.16 60.91 -27.27
C ILE A 1126 -28.74 61.04 -27.83
N VAL A 1127 -28.51 60.38 -28.97
CA VAL A 1127 -27.25 60.43 -29.78
C VAL A 1127 -27.11 61.88 -30.29
N GLU A 1128 -25.91 62.44 -30.14
CA GLU A 1128 -25.57 63.83 -30.55
C GLU A 1128 -24.80 63.79 -31.87
N GLU A 1129 -23.87 62.83 -32.01
CA GLU A 1129 -23.02 62.66 -33.23
C GLU A 1129 -23.22 61.25 -33.79
N ASP A 1130 -23.43 61.16 -35.11
CA ASP A 1130 -23.68 59.92 -35.89
C ASP A 1130 -22.62 58.87 -35.53
N LEU A 1131 -23.04 57.74 -34.95
CA LEU A 1131 -22.14 56.60 -34.57
C LEU A 1131 -21.57 55.97 -35.84
N GLU A 1132 -20.34 55.45 -35.74
CA GLU A 1132 -19.64 54.69 -36.81
C GLU A 1132 -20.53 53.53 -37.24
N PRO A 1133 -20.84 53.36 -38.54
CA PRO A 1133 -21.64 52.22 -38.99
C PRO A 1133 -21.11 50.89 -38.44
N PHE A 1134 -22.01 49.98 -38.11
CA PHE A 1134 -21.70 48.57 -37.77
C PHE A 1134 -22.44 47.66 -38.76
N GLU A 1135 -21.89 46.46 -38.91
CA GLU A 1135 -22.35 45.41 -39.85
C GLU A 1135 -23.32 44.52 -39.06
N ALA A 1136 -24.53 44.32 -39.59
CA ALA A 1136 -25.60 43.48 -39.00
C ALA A 1136 -26.44 42.85 -40.11
N SER A 1137 -27.07 41.72 -39.82
CA SER A 1137 -27.86 40.91 -40.79
C SER A 1137 -28.99 41.77 -41.37
N LYS A 1138 -29.57 41.35 -42.50
CA LYS A 1138 -30.64 42.10 -43.21
C LYS A 1138 -31.90 42.20 -42.33
N GLU A 1139 -32.20 41.13 -41.57
CA GLU A 1139 -33.40 41.05 -40.69
C GLU A 1139 -33.23 42.09 -39.58
N THR A 1140 -32.10 42.02 -38.87
CA THR A 1140 -31.72 42.91 -37.74
C THR A 1140 -31.68 44.37 -38.21
N ALA A 1141 -31.29 44.63 -39.46
CA ALA A 1141 -31.17 45.99 -40.01
C ALA A 1141 -32.58 46.55 -40.30
N GLU A 1142 -33.48 45.73 -40.85
CA GLU A 1142 -34.89 46.12 -41.07
C GLU A 1142 -35.58 46.38 -39.72
N GLN A 1143 -35.24 45.61 -38.68
CA GLN A 1143 -35.76 45.79 -37.30
C GLN A 1143 -35.22 47.10 -36.70
N PHE A 1144 -33.99 47.50 -37.03
CA PHE A 1144 -33.41 48.79 -36.58
C PHE A 1144 -34.12 49.93 -37.32
N LYS A 1145 -34.46 49.74 -38.58
CA LYS A 1145 -35.13 50.76 -39.45
C LYS A 1145 -36.58 50.97 -39.03
N HIS A 1146 -37.30 49.92 -38.65
CA HIS A 1146 -38.70 49.98 -38.17
C HIS A 1146 -38.74 50.82 -36.88
N GLN A 1147 -37.78 50.59 -35.97
CA GLN A 1147 -37.71 51.22 -34.62
C GLN A 1147 -37.44 52.72 -34.76
N HIS A 1148 -36.32 53.08 -35.40
CA HIS A 1148 -35.69 54.43 -35.37
C HIS A 1148 -36.30 55.36 -36.40
N GLY A 1149 -36.82 54.81 -37.50
CA GLY A 1149 -37.42 55.56 -38.62
C GLY A 1149 -36.35 56.19 -39.49
N ASP A 1150 -36.37 57.52 -39.59
CA ASP A 1150 -35.44 58.33 -40.42
C ASP A 1150 -34.17 58.69 -39.63
N LYS A 1151 -34.05 58.23 -38.38
CA LYS A 1151 -32.87 58.44 -37.50
C LYS A 1151 -31.88 57.29 -37.63
N VAL A 1152 -32.01 56.43 -38.63
CA VAL A 1152 -31.02 55.36 -38.96
C VAL A 1152 -31.02 55.20 -40.49
N ASP A 1153 -29.88 54.83 -41.07
CA ASP A 1153 -29.70 54.62 -42.53
C ASP A 1153 -29.08 53.24 -42.75
N ILE A 1154 -29.88 52.29 -43.25
CA ILE A 1154 -29.42 50.89 -43.50
C ILE A 1154 -29.13 50.76 -45.01
N PHE A 1155 -27.95 50.26 -45.35
CA PHE A 1155 -27.46 50.13 -46.75
C PHE A 1155 -26.92 48.71 -46.96
N GLU A 1156 -27.38 48.05 -48.01
CA GLU A 1156 -26.90 46.68 -48.37
C GLU A 1156 -25.42 46.77 -48.77
N ILE A 1157 -24.62 45.81 -48.32
CA ILE A 1157 -23.21 45.59 -48.77
C ILE A 1157 -23.25 44.50 -49.85
N PRO A 1158 -23.06 44.84 -51.16
CA PRO A 1158 -23.14 43.86 -52.24
C PRO A 1158 -22.16 42.66 -52.13
N GLU A 1159 -21.00 42.88 -51.49
CA GLU A 1159 -19.89 41.89 -51.33
C GLU A 1159 -20.42 40.63 -50.62
N THR A 1160 -21.00 40.78 -49.42
CA THR A 1160 -21.39 39.68 -48.49
C THR A 1160 -22.92 39.54 -48.37
N GLY A 1161 -23.69 40.64 -48.45
CA GLY A 1161 -25.16 40.65 -48.31
C GLY A 1161 -25.63 41.07 -46.92
N GLU A 1162 -24.69 41.22 -45.96
CA GLU A 1162 -24.88 41.93 -44.67
C GLU A 1162 -25.25 43.40 -44.94
N TYR A 1163 -25.81 44.10 -43.96
CA TYR A 1163 -26.21 45.53 -44.08
C TYR A 1163 -25.40 46.40 -43.13
N SER A 1164 -25.11 47.63 -43.59
CA SER A 1164 -24.42 48.69 -42.84
C SER A 1164 -25.48 49.53 -42.10
N VAL A 1165 -25.51 49.48 -40.76
CA VAL A 1165 -26.50 50.21 -39.91
C VAL A 1165 -25.82 51.43 -39.31
N LYS A 1166 -26.22 52.62 -39.72
CA LYS A 1166 -25.65 53.90 -39.22
C LYS A 1166 -26.71 54.63 -38.42
N LEU A 1167 -26.51 54.82 -37.12
CA LEU A 1167 -27.43 55.63 -36.27
C LEU A 1167 -27.08 57.10 -36.47
N LEU A 1168 -28.09 57.93 -36.68
CA LEU A 1168 -27.92 59.37 -37.01
C LEU A 1168 -28.11 60.21 -35.76
N LYS A 1169 -27.91 61.52 -35.91
CA LYS A 1169 -28.03 62.52 -34.82
C LYS A 1169 -29.51 62.57 -34.40
N GLY A 1170 -29.79 62.15 -33.16
CA GLY A 1170 -31.10 62.25 -32.51
C GLY A 1170 -31.74 60.91 -32.21
N ALA A 1171 -31.10 59.80 -32.64
CA ALA A 1171 -31.56 58.42 -32.38
C ALA A 1171 -31.44 58.14 -30.88
N THR A 1172 -32.45 57.48 -30.30
CA THR A 1172 -32.43 56.95 -28.92
C THR A 1172 -31.35 55.86 -28.82
N LEU A 1173 -30.68 55.79 -27.68
CA LEU A 1173 -29.68 54.75 -27.36
C LEU A 1173 -29.80 54.45 -25.86
N TYR A 1174 -29.30 53.30 -25.44
CA TYR A 1174 -29.40 52.76 -24.08
C TYR A 1174 -27.99 52.32 -23.67
N ILE A 1175 -27.43 52.97 -22.66
CA ILE A 1175 -26.05 52.70 -22.17
C ILE A 1175 -26.17 52.10 -20.78
N PRO A 1176 -25.64 50.90 -20.54
CA PRO A 1176 -25.61 50.33 -19.20
C PRO A 1176 -24.88 51.18 -18.16
N LYS A 1177 -25.50 51.41 -17.01
CA LYS A 1177 -24.83 51.89 -15.77
C LYS A 1177 -25.13 50.93 -14.63
N ALA A 1178 -24.25 50.86 -13.64
CA ALA A 1178 -24.34 50.04 -12.42
C ALA A 1178 -24.72 50.91 -11.23
N LEU A 1179 -25.55 50.38 -10.37
CA LEU A 1179 -25.95 50.98 -9.07
C LEU A 1179 -25.39 50.10 -7.96
N ARG A 1180 -24.93 50.68 -6.85
CA ARG A 1180 -24.67 49.93 -5.59
C ARG A 1180 -25.98 49.80 -4.81
N PHE A 1181 -26.46 48.58 -4.67
CA PHE A 1181 -27.63 48.26 -3.81
C PHE A 1181 -27.12 47.88 -2.42
N ASP A 1182 -27.94 48.15 -1.41
CA ASP A 1182 -27.55 48.08 0.02
C ASP A 1182 -28.10 46.81 0.68
N ARG A 1183 -28.60 45.83 -0.08
CA ARG A 1183 -29.02 44.50 0.46
C ARG A 1183 -28.12 43.40 -0.10
N LEU A 1184 -27.10 43.04 0.68
CA LEU A 1184 -25.97 42.21 0.24
C LEU A 1184 -26.05 40.82 0.83
N VAL A 1185 -27.03 40.56 1.70
CA VAL A 1185 -27.12 39.34 2.54
C VAL A 1185 -28.47 38.68 2.32
N ALA A 1186 -28.50 37.34 2.28
CA ALA A 1186 -29.73 36.55 2.10
C ALA A 1186 -29.54 35.11 2.53
N GLY A 1187 -30.64 34.50 2.97
CA GLY A 1187 -30.71 33.08 3.36
C GLY A 1187 -30.73 32.20 2.13
N GLN A 1188 -29.57 31.92 1.58
CA GLN A 1188 -29.47 31.18 0.29
C GLN A 1188 -29.33 29.71 0.62
N ILE A 1189 -29.77 28.88 -0.30
CA ILE A 1189 -29.63 27.41 -0.15
C ILE A 1189 -28.15 27.10 -0.17
N PRO A 1190 -27.64 26.11 0.59
CA PRO A 1190 -26.22 25.95 0.72
C PRO A 1190 -25.58 25.80 -0.66
N THR A 1191 -24.43 26.44 -0.82
CA THR A 1191 -23.64 26.47 -2.08
C THR A 1191 -23.22 25.04 -2.39
N GLY A 1192 -23.58 24.57 -3.57
CA GLY A 1192 -23.25 23.22 -4.04
C GLY A 1192 -24.48 22.36 -4.21
N TRP A 1193 -25.56 22.71 -3.50
CA TRP A 1193 -26.91 22.15 -3.74
C TRP A 1193 -27.11 22.03 -5.24
N ASN A 1194 -27.64 20.90 -5.65
CA ASN A 1194 -27.87 20.54 -7.06
C ASN A 1194 -28.95 19.46 -7.13
N ALA A 1195 -30.06 19.71 -7.83
CA ALA A 1195 -31.14 18.71 -7.96
C ALA A 1195 -30.60 17.38 -8.51
N LYS A 1196 -29.53 17.38 -9.32
CA LYS A 1196 -28.88 16.15 -9.83
C LYS A 1196 -28.50 15.23 -8.66
N THR A 1197 -27.96 15.80 -7.60
CA THR A 1197 -27.49 15.05 -6.40
C THR A 1197 -28.63 14.22 -5.86
N TYR A 1198 -29.87 14.70 -5.98
CA TYR A 1198 -31.10 14.02 -5.48
C TYR A 1198 -31.70 13.11 -6.54
N GLY A 1199 -31.26 13.20 -7.77
CA GLY A 1199 -31.64 12.27 -8.84
C GLY A 1199 -32.46 12.85 -9.95
N ILE A 1200 -32.74 14.15 -9.92
CA ILE A 1200 -33.49 14.82 -11.02
C ILE A 1200 -32.58 14.88 -12.25
N SER A 1201 -33.14 14.60 -13.43
CA SER A 1201 -32.42 14.48 -14.72
C SER A 1201 -32.23 15.89 -15.32
N ASP A 1202 -31.35 16.02 -16.31
CA ASP A 1202 -30.91 17.33 -16.85
C ASP A 1202 -32.00 17.92 -17.74
N ASP A 1203 -32.86 17.06 -18.32
CA ASP A 1203 -33.99 17.47 -19.19
C ASP A 1203 -35.06 18.19 -18.35
N ILE A 1204 -35.29 17.73 -17.13
CA ILE A 1204 -36.24 18.38 -16.18
C ILE A 1204 -35.61 19.68 -15.70
N ILE A 1205 -34.38 19.64 -15.21
CA ILE A 1205 -33.64 20.84 -14.73
C ILE A 1205 -33.63 21.94 -15.80
N SER A 1206 -33.33 21.63 -17.06
CA SER A 1206 -33.30 22.64 -18.15
C SER A 1206 -34.69 23.28 -18.31
N GLN A 1207 -35.71 22.46 -18.49
CA GLN A 1207 -37.15 22.81 -18.68
C GLN A 1207 -37.65 23.72 -17.55
N VAL A 1208 -37.53 23.33 -16.28
CA VAL A 1208 -38.29 23.99 -15.19
C VAL A 1208 -37.53 25.17 -14.60
N ASP A 1209 -38.23 25.98 -13.82
CA ASP A 1209 -37.71 27.12 -13.02
C ASP A 1209 -37.13 26.58 -11.71
N PRO A 1210 -35.94 27.00 -11.22
CA PRO A 1210 -35.30 26.37 -10.07
C PRO A 1210 -36.15 26.26 -8.80
N ILE A 1211 -37.18 27.08 -8.65
CA ILE A 1211 -38.11 26.94 -7.50
C ILE A 1211 -38.80 25.59 -7.63
N THR A 1212 -39.21 25.18 -8.83
CA THR A 1212 -39.81 23.84 -9.12
C THR A 1212 -38.88 22.73 -8.61
N LEU A 1213 -37.57 22.87 -8.71
CA LEU A 1213 -36.60 21.85 -8.27
C LEU A 1213 -36.62 21.72 -6.76
N PHE A 1214 -36.72 22.81 -6.03
CA PHE A 1214 -36.81 22.79 -4.56
C PHE A 1214 -38.07 22.03 -4.14
N VAL A 1215 -39.15 22.26 -4.87
CA VAL A 1215 -40.45 21.60 -4.61
C VAL A 1215 -40.31 20.11 -4.87
N LEU A 1216 -39.78 19.68 -6.01
CA LEU A 1216 -39.72 18.24 -6.33
C LEU A 1216 -38.89 17.52 -5.29
N VAL A 1217 -37.81 18.13 -4.84
CA VAL A 1217 -36.96 17.50 -3.81
C VAL A 1217 -37.73 17.45 -2.50
N SER A 1218 -38.44 18.49 -2.14
CA SER A 1218 -39.17 18.58 -0.86
C SER A 1218 -40.28 17.57 -0.84
N VAL A 1219 -40.91 17.34 -2.01
CA VAL A 1219 -42.06 16.40 -2.15
C VAL A 1219 -41.54 14.97 -2.03
N VAL A 1220 -40.45 14.61 -2.69
CA VAL A 1220 -39.97 13.21 -2.57
C VAL A 1220 -39.43 13.00 -1.18
N GLU A 1221 -38.85 14.03 -0.57
CA GLU A 1221 -38.23 13.89 0.76
C GLU A 1221 -39.34 13.78 1.85
N ALA A 1222 -40.53 14.29 1.56
CA ALA A 1222 -41.67 14.28 2.51
C ALA A 1222 -42.37 12.94 2.39
N PHE A 1223 -42.51 12.41 1.19
CA PHE A 1223 -42.99 11.03 0.98
C PHE A 1223 -42.06 10.05 1.72
N ILE A 1224 -40.75 10.18 1.63
CA ILE A 1224 -39.80 9.32 2.38
C ILE A 1224 -40.02 9.43 3.89
N ALA A 1225 -40.22 10.61 4.44
CA ALA A 1225 -40.46 10.84 5.89
C ALA A 1225 -41.79 10.26 6.33
N SER A 1226 -42.70 10.08 5.37
CA SER A 1226 -44.01 9.39 5.50
C SER A 1226 -43.79 7.88 5.35
N GLY A 1227 -42.60 7.43 4.99
CA GLY A 1227 -42.30 6.04 4.63
C GLY A 1227 -42.98 5.58 3.35
N ILE A 1228 -43.19 6.46 2.40
CA ILE A 1228 -43.81 6.12 1.10
C ILE A 1228 -42.74 6.35 0.05
N THR A 1229 -42.10 5.29 -0.41
CA THR A 1229 -40.99 5.34 -1.39
C THR A 1229 -41.56 5.41 -2.80
N ASP A 1230 -42.68 4.71 -3.02
CA ASP A 1230 -43.44 4.67 -4.29
C ASP A 1230 -44.76 5.38 -4.06
N PRO A 1231 -44.96 6.60 -4.58
CA PRO A 1231 -46.22 7.29 -4.40
C PRO A 1231 -47.41 6.41 -4.75
N TYR A 1232 -47.31 5.54 -5.77
CA TYR A 1232 -48.45 4.73 -6.27
C TYR A 1232 -48.92 3.76 -5.20
N GLU A 1233 -48.07 3.41 -4.25
CA GLU A 1233 -48.52 2.74 -3.01
C GLU A 1233 -49.83 3.37 -2.53
N MET A 1234 -49.93 4.69 -2.42
CA MET A 1234 -51.18 5.39 -2.00
C MET A 1234 -52.39 4.83 -2.75
N TYR A 1235 -52.25 4.36 -3.99
CA TYR A 1235 -53.41 3.91 -4.80
C TYR A 1235 -53.75 2.47 -4.50
N LYS A 1236 -53.18 1.88 -3.47
CA LYS A 1236 -53.69 0.62 -2.91
C LYS A 1236 -54.82 0.94 -1.93
N TYR A 1237 -54.91 2.16 -1.43
CA TYR A 1237 -55.80 2.50 -0.31
C TYR A 1237 -56.82 3.56 -0.72
N VAL A 1238 -56.48 4.43 -1.64
CA VAL A 1238 -57.42 5.48 -2.08
C VAL A 1238 -57.56 5.47 -3.60
N HIS A 1239 -58.68 6.00 -4.07
CA HIS A 1239 -58.89 6.25 -5.50
C HIS A 1239 -57.95 7.35 -5.95
N VAL A 1240 -57.53 7.29 -7.21
CA VAL A 1240 -56.65 8.33 -7.83
C VAL A 1240 -57.24 9.71 -7.63
N SER A 1241 -58.58 9.85 -7.56
CA SER A 1241 -59.24 11.16 -7.38
C SER A 1241 -59.23 11.61 -5.92
N GLU A 1242 -58.42 11.04 -5.03
CA GLU A 1242 -58.50 11.31 -3.58
C GLU A 1242 -57.11 11.75 -3.08
N VAL A 1243 -56.22 12.16 -3.95
CA VAL A 1243 -54.87 12.62 -3.56
C VAL A 1243 -54.70 14.02 -4.11
N GLY A 1244 -54.73 15.00 -3.22
CA GLY A 1244 -54.82 16.43 -3.52
C GLY A 1244 -53.47 17.08 -3.51
N ASN A 1245 -53.35 18.24 -4.15
CA ASN A 1245 -52.14 19.10 -4.05
C ASN A 1245 -52.63 20.50 -3.76
N CYS A 1246 -52.61 20.86 -2.49
CA CYS A 1246 -53.26 22.04 -1.88
C CYS A 1246 -52.13 23.06 -1.60
N SER A 1247 -50.93 22.87 -2.17
CA SER A 1247 -49.71 23.68 -1.88
C SER A 1247 -49.56 24.83 -2.86
N GLY A 1248 -48.91 25.92 -2.43
CA GLY A 1248 -48.85 27.17 -3.20
C GLY A 1248 -47.61 28.00 -2.98
N SER A 1249 -47.48 29.13 -3.67
CA SER A 1249 -46.35 30.09 -3.54
C SER A 1249 -46.83 31.54 -3.37
N GLY A 1250 -45.92 32.41 -2.97
CA GLY A 1250 -46.18 33.87 -2.90
C GLY A 1250 -46.09 34.58 -4.25
N MET A 1251 -45.03 34.30 -5.02
CA MET A 1251 -44.77 34.97 -6.32
C MET A 1251 -44.40 33.99 -7.45
N GLY A 1252 -44.15 32.72 -7.14
CA GLY A 1252 -44.02 31.65 -8.14
C GLY A 1252 -42.65 31.65 -8.76
N GLY A 1253 -42.59 31.39 -10.07
CA GLY A 1253 -41.35 31.23 -10.85
C GLY A 1253 -40.83 32.56 -11.36
N VAL A 1254 -40.23 33.34 -10.48
CA VAL A 1254 -39.71 34.70 -10.77
C VAL A 1254 -38.50 34.61 -11.69
N SER A 1255 -37.81 33.48 -11.80
CA SER A 1255 -36.71 33.32 -12.80
C SER A 1255 -37.33 33.30 -14.20
N ALA A 1256 -38.49 32.69 -14.36
CA ALA A 1256 -39.22 32.64 -15.65
C ALA A 1256 -39.82 34.01 -15.94
N LEU A 1257 -40.38 34.70 -14.94
CA LEU A 1257 -40.85 36.11 -15.12
C LEU A 1257 -39.69 36.98 -15.60
N ARG A 1258 -38.51 36.83 -15.02
CA ARG A 1258 -37.34 37.66 -15.39
C ARG A 1258 -36.98 37.30 -16.83
N GLY A 1259 -37.11 36.02 -17.17
CA GLY A 1259 -36.92 35.52 -18.53
C GLY A 1259 -37.78 36.27 -19.52
N MET A 1260 -39.05 36.48 -19.23
CA MET A 1260 -40.04 36.89 -20.26
C MET A 1260 -40.29 38.41 -20.25
N PHE A 1261 -40.01 39.11 -19.16
CA PHE A 1261 -40.15 40.60 -19.06
C PHE A 1261 -38.86 41.27 -19.49
N LYS A 1262 -37.69 40.74 -19.08
CA LYS A 1262 -36.38 41.44 -19.16
C LYS A 1262 -35.45 40.74 -20.16
N ASP A 1263 -35.18 39.45 -20.01
CA ASP A 1263 -34.23 38.72 -20.91
C ASP A 1263 -34.78 38.65 -22.34
N ARG A 1264 -36.09 38.60 -22.53
CA ARG A 1264 -36.76 38.51 -23.86
C ARG A 1264 -36.67 39.86 -24.59
N PHE A 1265 -36.94 40.95 -23.87
CA PHE A 1265 -36.67 42.36 -24.26
C PHE A 1265 -35.25 42.56 -24.82
N LYS A 1266 -34.22 41.90 -24.26
CA LYS A 1266 -32.78 42.05 -24.64
C LYS A 1266 -32.42 41.08 -25.77
N ASP A 1267 -33.43 40.48 -26.42
CA ASP A 1267 -33.29 39.48 -27.50
C ASP A 1267 -32.22 38.44 -27.11
N GLU A 1268 -32.33 37.92 -25.89
CA GLU A 1268 -31.52 36.79 -25.38
C GLU A 1268 -32.17 35.48 -25.83
N PRO A 1269 -31.44 34.35 -25.76
CA PRO A 1269 -32.04 33.03 -25.93
C PRO A 1269 -32.81 32.60 -24.67
N VAL A 1270 -34.13 32.54 -24.78
CA VAL A 1270 -35.10 32.07 -23.74
C VAL A 1270 -35.94 30.96 -24.40
N GLN A 1271 -36.23 29.88 -23.67
CA GLN A 1271 -37.13 28.80 -24.14
C GLN A 1271 -38.49 29.40 -24.52
N ASN A 1272 -39.31 28.69 -25.31
CA ASN A 1272 -40.58 29.20 -25.93
C ASN A 1272 -41.75 29.06 -24.95
N ASP A 1273 -41.62 28.16 -23.98
CA ASP A 1273 -42.64 27.80 -22.97
C ASP A 1273 -42.27 28.44 -21.63
N ILE A 1274 -41.45 29.49 -21.62
CA ILE A 1274 -41.05 30.17 -20.37
C ILE A 1274 -42.30 30.69 -19.66
N LEU A 1275 -43.38 31.01 -20.36
CA LEU A 1275 -44.58 31.58 -19.67
C LEU A 1275 -45.09 30.55 -18.66
N GLN A 1276 -45.21 29.29 -19.07
CA GLN A 1276 -45.86 28.21 -18.28
C GLN A 1276 -45.03 27.92 -17.02
N GLU A 1277 -43.73 28.17 -17.03
CA GLU A 1277 -42.83 27.96 -15.86
C GLU A 1277 -42.98 29.06 -14.81
N SER A 1278 -43.55 30.21 -15.16
CA SER A 1278 -43.73 31.38 -14.25
C SER A 1278 -44.94 31.21 -13.33
N PHE A 1279 -45.95 30.46 -13.79
CA PHE A 1279 -47.27 30.36 -13.11
C PHE A 1279 -47.05 29.77 -11.73
N ILE A 1280 -47.79 30.22 -10.75
CA ILE A 1280 -47.63 29.71 -9.37
C ILE A 1280 -48.10 28.27 -9.34
N ASN A 1281 -49.08 27.91 -10.17
CA ASN A 1281 -49.79 26.60 -10.15
C ASN A 1281 -49.02 25.55 -10.95
N THR A 1282 -47.83 25.89 -11.44
CA THR A 1282 -47.01 25.06 -12.35
C THR A 1282 -46.11 24.15 -11.54
N MET A 1283 -45.56 24.60 -10.44
CA MET A 1283 -44.80 23.72 -9.53
C MET A 1283 -45.69 22.53 -9.13
N SER A 1284 -46.92 22.76 -8.67
CA SER A 1284 -47.86 21.65 -8.29
C SER A 1284 -48.13 20.75 -9.49
N ALA A 1285 -48.13 21.27 -10.72
CA ALA A 1285 -48.38 20.50 -11.95
C ALA A 1285 -47.22 19.54 -12.18
N TRP A 1286 -45.97 20.01 -12.18
CA TRP A 1286 -44.76 19.17 -12.29
C TRP A 1286 -44.68 18.11 -11.21
N VAL A 1287 -45.15 18.35 -10.02
CA VAL A 1287 -45.21 17.29 -8.97
C VAL A 1287 -46.18 16.22 -9.46
N ASN A 1288 -47.27 16.62 -10.08
CA ASN A 1288 -48.24 15.63 -10.55
C ASN A 1288 -47.74 14.90 -11.79
N MET A 1289 -47.10 15.62 -12.69
CA MET A 1289 -46.73 15.12 -14.02
C MET A 1289 -45.52 14.22 -13.87
N LEU A 1290 -44.74 14.35 -12.80
CA LEU A 1290 -43.49 13.56 -12.59
C LEU A 1290 -43.60 12.55 -11.47
N LEU A 1291 -44.39 12.76 -10.43
CA LEU A 1291 -44.37 11.85 -9.26
C LEU A 1291 -45.71 11.19 -9.01
N ILE A 1292 -46.79 11.96 -8.87
CA ILE A 1292 -48.03 11.50 -8.17
C ILE A 1292 -48.98 10.88 -9.18
N SER A 1293 -49.19 11.55 -10.30
CA SER A 1293 -50.15 11.14 -11.34
C SER A 1293 -51.54 10.98 -10.78
N SER A 1294 -51.94 11.81 -9.82
CA SER A 1294 -53.31 11.82 -9.25
C SER A 1294 -54.24 12.64 -10.11
N SER A 1295 -55.54 12.48 -9.87
CA SER A 1295 -56.67 13.24 -10.47
C SER A 1295 -57.48 13.86 -9.34
N GLY A 1296 -56.79 14.12 -8.23
CA GLY A 1296 -57.39 14.69 -7.02
C GLY A 1296 -57.59 16.17 -7.20
N PRO A 1297 -58.04 16.87 -6.15
CA PRO A 1297 -58.15 18.32 -6.17
C PRO A 1297 -56.79 18.96 -6.40
N ILE A 1298 -56.77 20.24 -6.74
CA ILE A 1298 -55.53 21.00 -7.08
C ILE A 1298 -55.90 22.44 -6.81
N LYS A 1299 -55.71 22.91 -5.60
CA LYS A 1299 -56.12 24.26 -5.19
C LYS A 1299 -54.85 24.98 -4.79
N THR A 1300 -54.40 25.95 -5.56
CA THR A 1300 -53.08 26.54 -5.33
C THR A 1300 -53.29 27.87 -4.64
N PRO A 1301 -53.04 28.00 -3.34
CA PRO A 1301 -53.10 29.31 -2.69
C PRO A 1301 -51.94 30.25 -3.06
N VAL A 1302 -52.20 31.53 -2.93
CA VAL A 1302 -51.22 32.63 -3.18
C VAL A 1302 -51.39 33.60 -2.03
N GLY A 1303 -50.68 33.38 -0.92
CA GLY A 1303 -50.90 34.15 0.31
C GLY A 1303 -49.72 35.03 0.71
N ALA A 1304 -48.79 35.27 -0.21
CA ALA A 1304 -47.48 35.87 0.11
C ALA A 1304 -46.85 35.13 1.32
N CYS A 1305 -46.58 35.81 2.44
CA CYS A 1305 -45.81 35.27 3.60
C CYS A 1305 -46.67 34.30 4.42
N ALA A 1306 -47.98 34.25 4.17
CA ALA A 1306 -48.94 33.38 4.88
C ALA A 1306 -49.31 32.15 4.05
N THR A 1307 -48.93 32.13 2.77
CA THR A 1307 -49.27 31.08 1.78
C THR A 1307 -49.33 29.71 2.42
N SER A 1308 -48.30 29.29 3.13
CA SER A 1308 -48.13 27.93 3.69
C SER A 1308 -49.20 27.61 4.72
N VAL A 1309 -49.67 28.59 5.46
CA VAL A 1309 -50.71 28.36 6.50
C VAL A 1309 -52.05 28.35 5.80
N GLU A 1310 -52.22 29.20 4.80
CA GLU A 1310 -53.42 29.18 3.91
C GLU A 1310 -53.45 27.84 3.16
N SER A 1311 -52.30 27.24 2.89
CA SER A 1311 -52.21 25.93 2.21
C SER A 1311 -52.76 24.86 3.14
N VAL A 1312 -52.31 24.85 4.38
CA VAL A 1312 -52.78 23.85 5.39
C VAL A 1312 -54.28 23.99 5.57
N ASP A 1313 -54.81 25.18 5.80
CA ASP A 1313 -56.26 25.44 5.91
C ASP A 1313 -57.04 24.91 4.69
N ILE A 1314 -56.58 25.11 3.47
CA ILE A 1314 -57.28 24.58 2.28
C ILE A 1314 -57.16 23.06 2.29
N GLY A 1315 -55.99 22.52 2.63
CA GLY A 1315 -55.73 21.08 2.62
C GLY A 1315 -56.57 20.40 3.65
N VAL A 1316 -56.84 21.06 4.75
CA VAL A 1316 -57.76 20.54 5.78
C VAL A 1316 -59.16 20.56 5.19
N GLU A 1317 -59.67 21.72 4.77
CA GLU A 1317 -61.09 21.84 4.36
C GLU A 1317 -61.34 20.84 3.24
N THR A 1318 -60.35 20.57 2.38
CA THR A 1318 -60.46 19.61 1.27
C THR A 1318 -60.68 18.20 1.81
N ILE A 1319 -59.95 17.82 2.85
CA ILE A 1319 -60.01 16.46 3.43
C ILE A 1319 -61.26 16.29 4.30
N LEU A 1320 -61.75 17.34 4.92
CA LEU A 1320 -63.02 17.24 5.69
C LEU A 1320 -64.22 17.21 4.75
N SER A 1321 -64.19 17.91 3.62
CA SER A 1321 -65.31 17.94 2.67
C SER A 1321 -65.42 16.59 1.94
N GLY A 1322 -64.36 15.78 2.01
CA GLY A 1322 -64.35 14.40 1.47
C GLY A 1322 -63.95 14.38 0.00
N LYS A 1323 -63.50 15.51 -0.54
CA LYS A 1323 -63.05 15.62 -1.95
C LYS A 1323 -61.67 14.95 -2.07
N ALA A 1324 -60.90 14.88 -0.99
CA ALA A 1324 -59.59 14.18 -0.90
C ALA A 1324 -59.41 13.50 0.46
N ARG A 1325 -58.47 12.54 0.50
CA ARG A 1325 -58.04 11.81 1.71
C ARG A 1325 -56.56 12.01 1.95
N ILE A 1326 -55.80 12.67 1.07
CA ILE A 1326 -54.36 12.99 1.24
C ILE A 1326 -54.10 14.31 0.54
N CYS A 1327 -53.52 15.31 1.19
CA CYS A 1327 -53.03 16.52 0.48
C CYS A 1327 -51.54 16.60 0.75
N ILE A 1328 -50.78 16.89 -0.29
CA ILE A 1328 -49.49 17.61 -0.23
C ILE A 1328 -49.86 19.05 0.09
N VAL A 1329 -49.26 19.63 1.12
CA VAL A 1329 -49.49 21.07 1.48
C VAL A 1329 -48.16 21.72 1.66
N GLY A 1330 -48.13 23.03 1.72
CA GLY A 1330 -46.88 23.75 1.95
C GLY A 1330 -46.71 24.90 1.02
N GLY A 1331 -45.48 25.41 0.98
CA GLY A 1331 -45.16 26.64 0.26
C GLY A 1331 -43.75 26.62 -0.24
N TYR A 1332 -43.46 27.51 -1.14
CA TYR A 1332 -42.10 27.64 -1.71
C TYR A 1332 -41.94 29.05 -2.22
N ASP A 1333 -40.74 29.60 -2.14
CA ASP A 1333 -40.43 30.84 -2.89
C ASP A 1333 -38.95 30.88 -3.22
N ASP A 1334 -38.61 31.63 -4.25
CA ASP A 1334 -37.21 31.89 -4.63
C ASP A 1334 -36.85 33.33 -4.27
N PHE A 1335 -35.56 33.55 -4.22
CA PHE A 1335 -34.90 34.87 -4.10
C PHE A 1335 -34.38 35.17 -5.49
N GLN A 1336 -34.71 36.32 -6.06
CA GLN A 1336 -34.02 36.84 -7.26
C GLN A 1336 -33.78 38.34 -7.11
N GLU A 1337 -32.97 38.90 -8.01
CA GLU A 1337 -32.56 40.33 -8.03
C GLU A 1337 -33.80 41.22 -7.87
N GLU A 1338 -34.84 41.04 -8.69
CA GLU A 1338 -35.98 42.00 -8.83
C GLU A 1338 -36.73 42.09 -7.50
N GLY A 1339 -37.11 40.96 -6.91
CA GLY A 1339 -37.78 40.91 -5.60
C GLY A 1339 -36.95 41.59 -4.53
N SER A 1340 -35.69 41.17 -4.38
CA SER A 1340 -34.69 41.76 -3.45
C SER A 1340 -34.71 43.28 -3.54
N PHE A 1341 -34.77 43.81 -4.75
CA PHE A 1341 -34.74 45.26 -5.00
C PHE A 1341 -36.03 45.85 -4.45
N GLU A 1342 -37.16 45.36 -4.91
CA GLU A 1342 -38.49 45.94 -4.63
C GLU A 1342 -38.83 45.79 -3.13
N PHE A 1343 -38.28 44.80 -2.43
CA PHE A 1343 -38.42 44.68 -0.96
C PHE A 1343 -37.56 45.72 -0.27
N GLY A 1344 -36.45 46.12 -0.86
CA GLY A 1344 -35.63 47.26 -0.38
C GLY A 1344 -36.28 48.61 -0.64
N ASN A 1345 -36.99 48.77 -1.76
CA ASN A 1345 -37.66 50.06 -2.10
C ASN A 1345 -38.86 50.31 -1.18
N MET A 1346 -39.48 49.25 -0.67
CA MET A 1346 -40.60 49.29 0.32
C MET A 1346 -40.06 49.43 1.75
N LYS A 1347 -38.74 49.21 1.95
CA LYS A 1347 -37.99 49.25 3.24
C LYS A 1347 -38.52 48.15 4.17
N ALA A 1348 -38.94 47.03 3.60
CA ALA A 1348 -39.38 45.84 4.36
C ALA A 1348 -38.16 45.07 4.85
N THR A 1349 -37.13 44.91 3.99
CA THR A 1349 -35.91 44.14 4.31
C THR A 1349 -34.93 45.02 5.08
N SER A 1350 -34.01 44.39 5.84
CA SER A 1350 -32.91 45.11 6.55
C SER A 1350 -31.94 45.65 5.51
N ASN A 1351 -31.55 46.91 5.68
CA ASN A 1351 -30.42 47.57 4.98
C ASN A 1351 -29.14 46.96 5.53
N THR A 1352 -28.36 46.28 4.71
CA THR A 1352 -27.14 45.57 5.13
C THR A 1352 -26.03 46.56 5.45
N LEU A 1353 -25.96 47.71 4.78
CA LEU A 1353 -24.93 48.74 5.06
C LEU A 1353 -25.13 49.31 6.47
N GLU A 1354 -26.37 49.57 6.88
CA GLU A 1354 -26.72 50.03 8.25
C GLU A 1354 -26.33 48.96 9.27
N GLU A 1355 -26.57 47.69 8.98
CA GLU A 1355 -26.23 46.59 9.93
C GLU A 1355 -24.71 46.55 10.15
N PHE A 1356 -23.92 46.68 9.09
CA PHE A 1356 -22.44 46.76 9.12
C PHE A 1356 -21.99 47.96 9.97
N GLU A 1357 -22.67 49.09 9.86
CA GLU A 1357 -22.37 50.33 10.64
C GLU A 1357 -22.59 50.10 12.13
N HIS A 1358 -23.45 49.13 12.46
CA HIS A 1358 -23.91 48.80 13.84
C HIS A 1358 -23.16 47.56 14.32
N GLY A 1359 -22.18 47.07 13.58
CA GLY A 1359 -21.31 45.98 14.05
C GLY A 1359 -21.80 44.59 13.70
N ARG A 1360 -23.06 44.44 13.29
CA ARG A 1360 -23.70 43.13 13.06
C ARG A 1360 -23.01 42.40 11.90
N THR A 1361 -22.57 41.15 12.10
CA THR A 1361 -22.25 40.19 11.03
C THR A 1361 -23.54 39.71 10.36
N PRO A 1362 -23.49 39.09 9.16
CA PRO A 1362 -24.68 38.51 8.54
C PRO A 1362 -25.52 37.56 9.38
N ALA A 1363 -24.87 36.65 10.09
CA ALA A 1363 -25.51 35.63 10.94
C ALA A 1363 -26.50 36.32 11.89
N GLU A 1364 -26.14 37.49 12.43
CA GLU A 1364 -26.93 38.21 13.47
C GLU A 1364 -27.79 39.34 12.88
N MET A 1365 -28.03 39.35 11.57
CA MET A 1365 -28.90 40.35 10.88
C MET A 1365 -30.39 40.05 11.04
N SER A 1366 -30.80 38.80 11.31
CA SER A 1366 -32.22 38.42 11.51
C SER A 1366 -32.46 38.22 12.99
N ARG A 1367 -33.13 39.14 13.69
CA ARG A 1367 -33.13 39.13 15.17
C ARG A 1367 -34.51 39.49 15.68
N PRO A 1368 -35.45 38.54 15.62
CA PRO A 1368 -36.82 38.84 15.96
C PRO A 1368 -36.98 39.19 17.43
N ALA A 1369 -37.89 40.12 17.70
CA ALA A 1369 -38.38 40.50 19.03
C ALA A 1369 -37.30 41.27 19.79
N THR A 1370 -36.35 41.85 19.08
CA THR A 1370 -35.16 42.51 19.66
C THR A 1370 -35.36 44.03 19.58
N THR A 1371 -34.73 44.81 20.45
CA THR A 1371 -34.88 46.29 20.48
C THR A 1371 -34.56 46.85 19.09
N THR A 1372 -33.47 46.36 18.52
CA THR A 1372 -32.76 46.91 17.35
C THR A 1372 -33.24 46.31 16.02
N ARG A 1373 -34.22 45.41 16.03
CA ARG A 1373 -34.74 44.73 14.82
C ARG A 1373 -35.19 45.82 13.82
N ASN A 1374 -34.90 45.63 12.54
CA ASN A 1374 -34.90 46.74 11.54
C ASN A 1374 -35.21 46.22 10.14
N GLY A 1375 -35.97 45.13 10.00
CA GLY A 1375 -36.36 44.57 8.69
C GLY A 1375 -35.97 43.12 8.56
N PHE A 1376 -36.59 42.41 7.62
CA PHE A 1376 -36.42 40.94 7.53
C PHE A 1376 -35.33 40.56 6.55
N MET A 1377 -34.71 39.41 6.79
CA MET A 1377 -33.72 38.77 5.90
C MET A 1377 -34.51 37.98 4.87
N GLU A 1378 -34.32 38.22 3.57
CA GLU A 1378 -34.97 37.43 2.50
C GLU A 1378 -34.29 36.08 2.46
N ALA A 1379 -35.01 35.00 2.24
CA ALA A 1379 -34.49 33.62 2.06
C ALA A 1379 -35.18 32.98 0.88
N GLN A 1380 -34.81 31.75 0.58
CA GLN A 1380 -35.43 30.96 -0.50
C GLN A 1380 -35.55 29.53 -0.04
N GLY A 1381 -36.46 28.79 -0.64
CA GLY A 1381 -36.67 27.36 -0.38
C GLY A 1381 -38.13 26.98 -0.42
N ALA A 1382 -38.39 25.76 0.00
CA ALA A 1382 -39.71 25.12 -0.04
C ALA A 1382 -39.87 24.31 1.21
N GLY A 1383 -41.09 24.17 1.67
CA GLY A 1383 -41.46 23.25 2.75
C GLY A 1383 -42.72 22.54 2.35
N ILE A 1384 -42.82 21.25 2.63
CA ILE A 1384 -43.96 20.43 2.19
C ILE A 1384 -44.34 19.52 3.32
N GLN A 1385 -45.62 19.41 3.62
CA GLN A 1385 -46.17 18.37 4.51
C GLN A 1385 -47.13 17.48 3.71
N ILE A 1386 -47.17 16.20 4.04
CA ILE A 1386 -48.23 15.28 3.58
C ILE A 1386 -49.22 15.17 4.71
N ILE A 1387 -50.43 15.63 4.53
CA ILE A 1387 -51.51 15.47 5.54
C ILE A 1387 -52.48 14.44 5.00
N MET A 1388 -53.13 13.69 5.87
CA MET A 1388 -54.22 12.78 5.48
C MET A 1388 -55.12 12.54 6.68
N GLN A 1389 -56.24 11.88 6.46
CA GLN A 1389 -57.13 11.43 7.53
C GLN A 1389 -56.41 10.45 8.45
N ALA A 1390 -56.67 10.47 9.73
CA ALA A 1390 -56.02 9.57 10.71
C ALA A 1390 -56.45 8.14 10.42
N ASP A 1391 -57.71 7.93 10.06
CA ASP A 1391 -58.28 6.58 9.79
C ASP A 1391 -57.49 5.94 8.67
N LEU A 1392 -57.01 6.72 7.70
CA LEU A 1392 -56.22 6.23 6.55
C LEU A 1392 -54.75 6.08 6.97
N ALA A 1393 -54.20 6.99 7.73
CA ALA A 1393 -52.81 6.86 8.17
C ALA A 1393 -52.67 5.58 9.00
N LEU A 1394 -53.66 5.24 9.82
CA LEU A 1394 -53.59 4.04 10.70
C LEU A 1394 -53.68 2.76 9.86
N LYS A 1395 -54.64 2.69 8.96
CA LYS A 1395 -54.72 1.68 7.88
C LYS A 1395 -53.35 1.51 7.23
N MET A 1396 -52.81 2.52 6.54
CA MET A 1396 -51.54 2.44 5.74
C MET A 1396 -50.32 2.17 6.62
N GLY A 1397 -50.40 2.42 7.91
CA GLY A 1397 -49.22 2.38 8.77
C GLY A 1397 -48.17 3.38 8.34
N VAL A 1398 -48.53 4.64 8.16
CA VAL A 1398 -47.50 5.71 8.00
C VAL A 1398 -47.24 6.36 9.35
N PRO A 1399 -46.05 6.95 9.56
CA PRO A 1399 -45.77 7.66 10.79
C PRO A 1399 -46.65 8.91 10.88
N ILE A 1400 -47.01 9.26 12.10
CA ILE A 1400 -47.90 10.39 12.41
C ILE A 1400 -47.13 11.33 13.31
N TYR A 1401 -46.85 12.52 12.81
CA TYR A 1401 -45.95 13.47 13.48
C TYR A 1401 -46.76 14.43 14.35
N GLY A 1402 -48.05 14.52 14.12
CA GLY A 1402 -48.86 15.58 14.76
C GLY A 1402 -50.27 15.53 14.23
N ILE A 1403 -51.19 16.14 14.93
CA ILE A 1403 -52.61 16.27 14.50
C ILE A 1403 -52.81 17.72 14.13
N VAL A 1404 -53.37 18.04 12.97
CA VAL A 1404 -53.67 19.46 12.65
C VAL A 1404 -55.01 19.79 13.28
N ALA A 1405 -55.02 20.22 14.53
CA ALA A 1405 -56.24 20.46 15.31
C ALA A 1405 -57.11 21.57 14.69
N MET A 1406 -56.49 22.66 14.25
CA MET A 1406 -57.22 23.86 13.77
C MET A 1406 -56.39 24.54 12.68
N ALA A 1407 -57.01 25.14 11.69
CA ALA A 1407 -56.30 26.03 10.76
C ALA A 1407 -57.26 27.08 10.21
N ALA A 1408 -56.85 28.33 10.21
CA ALA A 1408 -57.74 29.48 9.95
C ALA A 1408 -56.93 30.58 9.29
N THR A 1409 -57.55 31.31 8.37
CA THR A 1409 -57.03 32.55 7.77
C THR A 1409 -57.98 33.65 8.19
N ALA A 1410 -57.50 34.88 8.09
CA ALA A 1410 -58.28 36.07 8.44
C ALA A 1410 -57.64 37.26 7.80
N THR A 1411 -58.44 38.05 7.09
CA THR A 1411 -58.16 39.47 6.70
C THR A 1411 -58.26 40.34 7.96
N ASP A 1412 -57.85 41.60 7.86
CA ASP A 1412 -57.81 42.56 9.00
C ASP A 1412 -59.06 43.43 8.84
N LYS A 1413 -58.92 44.65 8.33
CA LYS A 1413 -59.98 45.70 8.34
C LYS A 1413 -59.67 46.77 7.31
N ILE A 1414 -60.59 47.71 7.12
CA ILE A 1414 -60.43 48.95 6.29
C ILE A 1414 -59.06 49.60 6.59
N GLY A 1415 -58.40 50.16 5.57
CA GLY A 1415 -57.05 50.73 5.68
C GLY A 1415 -56.39 50.87 4.32
N ARG A 1416 -55.34 51.68 4.21
CA ARG A 1416 -54.69 52.04 2.93
C ARG A 1416 -53.19 51.71 2.97
N SER A 1417 -52.80 50.68 3.74
CA SER A 1417 -51.42 50.09 3.77
C SER A 1417 -51.50 48.56 3.59
N VAL A 1418 -51.16 48.06 2.40
CA VAL A 1418 -51.15 46.60 2.06
C VAL A 1418 -50.13 45.87 2.93
N PRO A 1419 -48.88 46.36 3.15
CA PRO A 1419 -47.91 45.65 3.99
C PRO A 1419 -48.18 45.59 5.50
N ALA A 1420 -49.08 46.44 6.02
CA ALA A 1420 -49.36 46.59 7.47
C ALA A 1420 -49.97 45.30 8.01
N PRO A 1421 -49.38 44.67 9.05
CA PRO A 1421 -50.02 43.53 9.70
C PRO A 1421 -51.15 44.04 10.61
N GLY A 1422 -52.12 43.16 10.87
CA GLY A 1422 -53.29 43.47 11.70
C GLY A 1422 -53.75 42.25 12.47
N LYS A 1423 -54.88 42.39 13.16
CA LYS A 1423 -55.31 41.53 14.28
C LYS A 1423 -56.46 40.62 13.89
N GLY A 1424 -56.74 40.43 12.60
CA GLY A 1424 -57.83 39.56 12.15
C GLY A 1424 -57.81 38.19 12.83
N ILE A 1425 -56.63 37.60 12.97
CA ILE A 1425 -56.50 36.18 13.35
C ILE A 1425 -56.92 36.02 14.81
N LEU A 1426 -57.03 37.11 15.53
CA LEU A 1426 -57.61 37.15 16.89
C LEU A 1426 -59.01 36.53 16.89
N THR A 1427 -59.75 36.60 15.79
CA THR A 1427 -61.11 36.02 15.66
C THR A 1427 -61.07 34.54 16.07
N THR A 1428 -59.98 33.81 15.95
CA THR A 1428 -60.00 32.36 16.24
C THR A 1428 -60.25 32.10 17.72
N ALA A 1429 -60.19 33.11 18.56
CA ALA A 1429 -60.39 32.94 20.02
C ALA A 1429 -61.68 33.65 20.40
N ARG A 1430 -62.61 33.77 19.43
CA ARG A 1430 -63.87 34.52 19.61
C ARG A 1430 -64.80 33.67 20.46
N GLU A 1431 -65.25 34.22 21.58
CA GLU A 1431 -65.97 33.44 22.61
C GLU A 1431 -66.88 34.42 23.34
N HIS A 1432 -68.08 34.00 23.75
CA HIS A 1432 -69.11 34.91 24.32
C HIS A 1432 -69.15 34.75 25.84
N HIS A 1433 -68.75 35.77 26.58
CA HIS A 1433 -68.57 35.72 28.05
C HIS A 1433 -69.57 36.68 28.72
N SER A 1434 -70.84 36.65 28.33
CA SER A 1434 -71.94 37.37 29.03
C SER A 1434 -72.47 36.47 30.15
N SER A 1435 -72.73 35.19 29.81
CA SER A 1435 -73.31 34.13 30.67
C SER A 1435 -72.29 33.00 30.83
N VAL A 1436 -71.39 33.08 31.81
CA VAL A 1436 -70.30 32.08 32.08
C VAL A 1436 -70.31 31.70 33.57
N LYS A 1437 -71.49 31.72 34.20
CA LYS A 1437 -71.64 31.47 35.65
C LYS A 1437 -71.44 29.96 35.89
N TYR A 1438 -72.14 29.13 35.11
CA TYR A 1438 -72.17 27.65 35.23
C TYR A 1438 -71.53 27.04 33.98
N ALA A 1439 -70.64 26.05 34.18
CA ALA A 1439 -69.89 25.35 33.11
C ALA A 1439 -70.90 24.67 32.17
N SER A 1440 -70.75 24.88 30.85
CA SER A 1440 -71.58 24.23 29.81
C SER A 1440 -71.30 22.73 29.85
N PRO A 1441 -72.32 21.84 29.75
CA PRO A 1441 -72.07 20.41 29.68
C PRO A 1441 -71.19 20.08 28.45
N ASN A 1442 -71.43 20.77 27.33
CA ASN A 1442 -70.83 20.51 26.00
C ASN A 1442 -69.29 20.43 26.04
N LEU A 1443 -68.60 21.19 26.90
CA LEU A 1443 -67.11 21.13 27.01
C LEU A 1443 -66.67 19.84 27.69
N ASN A 1444 -67.53 19.21 28.49
CA ASN A 1444 -67.21 18.07 29.41
C ASN A 1444 -67.24 16.78 28.60
N MET A 1445 -66.12 16.05 28.50
CA MET A 1445 -66.01 14.93 27.51
C MET A 1445 -66.87 13.75 27.92
N LYS A 1446 -67.05 13.51 29.22
CA LYS A 1446 -67.92 12.44 29.74
C LYS A 1446 -69.33 12.67 29.21
N TYR A 1447 -69.85 13.89 29.26
CA TYR A 1447 -71.22 14.22 28.79
C TYR A 1447 -71.31 13.82 27.32
N ARG A 1448 -70.36 14.28 26.52
CA ARG A 1448 -70.39 14.05 25.06
C ARG A 1448 -70.30 12.55 24.79
N LYS A 1449 -69.48 11.82 25.54
CA LYS A 1449 -69.34 10.34 25.35
C LYS A 1449 -70.66 9.68 25.73
N ARG A 1450 -71.33 10.15 26.79
CA ARG A 1450 -72.62 9.57 27.21
C ARG A 1450 -73.68 9.76 26.13
N GLN A 1451 -73.72 10.92 25.48
CA GLN A 1451 -74.71 11.20 24.40
C GLN A 1451 -74.37 10.34 23.17
N LEU A 1452 -73.09 10.12 22.89
CA LEU A 1452 -72.67 9.27 21.74
C LEU A 1452 -73.13 7.84 21.96
N VAL A 1453 -72.89 7.26 23.14
CA VAL A 1453 -73.33 5.88 23.53
C VAL A 1453 -74.85 5.76 23.40
N THR A 1454 -75.60 6.77 23.88
CA THR A 1454 -77.08 6.84 23.74
C THR A 1454 -77.46 6.73 22.25
N ARG A 1455 -76.73 7.42 21.37
CA ARG A 1455 -77.01 7.47 19.90
C ARG A 1455 -76.48 6.18 19.26
N GLU A 1456 -75.41 5.57 19.77
CA GLU A 1456 -74.89 4.28 19.24
C GLU A 1456 -75.96 3.17 19.41
N ALA A 1457 -76.70 3.18 20.52
CA ALA A 1457 -77.81 2.26 20.82
C ALA A 1457 -78.97 2.45 19.82
N GLN A 1458 -79.24 3.68 19.39
CA GLN A 1458 -80.34 3.96 18.43
C GLN A 1458 -79.94 3.48 17.03
N ILE A 1459 -78.67 3.60 16.67
CA ILE A 1459 -78.13 3.24 15.33
C ILE A 1459 -78.21 1.73 15.19
N LYS A 1460 -77.85 1.00 16.25
CA LYS A 1460 -78.04 -0.46 16.42
C LYS A 1460 -79.51 -0.83 16.21
N ASP A 1461 -80.43 -0.23 16.94
CA ASP A 1461 -81.89 -0.48 16.77
C ASP A 1461 -82.32 -0.14 15.33
N TRP A 1462 -81.66 0.79 14.65
CA TRP A 1462 -82.00 1.20 13.25
C TRP A 1462 -81.49 0.13 12.28
N VAL A 1463 -80.42 -0.58 12.63
CA VAL A 1463 -79.83 -1.64 11.75
C VAL A 1463 -80.65 -2.92 11.93
N GLU A 1464 -81.00 -3.29 13.17
CA GLU A 1464 -81.97 -4.38 13.47
C GLU A 1464 -83.24 -4.15 12.65
N ASN A 1465 -83.83 -2.95 12.71
CA ASN A 1465 -85.16 -2.69 12.11
C ASN A 1465 -85.09 -2.66 10.59
N GLU A 1466 -83.90 -2.45 10.01
CA GLU A 1466 -83.69 -2.39 8.52
C GLU A 1466 -83.39 -3.81 8.00
N LEU A 1467 -82.75 -4.66 8.79
CA LEU A 1467 -82.52 -6.09 8.46
C LEU A 1467 -83.86 -6.84 8.49
N GLU A 1468 -84.70 -6.61 9.51
CA GLU A 1468 -86.07 -7.19 9.59
C GLU A 1468 -86.85 -6.78 8.34
N ALA A 1469 -86.91 -5.49 8.01
CA ALA A 1469 -87.61 -4.92 6.82
C ALA A 1469 -87.05 -5.48 5.51
N LEU A 1470 -85.77 -5.88 5.47
CA LEU A 1470 -85.11 -6.46 4.27
C LEU A 1470 -85.53 -7.91 4.12
N LYS A 1471 -85.61 -8.65 5.24
CA LYS A 1471 -86.11 -10.05 5.31
C LYS A 1471 -87.56 -10.10 4.81
N LEU A 1472 -88.41 -9.14 5.18
CA LEU A 1472 -89.83 -9.04 4.73
C LEU A 1472 -89.90 -8.77 3.23
N GLU A 1473 -88.99 -7.94 2.69
CA GLU A 1473 -88.98 -7.52 1.25
C GLU A 1473 -88.35 -8.61 0.38
N ALA A 1474 -87.41 -9.39 0.91
CA ALA A 1474 -86.66 -10.44 0.18
C ALA A 1474 -87.57 -11.63 -0.15
N GLU A 1475 -88.61 -11.87 0.66
CA GLU A 1475 -89.63 -12.96 0.50
C GLU A 1475 -90.39 -12.78 -0.83
N GLU A 1476 -90.82 -11.56 -1.15
CA GLU A 1476 -91.59 -11.21 -2.38
C GLU A 1476 -90.73 -11.33 -3.64
N ILE A 1477 -89.40 -11.22 -3.51
CA ILE A 1477 -88.42 -11.46 -4.62
C ILE A 1477 -88.31 -12.97 -4.81
N PRO A 1478 -88.33 -13.50 -6.06
CA PRO A 1478 -88.11 -14.93 -6.32
C PRO A 1478 -86.77 -15.46 -5.76
N SER A 1479 -86.68 -16.77 -5.52
CA SER A 1479 -85.58 -17.42 -4.75
C SER A 1479 -84.28 -17.59 -5.58
N GLU A 1480 -84.29 -17.26 -6.88
CA GLU A 1480 -83.06 -17.26 -7.74
C GLU A 1480 -82.39 -15.88 -7.71
N ASP A 1481 -83.15 -14.79 -7.77
CA ASP A 1481 -82.65 -13.38 -7.80
C ASP A 1481 -82.36 -12.89 -6.37
N GLN A 1482 -82.73 -13.67 -5.35
CA GLN A 1482 -82.73 -13.29 -3.91
C GLN A 1482 -81.30 -12.99 -3.46
N ASN A 1483 -80.34 -13.83 -3.85
CA ASN A 1483 -78.91 -13.71 -3.45
C ASN A 1483 -78.40 -12.32 -3.85
N GLU A 1484 -78.46 -11.95 -5.13
CA GLU A 1484 -78.06 -10.61 -5.66
C GLU A 1484 -78.70 -9.53 -4.76
N PHE A 1485 -80.03 -9.41 -4.80
CA PHE A 1485 -80.85 -8.42 -4.04
C PHE A 1485 -80.43 -8.33 -2.57
N LEU A 1486 -80.29 -9.44 -1.85
CA LEU A 1486 -79.81 -9.42 -0.43
C LEU A 1486 -78.37 -8.92 -0.29
N LEU A 1487 -77.49 -9.20 -1.25
CA LEU A 1487 -76.09 -8.69 -1.23
C LEU A 1487 -76.10 -7.17 -1.37
N GLU A 1488 -76.66 -6.65 -2.47
CA GLU A 1488 -76.81 -5.19 -2.72
C GLU A 1488 -77.35 -4.52 -1.45
N ARG A 1489 -78.51 -4.93 -0.96
CA ARG A 1489 -79.26 -4.22 0.10
C ARG A 1489 -78.59 -4.34 1.46
N THR A 1490 -77.82 -5.40 1.69
CA THR A 1490 -77.02 -5.57 2.94
C THR A 1490 -75.89 -4.56 2.95
N ARG A 1491 -75.17 -4.46 1.83
CA ARG A 1491 -74.07 -3.48 1.63
C ARG A 1491 -74.63 -2.08 1.86
N GLU A 1492 -75.75 -1.70 1.21
CA GLU A 1492 -76.40 -0.38 1.37
C GLU A 1492 -76.65 -0.15 2.88
N ILE A 1493 -77.12 -1.15 3.61
CA ILE A 1493 -77.44 -1.02 5.07
C ILE A 1493 -76.14 -0.77 5.85
N HIS A 1494 -75.08 -1.51 5.53
CA HIS A 1494 -73.76 -1.40 6.19
C HIS A 1494 -73.24 0.02 5.99
N ASN A 1495 -73.23 0.51 4.74
CA ASN A 1495 -72.89 1.92 4.40
C ASN A 1495 -73.63 2.83 5.38
N GLU A 1496 -74.97 2.86 5.32
CA GLU A 1496 -75.84 3.82 6.04
C GLU A 1496 -75.70 3.67 7.56
N ALA A 1497 -75.21 2.53 8.05
CA ALA A 1497 -74.92 2.30 9.48
C ALA A 1497 -73.61 3.01 9.86
N GLU A 1498 -72.57 2.85 9.04
CA GLU A 1498 -71.24 3.53 9.19
C GLU A 1498 -71.45 5.04 9.06
N SER A 1499 -72.15 5.50 8.02
CA SER A 1499 -72.49 6.92 7.81
C SER A 1499 -73.13 7.49 9.09
N GLN A 1500 -74.08 6.80 9.71
CA GLN A 1500 -74.81 7.31 10.90
C GLN A 1500 -73.93 7.28 12.15
N LEU A 1501 -73.05 6.29 12.27
CA LEU A 1501 -72.13 6.17 13.42
C LEU A 1501 -71.11 7.31 13.33
N ARG A 1502 -70.55 7.51 12.14
CA ARG A 1502 -69.49 8.53 11.93
C ARG A 1502 -70.10 9.91 12.11
N ALA A 1503 -71.34 10.14 11.63
CA ALA A 1503 -72.05 11.43 11.80
C ALA A 1503 -72.27 11.73 13.29
N ALA A 1504 -72.57 10.73 14.11
CA ALA A 1504 -72.73 10.89 15.58
C ALA A 1504 -71.39 11.13 16.21
N GLN A 1505 -70.37 10.42 15.78
CA GLN A 1505 -68.99 10.58 16.34
C GLN A 1505 -68.56 12.02 16.07
N GLN A 1506 -68.77 12.49 14.83
CA GLN A 1506 -68.49 13.87 14.36
C GLN A 1506 -69.26 14.85 15.24
N GLN A 1507 -70.50 14.55 15.58
CA GLN A 1507 -71.44 15.51 16.19
C GLN A 1507 -71.10 15.71 17.66
N TRP A 1508 -70.52 14.71 18.31
CA TRP A 1508 -70.25 14.67 19.78
C TRP A 1508 -68.76 14.54 20.11
N GLY A 1509 -67.92 14.34 19.10
CA GLY A 1509 -66.47 14.13 19.23
C GLY A 1509 -65.65 15.20 18.56
N ASN A 1510 -66.01 15.59 17.33
CA ASN A 1510 -65.21 16.49 16.46
C ASN A 1510 -65.80 17.90 16.35
N ASP A 1511 -67.13 18.04 16.18
CA ASP A 1511 -67.83 19.28 15.74
C ASP A 1511 -68.81 19.77 16.81
N PHE A 1512 -68.60 19.44 18.07
CA PHE A 1512 -69.55 19.78 19.16
C PHE A 1512 -69.64 21.30 19.37
N TYR A 1513 -68.60 22.02 18.96
CA TYR A 1513 -68.40 23.45 19.29
C TYR A 1513 -68.60 24.35 18.08
N LYS A 1514 -69.02 23.84 16.91
CA LYS A 1514 -69.15 24.68 15.69
C LYS A 1514 -70.36 25.61 15.83
N ARG A 1515 -71.44 25.12 16.46
CA ARG A 1515 -72.72 25.86 16.62
C ARG A 1515 -72.75 26.62 17.95
N ASP A 1516 -71.80 26.38 18.87
CA ASP A 1516 -71.83 26.92 20.26
C ASP A 1516 -71.02 28.22 20.31
N PRO A 1517 -71.66 29.41 20.49
CA PRO A 1517 -70.94 30.67 20.54
C PRO A 1517 -70.13 30.85 21.83
N ARG A 1518 -70.16 29.89 22.75
CA ARG A 1518 -69.50 29.98 24.08
C ARG A 1518 -68.17 29.22 24.11
N ILE A 1519 -67.83 28.57 22.99
CA ILE A 1519 -66.57 27.79 22.82
C ILE A 1519 -65.83 28.34 21.59
N ALA A 1520 -64.64 28.84 21.82
CA ALA A 1520 -63.80 29.42 20.77
C ALA A 1520 -63.34 28.31 19.84
N PRO A 1521 -63.23 28.57 18.53
CA PRO A 1521 -62.63 27.60 17.61
C PRO A 1521 -61.30 27.04 18.11
N LEU A 1522 -60.53 27.88 18.79
CA LEU A 1522 -59.18 27.54 19.29
C LEU A 1522 -59.35 26.69 20.53
N ARG A 1523 -60.26 27.05 21.43
CA ARG A 1523 -60.52 26.24 22.66
C ARG A 1523 -61.08 24.86 22.30
N GLY A 1524 -61.98 24.78 21.33
CA GLY A 1524 -62.65 23.53 20.92
C GLY A 1524 -61.71 22.59 20.20
N ALA A 1525 -60.78 23.10 19.43
CA ALA A 1525 -59.80 22.25 18.73
C ALA A 1525 -59.00 21.48 19.78
N LEU A 1526 -58.53 22.18 20.79
CA LEU A 1526 -57.79 21.54 21.89
C LEU A 1526 -58.74 20.60 22.65
N ALA A 1527 -59.97 21.01 22.94
CA ALA A 1527 -60.92 20.29 23.82
C ALA A 1527 -61.27 18.94 23.21
N THR A 1528 -61.48 18.89 21.91
CA THR A 1528 -61.62 17.65 21.10
C THR A 1528 -60.79 16.51 21.70
N TYR A 1529 -59.49 16.72 21.97
CA TYR A 1529 -58.52 15.71 22.51
C TYR A 1529 -58.30 15.91 24.01
N GLY A 1530 -59.20 16.59 24.73
CA GLY A 1530 -59.16 16.82 26.19
C GLY A 1530 -58.00 17.65 26.69
N LEU A 1531 -57.54 18.61 25.89
CA LEU A 1531 -56.50 19.61 26.26
C LEU A 1531 -57.21 20.90 26.67
N THR A 1532 -56.71 21.59 27.70
CA THR A 1532 -57.17 22.96 28.04
C THR A 1532 -56.33 23.96 27.26
N ILE A 1533 -56.69 25.24 27.35
CA ILE A 1533 -55.95 26.35 26.72
C ILE A 1533 -54.55 26.43 27.32
N ASP A 1534 -54.34 26.00 28.58
CA ASP A 1534 -53.03 26.03 29.27
C ASP A 1534 -52.08 24.99 28.71
N ASP A 1535 -52.54 24.11 27.81
CA ASP A 1535 -51.77 22.96 27.27
C ASP A 1535 -51.28 23.31 25.87
N LEU A 1536 -51.27 24.59 25.50
CA LEU A 1536 -50.69 25.12 24.24
C LEU A 1536 -49.32 25.71 24.58
N GLY A 1537 -48.31 24.85 24.69
CA GLY A 1537 -47.05 25.21 25.35
C GLY A 1537 -46.17 26.16 24.55
N VAL A 1538 -46.23 26.10 23.23
CA VAL A 1538 -45.28 26.80 22.33
C VAL A 1538 -46.06 27.54 21.27
N ALA A 1539 -45.57 28.70 20.89
CA ALA A 1539 -46.13 29.56 19.83
C ALA A 1539 -44.98 29.87 18.87
N SER A 1540 -45.04 29.25 17.69
CA SER A 1540 -44.07 29.44 16.60
C SER A 1540 -44.50 30.70 15.86
N PHE A 1541 -43.94 31.83 16.28
CA PHE A 1541 -44.25 33.20 15.82
C PHE A 1541 -43.67 33.37 14.43
N HIS A 1542 -44.38 34.09 13.57
CA HIS A 1542 -43.93 34.57 12.25
C HIS A 1542 -42.58 35.24 12.45
N GLY A 1543 -42.50 36.23 13.36
CA GLY A 1543 -41.22 36.78 13.88
C GLY A 1543 -40.25 37.11 12.77
N THR A 1544 -40.64 38.05 11.91
CA THR A 1544 -39.88 38.45 10.70
C THR A 1544 -38.63 39.27 11.06
N SER A 1545 -38.58 39.85 12.27
CA SER A 1545 -37.55 40.83 12.69
C SER A 1545 -37.89 42.22 12.12
N THR A 1546 -39.17 42.55 11.94
CA THR A 1546 -39.65 43.92 11.57
C THR A 1546 -40.28 44.58 12.81
N LYS A 1547 -40.37 45.90 12.85
CA LYS A 1547 -40.89 46.61 14.06
C LYS A 1547 -42.39 46.41 14.20
N ALA A 1548 -43.14 46.48 13.10
CA ALA A 1548 -44.62 46.38 13.09
C ALA A 1548 -45.05 44.93 13.32
N ASN A 1549 -44.37 43.98 12.70
CA ASN A 1549 -44.78 42.55 12.70
C ASN A 1549 -44.66 41.97 14.10
N ASP A 1550 -43.53 42.16 14.77
CA ASP A 1550 -43.17 41.40 16.00
C ASP A 1550 -43.98 41.92 17.20
N LYS A 1551 -44.22 43.23 17.26
CA LYS A 1551 -45.11 43.81 18.30
C LYS A 1551 -46.53 43.30 18.13
N ASN A 1552 -47.07 43.39 16.92
CA ASN A 1552 -48.47 43.07 16.55
C ASN A 1552 -48.74 41.59 16.82
N GLU A 1553 -47.77 40.74 16.52
CA GLU A 1553 -47.89 39.26 16.72
C GLU A 1553 -47.92 38.95 18.22
N SER A 1554 -46.94 39.41 19.00
CA SER A 1554 -46.95 39.27 20.47
C SER A 1554 -48.31 39.72 21.01
N ALA A 1555 -48.78 40.88 20.58
CA ALA A 1555 -50.00 41.53 21.10
C ALA A 1555 -51.24 40.72 20.75
N THR A 1556 -51.22 40.01 19.62
CA THR A 1556 -52.34 39.20 19.10
C THR A 1556 -52.40 37.94 19.94
N ILE A 1557 -51.29 37.22 20.05
CA ILE A 1557 -51.19 35.98 20.88
C ILE A 1557 -51.57 36.33 22.32
N ASN A 1558 -51.09 37.46 22.82
CA ASN A 1558 -51.32 37.85 24.22
C ASN A 1558 -52.82 38.04 24.45
N GLU A 1559 -53.55 38.55 23.46
CA GLU A 1559 -54.97 38.93 23.63
C GLU A 1559 -55.84 37.69 23.44
N MET A 1560 -55.44 36.78 22.55
CA MET A 1560 -56.06 35.46 22.40
C MET A 1560 -56.03 34.80 23.78
N MET A 1561 -54.82 34.59 24.32
CA MET A 1561 -54.58 33.81 25.57
C MET A 1561 -55.32 34.47 26.72
N LYS A 1562 -55.41 35.80 26.74
CA LYS A 1562 -56.03 36.52 27.88
C LYS A 1562 -57.54 36.28 27.88
N HIS A 1563 -58.17 36.37 26.71
CA HIS A 1563 -59.62 36.17 26.49
C HIS A 1563 -60.04 34.75 26.85
N LEU A 1564 -59.25 33.74 26.48
CA LEU A 1564 -59.54 32.32 26.76
C LEU A 1564 -59.09 31.90 28.16
N GLY A 1565 -58.71 32.84 29.02
CA GLY A 1565 -58.55 32.61 30.47
C GLY A 1565 -57.35 31.74 30.81
N ARG A 1566 -56.34 31.76 29.95
CA ARG A 1566 -55.04 31.09 30.18
C ARG A 1566 -54.53 31.53 31.55
N SER A 1567 -54.07 30.57 32.36
CA SER A 1567 -53.72 30.76 33.80
C SER A 1567 -52.55 31.72 33.89
N GLU A 1568 -52.64 32.77 34.72
CA GLU A 1568 -51.53 33.73 34.93
C GLU A 1568 -50.28 32.97 35.38
N GLY A 1569 -49.13 33.39 34.88
CA GLY A 1569 -47.85 32.71 35.14
C GLY A 1569 -47.59 31.57 34.18
N ASN A 1570 -48.44 31.36 33.17
CA ASN A 1570 -48.22 30.34 32.13
C ASN A 1570 -48.19 31.05 30.81
N PRO A 1571 -47.08 31.70 30.45
CA PRO A 1571 -46.93 32.21 29.10
C PRO A 1571 -46.67 31.08 28.11
N VAL A 1572 -47.02 31.30 26.85
CA VAL A 1572 -46.55 30.47 25.70
C VAL A 1572 -45.11 30.85 25.40
N ILE A 1573 -44.30 29.87 25.07
CA ILE A 1573 -42.86 30.05 24.77
C ILE A 1573 -42.77 30.34 23.28
N GLY A 1574 -42.50 31.59 22.94
CA GLY A 1574 -42.23 32.04 21.56
C GLY A 1574 -41.08 31.28 20.95
N VAL A 1575 -41.20 30.99 19.66
CA VAL A 1575 -40.14 30.33 18.87
C VAL A 1575 -40.01 31.12 17.56
N PHE A 1576 -38.87 31.77 17.33
CA PHE A 1576 -38.60 32.66 16.17
C PHE A 1576 -37.56 31.98 15.30
N GLN A 1577 -37.99 31.01 14.50
CA GLN A 1577 -37.10 30.16 13.66
C GLN A 1577 -36.37 30.99 12.61
N LYS A 1578 -36.89 32.18 12.31
CA LYS A 1578 -36.41 32.99 11.17
C LYS A 1578 -35.15 33.72 11.57
N PHE A 1579 -34.66 33.51 12.78
CA PHE A 1579 -33.34 34.08 13.16
C PHE A 1579 -32.25 33.29 12.43
N LEU A 1580 -32.57 32.06 12.09
CA LEU A 1580 -31.59 31.14 11.49
C LEU A 1580 -31.74 31.09 9.97
N THR A 1581 -32.97 31.03 9.50
CA THR A 1581 -33.30 30.69 8.12
C THR A 1581 -33.50 31.98 7.33
N GLY A 1582 -33.88 33.06 7.96
CA GLY A 1582 -34.41 34.21 7.22
C GLY A 1582 -35.81 33.90 6.72
N HIS A 1583 -36.53 34.94 6.32
CA HIS A 1583 -37.93 34.89 5.90
C HIS A 1583 -37.97 34.44 4.46
N PRO A 1584 -38.48 33.23 4.15
CA PRO A 1584 -38.55 32.76 2.78
C PRO A 1584 -39.87 33.06 2.08
N LYS A 1585 -40.71 33.90 2.69
CA LYS A 1585 -41.99 34.35 2.06
C LYS A 1585 -42.94 33.16 1.97
N GLY A 1586 -43.43 32.84 0.80
CA GLY A 1586 -44.27 31.64 0.59
C GLY A 1586 -43.99 30.52 1.60
N ALA A 1587 -42.73 30.09 1.73
CA ALA A 1587 -42.34 28.87 2.48
C ALA A 1587 -42.36 29.05 4.00
N ALA A 1588 -42.67 30.23 4.51
CA ALA A 1588 -42.29 30.65 5.87
C ALA A 1588 -43.00 29.74 6.87
N GLY A 1589 -44.31 29.66 6.76
CA GLY A 1589 -45.15 28.78 7.59
C GLY A 1589 -44.90 27.31 7.36
N ALA A 1590 -44.41 26.90 6.20
CA ALA A 1590 -44.12 25.46 5.97
C ALA A 1590 -42.94 25.07 6.85
N TRP A 1591 -41.90 25.89 6.85
CA TRP A 1591 -40.73 25.73 7.74
C TRP A 1591 -41.17 25.77 9.20
N MET A 1592 -42.03 26.69 9.56
CA MET A 1592 -42.49 26.85 10.95
C MET A 1592 -43.22 25.59 11.39
N MET A 1593 -44.03 25.03 10.52
CA MET A 1593 -44.75 23.77 10.76
C MET A 1593 -43.73 22.66 10.97
N ASN A 1594 -42.80 22.49 10.06
CA ASN A 1594 -41.76 21.46 10.18
C ASN A 1594 -41.05 21.61 11.51
N GLY A 1595 -40.81 22.82 11.96
CA GLY A 1595 -40.16 23.04 13.25
C GLY A 1595 -41.11 22.68 14.36
N ALA A 1596 -42.37 23.05 14.26
CA ALA A 1596 -43.40 22.71 15.26
C ALA A 1596 -43.45 21.20 15.46
N LEU A 1597 -43.43 20.44 14.39
CA LEU A 1597 -43.53 18.96 14.45
C LEU A 1597 -42.28 18.44 15.11
N GLN A 1598 -41.15 19.05 14.85
CA GLN A 1598 -39.88 18.60 15.42
C GLN A 1598 -39.85 18.93 16.91
N ILE A 1599 -40.52 19.98 17.33
CA ILE A 1599 -40.64 20.31 18.78
C ILE A 1599 -41.58 19.32 19.45
N LEU A 1600 -42.71 19.03 18.83
CA LEU A 1600 -43.71 18.12 19.39
C LEU A 1600 -43.09 16.77 19.66
N ASN A 1601 -42.35 16.23 18.73
CA ASN A 1601 -41.89 14.83 18.81
C ASN A 1601 -40.60 14.73 19.62
N SER A 1602 -39.95 15.83 19.95
CA SER A 1602 -38.63 15.83 20.63
C SER A 1602 -38.73 16.38 22.04
N GLY A 1603 -39.66 17.31 22.25
CA GLY A 1603 -39.85 18.04 23.51
C GLY A 1603 -38.86 19.16 23.69
N ILE A 1604 -38.00 19.42 22.69
CA ILE A 1604 -36.91 20.44 22.72
C ILE A 1604 -37.46 21.71 22.11
N ILE A 1605 -37.41 22.81 22.83
CA ILE A 1605 -37.86 24.14 22.33
C ILE A 1605 -36.63 24.94 22.01
N PRO A 1606 -36.30 25.17 20.72
CA PRO A 1606 -35.12 25.91 20.33
C PRO A 1606 -35.26 27.35 20.80
N GLY A 1607 -34.14 27.95 21.14
CA GLY A 1607 -34.12 29.37 21.50
C GLY A 1607 -33.55 30.23 20.39
N ASN A 1608 -33.90 31.50 20.47
CA ASN A 1608 -33.57 32.57 19.52
C ASN A 1608 -32.20 33.08 19.91
N ARG A 1609 -31.18 32.44 19.35
CA ARG A 1609 -29.76 32.75 19.62
C ARG A 1609 -29.37 34.16 19.10
N ASN A 1610 -30.28 34.91 18.51
CA ASN A 1610 -30.00 36.32 18.14
C ASN A 1610 -30.76 37.30 19.02
N ALA A 1611 -31.61 36.82 19.93
CA ALA A 1611 -32.32 37.64 20.95
C ALA A 1611 -31.27 38.14 21.95
N ASP A 1612 -30.49 39.14 21.54
CA ASP A 1612 -29.49 39.75 22.43
C ASP A 1612 -30.26 40.39 23.57
N ASN A 1613 -31.31 41.13 23.26
CA ASN A 1613 -32.02 41.98 24.22
C ASN A 1613 -33.48 42.14 23.80
N VAL A 1614 -34.40 41.55 24.55
CA VAL A 1614 -35.82 41.56 24.15
C VAL A 1614 -36.37 42.96 24.31
N ASP A 1615 -37.14 43.42 23.32
CA ASP A 1615 -37.67 44.80 23.20
C ASP A 1615 -38.52 45.14 24.41
N LYS A 1616 -38.19 46.20 25.14
CA LYS A 1616 -38.83 46.60 26.43
C LYS A 1616 -40.35 46.71 26.28
N ILE A 1617 -40.82 47.05 25.08
CA ILE A 1617 -42.27 47.22 24.76
C ILE A 1617 -42.98 45.87 24.98
N LEU A 1618 -42.32 44.75 24.72
CA LEU A 1618 -42.92 43.39 24.76
C LEU A 1618 -43.07 42.88 26.20
N GLU A 1619 -42.58 43.59 27.21
CA GLU A 1619 -42.81 43.23 28.64
C GLU A 1619 -44.30 43.31 28.99
N GLN A 1620 -45.06 44.19 28.31
CA GLN A 1620 -46.51 44.42 28.61
C GLN A 1620 -47.33 43.14 28.34
N PHE A 1621 -46.82 42.19 27.54
CA PHE A 1621 -47.51 40.92 27.18
C PHE A 1621 -47.09 39.77 28.10
N GLU A 1622 -47.85 39.59 29.18
CA GLU A 1622 -47.55 38.68 30.31
C GLU A 1622 -47.56 37.22 29.84
N TYR A 1623 -48.24 36.91 28.75
CA TYR A 1623 -48.51 35.52 28.33
C TYR A 1623 -47.54 35.10 27.23
N VAL A 1624 -46.44 35.81 27.06
CA VAL A 1624 -45.43 35.44 26.04
C VAL A 1624 -44.05 35.47 26.68
N LEU A 1625 -43.30 34.39 26.55
CA LEU A 1625 -41.90 34.28 27.00
C LEU A 1625 -40.99 34.19 25.77
N TYR A 1626 -39.83 34.82 25.78
CA TYR A 1626 -38.95 34.90 24.58
C TYR A 1626 -37.57 34.34 24.89
N PRO A 1627 -37.40 33.01 24.91
CA PRO A 1627 -36.11 32.44 25.30
C PRO A 1627 -35.05 32.67 24.23
N SER A 1628 -33.81 32.78 24.66
CA SER A 1628 -32.57 32.90 23.87
C SER A 1628 -31.78 31.60 23.84
N LYS A 1629 -32.22 30.56 24.52
CA LYS A 1629 -31.45 29.30 24.53
C LYS A 1629 -32.41 28.11 24.56
N THR A 1630 -31.93 26.98 24.06
CA THR A 1630 -32.72 25.74 23.88
C THR A 1630 -33.09 25.20 25.24
N LEU A 1631 -34.39 24.94 25.45
CA LEU A 1631 -34.96 24.28 26.64
C LEU A 1631 -35.29 22.85 26.24
N LYS A 1632 -34.78 21.86 26.95
CA LYS A 1632 -35.20 20.44 26.78
C LYS A 1632 -36.30 20.20 27.81
N THR A 1633 -37.55 20.38 27.40
CA THR A 1633 -38.73 20.22 28.29
C THR A 1633 -39.00 18.73 28.50
N ASP A 1634 -40.00 18.40 29.31
CA ASP A 1634 -40.48 17.02 29.59
C ASP A 1634 -41.63 16.66 28.63
N GLY A 1635 -41.90 17.52 27.64
CA GLY A 1635 -42.94 17.28 26.64
C GLY A 1635 -43.69 18.55 26.30
N VAL A 1636 -44.07 18.68 25.04
CA VAL A 1636 -44.92 19.77 24.49
C VAL A 1636 -46.20 19.13 23.99
N ARG A 1637 -47.36 19.57 24.42
CA ARG A 1637 -48.63 18.91 24.08
C ARG A 1637 -49.21 19.54 22.81
N ALA A 1638 -49.01 20.83 22.58
CA ALA A 1638 -49.51 21.49 21.36
C ALA A 1638 -48.65 22.67 20.98
N VAL A 1639 -48.63 23.02 19.70
CA VAL A 1639 -47.87 24.17 19.17
C VAL A 1639 -48.81 24.98 18.28
N SER A 1640 -48.80 26.30 18.42
CA SER A 1640 -49.52 27.26 17.55
C SER A 1640 -48.53 27.76 16.52
N ILE A 1641 -48.95 27.91 15.28
CA ILE A 1641 -48.16 28.58 14.22
C ILE A 1641 -48.98 29.74 13.70
N THR A 1642 -48.42 30.94 13.66
CA THR A 1642 -49.08 32.16 13.16
C THR A 1642 -48.26 32.73 12.02
N SER A 1643 -48.93 33.30 11.04
CA SER A 1643 -48.31 33.92 9.86
C SER A 1643 -49.10 35.18 9.55
N PHE A 1644 -48.42 36.21 9.04
CA PHE A 1644 -49.03 37.50 8.69
C PHE A 1644 -48.46 37.96 7.35
N GLY A 1645 -49.06 37.45 6.30
CA GLY A 1645 -48.70 37.83 4.93
C GLY A 1645 -49.05 39.26 4.62
N PHE A 1646 -48.46 39.78 3.56
CA PHE A 1646 -48.81 41.05 2.89
C PHE A 1646 -50.22 40.87 2.32
N GLY A 1647 -51.03 41.90 2.41
CA GLY A 1647 -52.38 41.92 1.84
C GLY A 1647 -53.35 41.30 2.80
N GLN A 1648 -53.11 41.54 4.10
CA GLN A 1648 -54.00 41.23 5.22
C GLN A 1648 -54.19 39.71 5.37
N LYS A 1649 -53.29 38.88 4.87
CA LYS A 1649 -53.41 37.42 5.07
C LYS A 1649 -52.84 37.09 6.46
N GLY A 1650 -53.66 37.12 7.50
CA GLY A 1650 -53.35 36.45 8.78
C GLY A 1650 -53.68 34.97 8.69
N GLY A 1651 -53.13 34.15 9.56
CA GLY A 1651 -53.34 32.70 9.57
C GLY A 1651 -52.83 32.06 10.85
N GLN A 1652 -53.48 31.01 11.31
CA GLN A 1652 -53.03 30.29 12.49
C GLN A 1652 -53.28 28.82 12.27
N ALA A 1653 -52.39 27.96 12.72
CA ALA A 1653 -52.67 26.51 12.78
C ALA A 1653 -52.23 26.02 14.15
N ILE A 1654 -53.04 25.23 14.81
CA ILE A 1654 -52.66 24.47 16.03
C ILE A 1654 -52.30 23.08 15.58
N VAL A 1655 -51.29 22.51 16.23
CA VAL A 1655 -50.78 21.15 15.97
C VAL A 1655 -50.64 20.47 17.31
N VAL A 1656 -51.25 19.32 17.47
CA VAL A 1656 -51.30 18.60 18.75
C VAL A 1656 -50.45 17.35 18.64
N HIS A 1657 -49.71 17.04 19.70
CA HIS A 1657 -48.81 15.88 19.82
C HIS A 1657 -49.57 14.64 19.40
N PRO A 1658 -49.01 13.78 18.55
CA PRO A 1658 -49.76 12.69 17.95
C PRO A 1658 -50.21 11.64 18.96
N ASP A 1659 -49.56 11.54 20.10
CA ASP A 1659 -49.91 10.57 21.15
C ASP A 1659 -51.31 10.84 21.70
N TYR A 1660 -51.94 11.96 21.34
CA TYR A 1660 -53.32 12.28 21.80
C TYR A 1660 -54.26 11.46 20.93
N LEU A 1661 -53.88 11.14 19.71
CA LEU A 1661 -54.73 10.38 18.77
C LEU A 1661 -54.86 8.92 19.23
N TYR A 1662 -53.78 8.33 19.73
CA TYR A 1662 -53.69 6.88 20.01
C TYR A 1662 -54.62 6.49 21.17
N GLY A 1663 -55.05 7.46 21.96
CA GLY A 1663 -56.06 7.24 23.02
C GLY A 1663 -57.44 7.05 22.45
N ALA A 1664 -57.68 7.44 21.21
CA ALA A 1664 -58.99 7.27 20.54
C ALA A 1664 -59.14 5.89 19.89
N ILE A 1665 -58.11 5.04 19.91
CA ILE A 1665 -58.20 3.70 19.27
C ILE A 1665 -57.97 2.64 20.35
N THR A 1666 -58.29 1.39 20.02
CA THR A 1666 -58.20 0.21 20.91
C THR A 1666 -56.76 -0.30 20.89
N GLU A 1667 -56.42 -1.19 21.81
CA GLU A 1667 -55.08 -1.81 21.92
C GLU A 1667 -54.75 -2.59 20.65
N ASP A 1668 -55.69 -3.30 20.04
CA ASP A 1668 -55.34 -4.21 18.91
C ASP A 1668 -55.02 -3.37 17.69
N ARG A 1669 -55.87 -2.37 17.42
CA ARG A 1669 -55.71 -1.47 16.27
C ARG A 1669 -54.41 -0.69 16.38
N TYR A 1670 -54.07 -0.24 17.60
CA TYR A 1670 -52.80 0.42 17.90
C TYR A 1670 -51.68 -0.54 17.54
N ASN A 1671 -51.72 -1.77 18.04
CA ASN A 1671 -50.58 -2.72 17.93
C ASN A 1671 -50.38 -3.16 16.48
N GLU A 1672 -51.47 -3.26 15.72
CA GLU A 1672 -51.42 -3.55 14.28
C GLU A 1672 -50.67 -2.40 13.62
N TYR A 1673 -51.09 -1.16 13.91
CA TYR A 1673 -50.46 0.11 13.45
C TYR A 1673 -48.98 0.06 13.76
N VAL A 1674 -48.59 -0.05 15.02
CA VAL A 1674 -47.17 -0.08 15.47
C VAL A 1674 -46.34 -1.08 14.67
N ALA A 1675 -46.87 -2.25 14.34
CA ALA A 1675 -46.17 -3.28 13.55
C ALA A 1675 -46.02 -2.84 12.10
N LYS A 1676 -47.03 -2.22 11.51
CA LYS A 1676 -46.98 -1.75 10.10
C LYS A 1676 -46.01 -0.59 9.96
N VAL A 1677 -45.95 0.28 10.95
CA VAL A 1677 -45.05 1.47 10.89
C VAL A 1677 -43.62 0.99 11.08
N SER A 1678 -43.36 0.09 12.02
CA SER A 1678 -41.99 -0.45 12.21
C SER A 1678 -41.49 -1.01 10.87
N ALA A 1679 -42.33 -1.75 10.14
CA ALA A 1679 -41.93 -2.42 8.89
C ALA A 1679 -41.59 -1.38 7.83
N ARG A 1680 -42.36 -0.31 7.80
CA ARG A 1680 -42.31 0.75 6.77
C ARG A 1680 -41.17 1.71 7.11
N GLU A 1681 -40.90 1.96 8.38
CA GLU A 1681 -39.71 2.72 8.77
C GLU A 1681 -38.44 1.97 8.34
N LYS A 1682 -38.44 0.65 8.28
CA LYS A 1682 -37.22 -0.12 7.93
C LYS A 1682 -37.04 -0.05 6.42
N SER A 1683 -38.09 -0.28 5.64
CA SER A 1683 -38.10 -0.10 4.16
C SER A 1683 -37.75 1.35 3.78
N ALA A 1684 -38.07 2.32 4.61
CA ALA A 1684 -37.85 3.73 4.30
C ALA A 1684 -36.38 4.04 4.51
N TYR A 1685 -35.78 3.48 5.55
CA TYR A 1685 -34.35 3.63 5.83
C TYR A 1685 -33.54 3.03 4.71
N LYS A 1686 -34.02 1.90 4.19
CA LYS A 1686 -33.36 1.16 3.08
C LYS A 1686 -33.34 2.04 1.84
N PHE A 1687 -34.49 2.58 1.50
CA PHE A 1687 -34.71 3.36 0.26
C PHE A 1687 -33.95 4.65 0.34
N PHE A 1688 -33.95 5.25 1.52
CA PHE A 1688 -33.28 6.54 1.73
C PHE A 1688 -31.77 6.39 1.50
N HIS A 1689 -31.13 5.41 2.12
CA HIS A 1689 -29.65 5.25 2.05
C HIS A 1689 -29.21 4.79 0.68
N ASN A 1690 -30.02 3.99 0.02
CA ASN A 1690 -29.71 3.54 -1.34
C ASN A 1690 -29.79 4.76 -2.25
N GLY A 1691 -30.75 5.64 -2.05
CA GLY A 1691 -30.95 6.80 -2.93
C GLY A 1691 -29.89 7.83 -2.68
N MET A 1692 -29.59 8.08 -1.42
CA MET A 1692 -28.51 9.02 -1.02
C MET A 1692 -27.23 8.68 -1.78
N ILE A 1693 -26.74 7.43 -1.73
CA ILE A 1693 -25.38 7.09 -2.23
C ILE A 1693 -25.40 6.90 -3.76
N TYR A 1694 -26.50 6.48 -4.35
CA TYR A 1694 -26.56 6.29 -5.82
C TYR A 1694 -27.25 7.45 -6.54
N ASN A 1695 -27.46 8.56 -5.85
CA ASN A 1695 -28.08 9.81 -6.35
C ASN A 1695 -29.37 9.49 -7.09
N LYS A 1696 -30.32 8.88 -6.38
CA LYS A 1696 -31.62 8.44 -6.96
C LYS A 1696 -32.67 8.35 -5.86
N LEU A 1697 -32.78 9.38 -5.02
CA LEU A 1697 -33.93 9.54 -4.11
C LEU A 1697 -35.11 9.90 -4.98
N PHE A 1698 -34.94 10.83 -5.90
CA PHE A 1698 -36.01 11.26 -6.84
C PHE A 1698 -35.96 10.35 -8.06
N VAL A 1699 -37.08 9.69 -8.32
CA VAL A 1699 -37.22 8.76 -9.49
C VAL A 1699 -38.48 9.19 -10.23
N SER A 1700 -38.31 9.93 -11.33
CA SER A 1700 -39.45 10.37 -12.17
C SER A 1700 -40.19 9.12 -12.67
N LYS A 1701 -41.51 9.20 -12.68
CA LYS A 1701 -42.38 8.15 -13.26
C LYS A 1701 -42.35 8.35 -14.77
N GLU A 1702 -42.24 7.25 -15.51
CA GLU A 1702 -42.29 7.23 -17.01
C GLU A 1702 -43.77 7.22 -17.41
N HIS A 1703 -44.54 6.34 -16.77
CA HIS A 1703 -45.95 6.00 -17.06
C HIS A 1703 -46.81 6.18 -15.82
N ALA A 1704 -48.06 6.60 -16.01
CA ALA A 1704 -49.17 6.56 -15.03
C ALA A 1704 -49.36 5.14 -14.51
N PRO A 1705 -50.07 4.93 -13.39
CA PRO A 1705 -50.46 3.57 -12.98
C PRO A 1705 -51.53 2.87 -13.86
N TYR A 1706 -52.03 3.51 -14.89
CA TYR A 1706 -52.99 2.94 -15.85
C TYR A 1706 -52.52 3.28 -17.27
N THR A 1707 -52.78 2.37 -18.21
CA THR A 1707 -52.56 2.60 -19.66
C THR A 1707 -53.65 3.56 -20.13
N ASP A 1708 -53.48 4.24 -21.27
CA ASP A 1708 -54.44 5.21 -21.84
C ASP A 1708 -55.79 4.54 -22.18
N GLU A 1709 -55.82 3.21 -22.30
CA GLU A 1709 -57.04 2.40 -22.62
C GLU A 1709 -57.88 2.19 -21.35
N LEU A 1710 -57.26 2.20 -20.18
CA LEU A 1710 -57.94 2.03 -18.87
C LEU A 1710 -58.22 3.38 -18.22
N GLU A 1711 -57.70 4.49 -18.76
CA GLU A 1711 -57.70 5.84 -18.12
C GLU A 1711 -59.13 6.17 -17.70
N GLU A 1712 -60.06 6.21 -18.65
CA GLU A 1712 -61.50 6.48 -18.39
C GLU A 1712 -62.04 5.44 -17.39
N ASP A 1713 -61.76 4.15 -17.57
CA ASP A 1713 -62.30 3.06 -16.73
C ASP A 1713 -61.88 3.26 -15.25
N VAL A 1714 -60.64 3.62 -14.99
CA VAL A 1714 -60.14 3.88 -13.61
C VAL A 1714 -60.77 5.16 -13.06
N TYR A 1715 -60.78 6.27 -13.81
CA TYR A 1715 -61.40 7.53 -13.35
C TYR A 1715 -62.84 7.29 -12.91
N LEU A 1716 -63.59 6.46 -13.61
CA LEU A 1716 -65.06 6.37 -13.42
C LEU A 1716 -65.45 5.30 -12.40
N ASP A 1717 -64.54 4.44 -11.96
CA ASP A 1717 -64.77 3.47 -10.86
C ASP A 1717 -64.15 3.96 -9.57
N PRO A 1718 -64.94 4.30 -8.52
CA PRO A 1718 -64.35 4.81 -7.29
C PRO A 1718 -63.75 3.73 -6.38
N LEU A 1719 -63.77 2.45 -6.78
CA LEU A 1719 -63.16 1.36 -5.97
C LEU A 1719 -61.97 0.72 -6.67
N ALA A 1720 -61.57 1.27 -7.82
CA ALA A 1720 -60.36 0.81 -8.54
C ALA A 1720 -59.14 1.05 -7.65
N ARG A 1721 -58.29 0.04 -7.48
CA ARG A 1721 -57.02 0.16 -6.73
C ARG A 1721 -55.92 -0.48 -7.54
N VAL A 1722 -54.69 0.00 -7.40
CA VAL A 1722 -53.48 -0.64 -7.99
C VAL A 1722 -53.15 -1.89 -7.18
N SER A 1723 -52.49 -2.83 -7.83
CA SER A 1723 -51.92 -4.08 -7.26
C SER A 1723 -50.60 -4.36 -7.97
N LYS A 1724 -49.74 -5.21 -7.37
CA LYS A 1724 -48.38 -5.50 -7.89
C LYS A 1724 -48.52 -6.33 -9.17
N ASP A 1725 -48.05 -5.76 -10.29
CA ASP A 1725 -47.93 -6.42 -11.61
C ASP A 1725 -46.77 -7.42 -11.50
N LYS A 1726 -47.03 -8.71 -11.74
CA LYS A 1726 -46.08 -9.84 -11.48
C LYS A 1726 -44.84 -9.77 -12.39
N LYS A 1727 -45.00 -9.34 -13.65
CA LYS A 1727 -43.88 -9.24 -14.65
C LYS A 1727 -42.93 -8.08 -14.27
N SER A 1728 -43.42 -6.84 -14.24
CA SER A 1728 -42.61 -5.59 -14.10
C SER A 1728 -42.32 -5.29 -12.61
N GLY A 1729 -43.06 -5.91 -11.68
CA GLY A 1729 -42.93 -5.74 -10.22
C GLY A 1729 -43.42 -4.39 -9.73
N SER A 1730 -44.26 -3.70 -10.51
CA SER A 1730 -44.61 -2.27 -10.33
C SER A 1730 -46.12 -2.10 -10.23
N LEU A 1731 -46.59 -1.36 -9.22
CA LEU A 1731 -48.02 -1.12 -8.96
C LEU A 1731 -48.68 -0.50 -10.20
N THR A 1732 -49.76 -1.11 -10.68
CA THR A 1732 -50.55 -0.64 -11.86
C THR A 1732 -51.98 -1.14 -11.70
N PHE A 1733 -52.93 -0.57 -12.45
CA PHE A 1733 -54.34 -1.02 -12.47
C PHE A 1733 -54.44 -2.17 -13.48
N ASN A 1734 -55.14 -3.21 -13.05
CA ASN A 1734 -55.41 -4.44 -13.84
C ASN A 1734 -56.90 -4.40 -14.19
N SER A 1735 -57.25 -4.67 -15.45
CA SER A 1735 -58.62 -4.53 -15.99
C SER A 1735 -59.65 -5.39 -15.22
N LYS A 1736 -59.21 -6.42 -14.50
CA LYS A 1736 -60.06 -7.35 -13.70
C LYS A 1736 -60.45 -6.74 -12.33
N ASN A 1737 -59.71 -5.73 -11.84
CA ASN A 1737 -60.00 -4.98 -10.58
C ASN A 1737 -60.76 -3.66 -10.86
N ILE A 1738 -61.36 -3.50 -12.04
CA ILE A 1738 -62.07 -2.27 -12.45
C ILE A 1738 -63.53 -2.61 -12.76
N GLN A 1739 -64.47 -2.00 -12.01
CA GLN A 1739 -65.93 -2.26 -11.98
C GLN A 1739 -66.14 -3.77 -11.76
N SER A 1740 -65.38 -4.32 -10.83
CA SER A 1740 -65.45 -5.72 -10.34
C SER A 1740 -66.51 -5.80 -9.24
N LYS A 1741 -66.85 -7.03 -8.85
CA LYS A 1741 -67.85 -7.35 -7.82
C LYS A 1741 -67.17 -7.46 -6.45
N ASP A 1742 -65.91 -7.93 -6.39
CA ASP A 1742 -65.13 -8.21 -5.14
C ASP A 1742 -64.77 -6.93 -4.37
N SER A 1743 -64.83 -5.76 -5.02
CA SER A 1743 -64.57 -4.44 -4.41
C SER A 1743 -65.79 -3.99 -3.60
N TYR A 1744 -67.01 -4.12 -4.18
CA TYR A 1744 -68.29 -3.68 -3.57
C TYR A 1744 -68.81 -4.75 -2.61
N ILE A 1745 -68.86 -6.00 -3.05
CA ILE A 1745 -69.34 -7.16 -2.23
C ILE A 1745 -68.14 -7.88 -1.60
N ASN A 1746 -67.78 -7.45 -0.39
CA ASN A 1746 -66.66 -8.02 0.43
C ASN A 1746 -67.19 -9.18 1.28
N ALA A 1747 -66.30 -9.87 2.00
CA ALA A 1747 -66.56 -11.10 2.79
C ALA A 1747 -67.66 -10.89 3.84
N ASN A 1748 -67.74 -9.72 4.48
CA ASN A 1748 -68.75 -9.42 5.54
C ASN A 1748 -70.14 -9.25 4.93
N THR A 1749 -70.25 -8.74 3.71
CA THR A 1749 -71.52 -8.57 2.97
C THR A 1749 -72.08 -9.95 2.61
N ILE A 1750 -71.24 -10.84 2.11
CA ILE A 1750 -71.58 -12.24 1.70
C ILE A 1750 -72.06 -13.02 2.93
N GLU A 1751 -71.33 -12.92 4.05
CA GLU A 1751 -71.60 -13.65 5.33
C GLU A 1751 -72.88 -13.14 5.99
N THR A 1752 -73.22 -11.85 5.85
CA THR A 1752 -74.43 -11.22 6.41
C THR A 1752 -75.64 -11.42 5.49
N ALA A 1753 -75.45 -11.53 4.16
CA ALA A 1753 -76.53 -11.86 3.21
C ALA A 1753 -76.90 -13.35 3.32
N LYS A 1754 -75.93 -14.21 3.62
CA LYS A 1754 -76.19 -15.66 3.80
C LYS A 1754 -77.06 -15.85 5.07
N MET A 1755 -76.76 -15.11 6.13
CA MET A 1755 -77.50 -15.15 7.42
C MET A 1755 -78.95 -14.71 7.24
N ILE A 1756 -79.20 -13.67 6.44
CA ILE A 1756 -80.56 -13.09 6.21
C ILE A 1756 -81.32 -13.95 5.18
N GLU A 1757 -80.61 -14.73 4.33
CA GLU A 1757 -81.24 -15.65 3.33
C GLU A 1757 -81.70 -16.93 4.04
N ASN A 1758 -80.92 -17.45 5.01
CA ASN A 1758 -81.27 -18.60 5.89
C ASN A 1758 -82.14 -18.14 7.10
N MET A 1759 -83.08 -17.23 6.85
CA MET A 1759 -83.97 -16.61 7.89
C MET A 1759 -85.35 -16.26 7.30
N THR A 1760 -85.50 -16.27 5.96
CA THR A 1760 -86.78 -16.03 5.24
C THR A 1760 -87.74 -17.21 5.52
N LYS A 1761 -89.02 -17.06 5.16
CA LYS A 1761 -90.12 -18.03 5.48
C LYS A 1761 -89.96 -19.34 4.69
N GLU A 1762 -89.21 -19.33 3.57
CA GLU A 1762 -89.05 -20.48 2.63
C GLU A 1762 -87.85 -21.35 3.04
N LYS A 1763 -86.71 -20.73 3.37
CA LYS A 1763 -85.44 -21.44 3.77
C LYS A 1763 -85.69 -22.22 5.08
N VAL A 1764 -86.27 -21.57 6.10
CA VAL A 1764 -86.64 -22.19 7.40
C VAL A 1764 -87.80 -21.41 8.02
N SER A 1765 -88.78 -22.12 8.58
CA SER A 1765 -89.98 -21.56 9.25
C SER A 1765 -90.41 -22.49 10.41
N ASN A 1766 -91.34 -22.02 11.24
CA ASN A 1766 -91.92 -22.75 12.40
C ASN A 1766 -90.84 -22.90 13.48
N GLY A 1767 -90.44 -21.77 14.07
CA GLY A 1767 -89.44 -21.69 15.15
C GLY A 1767 -89.18 -20.25 15.56
N GLY A 1768 -88.69 -20.04 16.80
CA GLY A 1768 -88.28 -18.73 17.32
C GLY A 1768 -87.09 -18.18 16.54
N VAL A 1769 -87.26 -17.03 15.88
CA VAL A 1769 -86.20 -16.32 15.10
C VAL A 1769 -85.84 -15.05 15.88
N GLY A 1770 -84.55 -14.88 16.19
CA GLY A 1770 -83.96 -13.64 16.74
C GLY A 1770 -82.87 -13.12 15.81
N VAL A 1771 -82.88 -11.81 15.57
CA VAL A 1771 -81.78 -11.06 14.90
C VAL A 1771 -81.26 -10.03 15.91
N ASP A 1772 -79.93 -9.92 16.03
CA ASP A 1772 -79.28 -8.87 16.85
C ASP A 1772 -77.99 -8.39 16.17
N VAL A 1773 -77.94 -7.10 15.86
CA VAL A 1773 -76.70 -6.37 15.50
C VAL A 1773 -76.14 -5.69 16.75
N GLU A 1774 -74.81 -5.56 16.83
CA GLU A 1774 -74.07 -4.80 17.87
C GLU A 1774 -72.84 -4.13 17.25
N LEU A 1775 -72.77 -2.79 17.35
CA LEU A 1775 -71.61 -1.95 16.97
C LEU A 1775 -70.37 -2.33 17.80
N ILE A 1776 -69.25 -2.63 17.14
CA ILE A 1776 -68.06 -3.18 17.82
C ILE A 1776 -67.46 -2.11 18.74
N THR A 1777 -67.72 -0.83 18.47
CA THR A 1777 -67.26 0.32 19.30
C THR A 1777 -68.02 0.39 20.64
N SER A 1778 -69.18 -0.28 20.77
CA SER A 1778 -69.97 -0.32 22.03
C SER A 1778 -69.27 -1.21 23.09
N ILE A 1779 -68.43 -2.16 22.64
CA ILE A 1779 -67.72 -3.13 23.53
C ILE A 1779 -66.36 -2.54 23.93
N ASN A 1780 -66.12 -2.43 25.24
CA ASN A 1780 -64.81 -2.09 25.84
C ASN A 1780 -64.19 -3.39 26.40
N VAL A 1781 -63.09 -3.86 25.80
CA VAL A 1781 -62.36 -5.11 26.16
C VAL A 1781 -61.48 -4.89 27.41
N GLU A 1782 -61.32 -3.63 27.84
CA GLU A 1782 -60.58 -3.25 29.08
C GLU A 1782 -61.55 -3.14 30.28
N ASN A 1783 -62.86 -2.95 30.03
CA ASN A 1783 -63.92 -2.89 31.07
C ASN A 1783 -64.15 -4.30 31.61
N ASP A 1784 -63.24 -4.78 32.46
CA ASP A 1784 -63.16 -6.21 32.91
C ASP A 1784 -64.38 -6.62 33.74
N THR A 1785 -65.05 -5.66 34.42
CA THR A 1785 -66.29 -5.86 35.23
C THR A 1785 -67.49 -6.23 34.35
N PHE A 1786 -67.41 -6.01 33.02
CA PHE A 1786 -68.47 -6.32 32.01
C PHE A 1786 -68.17 -7.65 31.31
N ILE A 1787 -66.91 -7.87 30.90
CA ILE A 1787 -66.47 -9.06 30.13
C ILE A 1787 -66.57 -10.31 31.02
N GLU A 1788 -66.01 -10.28 32.24
CA GLU A 1788 -66.04 -11.42 33.21
C GLU A 1788 -67.50 -11.76 33.55
N ARG A 1789 -68.39 -10.75 33.63
CA ARG A 1789 -69.80 -10.89 34.10
C ARG A 1789 -70.66 -11.59 33.04
N ASN A 1790 -70.52 -11.23 31.75
CA ASN A 1790 -71.47 -11.59 30.66
C ASN A 1790 -70.87 -12.64 29.71
N PHE A 1791 -69.62 -13.05 29.93
CA PHE A 1791 -68.91 -14.09 29.13
C PHE A 1791 -68.24 -15.10 30.07
N THR A 1792 -68.19 -16.37 29.62
CA THR A 1792 -67.51 -17.49 30.32
C THR A 1792 -66.02 -17.48 29.95
N PRO A 1793 -65.12 -18.00 30.81
CA PRO A 1793 -63.67 -17.97 30.55
C PRO A 1793 -63.20 -18.75 29.32
N GLN A 1794 -64.06 -19.61 28.76
CA GLN A 1794 -63.85 -20.26 27.44
C GLN A 1794 -64.04 -19.24 26.31
N GLU A 1795 -65.08 -18.39 26.38
CA GLU A 1795 -65.38 -17.36 25.35
C GLU A 1795 -64.32 -16.27 25.38
N ILE A 1796 -63.89 -15.87 26.58
CA ILE A 1796 -62.88 -14.79 26.81
C ILE A 1796 -61.55 -15.21 26.19
N GLU A 1797 -61.10 -16.45 26.43
CA GLU A 1797 -59.80 -16.97 25.92
C GLU A 1797 -59.90 -17.17 24.40
N TYR A 1798 -61.09 -17.48 23.88
CA TYR A 1798 -61.33 -17.61 22.42
C TYR A 1798 -61.23 -16.22 21.75
N CYS A 1799 -62.01 -15.26 22.25
CA CYS A 1799 -62.05 -13.85 21.79
C CYS A 1799 -60.64 -13.24 21.82
N SER A 1800 -59.92 -13.35 22.95
CA SER A 1800 -58.59 -12.71 23.19
C SER A 1800 -57.51 -13.23 22.23
N ALA A 1801 -57.68 -14.44 21.66
CA ALA A 1801 -56.72 -15.06 20.72
C ALA A 1801 -57.03 -14.69 19.26
N GLN A 1802 -58.15 -13.98 19.01
CA GLN A 1802 -58.57 -13.59 17.63
C GLN A 1802 -57.75 -12.36 17.20
N PRO A 1803 -57.69 -12.04 15.88
CA PRO A 1803 -57.01 -10.83 15.40
C PRO A 1803 -57.60 -9.52 15.97
N SER A 1804 -58.90 -9.27 15.74
CA SER A 1804 -59.68 -8.12 16.28
C SER A 1804 -60.50 -8.60 17.48
N VAL A 1805 -59.94 -8.48 18.69
CA VAL A 1805 -60.59 -8.92 19.96
C VAL A 1805 -61.95 -8.21 20.04
N GLN A 1806 -61.96 -6.89 19.84
CA GLN A 1806 -63.17 -6.07 20.01
C GLN A 1806 -64.32 -6.59 19.13
N SER A 1807 -64.02 -6.94 17.88
CA SER A 1807 -65.01 -7.35 16.83
C SER A 1807 -65.52 -8.76 17.11
N SER A 1808 -64.64 -9.65 17.61
CA SER A 1808 -64.97 -11.01 18.10
C SER A 1808 -65.96 -10.90 19.28
N PHE A 1809 -65.56 -10.22 20.36
CA PHE A 1809 -66.42 -10.02 21.56
C PHE A 1809 -67.80 -9.47 21.17
N ALA A 1810 -67.86 -8.65 20.12
CA ALA A 1810 -69.12 -8.06 19.60
C ALA A 1810 -69.95 -9.15 18.91
N GLY A 1811 -69.28 -10.02 18.15
CA GLY A 1811 -69.88 -11.21 17.51
C GLY A 1811 -70.50 -12.14 18.53
N THR A 1812 -69.73 -12.56 19.53
CA THR A 1812 -70.18 -13.40 20.67
C THR A 1812 -71.39 -12.72 21.34
N TRP A 1813 -71.23 -11.47 21.77
CA TRP A 1813 -72.30 -10.71 22.47
C TRP A 1813 -73.59 -10.69 21.65
N SER A 1814 -73.51 -10.55 20.33
CA SER A 1814 -74.70 -10.49 19.42
C SER A 1814 -75.35 -11.88 19.37
N ALA A 1815 -74.55 -12.94 19.27
CA ALA A 1815 -74.97 -14.35 19.32
C ALA A 1815 -75.86 -14.54 20.55
N LYS A 1816 -75.34 -14.25 21.74
CA LYS A 1816 -76.03 -14.40 23.05
C LYS A 1816 -77.34 -13.63 23.03
N GLU A 1817 -77.32 -12.39 22.54
CA GLU A 1817 -78.51 -11.49 22.47
C GLU A 1817 -79.53 -12.04 21.47
N ALA A 1818 -79.10 -12.58 20.33
CA ALA A 1818 -79.98 -13.13 19.26
C ALA A 1818 -80.60 -14.45 19.72
N VAL A 1819 -79.80 -15.31 20.36
CA VAL A 1819 -80.26 -16.57 21.03
C VAL A 1819 -81.33 -16.23 22.07
N PHE A 1820 -81.07 -15.28 22.98
CA PHE A 1820 -82.01 -14.85 24.05
C PHE A 1820 -83.31 -14.30 23.45
N LYS A 1821 -83.24 -13.58 22.32
CA LYS A 1821 -84.42 -12.98 21.62
C LYS A 1821 -85.21 -14.06 20.86
N SER A 1822 -84.54 -15.15 20.45
CA SER A 1822 -85.17 -16.31 19.75
C SER A 1822 -86.01 -17.13 20.74
N LEU A 1823 -85.45 -17.42 21.92
CA LEU A 1823 -86.12 -18.18 23.03
C LEU A 1823 -87.41 -17.44 23.45
N GLY A 1824 -87.35 -16.11 23.57
CA GLY A 1824 -88.48 -15.22 23.92
C GLY A 1824 -88.94 -15.40 25.37
N VAL A 1825 -88.01 -15.28 26.32
CA VAL A 1825 -88.21 -15.61 27.77
C VAL A 1825 -87.93 -14.37 28.64
N ALA A 1833 -77.97 -11.84 34.45
CA ALA A 1833 -76.98 -11.71 33.36
C ALA A 1833 -77.27 -12.74 32.24
N LEU A 1834 -76.53 -12.64 31.12
CA LEU A 1834 -76.66 -13.50 29.91
C LEU A 1834 -75.41 -14.40 29.75
N LYS A 1835 -74.62 -14.60 30.80
CA LYS A 1835 -73.47 -15.55 30.84
C LYS A 1835 -73.96 -16.98 30.66
N ASP A 1836 -75.18 -17.24 31.16
CA ASP A 1836 -75.94 -18.52 31.04
C ASP A 1836 -75.84 -19.04 29.59
N ILE A 1837 -76.27 -18.25 28.60
CA ILE A 1837 -76.21 -18.60 27.15
C ILE A 1837 -74.73 -18.67 26.77
N GLU A 1838 -74.14 -19.87 26.79
CA GLU A 1838 -72.76 -20.11 26.32
C GLU A 1838 -72.79 -20.19 24.78
N ILE A 1839 -71.70 -19.77 24.13
CA ILE A 1839 -71.43 -19.96 22.68
C ILE A 1839 -70.02 -20.57 22.58
N VAL A 1840 -69.90 -21.74 21.95
CA VAL A 1840 -68.59 -22.37 21.61
C VAL A 1840 -68.34 -22.16 20.11
N ARG A 1841 -67.18 -21.62 19.76
CA ARG A 1841 -66.76 -21.35 18.36
C ARG A 1841 -65.40 -22.00 18.12
N VAL A 1842 -65.27 -22.68 16.97
CA VAL A 1842 -64.01 -23.27 16.44
C VAL A 1842 -63.70 -22.53 15.14
N ASN A 1843 -62.41 -22.34 14.82
CA ASN A 1843 -61.94 -21.60 13.61
C ASN A 1843 -62.52 -22.26 12.36
N LYS A 1844 -62.94 -21.44 11.38
CA LYS A 1844 -63.59 -21.82 10.08
C LYS A 1844 -64.63 -22.93 10.31
N ASN A 1845 -65.41 -22.85 11.39
CA ASN A 1845 -66.47 -23.83 11.78
C ASN A 1845 -67.63 -23.02 12.39
N ALA A 1846 -68.87 -23.39 12.07
CA ALA A 1846 -70.11 -22.71 12.53
C ALA A 1846 -70.15 -22.72 14.06
N PRO A 1847 -70.52 -21.59 14.71
CA PRO A 1847 -70.61 -21.55 16.17
C PRO A 1847 -71.78 -22.41 16.65
N ALA A 1848 -71.68 -22.98 17.85
CA ALA A 1848 -72.68 -23.88 18.47
C ALA A 1848 -73.11 -23.31 19.83
N VAL A 1849 -74.40 -23.46 20.15
CA VAL A 1849 -75.04 -22.92 21.39
C VAL A 1849 -75.11 -24.06 22.41
N GLU A 1850 -74.21 -24.07 23.39
CA GLU A 1850 -74.36 -24.84 24.65
C GLU A 1850 -75.06 -23.92 25.65
N LEU A 1851 -76.19 -24.35 26.22
CA LEU A 1851 -77.01 -23.55 27.16
C LEU A 1851 -76.90 -24.18 28.56
N HIS A 1852 -76.65 -23.39 29.61
CA HIS A 1852 -76.22 -23.86 30.96
C HIS A 1852 -77.25 -23.47 32.03
N GLY A 1853 -77.49 -22.17 32.24
CA GLY A 1853 -78.12 -21.64 33.47
C GLY A 1853 -79.65 -21.69 33.45
N ASN A 1854 -80.30 -20.63 33.93
CA ASN A 1854 -81.78 -20.52 34.10
C ASN A 1854 -82.47 -20.42 32.74
N ALA A 1855 -81.74 -20.02 31.69
CA ALA A 1855 -82.21 -20.01 30.29
C ALA A 1855 -82.41 -21.45 29.78
N LYS A 1856 -81.68 -22.44 30.33
CA LYS A 1856 -81.88 -23.89 30.04
C LYS A 1856 -83.31 -24.27 30.45
N LYS A 1857 -83.69 -23.94 31.70
CA LYS A 1857 -85.07 -24.14 32.24
C LYS A 1857 -86.07 -23.39 31.34
N ALA A 1858 -85.80 -22.12 31.04
CA ALA A 1858 -86.68 -21.20 30.27
C ALA A 1858 -86.94 -21.72 28.85
N ALA A 1859 -85.97 -22.44 28.25
CA ALA A 1859 -86.06 -23.06 26.90
C ALA A 1859 -86.92 -24.33 26.94
N GLU A 1860 -86.88 -25.06 28.06
CA GLU A 1860 -87.69 -26.29 28.32
C GLU A 1860 -89.14 -25.91 28.64
N GLU A 1861 -89.39 -24.69 29.12
CA GLU A 1861 -90.76 -24.12 29.38
C GLU A 1861 -91.47 -23.81 28.05
N ALA A 1862 -90.72 -23.33 27.04
CA ALA A 1862 -91.19 -23.04 25.67
C ALA A 1862 -91.07 -24.30 24.79
N GLY A 1863 -90.38 -25.34 25.26
CA GLY A 1863 -90.22 -26.64 24.58
C GLY A 1863 -89.27 -26.55 23.40
N VAL A 1864 -88.14 -25.85 23.57
CA VAL A 1864 -87.11 -25.61 22.53
C VAL A 1864 -85.94 -26.59 22.78
N THR A 1865 -85.65 -27.43 21.79
CA THR A 1865 -84.60 -28.48 21.82
C THR A 1865 -83.30 -27.93 21.21
N ASP A 1866 -83.32 -27.66 19.90
CA ASP A 1866 -82.16 -27.23 19.07
C ASP A 1866 -82.17 -25.69 18.94
N VAL A 1867 -81.02 -25.04 19.19
CA VAL A 1867 -80.77 -23.59 18.94
C VAL A 1867 -79.47 -23.47 18.13
N LYS A 1868 -79.57 -23.09 16.85
CA LYS A 1868 -78.40 -22.78 15.98
C LYS A 1868 -78.31 -21.26 15.82
N VAL A 1869 -77.09 -20.76 15.62
CA VAL A 1869 -76.75 -19.31 15.49
C VAL A 1869 -75.77 -19.18 14.32
N SER A 1870 -75.86 -18.09 13.54
CA SER A 1870 -74.86 -17.67 12.53
C SER A 1870 -74.26 -16.32 12.97
N ILE A 1871 -72.96 -16.10 12.70
CA ILE A 1871 -72.20 -14.87 13.13
C ILE A 1871 -71.48 -14.26 11.93
N SER A 1872 -71.74 -12.98 11.67
CA SER A 1872 -70.87 -12.09 10.85
C SER A 1872 -70.43 -10.93 11.73
N HIS A 1873 -69.16 -10.52 11.60
CA HIS A 1873 -68.53 -9.39 12.32
C HIS A 1873 -67.37 -8.84 11.46
N ASP A 1874 -67.16 -7.52 11.54
CA ASP A 1874 -66.11 -6.77 10.83
C ASP A 1874 -65.69 -5.56 11.68
N ASP A 1875 -65.14 -4.52 11.06
CA ASP A 1875 -64.60 -3.29 11.72
C ASP A 1875 -65.73 -2.41 12.31
N LEU A 1876 -67.00 -2.62 11.91
CA LEU A 1876 -68.13 -1.71 12.26
C LEU A 1876 -69.08 -2.37 13.25
N GLN A 1877 -69.65 -3.51 12.86
CA GLN A 1877 -70.81 -4.15 13.54
C GLN A 1877 -70.73 -5.67 13.44
N ALA A 1878 -71.28 -6.34 14.45
CA ALA A 1878 -71.48 -7.81 14.52
C ALA A 1878 -72.99 -8.10 14.51
N VAL A 1879 -73.44 -8.80 13.47
CA VAL A 1879 -74.83 -9.33 13.32
C VAL A 1879 -74.81 -10.79 13.72
N ALA A 1880 -75.84 -11.22 14.45
CA ALA A 1880 -76.12 -12.64 14.82
C ALA A 1880 -77.59 -12.97 14.56
N VAL A 1881 -77.84 -14.06 13.84
CA VAL A 1881 -79.19 -14.62 13.60
C VAL A 1881 -79.24 -15.99 14.29
N ALA A 1882 -80.12 -16.13 15.29
CA ALA A 1882 -80.38 -17.38 16.06
C ALA A 1882 -81.76 -17.92 15.68
N VAL A 1883 -81.82 -19.18 15.24
CA VAL A 1883 -83.08 -19.95 14.97
C VAL A 1883 -83.18 -21.02 16.06
N SER A 1884 -84.25 -20.98 16.86
CA SER A 1884 -84.54 -21.91 17.97
C SER A 1884 -85.79 -22.73 17.63
N THR A 1885 -85.62 -24.00 17.22
CA THR A 1885 -86.69 -24.93 16.78
C THR A 1885 -87.30 -25.63 18.00
N LYS A 1886 -88.61 -25.90 17.95
CA LYS A 1886 -89.41 -26.53 19.05
C LYS A 1886 -89.65 -28.02 18.73
N ILE B 140 -1.43 29.33 -17.02
CA ILE B 140 -0.77 27.98 -16.88
C ILE B 140 -1.64 27.08 -15.96
N ALA B 141 -1.11 25.96 -15.47
CA ALA B 141 -1.79 25.01 -14.55
C ALA B 141 -1.98 25.66 -13.17
N ASP B 142 -3.22 25.81 -12.71
CA ASP B 142 -3.59 26.46 -11.42
C ASP B 142 -3.53 25.41 -10.30
N GLU B 143 -2.68 25.64 -9.29
CA GLU B 143 -2.53 24.75 -8.09
C GLU B 143 -2.79 25.58 -6.84
N PRO B 144 -3.58 25.08 -5.85
CA PRO B 144 -3.69 25.73 -4.55
C PRO B 144 -2.37 25.58 -3.77
N VAL B 145 -1.96 26.61 -3.01
CA VAL B 145 -0.70 26.61 -2.20
C VAL B 145 -0.75 25.39 -1.27
N LYS B 146 0.37 24.66 -1.16
CA LYS B 146 0.48 23.49 -0.25
C LYS B 146 0.63 24.01 1.19
N ALA B 147 0.11 23.27 2.16
CA ALA B 147 0.25 23.54 3.62
C ALA B 147 1.75 23.56 3.99
N SER B 148 2.54 22.70 3.33
CA SER B 148 4.01 22.53 3.55
C SER B 148 4.78 23.82 3.25
N LEU B 149 4.31 24.62 2.29
CA LEU B 149 4.89 25.95 1.93
C LEU B 149 4.36 27.03 2.89
N LEU B 150 3.04 27.07 3.11
CA LEU B 150 2.37 28.02 4.04
C LEU B 150 3.02 27.92 5.42
N LEU B 151 3.05 26.71 5.99
CA LEU B 151 3.66 26.41 7.31
C LEU B 151 5.09 26.92 7.32
N HIS B 152 5.90 26.52 6.34
CA HIS B 152 7.32 26.95 6.20
C HIS B 152 7.40 28.48 6.31
N VAL B 153 6.65 29.20 5.47
CA VAL B 153 6.70 30.69 5.34
C VAL B 153 6.33 31.35 6.68
N LEU B 154 5.30 30.84 7.36
CA LEU B 154 4.77 31.41 8.63
C LEU B 154 5.83 31.30 9.73
N VAL B 155 6.45 30.13 9.87
CA VAL B 155 7.58 29.88 10.81
C VAL B 155 8.72 30.82 10.42
N ALA B 156 9.20 30.72 9.18
CA ALA B 156 10.36 31.50 8.67
C ALA B 156 10.18 33.00 8.95
N HIS B 157 8.99 33.54 8.69
CA HIS B 157 8.69 35.00 8.86
C HIS B 157 8.70 35.36 10.35
N LYS B 158 8.16 34.50 11.21
CA LYS B 158 8.06 34.74 12.67
C LYS B 158 9.47 34.76 13.30
N LEU B 159 10.38 33.90 12.84
CA LEU B 159 11.77 33.77 13.37
C LEU B 159 12.71 34.78 12.68
N LYS B 160 12.25 35.39 11.57
CA LYS B 160 12.96 36.44 10.77
C LYS B 160 14.19 35.83 10.09
N LYS B 161 14.02 34.62 9.53
CA LYS B 161 15.08 33.83 8.84
C LYS B 161 14.55 33.40 7.47
N SER B 162 15.45 33.14 6.50
CA SER B 162 15.11 32.67 5.13
C SER B 162 14.62 31.22 5.20
N LEU B 163 13.86 30.78 4.17
CA LEU B 163 13.19 29.45 4.13
C LEU B 163 14.24 28.33 4.20
N ASP B 164 15.36 28.47 3.48
CA ASP B 164 16.49 27.50 3.44
C ASP B 164 17.19 27.43 4.81
N SER B 165 17.21 28.53 5.58
CA SER B 165 17.80 28.61 6.95
C SER B 165 16.97 27.77 7.94
N ILE B 166 15.66 27.62 7.67
CA ILE B 166 14.69 26.77 8.44
C ILE B 166 14.66 25.39 7.79
N PRO B 167 15.23 24.34 8.43
CA PRO B 167 15.08 22.96 7.97
C PRO B 167 13.82 22.29 8.53
N MET B 168 13.15 21.46 7.72
CA MET B 168 11.87 20.80 8.09
C MET B 168 12.11 19.76 9.19
N SER B 169 13.22 19.02 9.13
CA SER B 169 13.58 17.93 10.09
C SER B 169 13.40 18.38 11.54
N LYS B 170 13.87 19.59 11.87
CA LYS B 170 13.84 20.17 13.24
C LYS B 170 12.39 20.43 13.66
N THR B 171 12.14 20.38 14.96
CA THR B 171 10.84 20.70 15.62
C THR B 171 10.78 22.20 15.87
N ILE B 172 9.58 22.74 16.07
CA ILE B 172 9.35 24.16 16.48
C ILE B 172 10.18 24.46 17.75
N LYS B 173 10.15 23.57 18.76
CA LYS B 173 10.82 23.75 20.09
C LYS B 173 12.34 23.85 19.94
N ASP B 174 12.91 23.10 19.00
CA ASP B 174 14.36 23.14 18.66
C ASP B 174 14.68 24.51 18.07
N LEU B 175 13.89 24.95 17.07
CA LEU B 175 14.18 26.14 16.22
C LEU B 175 14.18 27.43 17.06
N VAL B 176 13.16 27.61 17.92
CA VAL B 176 12.96 28.81 18.79
C VAL B 176 14.17 29.01 19.71
N GLY B 177 14.71 27.92 20.27
CA GLY B 177 15.95 27.91 21.07
C GLY B 177 15.71 28.30 22.53
N GLY B 178 14.73 27.66 23.18
CA GLY B 178 14.43 27.81 24.63
C GLY B 178 13.68 29.10 24.98
N LYS B 179 13.04 29.74 23.99
CA LYS B 179 12.19 30.95 24.16
C LYS B 179 10.74 30.55 23.95
N SER B 180 10.07 30.18 25.03
CA SER B 180 8.70 29.71 24.95
C SER B 180 7.68 30.74 24.44
N THR B 181 8.01 32.02 24.58
CA THR B 181 7.15 33.11 24.14
C THR B 181 6.95 33.01 22.62
N VAL B 182 8.06 32.99 21.87
CA VAL B 182 8.08 32.90 20.38
C VAL B 182 7.45 31.58 19.92
N GLN B 183 7.72 30.49 20.64
CA GLN B 183 7.09 29.17 20.39
C GLN B 183 5.57 29.33 20.40
N ASN B 184 5.03 29.93 21.46
CA ASN B 184 3.57 30.13 21.67
C ASN B 184 3.00 31.10 20.64
N GLU B 185 3.81 32.03 20.11
CA GLU B 185 3.40 33.00 19.05
C GLU B 185 3.25 32.26 17.72
N ILE B 186 4.17 31.33 17.42
CA ILE B 186 4.11 30.49 16.19
C ILE B 186 2.87 29.59 16.30
N LEU B 187 2.73 28.84 17.40
CA LEU B 187 1.58 27.92 17.66
C LEU B 187 0.23 28.64 17.49
N GLY B 188 0.12 29.86 18.02
CA GLY B 188 -1.07 30.72 17.91
C GLY B 188 -1.36 31.07 16.46
N ASP B 189 -0.33 31.41 15.68
CA ASP B 189 -0.41 31.79 14.24
C ASP B 189 -0.84 30.59 13.38
N LEU B 190 -0.30 29.41 13.65
CA LEU B 190 -0.68 28.14 12.95
C LEU B 190 -2.10 27.74 13.35
N GLY B 191 -2.44 27.83 14.63
CA GLY B 191 -3.80 27.55 15.15
C GLY B 191 -4.84 28.46 14.54
N LYS B 192 -4.51 29.74 14.35
CA LYS B 192 -5.36 30.75 13.66
C LYS B 192 -5.51 30.38 12.18
N GLU B 193 -4.39 30.03 11.50
CA GLU B 193 -4.30 29.79 10.03
C GLU B 193 -5.01 28.49 9.62
N PHE B 194 -4.75 27.39 10.31
CA PHE B 194 -5.25 26.03 9.95
C PHE B 194 -6.51 25.67 10.75
N GLY B 195 -6.91 26.51 11.72
CA GLY B 195 -8.09 26.28 12.58
C GLY B 195 -7.78 25.36 13.75
N THR B 196 -7.50 24.07 13.47
CA THR B 196 -7.13 23.03 14.46
C THR B 196 -5.60 22.85 14.46
N THR B 197 -5.08 22.28 15.54
CA THR B 197 -3.66 21.88 15.73
C THR B 197 -3.64 20.40 16.12
N PRO B 198 -2.52 19.67 15.92
CA PRO B 198 -2.32 18.36 16.56
C PRO B 198 -2.28 18.44 18.10
N GLU B 199 -2.00 17.32 18.78
CA GLU B 199 -2.04 17.20 20.26
C GLU B 199 -0.69 17.65 20.86
N LYS B 200 0.43 17.34 20.20
CA LYS B 200 1.81 17.72 20.61
C LYS B 200 2.51 18.44 19.45
N PRO B 201 2.09 19.68 19.08
CA PRO B 201 2.75 20.41 17.99
C PRO B 201 4.19 20.86 18.25
N GLU B 202 4.60 20.91 19.54
CA GLU B 202 5.93 21.35 20.00
C GLU B 202 7.01 20.34 19.56
N GLU B 203 6.77 19.04 19.79
CA GLU B 203 7.76 17.94 19.59
C GLU B 203 7.64 17.34 18.19
N THR B 204 6.54 17.61 17.47
CA THR B 204 6.29 17.11 16.09
C THR B 204 7.14 17.94 15.13
N PRO B 205 7.97 17.30 14.25
CA PRO B 205 8.70 18.01 13.20
C PRO B 205 7.81 18.70 12.15
N LEU B 206 8.33 19.73 11.48
CA LEU B 206 7.55 20.59 10.54
C LEU B 206 6.94 19.78 9.38
N GLU B 207 7.64 18.77 8.84
CA GLU B 207 7.14 17.95 7.70
C GLU B 207 5.93 17.12 8.16
N GLU B 208 5.91 16.71 9.44
CA GLU B 208 4.84 15.88 10.06
C GLU B 208 3.63 16.75 10.47
N LEU B 209 3.84 18.04 10.72
CA LEU B 209 2.76 19.04 10.92
C LEU B 209 2.14 19.39 9.57
N ALA B 210 2.96 19.61 8.52
CA ALA B 210 2.53 19.98 7.15
C ALA B 210 1.66 18.86 6.56
N GLU B 211 2.00 17.59 6.87
CA GLU B 211 1.22 16.40 6.43
C GLU B 211 -0.06 16.28 7.26
N THR B 212 -0.02 16.59 8.57
CA THR B 212 -1.20 16.55 9.48
C THR B 212 -2.20 17.65 9.11
N PHE B 213 -1.72 18.82 8.66
CA PHE B 213 -2.58 19.94 8.20
C PHE B 213 -3.15 19.64 6.80
N GLN B 214 -2.39 19.01 5.89
CA GLN B 214 -2.83 18.77 4.47
C GLN B 214 -4.09 17.91 4.41
N ASP B 215 -4.25 16.98 5.36
CA ASP B 215 -5.44 16.09 5.51
C ASP B 215 -6.74 16.92 5.61
N THR B 216 -6.70 18.08 6.26
CA THR B 216 -7.85 19.00 6.54
C THR B 216 -7.65 20.39 5.90
N PHE B 217 -6.53 20.64 5.22
CA PHE B 217 -6.25 21.94 4.54
C PHE B 217 -6.93 21.91 3.17
N SER B 218 -7.57 23.03 2.81
CA SER B 218 -8.31 23.23 1.54
C SER B 218 -7.36 23.70 0.43
N GLY B 219 -6.72 24.86 0.64
CA GLY B 219 -5.90 25.56 -0.37
C GLY B 219 -6.03 27.08 -0.28
N ALA B 220 -7.09 27.59 0.35
CA ALA B 220 -7.31 29.02 0.65
C ALA B 220 -6.30 29.49 1.71
N LEU B 221 -5.82 30.72 1.57
CA LEU B 221 -4.78 31.34 2.44
C LEU B 221 -5.24 31.29 3.90
N GLY B 222 -6.32 32.01 4.23
CA GLY B 222 -6.91 32.07 5.58
C GLY B 222 -6.84 33.48 6.15
N LYS B 223 -6.87 33.59 7.48
CA LYS B 223 -7.03 34.87 8.23
C LYS B 223 -5.67 35.47 8.60
N GLN B 224 -4.59 34.67 8.61
CA GLN B 224 -3.22 35.08 9.03
C GLN B 224 -2.40 35.48 7.79
N SER B 225 -2.33 34.60 6.79
CA SER B 225 -1.59 34.82 5.51
C SER B 225 -2.10 36.11 4.85
N SER B 226 -3.43 36.25 4.70
CA SER B 226 -4.12 37.41 4.07
C SER B 226 -3.69 38.72 4.72
N SER B 227 -3.66 38.76 6.05
CA SER B 227 -3.31 39.97 6.85
C SER B 227 -1.81 40.27 6.70
N LEU B 228 -0.94 39.25 6.73
CA LEU B 228 0.54 39.40 6.60
C LEU B 228 0.90 39.96 5.22
N LEU B 229 0.24 39.47 4.16
CA LEU B 229 0.45 39.93 2.75
C LEU B 229 0.01 41.40 2.61
N SER B 230 -1.16 41.76 3.16
CA SER B 230 -1.67 43.16 3.21
C SER B 230 -0.66 44.08 3.90
N ARG B 231 -0.01 43.63 4.98
CA ARG B 231 1.00 44.40 5.75
C ARG B 231 2.33 44.47 5.00
N LEU B 232 2.70 43.39 4.29
CA LEU B 232 3.87 43.39 3.37
C LEU B 232 3.65 44.44 2.28
N ILE B 233 2.54 44.33 1.54
CA ILE B 233 2.25 45.17 0.33
C ILE B 233 2.18 46.65 0.75
N SER B 234 1.34 46.97 1.74
CA SER B 234 1.17 48.36 2.26
C SER B 234 2.52 48.95 2.67
N SER B 235 3.33 48.22 3.47
CA SER B 235 4.58 48.70 4.12
C SER B 235 5.79 48.73 3.16
N LYS B 236 5.78 47.96 2.06
CA LYS B 236 6.97 47.78 1.18
C LYS B 236 6.76 48.25 -0.27
N MET B 237 5.53 48.27 -0.79
CA MET B 237 5.26 48.68 -2.18
C MET B 237 5.14 50.20 -2.24
N PRO B 238 5.49 50.85 -3.38
CA PRO B 238 5.37 52.30 -3.52
C PRO B 238 3.90 52.77 -3.55
N GLY B 239 3.64 53.99 -3.04
CA GLY B 239 2.29 54.60 -2.92
C GLY B 239 1.58 54.65 -4.26
N GLY B 240 0.61 53.74 -4.47
CA GLY B 240 -0.11 53.54 -5.74
C GLY B 240 -0.20 52.07 -6.10
N PHE B 241 0.81 51.28 -5.72
CA PHE B 241 0.86 49.79 -5.88
C PHE B 241 0.09 49.14 -4.72
N THR B 242 -1.02 48.44 -5.05
CA THR B 242 -1.85 47.65 -4.11
C THR B 242 -1.62 46.15 -4.39
N ILE B 243 -2.23 45.29 -3.56
CA ILE B 243 -2.20 43.80 -3.71
C ILE B 243 -2.73 43.44 -5.11
N THR B 244 -3.85 44.05 -5.56
CA THR B 244 -4.56 43.71 -6.81
C THR B 244 -3.68 44.00 -8.04
N VAL B 245 -2.80 45.01 -7.93
CA VAL B 245 -1.81 45.38 -9.00
C VAL B 245 -0.72 44.28 -9.08
N ALA B 246 -0.29 43.75 -7.93
CA ALA B 246 0.66 42.61 -7.83
C ALA B 246 0.05 41.37 -8.49
N ARG B 247 -1.21 41.08 -8.16
CA ARG B 247 -2.00 39.93 -8.68
C ARG B 247 -2.15 40.08 -10.19
N LYS B 248 -2.45 41.30 -10.65
CA LYS B 248 -2.55 41.64 -12.10
C LYS B 248 -1.19 41.37 -12.76
N TYR B 249 -0.11 42.00 -12.26
CA TYR B 249 1.27 41.89 -12.82
C TYR B 249 1.68 40.42 -12.97
N LEU B 250 1.37 39.58 -11.97
CA LEU B 250 1.70 38.13 -11.98
C LEU B 250 0.84 37.38 -13.01
N GLN B 251 -0.41 37.81 -13.24
CA GLN B 251 -1.36 37.20 -14.22
C GLN B 251 -0.99 37.61 -15.66
N THR B 252 -0.39 38.79 -15.85
CA THR B 252 -0.05 39.36 -17.19
C THR B 252 1.39 38.98 -17.57
N ARG B 253 2.39 39.45 -16.80
CA ARG B 253 3.83 39.26 -17.11
C ARG B 253 4.15 37.77 -17.16
N TRP B 254 3.86 37.05 -16.07
CA TRP B 254 4.23 35.61 -15.87
C TRP B 254 3.10 34.69 -16.35
N GLY B 255 1.84 35.13 -16.22
CA GLY B 255 0.64 34.34 -16.54
C GLY B 255 0.26 33.39 -15.41
N LEU B 256 0.79 33.60 -14.20
CA LEU B 256 0.50 32.75 -13.01
C LEU B 256 -0.94 33.02 -12.55
N PRO B 257 -1.80 31.99 -12.42
CA PRO B 257 -3.17 32.17 -11.91
C PRO B 257 -3.20 32.39 -10.39
N SER B 258 -4.40 32.67 -9.85
CA SER B 258 -4.65 33.12 -8.45
C SER B 258 -4.05 32.14 -7.42
N GLY B 259 -4.15 30.83 -7.67
CA GLY B 259 -3.61 29.77 -6.78
C GLY B 259 -2.10 29.85 -6.65
N ARG B 260 -1.39 30.17 -7.73
CA ARG B 260 0.10 30.27 -7.79
C ARG B 260 0.55 31.73 -7.54
N GLN B 261 -0.33 32.72 -7.68
CA GLN B 261 -0.09 34.12 -7.23
C GLN B 261 0.10 34.11 -5.71
N ASP B 262 -0.82 33.46 -4.99
CA ASP B 262 -0.83 33.29 -3.51
C ASP B 262 0.49 32.67 -3.05
N GLY B 263 1.03 31.71 -3.80
CA GLY B 263 2.33 31.06 -3.56
C GLY B 263 3.49 32.04 -3.71
N VAL B 264 3.48 32.85 -4.77
CA VAL B 264 4.54 33.85 -5.06
C VAL B 264 4.54 34.93 -3.96
N LEU B 265 3.34 35.41 -3.59
CA LEU B 265 3.12 36.39 -2.49
C LEU B 265 3.64 35.84 -1.17
N LEU B 266 3.52 34.53 -0.92
CA LEU B 266 4.06 33.87 0.31
C LEU B 266 5.59 33.83 0.25
N VAL B 267 6.16 33.57 -0.92
CA VAL B 267 7.63 33.63 -1.12
C VAL B 267 8.11 35.09 -0.98
N ALA B 268 7.30 36.07 -1.40
CA ALA B 268 7.57 37.52 -1.25
C ALA B 268 7.61 37.90 0.23
N LEU B 269 6.73 37.30 1.03
CA LEU B 269 6.63 37.51 2.50
C LEU B 269 7.90 36.97 3.17
N SER B 270 8.34 35.77 2.80
CA SER B 270 9.51 35.07 3.40
C SER B 270 10.80 35.87 3.21
N ASN B 271 10.92 36.62 2.11
CA ASN B 271 12.15 37.40 1.75
C ASN B 271 11.85 38.90 1.81
N GLU B 272 11.02 39.33 2.76
CA GLU B 272 10.61 40.74 2.99
C GLU B 272 11.87 41.63 2.90
N PRO B 273 11.88 42.68 2.04
CA PRO B 273 13.01 43.61 1.99
C PRO B 273 13.08 44.54 3.22
N ALA B 274 14.20 45.26 3.40
CA ALA B 274 14.48 46.10 4.59
C ALA B 274 13.60 47.36 4.60
N ALA B 275 13.67 48.16 3.53
CA ALA B 275 12.97 49.45 3.35
C ALA B 275 12.08 49.42 2.10
N ARG B 276 10.98 50.19 2.13
CA ARG B 276 9.98 50.30 1.04
C ARG B 276 10.71 50.56 -0.29
N LEU B 277 10.32 49.81 -1.32
CA LEU B 277 10.87 49.90 -2.70
C LEU B 277 10.46 51.25 -3.31
N GLY B 278 11.44 52.05 -3.74
CA GLY B 278 11.30 53.48 -4.12
C GLY B 278 10.40 53.70 -5.33
N SER B 279 10.51 52.86 -6.37
CA SER B 279 9.82 53.01 -7.68
C SER B 279 9.00 51.75 -8.04
N GLU B 280 8.22 51.83 -9.12
CA GLU B 280 7.37 50.74 -9.69
C GLU B 280 8.26 49.66 -10.33
N ALA B 281 9.36 50.07 -10.99
CA ALA B 281 10.24 49.19 -11.83
C ALA B 281 11.03 48.20 -10.98
N ASP B 282 11.54 48.62 -9.82
CA ASP B 282 12.27 47.76 -8.84
C ASP B 282 11.28 46.92 -8.02
N ALA B 283 10.00 47.34 -7.93
CA ALA B 283 8.87 46.57 -7.31
C ALA B 283 8.43 45.43 -8.22
N LYS B 284 8.41 45.65 -9.54
CA LYS B 284 8.15 44.60 -10.56
C LYS B 284 9.37 43.66 -10.67
N ALA B 285 10.60 44.19 -10.50
CA ALA B 285 11.88 43.42 -10.49
C ALA B 285 11.97 42.51 -9.26
N PHE B 286 11.41 42.94 -8.11
CA PHE B 286 11.28 42.13 -6.87
C PHE B 286 10.28 40.99 -7.13
N LEU B 287 9.07 41.29 -7.61
CA LEU B 287 8.00 40.30 -7.96
C LEU B 287 8.53 39.26 -8.94
N ASP B 288 9.42 39.67 -9.86
CA ASP B 288 10.12 38.76 -10.83
C ASP B 288 11.03 37.80 -10.05
N SER B 289 11.86 38.32 -9.13
CA SER B 289 12.83 37.52 -8.32
C SER B 289 12.10 36.51 -7.42
N MET B 290 10.87 36.82 -7.00
CA MET B 290 9.99 35.99 -6.11
C MET B 290 9.26 34.92 -6.94
N ALA B 291 8.89 35.25 -8.19
CA ALA B 291 8.31 34.32 -9.17
C ALA B 291 9.33 33.21 -9.49
N GLN B 292 10.59 33.58 -9.75
CA GLN B 292 11.74 32.66 -10.03
C GLN B 292 12.00 31.78 -8.81
N LYS B 293 12.01 32.36 -7.60
CA LYS B 293 12.17 31.62 -6.32
C LYS B 293 11.03 30.63 -6.14
N TYR B 294 9.78 31.06 -6.35
CA TYR B 294 8.54 30.24 -6.23
C TYR B 294 8.58 29.09 -7.23
N ALA B 295 8.97 29.39 -8.47
CA ALA B 295 9.09 28.43 -9.59
C ALA B 295 10.19 27.39 -9.28
N SER B 296 11.30 27.81 -8.66
CA SER B 296 12.43 26.92 -8.25
C SER B 296 11.96 25.92 -7.17
N ILE B 297 11.34 26.41 -6.08
CA ILE B 297 10.97 25.60 -4.88
C ILE B 297 9.84 24.62 -5.22
N VAL B 298 8.82 25.06 -5.98
CA VAL B 298 7.63 24.24 -6.37
C VAL B 298 8.01 23.31 -7.53
N GLY B 299 8.88 23.75 -8.43
CA GLY B 299 9.35 22.98 -9.62
C GLY B 299 8.48 23.26 -10.84
N VAL B 300 8.46 24.52 -11.28
CA VAL B 300 7.73 25.05 -12.49
C VAL B 300 8.76 25.77 -13.39
N ASP B 301 8.48 25.90 -14.69
CA ASP B 301 9.31 26.68 -15.66
C ASP B 301 8.48 27.88 -16.16
N LEU B 302 9.07 29.09 -16.07
CA LEU B 302 8.44 30.38 -16.47
C LEU B 302 9.00 30.83 -17.83
N SER C 5 55.75 -48.82 -59.05
CA SER C 5 56.05 -47.86 -60.17
C SER C 5 54.76 -47.22 -60.68
N THR C 6 54.29 -46.15 -60.01
CA THR C 6 52.98 -45.46 -60.27
C THR C 6 53.16 -43.94 -60.17
N ARG C 7 52.88 -43.21 -61.26
CA ARG C 7 52.90 -41.72 -61.31
C ARG C 7 51.53 -41.21 -60.87
N PRO C 8 51.42 -40.49 -59.72
CA PRO C 8 50.12 -39.99 -59.24
C PRO C 8 49.49 -38.94 -60.18
N LEU C 9 48.59 -39.41 -61.04
CA LEU C 9 47.68 -38.59 -61.90
C LEU C 9 46.57 -38.00 -61.03
N THR C 10 46.39 -36.68 -61.07
CA THR C 10 45.27 -35.96 -60.39
C THR C 10 44.21 -35.62 -61.45
N LEU C 11 42.93 -35.96 -61.16
CA LEU C 11 41.75 -35.43 -61.87
C LEU C 11 40.91 -34.65 -60.85
N SER C 12 40.58 -33.40 -61.17
CA SER C 12 39.97 -32.41 -60.24
C SER C 12 38.84 -31.65 -60.94
N HIS C 13 38.00 -31.01 -60.13
CA HIS C 13 36.91 -30.11 -60.57
C HIS C 13 36.67 -29.10 -59.44
N GLY C 14 37.35 -27.96 -59.46
CA GLY C 14 37.29 -26.94 -58.41
C GLY C 14 38.02 -27.40 -57.16
N SER C 15 37.36 -27.35 -56.00
CA SER C 15 37.93 -27.74 -54.68
C SER C 15 38.19 -29.25 -54.64
N LEU C 16 37.18 -30.07 -54.97
CA LEU C 16 37.27 -31.56 -54.93
C LEU C 16 38.28 -32.05 -55.97
N GLU C 17 38.95 -33.17 -55.66
CA GLU C 17 39.96 -33.84 -56.52
C GLU C 17 40.11 -35.30 -56.06
N HIS C 18 40.61 -36.14 -56.96
CA HIS C 18 40.97 -37.56 -56.65
C HIS C 18 42.24 -37.95 -57.41
N VAL C 19 43.17 -38.59 -56.71
CA VAL C 19 44.52 -38.95 -57.22
C VAL C 19 44.55 -40.46 -57.48
N LEU C 20 44.67 -40.85 -58.75
CA LEU C 20 44.78 -42.26 -59.17
C LEU C 20 46.27 -42.61 -59.35
N LEU C 21 46.75 -43.67 -58.67
CA LEU C 21 48.13 -44.21 -58.81
C LEU C 21 48.20 -45.03 -60.11
N VAL C 22 48.27 -44.34 -61.26
CA VAL C 22 48.34 -44.95 -62.63
C VAL C 22 49.72 -45.59 -62.78
N PRO C 23 49.83 -46.89 -63.13
CA PRO C 23 51.12 -47.49 -63.49
C PRO C 23 51.83 -46.75 -64.63
N THR C 24 53.14 -46.50 -64.47
CA THR C 24 54.01 -45.71 -65.40
C THR C 24 54.17 -46.41 -66.76
N ALA C 25 53.88 -47.72 -66.84
CA ALA C 25 53.95 -48.56 -68.05
C ALA C 25 53.03 -48.04 -69.16
N SER C 26 51.90 -47.40 -68.82
CA SER C 26 50.92 -46.80 -69.78
C SER C 26 50.33 -45.49 -69.20
N PHE C 27 51.15 -44.67 -68.53
CA PHE C 27 50.73 -43.38 -67.91
C PHE C 27 50.40 -42.35 -69.00
N PHE C 28 51.12 -42.37 -70.13
CA PHE C 28 50.96 -41.39 -71.24
C PHE C 28 49.51 -41.39 -71.73
N ILE C 29 48.89 -42.57 -71.87
CA ILE C 29 47.50 -42.75 -72.40
C ILE C 29 46.51 -42.17 -71.39
N ALA C 30 46.66 -42.47 -70.09
CA ALA C 30 45.86 -41.89 -68.99
C ALA C 30 45.96 -40.36 -69.01
N SER C 31 47.18 -39.81 -68.98
CA SER C 31 47.49 -38.36 -69.00
C SER C 31 46.91 -37.70 -70.26
N GLN C 32 46.79 -38.46 -71.35
CA GLN C 32 46.07 -38.07 -72.60
C GLN C 32 44.59 -37.83 -72.26
N LEU C 33 43.91 -38.85 -71.73
CA LEU C 33 42.45 -38.83 -71.42
C LEU C 33 42.19 -37.85 -70.28
N GLN C 34 43.05 -37.82 -69.25
CA GLN C 34 43.07 -36.82 -68.16
C GLN C 34 42.87 -35.41 -68.74
N GLU C 35 43.63 -35.07 -69.79
CA GLU C 35 43.55 -33.75 -70.49
C GLU C 35 42.21 -33.64 -71.22
N GLN C 36 41.84 -34.67 -72.01
CA GLN C 36 40.58 -34.71 -72.79
C GLN C 36 39.37 -34.57 -71.85
N PHE C 37 39.43 -35.24 -70.69
CA PHE C 37 38.36 -35.23 -69.64
C PHE C 37 38.15 -33.80 -69.11
N ASN C 38 39.21 -32.98 -69.04
CA ASN C 38 39.15 -31.58 -68.51
C ASN C 38 38.65 -30.59 -69.57
N LYS C 39 38.33 -31.04 -70.79
CA LYS C 39 37.71 -30.21 -71.86
C LYS C 39 36.19 -30.39 -71.83
N ILE C 40 35.70 -31.64 -71.91
CA ILE C 40 34.24 -32.00 -71.86
C ILE C 40 33.61 -31.47 -70.57
N LEU C 41 34.35 -31.54 -69.45
CA LEU C 41 33.86 -31.14 -68.10
C LEU C 41 33.59 -29.64 -68.10
N PRO C 42 32.48 -29.15 -67.49
CA PRO C 42 32.18 -27.72 -67.43
C PRO C 42 33.07 -26.99 -66.41
N GLU C 43 32.87 -25.68 -66.25
CA GLU C 43 33.67 -24.82 -65.33
C GLU C 43 33.07 -24.92 -63.93
N PRO C 44 33.87 -25.27 -62.88
CA PRO C 44 33.35 -25.41 -61.52
C PRO C 44 32.79 -24.12 -60.91
N THR C 45 31.59 -24.18 -60.33
CA THR C 45 30.90 -23.05 -59.64
C THR C 45 30.95 -23.30 -58.12
N GLU C 46 30.36 -22.39 -57.33
CA GLU C 46 30.25 -22.47 -55.86
C GLU C 46 29.08 -23.40 -55.49
N GLY C 47 29.34 -24.39 -54.62
CA GLY C 47 28.32 -25.33 -54.08
C GLY C 47 28.12 -26.56 -54.94
N PHE C 48 28.64 -26.57 -56.18
CA PHE C 48 28.49 -27.66 -57.18
C PHE C 48 27.01 -27.94 -57.46
N ALA C 49 26.19 -26.89 -57.51
CA ALA C 49 24.71 -26.96 -57.66
C ALA C 49 24.30 -26.97 -59.15
N ALA C 50 25.19 -26.59 -60.07
CA ALA C 50 24.95 -26.59 -61.54
C ALA C 50 24.83 -28.03 -62.04
N ASP C 51 24.23 -28.21 -63.23
CA ASP C 51 24.03 -29.51 -63.90
C ASP C 51 25.30 -29.90 -64.67
N ASP C 52 25.53 -31.21 -64.84
CA ASP C 52 26.61 -31.82 -65.65
C ASP C 52 27.97 -31.77 -64.92
N GLU C 53 28.02 -31.32 -63.65
CA GLU C 53 29.26 -31.28 -62.82
C GLU C 53 29.09 -32.17 -61.59
N PRO C 54 30.16 -32.85 -61.11
CA PRO C 54 30.09 -33.59 -59.85
C PRO C 54 30.06 -32.71 -58.59
N THR C 55 29.64 -33.31 -57.47
CA THR C 55 29.58 -32.68 -56.12
C THR C 55 30.54 -33.40 -55.14
N THR C 56 30.97 -34.62 -55.46
CA THR C 56 31.89 -35.44 -54.63
C THR C 56 32.93 -36.06 -55.54
N PRO C 57 34.10 -36.47 -54.99
CA PRO C 57 35.14 -37.11 -55.81
C PRO C 57 34.68 -38.42 -56.46
N ALA C 58 33.79 -39.16 -55.78
CA ALA C 58 33.16 -40.42 -56.25
C ALA C 58 32.36 -40.18 -57.54
N GLU C 59 31.61 -39.07 -57.61
CA GLU C 59 30.84 -38.66 -58.82
C GLU C 59 31.82 -38.34 -59.96
N LEU C 60 32.87 -37.56 -59.68
CA LEU C 60 33.87 -37.13 -60.70
C LEU C 60 34.56 -38.38 -61.28
N VAL C 61 35.06 -39.27 -60.43
CA VAL C 61 35.69 -40.54 -60.88
C VAL C 61 34.68 -41.32 -61.73
N GLY C 62 33.41 -41.28 -61.32
CA GLY C 62 32.28 -41.85 -62.08
C GLY C 62 32.25 -41.29 -63.50
N LYS C 63 32.13 -39.96 -63.60
CA LYS C 63 32.06 -39.23 -64.91
C LYS C 63 33.26 -39.62 -65.78
N PHE C 64 34.44 -39.78 -65.16
CA PHE C 64 35.69 -40.23 -65.83
C PHE C 64 35.49 -41.65 -66.38
N LEU C 65 34.91 -42.56 -65.59
CA LEU C 65 34.56 -43.94 -66.01
C LEU C 65 33.56 -43.91 -67.17
N GLY C 66 32.58 -43.00 -67.09
CA GLY C 66 31.54 -42.78 -68.11
C GLY C 66 32.14 -42.30 -69.43
N TYR C 67 33.08 -41.36 -69.36
CA TYR C 67 33.79 -40.78 -70.54
C TYR C 67 34.70 -41.83 -71.17
N VAL C 68 35.48 -42.57 -70.37
CA VAL C 68 36.44 -43.61 -70.87
C VAL C 68 35.64 -44.72 -71.57
N SER C 69 34.54 -45.16 -70.94
CA SER C 69 33.64 -46.25 -71.43
C SER C 69 32.93 -45.82 -72.73
N SER C 70 32.76 -44.52 -72.96
CA SER C 70 32.18 -43.94 -74.21
C SER C 70 33.15 -44.17 -75.38
N LEU C 71 34.45 -44.00 -75.14
CA LEU C 71 35.55 -44.19 -76.14
C LEU C 71 35.79 -45.68 -76.37
N VAL C 72 35.71 -46.49 -75.32
CA VAL C 72 35.93 -47.96 -75.37
C VAL C 72 34.81 -48.57 -76.23
N GLU C 73 35.18 -49.47 -77.15
CA GLU C 73 34.25 -50.28 -77.98
C GLU C 73 34.51 -51.75 -77.63
N PRO C 74 33.47 -52.58 -77.34
CA PRO C 74 33.68 -53.93 -76.79
C PRO C 74 34.30 -54.95 -77.76
N SER C 75 33.85 -54.94 -79.02
CA SER C 75 34.27 -55.87 -80.11
C SER C 75 35.79 -55.76 -80.37
N LYS C 76 36.30 -54.53 -80.48
CA LYS C 76 37.73 -54.20 -80.80
C LYS C 76 38.46 -53.72 -79.54
N VAL C 77 39.48 -54.47 -79.11
CA VAL C 77 40.30 -54.15 -77.91
C VAL C 77 41.19 -52.94 -78.25
N GLY C 78 40.97 -51.82 -77.55
CA GLY C 78 41.74 -50.56 -77.70
C GLY C 78 42.80 -50.41 -76.62
N GLN C 79 43.44 -49.24 -76.56
CA GLN C 79 44.47 -48.89 -75.55
C GLN C 79 43.80 -48.62 -74.19
N PHE C 80 42.61 -48.00 -74.21
CA PHE C 80 41.92 -47.45 -73.01
C PHE C 80 41.40 -48.60 -72.12
N ASP C 81 41.21 -49.80 -72.67
CA ASP C 81 40.77 -51.02 -71.94
C ASP C 81 41.66 -51.27 -70.72
N GLN C 82 42.95 -50.97 -70.84
CA GLN C 82 43.95 -51.13 -69.73
C GLN C 82 43.65 -50.12 -68.62
N VAL C 83 43.37 -48.86 -68.97
CA VAL C 83 43.07 -47.77 -67.98
C VAL C 83 41.62 -47.87 -67.49
N LEU C 84 40.71 -48.45 -68.28
CA LEU C 84 39.30 -48.68 -67.85
C LEU C 84 39.31 -49.62 -66.63
N ASN C 85 39.98 -50.78 -66.75
CA ASN C 85 40.15 -51.81 -65.68
C ASN C 85 40.88 -51.24 -64.45
N LEU C 86 41.67 -50.16 -64.61
CA LEU C 86 42.40 -49.48 -63.51
C LEU C 86 41.49 -48.51 -62.76
N CYS C 87 40.99 -47.49 -63.45
CA CYS C 87 40.10 -46.43 -62.90
C CYS C 87 38.90 -47.07 -62.19
N LEU C 88 38.39 -48.17 -62.75
CA LEU C 88 37.25 -48.96 -62.21
C LEU C 88 37.66 -49.59 -60.87
N THR C 89 38.80 -50.31 -60.86
CA THR C 89 39.37 -50.99 -59.66
C THR C 89 39.73 -49.96 -58.59
N GLU C 90 40.22 -48.78 -58.96
CA GLU C 90 40.46 -47.66 -58.00
C GLU C 90 39.11 -47.18 -57.46
N PHE C 91 38.13 -46.98 -58.35
CA PHE C 91 36.78 -46.47 -57.99
C PHE C 91 36.14 -47.40 -56.95
N GLU C 92 36.20 -48.71 -57.20
CA GLU C 92 35.71 -49.76 -56.26
C GLU C 92 36.44 -49.65 -54.92
N ASN C 93 37.76 -49.86 -54.92
CA ASN C 93 38.61 -50.00 -53.71
C ASN C 93 38.44 -48.80 -52.77
N CYS C 94 38.31 -47.58 -53.31
CA CYS C 94 38.17 -46.34 -52.50
C CYS C 94 36.71 -46.13 -52.07
N TYR C 95 35.71 -46.45 -52.91
CA TYR C 95 34.30 -45.97 -52.79
C TYR C 95 33.29 -47.11 -52.58
N LEU C 96 33.38 -48.21 -53.33
CA LEU C 96 32.58 -49.45 -53.10
C LEU C 96 33.32 -50.39 -52.14
N GLU C 97 33.06 -50.27 -50.83
CA GLU C 97 33.70 -51.12 -49.79
C GLU C 97 33.06 -52.53 -49.83
N GLY C 98 33.29 -53.28 -50.93
CA GLY C 98 32.63 -54.57 -51.24
C GLY C 98 31.15 -54.44 -51.55
N ASN C 99 30.50 -53.32 -51.17
CA ASN C 99 29.04 -53.07 -51.31
C ASN C 99 28.72 -52.80 -52.78
N ASP C 100 27.46 -52.55 -53.10
CA ASP C 100 26.97 -52.31 -54.50
C ASP C 100 26.82 -50.80 -54.73
N ILE C 101 26.84 -50.40 -56.00
CA ILE C 101 26.82 -48.97 -56.45
C ILE C 101 25.54 -48.28 -55.95
N HIS C 102 24.44 -49.02 -55.82
CA HIS C 102 23.16 -48.49 -55.29
C HIS C 102 23.35 -48.06 -53.83
N ALA C 103 24.05 -48.88 -53.03
CA ALA C 103 24.33 -48.63 -51.59
C ALA C 103 25.26 -47.43 -51.42
N LEU C 104 26.14 -47.16 -52.40
CA LEU C 104 26.96 -45.93 -52.46
C LEU C 104 26.03 -44.74 -52.72
N ALA C 105 25.38 -44.73 -53.89
CA ALA C 105 24.47 -43.66 -54.37
C ALA C 105 23.48 -43.25 -53.26
N ALA C 106 22.94 -44.24 -52.55
CA ALA C 106 21.96 -44.05 -51.47
C ALA C 106 22.62 -43.34 -50.29
N LYS C 107 23.87 -43.68 -49.98
CA LYS C 107 24.65 -43.04 -48.88
C LYS C 107 24.91 -41.57 -49.24
N LEU C 108 25.26 -41.29 -50.50
CA LEU C 108 25.61 -39.92 -50.98
C LEU C 108 24.39 -38.98 -50.91
N LEU C 109 23.17 -39.47 -51.07
CA LEU C 109 21.94 -38.63 -51.15
C LEU C 109 21.58 -38.00 -49.80
N GLN C 110 21.79 -38.71 -48.69
CA GLN C 110 21.44 -38.25 -47.31
C GLN C 110 22.57 -37.40 -46.73
N GLU C 111 23.84 -37.77 -46.95
CA GLU C 111 25.03 -37.20 -46.24
C GLU C 111 25.54 -35.96 -46.98
N ASN C 112 25.88 -36.11 -48.27
CA ASN C 112 26.38 -35.03 -49.15
C ASN C 112 25.19 -34.22 -49.69
N ASP C 113 25.48 -33.12 -50.40
CA ASP C 113 24.47 -32.19 -51.00
C ASP C 113 24.28 -32.54 -52.47
N THR C 114 24.04 -33.82 -52.78
CA THR C 114 23.87 -34.38 -54.13
C THR C 114 22.37 -34.42 -54.45
N THR C 115 21.99 -34.16 -55.71
CA THR C 115 20.63 -34.36 -56.26
C THR C 115 20.51 -35.80 -56.75
N LEU C 116 19.29 -36.24 -57.07
CA LEU C 116 19.01 -37.65 -57.44
C LEU C 116 19.55 -37.95 -58.85
N VAL C 117 19.52 -36.98 -59.76
CA VAL C 117 19.92 -37.16 -61.20
C VAL C 117 21.43 -37.36 -61.34
N LYS C 118 22.24 -36.90 -60.37
CA LYS C 118 23.72 -37.08 -60.36
C LYS C 118 24.01 -38.56 -60.04
N THR C 119 23.36 -39.08 -59.00
CA THR C 119 23.51 -40.47 -58.48
C THR C 119 23.01 -41.47 -59.53
N LYS C 120 21.92 -41.14 -60.23
CA LYS C 120 21.46 -41.95 -61.39
C LYS C 120 22.59 -42.03 -62.41
N GLU C 121 23.12 -40.87 -62.82
CA GLU C 121 24.26 -40.78 -63.77
C GLU C 121 25.36 -41.72 -63.25
N LEU C 122 25.79 -41.51 -62.00
CA LEU C 122 26.93 -42.24 -61.37
C LEU C 122 26.75 -43.75 -61.56
N ILE C 123 25.53 -44.24 -61.31
CA ILE C 123 25.12 -45.68 -61.44
C ILE C 123 25.20 -46.10 -62.90
N LYS C 124 24.75 -45.25 -63.83
CA LYS C 124 24.82 -45.56 -65.28
C LYS C 124 26.29 -45.72 -65.67
N ASN C 125 27.13 -44.77 -65.24
CA ASN C 125 28.56 -44.70 -65.62
C ASN C 125 29.21 -46.00 -65.15
N TYR C 126 29.14 -46.27 -63.85
CA TYR C 126 29.72 -47.47 -63.19
C TYR C 126 29.29 -48.75 -63.94
N ILE C 127 27.99 -48.92 -64.20
CA ILE C 127 27.44 -50.16 -64.82
C ILE C 127 27.90 -50.23 -66.28
N THR C 128 27.96 -49.11 -66.99
CA THR C 128 28.42 -49.07 -68.41
C THR C 128 29.90 -49.50 -68.44
N ALA C 129 30.72 -48.86 -67.60
CA ALA C 129 32.13 -49.24 -67.36
C ALA C 129 32.19 -50.76 -67.19
N ARG C 130 31.56 -51.26 -66.12
CA ARG C 130 31.58 -52.68 -65.69
C ARG C 130 31.34 -53.63 -66.87
N ILE C 131 30.50 -53.25 -67.84
CA ILE C 131 30.20 -54.09 -69.05
C ILE C 131 31.33 -53.91 -70.07
N MET C 132 31.75 -52.66 -70.30
CA MET C 132 32.78 -52.31 -71.33
C MET C 132 34.15 -52.88 -70.92
N ALA C 133 34.42 -52.95 -69.61
CA ALA C 133 35.66 -53.51 -69.00
C ALA C 133 35.66 -55.04 -69.07
N LYS C 134 34.61 -55.67 -69.62
CA LYS C 134 34.45 -57.14 -69.81
C LYS C 134 34.37 -57.83 -68.44
N ARG C 135 33.82 -57.13 -67.44
CA ARG C 135 33.61 -57.60 -66.05
C ARG C 135 32.09 -57.69 -65.81
N PRO C 136 31.38 -58.66 -66.39
CA PRO C 136 29.94 -58.78 -66.20
C PRO C 136 29.67 -59.19 -64.74
N PHE C 137 28.42 -59.02 -64.29
CA PHE C 137 27.99 -59.34 -62.90
C PHE C 137 27.64 -60.84 -62.84
N ASP C 138 28.66 -61.70 -62.97
CA ASP C 138 28.52 -63.18 -63.13
C ASP C 138 28.50 -63.84 -61.76
N LYS C 139 29.32 -63.34 -60.82
CA LYS C 139 29.37 -63.80 -59.41
C LYS C 139 28.08 -63.36 -58.70
N LYS C 140 27.53 -64.23 -57.86
CA LYS C 140 26.34 -63.95 -57.00
C LYS C 140 26.75 -62.91 -55.96
N SER C 141 25.86 -61.95 -55.67
CA SER C 141 26.09 -60.87 -54.69
C SER C 141 26.07 -61.43 -53.27
N ASN C 142 26.54 -60.62 -52.31
CA ASN C 142 26.52 -60.94 -50.86
C ASN C 142 25.30 -60.27 -50.20
N SER C 143 24.21 -60.04 -50.95
CA SER C 143 23.07 -59.18 -50.55
C SER C 143 22.41 -59.74 -49.29
N ALA C 144 22.50 -59.00 -48.19
CA ALA C 144 22.03 -59.44 -46.86
C ALA C 144 20.64 -60.06 -46.97
N LEU C 145 19.74 -59.42 -47.73
CA LEU C 145 18.33 -59.88 -47.87
C LEU C 145 18.35 -61.29 -48.46
N PHE C 146 18.96 -61.48 -49.63
CA PHE C 146 18.91 -62.78 -50.35
C PHE C 146 19.74 -63.83 -49.63
N ARG C 147 20.74 -63.41 -48.86
CA ARG C 147 21.51 -64.33 -47.98
C ARG C 147 20.57 -64.88 -46.90
N ALA C 148 19.88 -63.99 -46.19
CA ALA C 148 18.93 -64.30 -45.09
C ALA C 148 17.77 -65.17 -45.59
N VAL C 149 17.33 -65.01 -46.83
CA VAL C 149 16.28 -65.87 -47.46
C VAL C 149 16.86 -67.27 -47.69
N GLY C 150 18.15 -67.33 -48.04
CA GLY C 150 18.94 -68.56 -48.27
C GLY C 150 18.98 -69.47 -47.05
N GLU C 151 19.24 -68.89 -45.86
CA GLU C 151 19.23 -69.59 -44.54
C GLU C 151 17.79 -69.93 -44.12
N GLY C 152 16.85 -69.00 -44.32
CA GLY C 152 15.41 -69.14 -43.98
C GLY C 152 14.94 -68.15 -42.91
N ASN C 153 15.72 -67.09 -42.65
CA ASN C 153 15.40 -65.99 -41.68
C ASN C 153 14.43 -64.96 -42.29
N ALA C 154 14.29 -64.96 -43.63
CA ALA C 154 13.43 -64.05 -44.42
C ALA C 154 12.63 -64.83 -45.48
N GLN C 155 11.37 -64.44 -45.68
CA GLN C 155 10.47 -64.98 -46.73
C GLN C 155 10.15 -63.83 -47.67
N LEU C 156 10.35 -64.04 -48.97
CA LEU C 156 10.21 -62.98 -50.00
C LEU C 156 8.98 -63.24 -50.84
N VAL C 157 8.17 -62.21 -51.05
CA VAL C 157 7.01 -62.26 -51.99
C VAL C 157 7.09 -61.05 -52.91
N ALA C 158 7.03 -61.27 -54.21
CA ALA C 158 7.06 -60.19 -55.23
C ALA C 158 5.63 -59.72 -55.50
N ILE C 159 5.39 -58.41 -55.52
CA ILE C 159 4.09 -57.84 -55.97
C ILE C 159 4.34 -56.96 -57.19
N PHE C 160 3.39 -56.96 -58.12
CA PHE C 160 3.40 -56.13 -59.34
C PHE C 160 2.14 -55.28 -59.40
N GLY C 161 2.30 -53.97 -59.36
CA GLY C 161 1.20 -52.99 -59.50
C GLY C 161 0.61 -52.99 -60.89
N GLY C 162 -0.31 -52.08 -61.15
CA GLY C 162 -0.97 -51.95 -62.46
C GLY C 162 -1.17 -50.51 -62.83
N GLN C 163 -2.39 -50.21 -63.28
CA GLN C 163 -2.79 -48.88 -63.79
C GLN C 163 -3.12 -47.98 -62.61
N GLY C 164 -3.16 -46.68 -62.85
CA GLY C 164 -3.75 -45.68 -61.94
C GLY C 164 -2.78 -45.20 -60.88
N ASN C 165 -1.56 -45.73 -60.85
CA ASN C 165 -0.60 -45.45 -59.75
C ASN C 165 0.02 -44.07 -60.00
N THR C 166 0.47 -43.83 -61.23
CA THR C 166 1.07 -42.54 -61.68
C THR C 166 0.50 -42.17 -63.05
N ASP C 167 0.26 -40.87 -63.23
CA ASP C 167 -0.17 -40.25 -64.52
C ASP C 167 0.95 -40.40 -65.56
N ASP C 168 2.21 -40.17 -65.16
CA ASP C 168 3.41 -40.25 -66.01
C ASP C 168 4.18 -41.52 -65.64
N TYR C 169 3.70 -42.67 -66.12
CA TYR C 169 4.35 -43.99 -65.95
C TYR C 169 5.56 -44.07 -66.89
N PHE C 170 5.45 -43.46 -68.07
CA PHE C 170 6.43 -43.64 -69.17
C PHE C 170 7.81 -43.11 -68.78
N GLU C 171 7.90 -42.17 -67.82
CA GLU C 171 9.20 -41.66 -67.28
C GLU C 171 9.97 -42.78 -66.56
N GLU C 172 9.26 -43.68 -65.87
CA GLU C 172 9.86 -44.86 -65.20
C GLU C 172 10.49 -45.79 -66.25
N LEU C 173 10.02 -45.78 -67.51
CA LEU C 173 10.59 -46.58 -68.61
C LEU C 173 11.75 -45.83 -69.27
N ARG C 174 11.76 -44.51 -69.21
CA ARG C 174 12.87 -43.70 -69.77
C ARG C 174 14.07 -43.85 -68.82
N ASP C 175 13.84 -43.64 -67.51
CA ASP C 175 14.85 -43.79 -66.44
C ASP C 175 15.47 -45.19 -66.48
N LEU C 176 14.68 -46.23 -66.76
CA LEU C 176 15.17 -47.62 -66.86
C LEU C 176 16.05 -47.79 -68.09
N TYR C 177 15.74 -47.09 -69.19
CA TYR C 177 16.43 -47.23 -70.50
C TYR C 177 17.69 -46.37 -70.55
N GLN C 178 17.72 -45.25 -69.85
CA GLN C 178 18.97 -44.46 -69.65
C GLN C 178 19.84 -45.23 -68.67
N THR C 179 19.51 -45.16 -67.37
CA THR C 179 20.36 -45.65 -66.25
C THR C 179 20.89 -47.05 -66.60
N TYR C 180 20.02 -48.01 -66.90
CA TYR C 180 20.43 -49.43 -67.02
C TYR C 180 20.43 -49.89 -68.48
N HIS C 181 20.86 -49.03 -69.42
CA HIS C 181 20.77 -49.30 -70.88
C HIS C 181 21.34 -50.70 -71.18
N VAL C 182 22.57 -50.96 -70.77
CA VAL C 182 23.34 -52.21 -71.10
C VAL C 182 22.66 -53.47 -70.55
N LEU C 183 21.99 -53.35 -69.38
CA LEU C 183 21.35 -54.48 -68.65
C LEU C 183 20.01 -54.88 -69.28
N VAL C 184 19.26 -53.92 -69.80
CA VAL C 184 17.83 -54.10 -70.17
C VAL C 184 17.56 -53.63 -71.61
N GLY C 185 18.56 -53.07 -72.30
CA GLY C 185 18.43 -52.57 -73.69
C GLY C 185 17.94 -53.65 -74.63
N ASP C 186 18.43 -54.89 -74.47
CA ASP C 186 18.06 -56.07 -75.30
C ASP C 186 16.58 -56.42 -75.05
N LEU C 187 16.12 -56.36 -73.79
CA LEU C 187 14.72 -56.69 -73.38
C LEU C 187 13.74 -55.69 -74.02
N ILE C 188 14.01 -54.41 -73.85
CA ILE C 188 13.17 -53.28 -74.36
C ILE C 188 13.11 -53.31 -75.89
N LYS C 189 14.20 -53.68 -76.58
CA LYS C 189 14.22 -53.77 -78.08
C LYS C 189 13.45 -55.00 -78.54
N PHE C 190 13.51 -56.08 -77.80
CA PHE C 190 12.74 -57.31 -78.09
C PHE C 190 11.25 -57.08 -77.81
N SER C 191 10.92 -56.35 -76.74
CA SER C 191 9.52 -55.98 -76.43
C SER C 191 8.98 -55.12 -77.58
N ALA C 192 9.69 -54.04 -77.93
CA ALA C 192 9.33 -53.11 -79.02
C ALA C 192 9.10 -53.85 -80.35
N GLU C 193 10.02 -54.75 -80.72
CA GLU C 193 9.92 -55.57 -81.95
C GLU C 193 8.70 -56.49 -81.87
N THR C 194 8.46 -57.14 -80.73
CA THR C 194 7.29 -58.05 -80.50
C THR C 194 5.98 -57.27 -80.70
N LEU C 195 5.87 -56.10 -80.06
CA LEU C 195 4.67 -55.22 -80.11
C LEU C 195 4.40 -54.77 -81.54
N SER C 196 5.41 -54.24 -82.25
CA SER C 196 5.32 -53.85 -83.69
C SER C 196 4.86 -55.05 -84.55
N GLU C 197 5.33 -56.27 -84.25
CA GLU C 197 4.94 -57.53 -84.96
C GLU C 197 3.46 -57.82 -84.69
N LEU C 198 3.00 -57.70 -83.43
CA LEU C 198 1.61 -57.99 -83.00
C LEU C 198 0.63 -57.01 -83.63
N ILE C 199 1.07 -55.77 -83.87
CA ILE C 199 0.24 -54.69 -84.50
C ILE C 199 0.03 -55.05 -85.98
N ARG C 200 1.05 -55.53 -86.68
CA ARG C 200 0.95 -55.92 -88.12
C ARG C 200 0.12 -57.21 -88.27
N THR C 201 0.23 -58.15 -87.33
CA THR C 201 -0.47 -59.47 -87.33
C THR C 201 -1.96 -59.28 -87.00
N THR C 202 -2.27 -58.65 -85.85
CA THR C 202 -3.65 -58.37 -85.39
C THR C 202 -4.33 -57.49 -86.45
N LEU C 203 -5.61 -57.76 -86.72
CA LEU C 203 -6.32 -57.24 -87.93
C LEU C 203 -6.42 -55.71 -87.86
N ASP C 204 -7.18 -55.16 -86.90
CA ASP C 204 -7.49 -53.71 -86.79
C ASP C 204 -6.81 -53.12 -85.55
N ALA C 205 -5.54 -53.47 -85.30
CA ALA C 205 -4.72 -52.89 -84.21
C ALA C 205 -4.27 -51.47 -84.59
N GLU C 206 -3.86 -51.27 -85.86
CA GLU C 206 -3.33 -49.97 -86.38
C GLU C 206 -4.39 -48.86 -86.31
N LYS C 207 -5.69 -49.20 -86.27
CA LYS C 207 -6.83 -48.25 -86.09
C LYS C 207 -6.97 -47.85 -84.62
N VAL C 208 -6.31 -48.55 -83.69
CA VAL C 208 -6.30 -48.25 -82.23
C VAL C 208 -5.04 -47.46 -81.86
N PHE C 209 -3.91 -47.75 -82.50
CA PHE C 209 -2.62 -47.02 -82.36
C PHE C 209 -2.56 -45.92 -83.44
N THR C 210 -3.28 -44.82 -83.23
CA THR C 210 -3.50 -43.72 -84.21
C THR C 210 -2.18 -42.97 -84.46
N GLN C 211 -1.33 -42.84 -83.44
CA GLN C 211 0.02 -42.21 -83.51
C GLN C 211 1.12 -43.27 -83.52
N GLY C 212 0.77 -44.54 -83.75
CA GLY C 212 1.70 -45.68 -83.86
C GLY C 212 2.34 -46.04 -82.52
N LEU C 213 2.93 -47.24 -82.43
CA LEU C 213 3.62 -47.74 -81.22
C LEU C 213 5.07 -48.07 -81.59
N ASN C 214 5.91 -47.03 -81.60
CA ASN C 214 7.37 -47.14 -81.78
C ASN C 214 8.03 -46.62 -80.50
N ILE C 215 8.17 -47.48 -79.49
CA ILE C 215 8.60 -47.05 -78.13
C ILE C 215 10.08 -46.66 -78.18
N LEU C 216 10.86 -47.30 -79.08
CA LEU C 216 12.32 -47.06 -79.21
C LEU C 216 12.58 -45.64 -79.71
N GLU C 217 11.85 -45.21 -80.75
CA GLU C 217 11.92 -43.82 -81.27
C GLU C 217 11.62 -42.85 -80.13
N TRP C 218 10.63 -43.14 -79.27
CA TRP C 218 10.23 -42.25 -78.14
C TRP C 218 11.26 -42.23 -77.02
N LEU C 219 12.16 -43.22 -76.97
CA LEU C 219 13.17 -43.34 -75.89
C LEU C 219 14.43 -42.53 -76.26
N GLU C 220 15.00 -42.72 -77.46
CA GLU C 220 16.17 -41.97 -78.00
C GLU C 220 15.84 -40.47 -78.02
N ASN C 221 14.73 -40.10 -78.68
CA ASN C 221 14.24 -38.70 -78.83
C ASN C 221 12.99 -38.50 -77.98
N PRO C 222 13.05 -37.80 -76.82
CA PRO C 222 11.85 -37.43 -76.05
C PRO C 222 10.86 -36.45 -76.71
N SER C 223 11.26 -35.73 -77.76
CA SER C 223 10.44 -34.71 -78.47
C SER C 223 9.44 -35.36 -79.44
N ASN C 224 9.67 -36.62 -79.84
CA ASN C 224 8.76 -37.43 -80.71
C ASN C 224 7.86 -38.35 -79.88
N THR C 225 7.95 -38.28 -78.55
CA THR C 225 7.00 -38.94 -77.60
C THR C 225 5.64 -38.29 -77.80
N PRO C 226 4.55 -39.08 -77.99
CA PRO C 226 3.20 -38.56 -77.88
C PRO C 226 2.89 -37.98 -76.49
N ASP C 227 1.84 -37.14 -76.42
CA ASP C 227 1.34 -36.51 -75.17
C ASP C 227 0.83 -37.59 -74.22
N LYS C 228 0.72 -37.28 -72.92
CA LYS C 228 0.35 -38.24 -71.85
C LYS C 228 -1.01 -38.89 -72.15
N ASP C 229 -1.98 -38.11 -72.63
CA ASP C 229 -3.38 -38.58 -72.95
C ASP C 229 -3.33 -39.84 -73.82
N TYR C 230 -2.37 -39.95 -74.75
CA TYR C 230 -2.24 -41.10 -75.69
C TYR C 230 -1.42 -42.24 -75.07
N LEU C 231 -0.40 -41.91 -74.28
CA LEU C 231 0.44 -42.91 -73.59
C LEU C 231 -0.39 -43.58 -72.50
N LEU C 232 -1.30 -42.84 -71.88
CA LEU C 232 -2.20 -43.33 -70.79
C LEU C 232 -3.29 -44.27 -71.33
N SER C 233 -3.64 -44.20 -72.62
CA SER C 233 -4.63 -45.13 -73.21
C SER C 233 -4.11 -46.54 -72.96
N ILE C 234 -5.00 -47.51 -72.81
CA ILE C 234 -4.65 -48.89 -72.35
C ILE C 234 -3.96 -49.69 -73.44
N PRO C 235 -4.22 -49.49 -74.75
CA PRO C 235 -3.48 -50.27 -75.74
C PRO C 235 -1.96 -50.02 -75.66
N ILE C 236 -1.53 -48.86 -75.19
CA ILE C 236 -0.09 -48.51 -74.97
C ILE C 236 0.26 -48.84 -73.52
N SER C 237 -0.46 -48.28 -72.56
CA SER C 237 -0.10 -48.33 -71.12
C SER C 237 -0.09 -49.78 -70.63
N CYS C 238 -0.88 -50.69 -71.19
CA CYS C 238 -0.93 -52.10 -70.70
C CYS C 238 0.40 -52.78 -70.97
N PRO C 239 0.81 -52.98 -72.23
CA PRO C 239 2.06 -53.68 -72.49
C PRO C 239 3.29 -52.94 -71.93
N LEU C 240 3.27 -51.61 -71.90
CA LEU C 240 4.44 -50.81 -71.49
C LEU C 240 4.62 -50.86 -69.98
N ILE C 241 3.53 -50.90 -69.22
CA ILE C 241 3.66 -51.12 -67.76
C ILE C 241 4.17 -52.55 -67.54
N GLY C 242 3.72 -53.48 -68.37
CA GLY C 242 4.29 -54.84 -68.45
C GLY C 242 5.81 -54.77 -68.50
N VAL C 243 6.31 -54.21 -69.60
CA VAL C 243 7.75 -54.03 -69.93
C VAL C 243 8.47 -53.40 -68.74
N ILE C 244 7.96 -52.31 -68.18
CA ILE C 244 8.59 -51.64 -67.00
C ILE C 244 8.80 -52.67 -65.89
N GLN C 245 7.81 -53.51 -65.63
CA GLN C 245 7.86 -54.45 -64.48
C GLN C 245 8.93 -55.49 -64.80
N LEU C 246 8.82 -56.14 -65.95
CA LEU C 246 9.82 -57.14 -66.41
C LEU C 246 11.21 -56.51 -66.36
N ALA C 247 11.38 -55.30 -66.92
CA ALA C 247 12.66 -54.56 -66.90
C ALA C 247 13.21 -54.54 -65.46
N HIS C 248 12.51 -53.93 -64.52
CA HIS C 248 12.92 -53.85 -63.10
C HIS C 248 13.26 -55.23 -62.54
N TYR C 249 12.57 -56.29 -62.96
CA TYR C 249 12.89 -57.68 -62.55
C TYR C 249 14.27 -58.03 -63.10
N VAL C 250 14.45 -57.85 -64.41
CA VAL C 250 15.71 -58.19 -65.13
C VAL C 250 16.88 -57.44 -64.52
N VAL C 251 16.76 -56.13 -64.33
CA VAL C 251 17.79 -55.33 -63.63
C VAL C 251 18.10 -56.07 -62.33
N THR C 252 17.12 -56.20 -61.44
CA THR C 252 17.26 -56.81 -60.09
C THR C 252 18.01 -58.12 -60.22
N ALA C 253 17.59 -59.00 -61.13
CA ALA C 253 18.21 -60.32 -61.36
C ALA C 253 19.68 -60.13 -61.74
N LYS C 254 20.00 -59.18 -62.63
CA LYS C 254 21.33 -59.12 -63.29
C LYS C 254 22.36 -58.53 -62.33
N LEU C 255 22.00 -57.50 -61.57
CA LEU C 255 22.93 -56.91 -60.57
C LEU C 255 23.22 -57.93 -59.46
N LEU C 256 22.22 -58.71 -59.05
CA LEU C 256 22.39 -59.81 -58.04
C LEU C 256 23.09 -61.01 -58.68
N GLY C 257 23.29 -61.00 -60.00
CA GLY C 257 24.04 -62.04 -60.73
C GLY C 257 23.28 -63.35 -60.85
N PHE C 258 21.98 -63.35 -60.51
CA PHE C 258 21.07 -64.50 -60.67
C PHE C 258 20.58 -64.56 -62.12
N THR C 259 20.21 -65.76 -62.57
CA THR C 259 19.29 -65.97 -63.73
C THR C 259 17.89 -65.69 -63.21
N PRO C 260 16.89 -65.42 -64.08
CA PRO C 260 15.53 -65.17 -63.63
C PRO C 260 15.06 -66.33 -62.74
N GLY C 261 15.23 -67.57 -63.20
CA GLY C 261 14.83 -68.80 -62.48
C GLY C 261 15.53 -68.95 -61.14
N GLU C 262 16.72 -68.38 -60.98
CA GLU C 262 17.43 -68.32 -59.68
C GLU C 262 16.74 -67.29 -58.78
N LEU C 263 16.38 -66.11 -59.30
CA LEU C 263 15.73 -65.02 -58.52
C LEU C 263 14.32 -65.45 -58.11
N ARG C 264 13.62 -66.20 -58.96
CA ARG C 264 12.23 -66.65 -58.71
C ARG C 264 12.22 -67.70 -57.58
N SER C 265 13.26 -68.53 -57.48
CA SER C 265 13.37 -69.65 -56.48
C SER C 265 13.55 -69.09 -55.05
N TYR C 266 14.04 -67.87 -54.93
CA TYR C 266 14.16 -67.13 -53.65
C TYR C 266 12.77 -66.66 -53.19
N LEU C 267 11.87 -66.34 -54.14
CA LEU C 267 10.50 -65.84 -53.85
C LEU C 267 9.59 -66.99 -53.42
N LYS C 268 9.05 -66.91 -52.20
CA LYS C 268 8.02 -67.84 -51.66
C LYS C 268 6.81 -67.83 -52.59
N GLY C 269 6.40 -66.66 -53.04
CA GLY C 269 5.28 -66.46 -54.00
C GLY C 269 5.31 -65.09 -54.67
N ALA C 270 4.45 -64.90 -55.66
CA ALA C 270 4.31 -63.65 -56.45
C ALA C 270 2.83 -63.41 -56.77
N THR C 271 2.35 -62.22 -56.48
CA THR C 271 1.00 -61.76 -56.86
C THR C 271 1.12 -60.41 -57.56
N GLY C 272 0.02 -59.93 -58.12
CA GLY C 272 -0.02 -58.65 -58.83
C GLY C 272 -1.41 -58.07 -58.81
N HIS C 273 -1.51 -56.83 -58.34
CA HIS C 273 -2.72 -55.98 -58.37
C HIS C 273 -3.08 -55.69 -59.83
N SER C 274 -4.35 -55.82 -60.21
CA SER C 274 -4.84 -55.58 -61.60
C SER C 274 -3.95 -56.35 -62.59
N GLN C 275 -3.44 -55.67 -63.63
CA GLN C 275 -2.78 -56.27 -64.83
C GLN C 275 -1.41 -56.83 -64.44
N GLY C 276 -0.88 -56.38 -63.30
CA GLY C 276 0.33 -56.91 -62.68
C GLY C 276 0.31 -58.41 -62.53
N LEU C 277 -0.89 -59.00 -62.45
CA LEU C 277 -1.09 -60.46 -62.27
C LEU C 277 -0.56 -61.21 -63.49
N VAL C 278 -0.42 -60.55 -64.64
CA VAL C 278 0.19 -61.20 -65.84
C VAL C 278 1.70 -61.31 -65.58
N THR C 279 2.35 -60.20 -65.29
CA THR C 279 3.82 -60.16 -65.05
C THR C 279 4.21 -61.16 -63.95
N ALA C 280 3.38 -61.36 -62.93
CA ALA C 280 3.64 -62.33 -61.84
C ALA C 280 3.73 -63.75 -62.42
N VAL C 281 2.71 -64.20 -63.13
CA VAL C 281 2.71 -65.57 -63.72
C VAL C 281 3.79 -65.68 -64.82
N ALA C 282 4.22 -64.57 -65.43
CA ALA C 282 5.32 -64.55 -66.42
C ALA C 282 6.64 -64.93 -65.74
N ILE C 283 6.96 -64.29 -64.62
CA ILE C 283 8.26 -64.51 -63.90
C ILE C 283 8.22 -65.85 -63.16
N ALA C 284 7.05 -66.41 -62.90
CA ALA C 284 6.94 -67.71 -62.20
C ALA C 284 7.39 -68.83 -63.14
N GLU C 285 7.13 -68.69 -64.45
CA GLU C 285 7.43 -69.70 -65.49
C GLU C 285 8.90 -69.68 -65.93
N THR C 286 9.67 -68.65 -65.59
CA THR C 286 11.04 -68.43 -66.13
C THR C 286 12.05 -69.39 -65.48
N ASP C 287 13.12 -69.71 -66.23
CA ASP C 287 14.21 -70.66 -65.84
C ASP C 287 15.60 -69.99 -66.00
N SER C 288 15.97 -69.58 -67.22
CA SER C 288 17.33 -69.04 -67.55
C SER C 288 17.23 -67.83 -68.49
N TRP C 289 18.34 -67.12 -68.74
CA TRP C 289 18.44 -65.91 -69.62
C TRP C 289 18.15 -66.26 -71.09
N GLU C 290 18.04 -67.55 -71.42
CA GLU C 290 17.77 -68.07 -72.78
C GLU C 290 16.30 -68.46 -72.96
N SER C 291 15.57 -68.75 -71.86
CA SER C 291 14.12 -69.08 -71.85
C SER C 291 13.31 -67.99 -71.12
N PHE C 292 13.81 -66.75 -71.13
CA PHE C 292 13.17 -65.56 -70.49
C PHE C 292 12.35 -64.79 -71.53
N PHE C 293 12.86 -64.72 -72.76
CA PHE C 293 12.26 -63.96 -73.88
C PHE C 293 10.99 -64.66 -74.39
N VAL C 294 10.73 -65.91 -74.01
CA VAL C 294 9.43 -66.60 -74.27
C VAL C 294 8.41 -66.20 -73.20
N SER C 295 8.82 -66.13 -71.93
CA SER C 295 7.96 -65.65 -70.81
C SER C 295 7.55 -64.20 -71.09
N VAL C 296 8.50 -63.36 -71.45
CA VAL C 296 8.26 -61.93 -71.82
C VAL C 296 7.25 -61.90 -72.97
N ARG C 297 7.51 -62.64 -74.06
CA ARG C 297 6.62 -62.67 -75.25
C ARG C 297 5.18 -62.87 -74.79
N LYS C 298 4.94 -63.91 -73.98
CA LYS C 298 3.58 -64.29 -73.51
C LYS C 298 2.96 -63.10 -72.76
N ALA C 299 3.67 -62.54 -71.79
CA ALA C 299 3.19 -61.40 -70.97
C ALA C 299 2.79 -60.24 -71.88
N ILE C 300 3.73 -59.77 -72.70
CA ILE C 300 3.49 -58.67 -73.68
C ILE C 300 2.22 -59.04 -74.47
N THR C 301 2.20 -60.19 -75.13
CA THR C 301 1.08 -60.65 -75.99
C THR C 301 -0.25 -60.56 -75.22
N VAL C 302 -0.34 -61.13 -74.03
CA VAL C 302 -1.55 -61.05 -73.15
C VAL C 302 -1.94 -59.57 -72.99
N LEU C 303 -1.02 -58.76 -72.46
CA LEU C 303 -1.30 -57.36 -72.05
C LEU C 303 -1.66 -56.51 -73.26
N PHE C 304 -1.01 -56.76 -74.40
CA PHE C 304 -1.36 -56.17 -75.71
C PHE C 304 -2.85 -56.40 -75.99
N PHE C 305 -3.30 -57.68 -75.98
CA PHE C 305 -4.68 -58.09 -76.34
C PHE C 305 -5.71 -57.67 -75.28
N ILE C 306 -5.31 -57.64 -74.02
CA ILE C 306 -6.16 -57.04 -72.94
C ILE C 306 -6.36 -55.55 -73.25
N GLY C 307 -5.28 -54.82 -73.45
CA GLY C 307 -5.32 -53.40 -73.84
C GLY C 307 -6.22 -53.20 -75.05
N VAL C 308 -5.97 -53.89 -76.17
CA VAL C 308 -6.58 -53.59 -77.51
C VAL C 308 -8.07 -53.92 -77.52
N ARG C 309 -8.47 -55.09 -77.02
CA ARG C 309 -9.90 -55.49 -77.02
C ARG C 309 -10.66 -54.62 -76.03
N CYS C 310 -10.14 -54.41 -74.81
CA CYS C 310 -10.82 -53.60 -73.75
C CYS C 310 -11.05 -52.17 -74.26
N TYR C 311 -10.18 -51.64 -75.12
CA TYR C 311 -10.31 -50.28 -75.72
C TYR C 311 -11.43 -50.30 -76.75
N GLU C 312 -11.45 -51.31 -77.63
CA GLU C 312 -12.53 -51.53 -78.64
C GLU C 312 -13.88 -51.76 -77.95
N ALA C 313 -13.88 -52.26 -76.71
CA ALA C 313 -15.07 -52.59 -75.90
C ALA C 313 -15.69 -51.32 -75.28
N TYR C 314 -14.88 -50.51 -74.60
CA TYR C 314 -15.29 -49.21 -74.00
C TYR C 314 -14.29 -48.10 -74.31
N PRO C 315 -14.28 -47.57 -75.57
CA PRO C 315 -13.37 -46.47 -75.93
C PRO C 315 -13.80 -45.19 -75.19
N ASN C 316 -12.80 -44.43 -74.71
CA ASN C 316 -12.97 -43.15 -73.98
C ASN C 316 -13.48 -42.08 -74.95
N THR C 317 -14.54 -41.37 -74.55
CA THR C 317 -15.25 -40.34 -75.36
C THR C 317 -14.85 -38.94 -74.85
N SER C 318 -15.18 -37.91 -75.63
CA SER C 318 -15.09 -36.48 -75.26
C SER C 318 -16.07 -36.22 -74.09
N LEU C 319 -15.66 -35.44 -73.09
CA LEU C 319 -16.50 -35.14 -71.88
C LEU C 319 -17.09 -33.74 -71.96
N PRO C 320 -18.39 -33.53 -71.60
CA PRO C 320 -18.98 -32.19 -71.60
C PRO C 320 -18.18 -31.13 -70.86
N PRO C 321 -17.74 -30.02 -71.53
CA PRO C 321 -16.92 -29.01 -70.88
C PRO C 321 -17.50 -28.44 -69.58
N SER C 322 -18.83 -28.50 -69.40
CA SER C 322 -19.55 -28.08 -68.15
C SER C 322 -19.17 -29.00 -66.98
N ILE C 323 -19.12 -30.33 -67.21
CA ILE C 323 -18.69 -31.36 -66.22
C ILE C 323 -17.19 -31.18 -65.90
N LEU C 324 -16.34 -31.07 -66.92
CA LEU C 324 -14.85 -30.94 -66.75
C LEU C 324 -14.52 -29.77 -65.83
N GLU C 325 -15.24 -28.63 -65.95
CA GLU C 325 -14.96 -27.39 -65.17
C GLU C 325 -15.61 -27.46 -63.78
N ASP C 326 -16.75 -28.17 -63.63
CA ASP C 326 -17.44 -28.31 -62.32
C ASP C 326 -16.54 -29.13 -61.39
N SER C 327 -15.83 -30.13 -61.94
CA SER C 327 -14.83 -30.98 -61.24
C SER C 327 -13.49 -30.24 -61.05
N LEU C 328 -13.30 -29.03 -61.58
CA LEU C 328 -12.05 -28.25 -61.37
C LEU C 328 -12.27 -27.19 -60.28
N GLU C 329 -13.42 -26.50 -60.25
CA GLU C 329 -13.71 -25.45 -59.23
C GLU C 329 -14.23 -26.09 -57.93
N ASN C 330 -14.14 -27.41 -57.78
CA ASN C 330 -14.46 -28.18 -56.55
C ASN C 330 -13.23 -28.95 -56.05
N ASN C 331 -12.04 -28.67 -56.59
CA ASN C 331 -10.74 -29.30 -56.22
C ASN C 331 -10.87 -30.83 -56.26
N GLU C 332 -11.61 -31.36 -57.24
CA GLU C 332 -11.63 -32.79 -57.63
C GLU C 332 -10.70 -32.95 -58.84
N GLY C 333 -10.55 -34.16 -59.37
CA GLY C 333 -9.66 -34.43 -60.51
C GLY C 333 -10.28 -34.13 -61.86
N VAL C 334 -9.65 -34.62 -62.92
CA VAL C 334 -10.23 -34.79 -64.28
C VAL C 334 -10.96 -36.13 -64.32
N PRO C 335 -12.30 -36.16 -64.57
CA PRO C 335 -13.07 -37.41 -64.61
C PRO C 335 -12.51 -38.49 -65.52
N SER C 336 -12.57 -39.72 -65.03
CA SER C 336 -11.90 -40.90 -65.61
C SER C 336 -12.69 -42.12 -65.16
N PRO C 337 -12.51 -43.28 -65.82
CA PRO C 337 -13.35 -44.43 -65.54
C PRO C 337 -13.09 -45.10 -64.20
N MET C 338 -12.22 -44.59 -63.33
CA MET C 338 -12.04 -45.16 -61.97
C MET C 338 -11.84 -44.04 -60.95
N LEU C 339 -12.42 -44.20 -59.77
CA LEU C 339 -12.56 -43.13 -58.77
C LEU C 339 -12.21 -43.71 -57.40
N SER C 340 -11.12 -43.26 -56.79
CA SER C 340 -10.63 -43.80 -55.49
C SER C 340 -11.28 -43.03 -54.36
N ILE C 341 -11.74 -43.73 -53.32
CA ILE C 341 -12.43 -43.15 -52.13
C ILE C 341 -11.76 -43.65 -50.84
N SER C 342 -11.08 -42.76 -50.10
CA SER C 342 -10.29 -43.08 -48.89
C SER C 342 -10.98 -42.56 -47.62
N ASN C 343 -11.08 -43.39 -46.58
CA ASN C 343 -11.63 -43.07 -45.22
C ASN C 343 -13.13 -43.38 -45.16
N LEU C 344 -13.65 -44.16 -46.11
CA LEU C 344 -15.04 -44.70 -46.11
C LEU C 344 -14.95 -46.22 -46.21
N THR C 345 -15.74 -46.92 -45.41
CA THR C 345 -15.81 -48.40 -45.34
C THR C 345 -16.52 -48.91 -46.60
N GLN C 346 -16.43 -50.20 -46.89
CA GLN C 346 -17.00 -50.82 -48.12
C GLN C 346 -18.52 -50.81 -48.07
N GLU C 347 -19.14 -50.93 -46.90
CA GLU C 347 -20.63 -50.97 -46.77
C GLU C 347 -21.19 -49.57 -47.02
N GLN C 348 -20.43 -48.53 -46.66
CA GLN C 348 -20.79 -47.10 -46.87
C GLN C 348 -20.74 -46.78 -48.37
N VAL C 349 -19.66 -47.17 -49.03
CA VAL C 349 -19.45 -46.92 -50.48
C VAL C 349 -20.46 -47.73 -51.27
N GLN C 350 -20.74 -48.97 -50.86
CA GLN C 350 -21.71 -49.83 -51.58
C GLN C 350 -23.11 -49.24 -51.43
N ASP C 351 -23.38 -48.52 -50.33
CA ASP C 351 -24.67 -47.84 -50.09
C ASP C 351 -24.79 -46.68 -51.10
N TYR C 352 -23.81 -45.77 -51.13
CA TYR C 352 -23.75 -44.62 -52.07
C TYR C 352 -23.81 -45.10 -53.53
N VAL C 353 -23.12 -46.19 -53.90
CA VAL C 353 -23.16 -46.69 -55.32
C VAL C 353 -24.48 -47.42 -55.58
N ASN C 354 -25.27 -47.74 -54.56
CA ASN C 354 -26.62 -48.35 -54.74
C ASN C 354 -27.65 -47.25 -54.97
N LYS C 355 -27.54 -46.14 -54.23
CA LYS C 355 -28.34 -44.90 -54.48
C LYS C 355 -28.12 -44.48 -55.94
N THR C 356 -26.87 -44.26 -56.36
CA THR C 356 -26.49 -43.78 -57.72
C THR C 356 -26.87 -44.80 -58.79
N ASN C 357 -26.82 -46.11 -58.52
CA ASN C 357 -27.10 -47.13 -59.55
C ASN C 357 -28.62 -47.30 -59.74
N SER C 358 -29.43 -46.93 -58.74
CA SER C 358 -30.91 -47.05 -58.75
C SER C 358 -31.50 -46.18 -59.89
N HIS C 359 -30.94 -44.98 -60.09
CA HIS C 359 -31.39 -43.95 -61.06
C HIS C 359 -30.87 -44.25 -62.47
N LEU C 360 -29.60 -44.69 -62.60
CA LEU C 360 -28.93 -44.95 -63.91
C LEU C 360 -29.45 -46.25 -64.53
N PRO C 361 -29.45 -46.37 -65.87
CA PRO C 361 -29.86 -47.61 -66.56
C PRO C 361 -28.82 -48.74 -66.44
N ALA C 362 -28.99 -49.84 -67.18
CA ALA C 362 -28.18 -51.08 -67.09
C ALA C 362 -26.71 -50.84 -67.48
N GLY C 363 -26.45 -50.24 -68.66
CA GLY C 363 -25.11 -50.11 -69.26
C GLY C 363 -24.32 -48.89 -68.78
N LYS C 364 -24.77 -48.19 -67.73
CA LYS C 364 -24.11 -46.99 -67.15
C LYS C 364 -23.96 -47.16 -65.63
N GLN C 365 -24.06 -48.38 -65.11
CA GLN C 365 -24.03 -48.65 -63.64
C GLN C 365 -22.58 -48.75 -63.17
N VAL C 366 -22.22 -47.99 -62.14
CA VAL C 366 -20.88 -48.12 -61.49
C VAL C 366 -20.91 -49.32 -60.53
N GLU C 367 -19.73 -49.79 -60.12
CA GLU C 367 -19.55 -50.87 -59.12
C GLU C 367 -18.19 -50.74 -58.46
N ILE C 368 -18.01 -51.35 -57.29
CA ILE C 368 -16.71 -51.39 -56.56
C ILE C 368 -15.81 -52.37 -57.31
N SER C 369 -14.67 -51.87 -57.78
CA SER C 369 -13.69 -52.59 -58.64
C SER C 369 -12.50 -53.05 -57.80
N LEU C 370 -11.89 -52.16 -57.01
CA LEU C 370 -10.72 -52.52 -56.18
C LEU C 370 -11.08 -52.25 -54.72
N VAL C 371 -10.74 -53.21 -53.86
CA VAL C 371 -10.75 -53.04 -52.39
C VAL C 371 -9.30 -53.15 -51.95
N ASN C 372 -8.62 -52.01 -51.92
CA ASN C 372 -7.18 -51.87 -51.63
C ASN C 372 -6.94 -51.81 -50.13
N GLY C 373 -7.98 -51.90 -49.30
CA GLY C 373 -7.86 -51.75 -47.84
C GLY C 373 -9.16 -52.07 -47.14
N ALA C 374 -9.28 -51.60 -45.90
CA ALA C 374 -10.56 -51.51 -45.16
C ALA C 374 -11.27 -50.24 -45.64
N LYS C 375 -10.52 -49.12 -45.61
CA LYS C 375 -10.96 -47.75 -45.92
C LYS C 375 -10.16 -47.24 -47.12
N ASN C 376 -10.19 -47.96 -48.24
CA ASN C 376 -9.55 -47.50 -49.50
C ASN C 376 -10.18 -48.28 -50.66
N LEU C 377 -11.12 -47.66 -51.37
CA LEU C 377 -11.87 -48.34 -52.43
C LEU C 377 -11.75 -47.59 -53.75
N VAL C 378 -11.93 -48.32 -54.83
CA VAL C 378 -11.95 -47.74 -56.19
C VAL C 378 -13.24 -48.23 -56.83
N VAL C 379 -14.04 -47.28 -57.29
CA VAL C 379 -15.33 -47.51 -57.99
C VAL C 379 -15.08 -47.30 -59.46
N SER C 380 -15.39 -48.28 -60.29
CA SER C 380 -15.17 -48.20 -61.75
C SER C 380 -16.51 -48.05 -62.42
N GLY C 381 -16.53 -47.46 -63.62
CA GLY C 381 -17.73 -47.28 -64.43
C GLY C 381 -17.61 -45.99 -65.25
N PRO C 382 -18.61 -45.67 -66.09
CA PRO C 382 -18.45 -44.60 -67.08
C PRO C 382 -18.20 -43.26 -66.41
N PRO C 383 -17.21 -42.46 -66.88
CA PRO C 383 -16.81 -41.22 -66.22
C PRO C 383 -17.95 -40.28 -65.79
N GLN C 384 -19.01 -40.17 -66.59
CA GLN C 384 -20.17 -39.30 -66.28
C GLN C 384 -20.91 -39.83 -65.05
N SER C 385 -21.08 -41.16 -64.98
CA SER C 385 -21.76 -41.88 -63.89
C SER C 385 -21.01 -41.68 -62.57
N LEU C 386 -19.68 -41.70 -62.63
CA LEU C 386 -18.75 -41.50 -61.49
C LEU C 386 -18.70 -40.03 -61.12
N TYR C 387 -18.89 -39.15 -62.08
CA TYR C 387 -19.05 -37.71 -61.79
C TYR C 387 -20.34 -37.55 -60.98
N GLY C 388 -21.40 -38.27 -61.39
CA GLY C 388 -22.68 -38.31 -60.66
C GLY C 388 -22.51 -38.78 -59.23
N LEU C 389 -21.82 -39.90 -59.05
CA LEU C 389 -21.47 -40.44 -57.71
C LEU C 389 -20.68 -39.42 -56.89
N ASN C 390 -19.76 -38.71 -57.52
CA ASN C 390 -18.90 -37.69 -56.84
C ASN C 390 -19.76 -36.50 -56.41
N LEU C 391 -20.84 -36.19 -57.15
CA LEU C 391 -21.79 -35.10 -56.81
C LEU C 391 -22.53 -35.47 -55.52
N THR C 392 -23.05 -36.70 -55.47
CA THR C 392 -23.71 -37.28 -54.26
C THR C 392 -22.74 -37.26 -53.07
N LEU C 393 -21.46 -37.56 -53.30
CA LEU C 393 -20.44 -37.69 -52.22
C LEU C 393 -20.05 -36.31 -51.69
N ARG C 394 -20.11 -35.23 -52.48
CA ARG C 394 -19.73 -33.87 -51.97
C ARG C 394 -20.87 -33.27 -51.13
N LYS C 395 -22.08 -33.84 -51.15
CA LYS C 395 -23.21 -33.49 -50.24
C LYS C 395 -22.95 -34.08 -48.85
N ALA C 396 -22.47 -35.32 -48.82
CA ALA C 396 -22.19 -36.09 -47.58
C ALA C 396 -20.90 -35.58 -46.90
N LYS C 397 -19.87 -35.20 -47.66
CA LYS C 397 -18.51 -34.99 -47.08
C LYS C 397 -18.47 -33.60 -46.44
N ALA C 398 -17.75 -33.50 -45.32
CA ALA C 398 -17.53 -32.24 -44.56
C ALA C 398 -16.40 -31.45 -45.21
N PRO C 399 -16.40 -30.09 -45.13
CA PRO C 399 -15.30 -29.28 -45.67
C PRO C 399 -13.92 -29.77 -45.19
N SER C 400 -12.87 -29.56 -46.00
CA SER C 400 -11.49 -30.08 -45.77
C SER C 400 -10.84 -29.39 -44.56
N GLY C 401 -11.27 -28.17 -44.21
CA GLY C 401 -10.72 -27.38 -43.09
C GLY C 401 -11.78 -27.04 -42.03
N LEU C 402 -12.63 -28.00 -41.66
CA LEU C 402 -13.68 -27.85 -40.61
C LEU C 402 -13.13 -28.34 -39.26
N ASP C 403 -13.46 -27.63 -38.18
CA ASP C 403 -13.11 -27.95 -36.76
C ASP C 403 -14.30 -28.65 -36.10
N GLN C 404 -14.11 -29.93 -35.75
CA GLN C 404 -15.12 -30.81 -35.09
C GLN C 404 -14.59 -31.21 -33.70
N SER C 405 -13.60 -30.50 -33.16
CA SER C 405 -12.96 -30.82 -31.86
C SER C 405 -13.92 -30.52 -30.69
N ARG C 406 -14.93 -29.68 -30.89
CA ARG C 406 -15.91 -29.26 -29.85
C ARG C 406 -17.28 -29.96 -30.05
N ILE C 407 -17.34 -31.01 -30.89
CA ILE C 407 -18.59 -31.77 -31.21
C ILE C 407 -18.37 -33.21 -30.75
N PRO C 408 -19.33 -33.81 -29.99
CA PRO C 408 -19.26 -35.22 -29.59
C PRO C 408 -18.95 -36.18 -30.74
N PHE C 409 -18.07 -37.16 -30.52
CA PHE C 409 -17.52 -38.05 -31.58
C PHE C 409 -18.64 -38.60 -32.49
N SER C 410 -19.74 -39.10 -31.91
CA SER C 410 -20.80 -39.91 -32.59
C SER C 410 -21.71 -39.01 -33.45
N GLU C 411 -21.60 -37.70 -33.32
CA GLU C 411 -22.42 -36.68 -34.04
C GLU C 411 -21.58 -35.99 -35.12
N ARG C 412 -20.26 -36.20 -35.14
CA ARG C 412 -19.33 -35.54 -36.10
C ARG C 412 -19.69 -35.99 -37.50
N LYS C 413 -19.68 -35.04 -38.43
CA LYS C 413 -19.90 -35.27 -39.88
C LYS C 413 -18.60 -35.84 -40.46
N LEU C 414 -18.60 -37.14 -40.80
CA LEU C 414 -17.39 -37.90 -41.20
C LEU C 414 -16.79 -37.28 -42.48
N LYS C 415 -15.48 -37.08 -42.46
CA LYS C 415 -14.70 -36.53 -43.58
C LYS C 415 -14.00 -37.70 -44.27
N PHE C 416 -13.79 -37.57 -45.57
CA PHE C 416 -13.25 -38.60 -46.48
C PHE C 416 -12.84 -37.96 -47.79
N SER C 417 -11.75 -38.46 -48.38
CA SER C 417 -11.24 -37.96 -49.68
C SER C 417 -11.83 -38.83 -50.80
N ASN C 418 -11.86 -38.27 -52.01
CA ASN C 418 -12.09 -38.98 -53.28
C ASN C 418 -11.27 -38.25 -54.34
N ARG C 419 -10.87 -38.96 -55.37
CA ARG C 419 -10.13 -38.39 -56.53
C ARG C 419 -10.20 -39.43 -57.63
N PHE C 420 -10.31 -38.99 -58.87
CA PHE C 420 -10.26 -39.88 -60.05
C PHE C 420 -8.82 -40.35 -60.22
N LEU C 421 -8.65 -41.59 -60.64
CA LEU C 421 -7.32 -42.18 -60.95
C LEU C 421 -6.90 -41.78 -62.36
N PRO C 422 -5.58 -41.61 -62.59
CA PRO C 422 -5.05 -41.46 -63.95
C PRO C 422 -5.01 -42.80 -64.70
N VAL C 423 -6.15 -43.23 -65.23
CA VAL C 423 -6.27 -44.42 -66.12
C VAL C 423 -7.38 -44.14 -67.13
N ALA C 424 -7.29 -44.72 -68.32
CA ALA C 424 -8.23 -44.44 -69.43
C ALA C 424 -9.03 -45.69 -69.80
N SER C 425 -9.54 -46.42 -68.82
CA SER C 425 -10.42 -47.60 -69.06
C SER C 425 -11.03 -48.10 -67.76
N PRO C 426 -12.32 -48.47 -67.78
CA PRO C 426 -13.01 -48.95 -66.58
C PRO C 426 -12.63 -50.40 -66.31
N PHE C 427 -11.54 -50.63 -65.60
CA PHE C 427 -11.01 -51.99 -65.30
C PHE C 427 -11.85 -52.64 -64.20
N HIS C 428 -12.01 -53.96 -64.26
CA HIS C 428 -12.74 -54.79 -63.27
C HIS C 428 -14.22 -54.38 -63.22
N SER C 429 -14.79 -53.93 -64.35
CA SER C 429 -16.22 -53.55 -64.47
C SER C 429 -16.91 -54.46 -65.48
N HIS C 430 -18.25 -54.41 -65.50
CA HIS C 430 -19.13 -55.17 -66.46
C HIS C 430 -19.00 -54.62 -67.89
N LEU C 431 -18.47 -53.40 -68.06
CA LEU C 431 -18.38 -52.69 -69.35
C LEU C 431 -17.39 -53.39 -70.29
N LEU C 432 -16.32 -53.98 -69.74
CA LEU C 432 -15.26 -54.65 -70.53
C LEU C 432 -15.64 -56.10 -70.84
N VAL C 433 -16.72 -56.64 -70.25
CA VAL C 433 -17.05 -58.10 -70.29
C VAL C 433 -17.15 -58.61 -71.72
N PRO C 434 -17.74 -57.86 -72.69
CA PRO C 434 -17.86 -58.33 -74.08
C PRO C 434 -16.52 -58.71 -74.72
N ALA C 435 -15.46 -57.97 -74.38
CA ALA C 435 -14.07 -58.17 -74.85
C ALA C 435 -13.57 -59.54 -74.41
N SER C 436 -13.84 -59.95 -73.16
CA SER C 436 -13.35 -61.22 -72.54
C SER C 436 -13.15 -62.31 -73.59
N ASP C 437 -14.23 -62.70 -74.28
CA ASP C 437 -14.26 -63.86 -75.19
C ASP C 437 -13.34 -63.61 -76.39
N LEU C 438 -13.24 -62.37 -76.90
CA LEU C 438 -12.31 -61.99 -78.00
C LEU C 438 -10.86 -62.22 -77.58
N ILE C 439 -10.51 -61.89 -76.33
CA ILE C 439 -9.11 -62.05 -75.80
C ILE C 439 -8.80 -63.55 -75.77
N ASN C 440 -9.72 -64.36 -75.24
CA ASN C 440 -9.59 -65.83 -75.07
C ASN C 440 -9.32 -66.50 -76.42
N LYS C 441 -9.86 -65.96 -77.52
CA LYS C 441 -9.61 -66.42 -78.93
C LYS C 441 -8.26 -65.92 -79.44
N ASP C 442 -7.87 -64.69 -79.07
CA ASP C 442 -6.62 -64.03 -79.56
C ASP C 442 -5.41 -64.62 -78.84
N LEU C 443 -5.60 -65.24 -77.68
CA LEU C 443 -4.51 -65.90 -76.91
C LEU C 443 -4.22 -67.28 -77.50
N VAL C 444 -5.21 -67.98 -78.06
CA VAL C 444 -5.00 -69.32 -78.69
C VAL C 444 -4.47 -69.15 -80.13
N LYS C 445 -4.82 -68.06 -80.81
CA LYS C 445 -4.26 -67.65 -82.14
C LYS C 445 -2.75 -67.42 -82.03
N ASN C 446 -2.28 -66.85 -80.91
CA ASN C 446 -0.86 -66.46 -80.68
C ASN C 446 -0.12 -67.47 -79.78
N ASN C 447 -0.72 -68.65 -79.53
CA ASN C 447 -0.11 -69.81 -78.80
C ASN C 447 0.38 -69.37 -77.41
N VAL C 448 -0.41 -68.54 -76.71
CA VAL C 448 -0.11 -68.07 -75.33
C VAL C 448 -0.99 -68.83 -74.34
N SER C 449 -0.40 -69.75 -73.60
CA SER C 449 -1.07 -70.59 -72.56
C SER C 449 -0.11 -70.78 -71.38
N PHE C 450 -0.48 -70.25 -70.21
CA PHE C 450 0.22 -70.52 -68.93
C PHE C 450 -0.29 -71.85 -68.42
N ASN C 451 0.64 -72.78 -68.17
CA ASN C 451 0.35 -74.17 -67.73
C ASN C 451 0.89 -74.34 -66.29
N ALA C 452 0.09 -74.97 -65.41
CA ALA C 452 0.31 -75.04 -63.94
C ALA C 452 1.67 -75.70 -63.61
N LYS C 453 2.13 -76.63 -64.46
CA LYS C 453 3.39 -77.40 -64.24
C LYS C 453 4.62 -76.48 -64.36
N ASP C 454 4.62 -75.52 -65.29
CA ASP C 454 5.75 -74.59 -65.55
C ASP C 454 5.89 -73.57 -64.42
N ILE C 455 4.77 -73.22 -63.76
CA ILE C 455 4.72 -72.21 -62.65
C ILE C 455 5.31 -72.86 -61.39
N GLN C 456 6.51 -72.42 -60.99
CA GLN C 456 7.33 -73.05 -59.92
C GLN C 456 7.04 -72.41 -58.56
N ILE C 457 6.35 -71.26 -58.52
CA ILE C 457 5.98 -70.58 -57.24
C ILE C 457 4.49 -70.30 -57.23
N PRO C 458 3.82 -70.32 -56.04
CA PRO C 458 2.43 -69.91 -55.95
C PRO C 458 2.23 -68.49 -56.50
N VAL C 459 1.15 -68.30 -57.25
CA VAL C 459 0.77 -67.01 -57.88
C VAL C 459 -0.65 -66.67 -57.42
N TYR C 460 -0.77 -65.80 -56.42
CA TYR C 460 -2.05 -65.54 -55.73
C TYR C 460 -2.96 -64.74 -56.67
N ASP C 461 -4.07 -65.37 -57.07
CA ASP C 461 -5.26 -64.74 -57.71
C ASP C 461 -5.73 -63.56 -56.84
N THR C 462 -6.22 -62.50 -57.49
CA THR C 462 -6.57 -61.20 -56.87
C THR C 462 -8.05 -61.12 -56.47
N PHE C 463 -8.82 -62.22 -56.57
CA PHE C 463 -10.26 -62.24 -56.19
C PHE C 463 -10.47 -63.04 -54.89
N ASP C 464 -10.06 -64.32 -54.88
CA ASP C 464 -10.24 -65.23 -53.72
C ASP C 464 -8.92 -65.39 -52.93
N GLY C 465 -7.78 -65.00 -53.49
CA GLY C 465 -6.46 -65.15 -52.85
C GLY C 465 -5.97 -66.59 -52.85
N SER C 466 -6.56 -67.44 -53.70
CA SER C 466 -6.13 -68.84 -53.93
C SER C 466 -4.95 -68.85 -54.89
N ASP C 467 -4.12 -69.89 -54.81
CA ASP C 467 -3.05 -70.19 -55.79
C ASP C 467 -3.69 -70.32 -57.18
N LEU C 468 -2.99 -69.92 -58.24
CA LEU C 468 -3.45 -70.06 -59.65
C LEU C 468 -3.07 -71.45 -60.18
N ARG C 469 -2.17 -72.18 -59.50
CA ARG C 469 -1.66 -73.49 -59.97
C ARG C 469 -2.72 -74.57 -59.75
N VAL C 470 -3.55 -74.41 -58.71
CA VAL C 470 -4.60 -75.39 -58.29
C VAL C 470 -5.84 -75.25 -59.20
N LEU C 471 -5.96 -74.20 -60.01
CA LEU C 471 -7.12 -73.97 -60.94
C LEU C 471 -7.25 -75.18 -61.86
N SER C 472 -8.50 -75.61 -62.09
CA SER C 472 -8.90 -76.74 -62.95
C SER C 472 -8.72 -76.35 -64.44
N GLY C 473 -9.36 -75.25 -64.84
CA GLY C 473 -9.38 -74.75 -66.23
C GLY C 473 -8.09 -74.08 -66.65
N SER C 474 -8.15 -73.21 -67.66
CA SER C 474 -7.02 -72.37 -68.13
C SER C 474 -6.72 -71.30 -67.08
N ILE C 475 -5.44 -70.98 -66.91
CA ILE C 475 -4.93 -69.92 -65.99
C ILE C 475 -5.03 -68.57 -66.71
N SER C 476 -4.72 -68.56 -68.02
CA SER C 476 -4.87 -67.39 -68.92
C SER C 476 -6.32 -66.86 -68.87
N GLU C 477 -7.31 -67.74 -68.97
CA GLU C 477 -8.75 -67.37 -68.96
C GLU C 477 -9.13 -66.76 -67.62
N ARG C 478 -8.70 -67.40 -66.52
CA ARG C 478 -8.95 -66.91 -65.14
C ARG C 478 -8.23 -65.58 -64.92
N ILE C 479 -7.01 -65.42 -65.46
CA ILE C 479 -6.22 -64.15 -65.30
C ILE C 479 -6.99 -63.03 -66.00
N VAL C 480 -7.37 -63.25 -67.26
CA VAL C 480 -8.06 -62.20 -68.08
C VAL C 480 -9.35 -61.80 -67.34
N ASP C 481 -10.11 -62.79 -66.89
CA ASP C 481 -11.39 -62.60 -66.15
C ASP C 481 -11.11 -61.72 -64.93
N CYS C 482 -10.07 -62.02 -64.15
CA CYS C 482 -9.65 -61.28 -62.91
C CYS C 482 -9.26 -59.82 -63.19
N ILE C 483 -8.73 -59.54 -64.39
CA ILE C 483 -8.23 -58.19 -64.77
C ILE C 483 -9.43 -57.34 -65.23
N ILE C 484 -10.24 -57.86 -66.14
CA ILE C 484 -11.24 -57.05 -66.88
C ILE C 484 -12.62 -57.12 -66.21
N ARG C 485 -12.97 -58.21 -65.54
CA ARG C 485 -14.32 -58.39 -64.93
C ARG C 485 -14.22 -58.31 -63.40
N LEU C 486 -13.57 -59.29 -62.76
CA LEU C 486 -13.69 -59.55 -61.30
C LEU C 486 -13.03 -58.45 -60.51
N PRO C 487 -13.56 -58.11 -59.31
CA PRO C 487 -12.94 -57.09 -58.48
C PRO C 487 -11.64 -57.60 -57.85
N VAL C 488 -10.74 -56.68 -57.50
CA VAL C 488 -9.48 -56.96 -56.78
C VAL C 488 -9.76 -56.82 -55.30
N LYS C 489 -9.68 -57.92 -54.57
CA LYS C 489 -9.73 -57.95 -53.10
C LYS C 489 -8.27 -57.99 -52.64
N TRP C 490 -7.66 -56.84 -52.42
CA TRP C 490 -6.19 -56.76 -52.21
C TRP C 490 -5.85 -57.30 -50.82
N GLU C 491 -6.64 -57.04 -49.79
CA GLU C 491 -6.36 -57.56 -48.43
C GLU C 491 -6.45 -59.10 -48.46
N THR C 492 -7.42 -59.65 -49.19
CA THR C 492 -7.70 -61.11 -49.30
C THR C 492 -6.58 -61.84 -50.04
N THR C 493 -5.92 -61.21 -51.02
CA THR C 493 -4.88 -61.86 -51.88
C THR C 493 -3.50 -61.73 -51.25
N THR C 494 -3.33 -60.84 -50.27
CA THR C 494 -2.09 -60.70 -49.45
C THR C 494 -2.30 -61.33 -48.06
N GLN C 495 -2.91 -62.52 -47.98
CA GLN C 495 -3.04 -63.31 -46.73
C GLN C 495 -1.78 -64.17 -46.53
N PHE C 496 -0.90 -64.25 -47.53
CA PHE C 496 0.41 -64.95 -47.45
C PHE C 496 1.25 -64.38 -46.31
N LYS C 497 2.06 -65.26 -45.70
CA LYS C 497 3.07 -64.93 -44.65
C LYS C 497 4.39 -64.66 -45.35
N ALA C 498 5.03 -63.54 -45.01
CA ALA C 498 6.26 -63.05 -45.66
C ALA C 498 6.84 -61.94 -44.81
N THR C 499 8.16 -61.91 -44.66
CA THR C 499 8.88 -60.90 -43.84
C THR C 499 9.21 -59.69 -44.71
N HIS C 500 9.30 -59.89 -46.02
CA HIS C 500 9.69 -58.87 -47.00
C HIS C 500 8.80 -58.99 -48.23
N ILE C 501 8.46 -57.86 -48.84
CA ILE C 501 7.67 -57.79 -50.10
C ILE C 501 8.45 -56.88 -51.07
N LEU C 502 8.55 -57.32 -52.33
CA LEU C 502 9.29 -56.60 -53.39
C LEU C 502 8.30 -55.98 -54.37
N ASP C 503 8.11 -54.66 -54.31
CA ASP C 503 7.20 -53.89 -55.23
C ASP C 503 7.98 -53.56 -56.50
N PHE C 504 7.95 -54.47 -57.46
CA PHE C 504 8.58 -54.28 -58.80
C PHE C 504 7.80 -53.23 -59.57
N GLY C 505 6.48 -53.21 -59.36
CA GLY C 505 5.48 -52.46 -60.14
C GLY C 505 5.77 -50.97 -60.20
N PRO C 506 5.17 -50.26 -61.17
CA PRO C 506 5.46 -48.85 -61.41
C PRO C 506 4.83 -47.98 -60.32
N GLY C 507 5.37 -46.77 -60.13
CA GLY C 507 4.85 -45.75 -59.20
C GLY C 507 5.90 -45.28 -58.22
N GLY C 508 6.65 -46.22 -57.62
CA GLY C 508 7.62 -45.94 -56.55
C GLY C 508 6.91 -45.77 -55.21
N ALA C 509 7.06 -44.61 -54.59
CA ALA C 509 6.39 -44.23 -53.32
C ALA C 509 4.87 -44.11 -53.53
N SER C 510 4.43 -43.83 -54.76
CA SER C 510 3.00 -43.63 -55.10
C SER C 510 2.32 -44.99 -55.38
N GLY C 511 3.13 -46.04 -55.62
CA GLY C 511 2.71 -47.31 -56.22
C GLY C 511 2.02 -48.27 -55.23
N LEU C 512 2.13 -49.55 -55.54
CA LEU C 512 1.39 -50.64 -54.85
C LEU C 512 2.06 -51.05 -53.54
N GLY C 513 3.38 -50.95 -53.48
CA GLY C 513 4.18 -51.31 -52.30
C GLY C 513 3.74 -50.50 -51.11
N VAL C 514 3.73 -49.17 -51.24
CA VAL C 514 3.42 -48.25 -50.12
C VAL C 514 2.00 -48.55 -49.63
N LEU C 515 1.07 -48.83 -50.53
CA LEU C 515 -0.34 -49.12 -50.17
C LEU C 515 -0.45 -50.41 -49.36
N THR C 516 0.42 -51.38 -49.68
CA THR C 516 0.50 -52.71 -49.02
C THR C 516 1.20 -52.52 -47.68
N HIS C 517 2.16 -51.60 -47.61
CA HIS C 517 2.83 -51.21 -46.34
C HIS C 517 1.78 -50.70 -45.33
N ARG C 518 0.88 -49.81 -45.76
CA ARG C 518 -0.17 -49.17 -44.91
C ARG C 518 -1.15 -50.24 -44.39
N ASN C 519 -1.40 -51.29 -45.17
CA ASN C 519 -2.36 -52.36 -44.80
C ASN C 519 -1.75 -53.37 -43.83
N LYS C 520 -0.44 -53.56 -43.91
CA LYS C 520 0.33 -54.60 -43.17
C LYS C 520 1.18 -53.99 -42.05
N ASP C 521 1.08 -52.67 -41.85
CA ASP C 521 1.78 -51.96 -40.74
C ASP C 521 1.54 -52.72 -39.43
N GLY C 522 2.62 -53.00 -38.70
CA GLY C 522 2.60 -53.60 -37.35
C GLY C 522 2.37 -55.11 -37.36
N THR C 523 2.52 -55.79 -38.51
CA THR C 523 2.52 -57.27 -38.57
C THR C 523 3.95 -57.78 -38.75
N GLY C 524 4.94 -56.88 -38.76
CA GLY C 524 6.36 -57.21 -38.99
C GLY C 524 6.59 -57.69 -40.42
N VAL C 525 6.11 -56.91 -41.40
CA VAL C 525 6.33 -57.14 -42.85
C VAL C 525 6.96 -55.86 -43.43
N ARG C 526 8.22 -55.96 -43.84
CA ARG C 526 8.94 -54.91 -44.59
C ARG C 526 8.49 -54.93 -46.05
N VAL C 527 8.39 -53.77 -46.66
CA VAL C 527 8.12 -53.61 -48.12
C VAL C 527 9.30 -52.86 -48.73
N ILE C 528 9.77 -53.31 -49.88
CA ILE C 528 11.00 -52.74 -50.53
C ILE C 528 10.62 -52.35 -51.95
N VAL C 529 10.57 -51.05 -52.22
CA VAL C 529 10.22 -50.51 -53.57
C VAL C 529 11.40 -50.84 -54.50
N ALA C 530 11.26 -51.86 -55.33
CA ALA C 530 12.36 -52.49 -56.11
C ALA C 530 12.66 -51.73 -57.40
N GLY C 531 11.94 -50.65 -57.69
CA GLY C 531 12.08 -49.88 -58.94
C GLY C 531 12.68 -48.51 -58.72
N THR C 532 12.46 -47.90 -57.56
CA THR C 532 12.87 -46.50 -57.30
C THR C 532 14.09 -46.52 -56.36
N LEU C 533 15.17 -45.83 -56.73
CA LEU C 533 16.23 -45.42 -55.77
C LEU C 533 15.82 -44.09 -55.13
N ASP C 534 15.71 -44.07 -53.80
CA ASP C 534 15.33 -42.86 -53.02
C ASP C 534 15.71 -43.10 -51.56
N ILE C 535 15.40 -42.14 -50.69
CA ILE C 535 15.55 -42.24 -49.21
C ILE C 535 14.21 -41.93 -48.57
N ASN C 536 13.79 -42.80 -47.65
CA ASN C 536 12.59 -42.60 -46.79
C ASN C 536 13.05 -41.88 -45.54
N PRO C 537 12.58 -40.62 -45.29
CA PRO C 537 12.86 -39.96 -44.01
C PRO C 537 12.42 -40.77 -42.78
N ASP C 538 11.20 -41.34 -42.80
CA ASP C 538 10.57 -42.14 -41.71
C ASP C 538 11.19 -43.54 -41.58
N ASP C 539 11.75 -44.08 -42.69
CA ASP C 539 12.44 -45.39 -42.82
C ASP C 539 11.52 -46.54 -42.35
N ASP C 540 10.22 -46.47 -42.72
CA ASP C 540 9.18 -47.48 -42.40
C ASP C 540 9.02 -48.47 -43.56
N TYR C 541 9.69 -48.20 -44.69
CA TYR C 541 9.72 -49.08 -45.88
C TYR C 541 10.98 -48.75 -46.67
N GLY C 542 11.41 -49.74 -47.45
CA GLY C 542 12.72 -49.72 -48.12
C GLY C 542 12.58 -49.31 -49.56
N PHE C 543 13.69 -48.93 -50.17
CA PHE C 543 13.84 -48.67 -51.63
C PHE C 543 15.00 -49.49 -52.18
N LYS C 544 15.09 -49.53 -53.50
CA LYS C 544 15.99 -50.36 -54.35
C LYS C 544 17.27 -50.74 -53.62
N GLN C 545 17.96 -49.78 -53.00
CA GLN C 545 19.30 -49.99 -52.36
C GLN C 545 19.26 -51.21 -51.42
N GLU C 546 18.18 -51.38 -50.65
CA GLU C 546 18.07 -52.42 -49.60
C GLU C 546 18.17 -53.83 -50.19
N ILE C 547 17.74 -54.01 -51.43
CA ILE C 547 17.80 -55.34 -52.11
C ILE C 547 19.27 -55.74 -52.18
N PHE C 548 20.16 -54.83 -52.58
CA PHE C 548 21.56 -55.16 -53.03
C PHE C 548 22.54 -55.02 -51.87
N ASP C 549 22.29 -54.08 -50.96
CA ASP C 549 23.08 -53.83 -49.71
C ASP C 549 23.55 -55.18 -49.13
N VAL C 550 24.84 -55.29 -48.79
CA VAL C 550 25.53 -56.52 -48.27
C VAL C 550 25.81 -56.39 -46.76
N THR C 551 25.63 -55.20 -46.19
CA THR C 551 25.81 -54.93 -44.74
C THR C 551 24.52 -55.35 -43.99
N SER C 552 24.45 -55.16 -42.68
CA SER C 552 23.27 -55.46 -41.82
C SER C 552 22.06 -54.58 -42.22
N ASN C 553 22.28 -53.41 -42.83
CA ASN C 553 21.23 -52.44 -43.28
C ASN C 553 20.44 -53.00 -44.48
N GLY C 554 20.92 -54.07 -45.12
CA GLY C 554 20.20 -54.78 -46.19
C GLY C 554 19.04 -55.60 -45.68
N LEU C 555 19.13 -56.10 -44.43
CA LEU C 555 18.06 -56.90 -43.77
C LEU C 555 17.47 -56.09 -42.60
N LYS C 556 16.54 -55.18 -42.90
CA LYS C 556 15.78 -54.41 -41.90
C LYS C 556 14.41 -55.05 -41.77
N LYS C 557 14.04 -55.46 -40.56
CA LYS C 557 12.70 -56.01 -40.25
C LYS C 557 11.87 -54.90 -39.61
N ASN C 558 10.69 -54.68 -40.18
CA ASN C 558 9.64 -53.82 -39.58
C ASN C 558 9.21 -54.47 -38.27
N PRO C 559 8.76 -53.65 -37.30
CA PRO C 559 8.40 -54.16 -35.99
C PRO C 559 7.05 -54.88 -36.08
N ASN C 560 6.98 -56.11 -35.55
CA ASN C 560 5.72 -56.80 -35.18
C ASN C 560 5.35 -56.33 -33.78
N TRP C 561 4.21 -55.65 -33.61
CA TRP C 561 3.87 -54.99 -32.33
C TRP C 561 3.54 -56.02 -31.25
N LEU C 562 2.86 -57.10 -31.60
CA LEU C 562 2.55 -58.18 -30.63
C LEU C 562 3.88 -58.71 -30.08
N GLU C 563 4.87 -58.97 -30.94
CA GLU C 563 6.16 -59.58 -30.53
C GLU C 563 7.01 -58.56 -29.74
N GLU C 564 7.08 -57.31 -30.20
CA GLU C 564 8.01 -56.28 -29.64
C GLU C 564 7.50 -55.84 -28.26
N TYR C 565 6.18 -55.64 -28.11
CA TYR C 565 5.51 -55.08 -26.91
C TYR C 565 4.70 -56.12 -26.16
N HIS C 566 4.98 -57.41 -26.41
CA HIS C 566 4.43 -58.55 -25.64
C HIS C 566 4.56 -58.20 -24.16
N PRO C 567 3.48 -58.32 -23.36
CA PRO C 567 3.59 -58.20 -21.90
C PRO C 567 4.19 -59.50 -21.37
N LYS C 568 5.05 -59.39 -20.36
CA LYS C 568 5.80 -60.52 -19.77
C LYS C 568 5.56 -60.54 -18.27
N LEU C 569 5.92 -61.64 -17.64
CA LEU C 569 6.04 -61.74 -16.17
C LEU C 569 7.50 -61.86 -15.85
N ILE C 570 7.85 -61.46 -14.64
CA ILE C 570 9.23 -61.47 -14.10
C ILE C 570 9.04 -61.48 -12.59
N LYS C 571 10.08 -61.85 -11.83
CA LYS C 571 10.05 -61.77 -10.35
C LYS C 571 11.43 -61.39 -9.82
N ASN C 572 11.48 -60.85 -8.61
CA ASN C 572 12.73 -60.44 -7.94
C ASN C 572 13.20 -61.58 -7.02
N LYS C 573 14.19 -61.35 -6.13
CA LYS C 573 14.73 -62.37 -5.18
C LYS C 573 13.70 -62.69 -4.10
N SER C 574 12.91 -61.70 -3.69
CA SER C 574 11.76 -61.87 -2.76
C SER C 574 10.67 -62.75 -3.38
N GLY C 575 10.68 -62.94 -4.71
CA GLY C 575 9.74 -63.79 -5.46
C GLY C 575 8.45 -63.08 -5.81
N LYS C 576 8.37 -61.75 -5.63
CA LYS C 576 7.21 -60.91 -6.02
C LYS C 576 7.12 -60.88 -7.55
N ILE C 577 6.06 -61.43 -8.13
CA ILE C 577 5.85 -61.39 -9.60
C ILE C 577 5.37 -59.99 -10.00
N PHE C 578 5.90 -59.46 -11.09
CA PHE C 578 5.51 -58.16 -11.71
C PHE C 578 5.05 -58.41 -13.14
N VAL C 579 4.10 -57.63 -13.61
CA VAL C 579 3.81 -57.54 -15.07
C VAL C 579 4.85 -56.60 -15.70
N GLU C 580 5.61 -57.11 -16.65
CA GLU C 580 6.82 -56.46 -17.19
C GLU C 580 6.43 -55.81 -18.51
N THR C 581 6.22 -54.51 -18.50
CA THR C 581 6.03 -53.68 -19.71
C THR C 581 7.14 -52.64 -19.78
N LYS C 582 7.28 -51.99 -20.94
CA LYS C 582 8.23 -50.87 -21.18
C LYS C 582 8.10 -49.83 -20.06
N PHE C 583 6.90 -49.64 -19.52
CA PHE C 583 6.62 -48.69 -18.41
C PHE C 583 7.16 -49.26 -17.10
N SER C 584 6.61 -50.38 -16.62
CA SER C 584 6.94 -51.02 -15.32
C SER C 584 8.43 -51.29 -15.21
N LYS C 585 9.09 -51.63 -16.32
CA LYS C 585 10.56 -51.79 -16.36
C LYS C 585 11.24 -50.51 -15.87
N LEU C 586 10.72 -49.32 -16.18
CA LEU C 586 11.36 -48.04 -15.80
C LEU C 586 11.19 -47.82 -14.31
N ILE C 587 9.99 -48.04 -13.79
CA ILE C 587 9.60 -47.56 -12.44
C ILE C 587 9.74 -48.66 -11.40
N GLY C 588 9.94 -49.90 -11.81
CA GLY C 588 10.16 -51.05 -10.89
C GLY C 588 8.99 -51.25 -9.96
N ARG C 589 7.79 -51.03 -10.50
CA ARG C 589 6.50 -51.18 -9.79
C ARG C 589 5.54 -51.71 -10.84
N PRO C 590 4.35 -52.23 -10.48
CA PRO C 590 3.36 -52.65 -11.46
C PRO C 590 3.03 -51.52 -12.41
N PRO C 591 2.61 -51.81 -13.64
CA PRO C 591 2.34 -50.76 -14.62
C PRO C 591 0.98 -50.06 -14.47
N LEU C 592 0.49 -49.91 -13.25
CA LEU C 592 -0.82 -49.28 -12.94
C LEU C 592 -0.54 -48.04 -12.12
N LEU C 593 -1.12 -46.90 -12.53
CA LEU C 593 -0.97 -45.64 -11.80
C LEU C 593 -2.36 -45.07 -11.50
N VAL C 594 -2.44 -44.29 -10.43
CA VAL C 594 -3.61 -43.48 -10.02
C VAL C 594 -3.29 -42.06 -10.41
N PRO C 595 -4.03 -41.47 -11.36
CA PRO C 595 -3.65 -40.16 -11.88
C PRO C 595 -3.98 -39.07 -10.86
N GLY C 596 -3.44 -37.89 -11.07
CA GLY C 596 -3.72 -36.70 -10.24
C GLY C 596 -5.19 -36.38 -10.37
N MET C 597 -5.86 -36.25 -9.24
CA MET C 597 -7.30 -35.96 -9.20
C MET C 597 -7.58 -34.88 -8.18
N THR C 598 -8.32 -33.85 -8.58
CA THR C 598 -8.85 -32.82 -7.65
C THR C 598 -10.30 -33.15 -7.27
N PRO C 599 -10.62 -33.47 -6.00
CA PRO C 599 -9.69 -33.35 -4.87
C PRO C 599 -9.21 -34.66 -4.25
N CYS C 600 -9.21 -35.75 -5.02
CA CYS C 600 -9.00 -37.13 -4.51
C CYS C 600 -7.54 -37.33 -4.11
N THR C 601 -6.62 -36.95 -4.99
CA THR C 601 -5.15 -37.08 -4.77
C THR C 601 -4.56 -35.75 -4.29
N VAL C 602 -5.34 -34.79 -3.80
CA VAL C 602 -4.74 -33.62 -3.10
C VAL C 602 -4.34 -34.10 -1.71
N SER C 603 -5.14 -34.97 -1.10
CA SER C 603 -4.86 -35.53 0.25
C SER C 603 -3.47 -36.14 0.27
N PRO C 604 -2.54 -35.64 1.12
CA PRO C 604 -1.28 -36.35 1.36
C PRO C 604 -1.41 -37.76 1.95
N ASP C 605 -2.47 -38.04 2.72
CA ASP C 605 -2.67 -39.37 3.36
C ASP C 605 -2.95 -40.45 2.30
N PHE C 606 -3.71 -40.13 1.25
CA PHE C 606 -4.05 -41.07 0.14
C PHE C 606 -2.86 -41.22 -0.81
N VAL C 607 -2.14 -40.14 -1.08
CA VAL C 607 -0.92 -40.20 -1.92
C VAL C 607 0.14 -41.05 -1.23
N ALA C 608 0.23 -40.95 0.09
CA ALA C 608 1.18 -41.72 0.91
C ALA C 608 0.72 -43.17 1.02
N ALA C 609 -0.58 -43.41 1.18
CA ALA C 609 -1.14 -44.78 1.32
C ALA C 609 -0.92 -45.58 0.04
N THR C 610 -1.24 -44.99 -1.12
CA THR C 610 -1.07 -45.64 -2.46
C THR C 610 0.42 -45.90 -2.72
N THR C 611 1.29 -44.97 -2.38
CA THR C 611 2.75 -45.08 -2.59
C THR C 611 3.31 -46.20 -1.70
N ASN C 612 2.70 -46.47 -0.53
CA ASN C 612 3.15 -47.53 0.40
C ASN C 612 2.66 -48.90 -0.09
N ALA C 613 1.52 -48.92 -0.79
CA ALA C 613 0.94 -50.13 -1.43
C ALA C 613 1.79 -50.55 -2.64
N GLY C 614 2.65 -49.68 -3.14
CA GLY C 614 3.60 -50.02 -4.22
C GLY C 614 3.00 -49.67 -5.57
N TYR C 615 2.36 -48.52 -5.68
CA TYR C 615 1.69 -48.01 -6.90
C TYR C 615 2.00 -46.53 -7.11
N THR C 616 2.21 -46.13 -8.36
CA THR C 616 2.47 -44.72 -8.69
C THR C 616 1.18 -43.94 -8.50
N ILE C 617 1.30 -42.80 -7.84
CA ILE C 617 0.20 -41.83 -7.71
C ILE C 617 0.80 -40.45 -7.86
N GLU C 618 0.08 -39.57 -8.56
CA GLU C 618 0.40 -38.13 -8.73
C GLU C 618 -0.33 -37.36 -7.61
N LEU C 619 0.35 -36.47 -6.89
CA LEU C 619 -0.26 -35.50 -5.94
C LEU C 619 -0.84 -34.32 -6.71
N ALA C 620 -2.17 -34.20 -6.79
CA ALA C 620 -2.89 -33.17 -7.56
C ALA C 620 -2.44 -31.78 -7.11
N GLY C 621 -2.02 -30.93 -8.05
CA GLY C 621 -1.73 -29.50 -7.83
C GLY C 621 -2.98 -28.63 -7.86
N GLY C 622 -4.08 -29.14 -8.44
CA GLY C 622 -5.41 -28.50 -8.46
C GLY C 622 -5.96 -28.17 -7.07
N GLY C 623 -5.38 -28.73 -6.02
CA GLY C 623 -5.89 -28.53 -4.65
C GLY C 623 -5.08 -27.51 -3.88
N TYR C 624 -4.09 -26.89 -4.53
CA TYR C 624 -3.09 -25.98 -3.90
C TYR C 624 -3.06 -24.68 -4.71
N PHE C 625 -2.84 -23.56 -4.02
CA PHE C 625 -2.91 -22.17 -4.57
C PHE C 625 -1.63 -21.39 -4.33
N SER C 626 -0.57 -22.07 -3.93
CA SER C 626 0.68 -21.44 -3.47
C SER C 626 1.77 -22.51 -3.35
N ALA C 627 3.01 -22.10 -3.59
CA ALA C 627 4.20 -22.94 -3.35
C ALA C 627 4.24 -23.39 -1.89
N ALA C 628 3.77 -22.58 -0.94
CA ALA C 628 3.88 -22.84 0.52
C ALA C 628 2.86 -23.89 0.97
N GLY C 629 1.65 -23.89 0.40
CA GLY C 629 0.61 -24.91 0.64
C GLY C 629 0.97 -26.29 0.09
N MET C 630 1.54 -26.34 -1.13
CA MET C 630 2.02 -27.59 -1.74
C MET C 630 3.32 -28.06 -1.08
N THR C 631 4.24 -27.16 -0.71
CA THR C 631 5.49 -27.55 -0.02
C THR C 631 5.12 -28.21 1.31
N ALA C 632 4.08 -27.77 2.01
CA ALA C 632 3.64 -28.40 3.29
C ALA C 632 2.92 -29.72 3.05
N ALA C 633 2.27 -29.87 1.89
CA ALA C 633 1.58 -31.12 1.47
C ALA C 633 2.59 -32.17 1.05
N ILE C 634 3.58 -31.80 0.23
CA ILE C 634 4.72 -32.65 -0.18
C ILE C 634 5.48 -33.10 1.08
N ASP C 635 5.73 -32.21 2.04
CA ASP C 635 6.49 -32.56 3.26
C ASP C 635 5.72 -33.62 4.02
N SER C 636 4.40 -33.48 4.11
CA SER C 636 3.49 -34.43 4.79
C SER C 636 3.53 -35.79 4.10
N VAL C 637 3.65 -35.82 2.76
CA VAL C 637 3.69 -37.09 1.98
C VAL C 637 5.00 -37.79 2.31
N VAL C 638 6.12 -37.12 2.09
CA VAL C 638 7.49 -37.63 2.41
C VAL C 638 7.53 -38.20 3.84
N SER C 639 7.00 -37.51 4.85
CA SER C 639 7.08 -37.98 6.26
C SER C 639 6.23 -39.25 6.47
N GLN C 640 5.31 -39.56 5.54
CA GLN C 640 4.38 -40.72 5.67
C GLN C 640 4.80 -41.92 4.82
N ILE C 641 5.56 -41.70 3.73
CA ILE C 641 6.08 -42.80 2.87
C ILE C 641 7.37 -43.36 3.46
N GLU C 642 7.75 -44.58 3.05
CA GLU C 642 9.00 -45.28 3.46
C GLU C 642 10.15 -44.79 2.58
N LYS C 643 11.38 -45.08 3.00
CA LYS C 643 12.61 -44.65 2.30
C LYS C 643 12.64 -45.29 0.92
N GLY C 644 13.07 -44.52 -0.10
CA GLY C 644 13.24 -45.01 -1.48
C GLY C 644 11.95 -45.02 -2.26
N SER C 645 10.80 -44.83 -1.60
CA SER C 645 9.47 -44.69 -2.23
C SER C 645 9.36 -43.27 -2.76
N THR C 646 8.73 -43.10 -3.93
CA THR C 646 8.61 -41.82 -4.68
C THR C 646 7.15 -41.51 -4.94
N PHE C 647 6.86 -40.34 -5.46
CA PHE C 647 5.53 -40.02 -6.00
C PHE C 647 5.67 -38.98 -7.10
N GLY C 648 4.61 -38.71 -7.82
CA GLY C 648 4.56 -37.66 -8.86
C GLY C 648 3.74 -36.47 -8.42
N ILE C 649 3.78 -35.42 -9.23
CA ILE C 649 2.89 -34.23 -9.09
C ILE C 649 2.14 -34.05 -10.42
N ASN C 650 0.88 -33.62 -10.34
CA ASN C 650 0.01 -33.30 -11.51
C ASN C 650 -0.20 -31.79 -11.50
N LEU C 651 0.20 -31.10 -12.57
CA LEU C 651 -0.05 -29.64 -12.75
C LEU C 651 -0.93 -29.40 -13.98
N ILE C 652 -1.89 -28.51 -13.82
CA ILE C 652 -2.88 -28.13 -14.87
C ILE C 652 -2.22 -27.10 -15.76
N TYR C 653 -2.25 -27.32 -17.06
CA TYR C 653 -1.59 -26.45 -18.06
C TYR C 653 -2.41 -25.14 -18.27
N VAL C 654 -3.74 -25.23 -18.20
CA VAL C 654 -4.68 -24.10 -18.48
C VAL C 654 -4.73 -23.14 -17.28
N ASN C 655 -4.14 -23.49 -16.14
CA ASN C 655 -4.02 -22.62 -14.93
C ASN C 655 -2.62 -22.02 -14.94
N PRO C 656 -2.36 -20.87 -15.62
CA PRO C 656 -1.00 -20.38 -15.79
C PRO C 656 -0.39 -19.86 -14.47
N PHE C 657 -1.22 -19.56 -13.46
CA PHE C 657 -0.77 -19.18 -12.10
C PHE C 657 -0.18 -20.43 -11.43
N MET C 658 -0.91 -21.56 -11.45
CA MET C 658 -0.43 -22.85 -10.89
C MET C 658 0.97 -23.15 -11.42
N LEU C 659 1.15 -23.11 -12.74
CA LEU C 659 2.43 -23.40 -13.42
C LEU C 659 3.52 -22.44 -12.95
N GLN C 660 3.23 -21.16 -12.79
CA GLN C 660 4.30 -20.15 -12.58
C GLN C 660 4.79 -20.19 -11.12
N TRP C 661 4.02 -20.74 -10.17
CA TRP C 661 4.51 -21.05 -8.79
C TRP C 661 5.03 -22.49 -8.71
N GLY C 662 4.41 -23.40 -9.48
CA GLY C 662 4.59 -24.86 -9.43
C GLY C 662 5.94 -25.32 -9.99
N ILE C 663 6.29 -24.90 -11.20
CA ILE C 663 7.51 -25.40 -11.89
C ILE C 663 8.75 -25.05 -11.09
N PRO C 664 8.95 -23.77 -10.66
CA PRO C 664 10.08 -23.42 -9.77
C PRO C 664 10.13 -24.18 -8.43
N LEU C 665 8.96 -24.51 -7.87
CA LEU C 665 8.87 -25.32 -6.61
C LEU C 665 9.45 -26.71 -6.88
N ILE C 666 8.97 -27.36 -7.94
CA ILE C 666 9.39 -28.74 -8.34
C ILE C 666 10.90 -28.74 -8.53
N LYS C 667 11.44 -27.71 -9.21
CA LYS C 667 12.89 -27.56 -9.52
C LYS C 667 13.68 -27.35 -8.23
N GLU C 668 13.19 -26.48 -7.35
CA GLU C 668 13.81 -26.17 -6.05
C GLU C 668 13.76 -27.43 -5.17
N LEU C 669 12.66 -28.17 -5.15
CA LEU C 669 12.48 -29.40 -4.32
C LEU C 669 13.36 -30.53 -4.85
N ARG C 670 13.45 -30.69 -6.17
CA ARG C 670 14.30 -31.70 -6.84
C ARG C 670 15.79 -31.37 -6.68
N SER C 671 16.16 -30.10 -6.56
CA SER C 671 17.56 -29.66 -6.31
C SER C 671 17.95 -29.86 -4.83
N LYS C 672 16.99 -30.11 -3.93
CA LYS C 672 17.25 -30.58 -2.53
C LYS C 672 17.10 -32.10 -2.43
N GLY C 673 16.82 -32.77 -3.56
CA GLY C 673 16.72 -34.23 -3.69
C GLY C 673 15.41 -34.78 -3.15
N TYR C 674 14.30 -34.05 -3.25
CA TYR C 674 12.95 -34.54 -2.87
C TYR C 674 12.58 -35.71 -3.75
N PRO C 675 11.92 -36.76 -3.22
CA PRO C 675 11.64 -37.98 -3.99
C PRO C 675 10.50 -37.86 -5.00
N ILE C 676 10.44 -36.76 -5.74
CA ILE C 676 9.44 -36.52 -6.82
C ILE C 676 9.97 -37.19 -8.09
N GLN C 677 9.29 -38.23 -8.55
CA GLN C 677 9.82 -39.16 -9.57
C GLN C 677 9.55 -38.52 -10.92
N PHE C 678 8.38 -37.94 -11.08
CA PHE C 678 7.88 -37.41 -12.38
C PHE C 678 6.86 -36.31 -12.17
N LEU C 679 6.55 -35.63 -13.27
CA LEU C 679 5.55 -34.55 -13.36
C LEU C 679 4.63 -34.94 -14.49
N THR C 680 3.33 -34.86 -14.28
CA THR C 680 2.27 -35.02 -15.30
C THR C 680 1.67 -33.64 -15.53
N ILE C 681 1.50 -33.26 -16.79
CA ILE C 681 0.85 -31.99 -17.20
C ILE C 681 -0.51 -32.33 -17.80
N GLY C 682 -1.60 -32.08 -17.06
CA GLY C 682 -2.98 -32.29 -17.50
C GLY C 682 -3.59 -31.10 -18.24
N ALA C 683 -4.65 -31.35 -19.02
CA ALA C 683 -5.58 -30.35 -19.61
C ALA C 683 -4.96 -29.62 -20.83
N GLY C 684 -3.84 -30.11 -21.37
CA GLY C 684 -3.13 -29.45 -22.49
C GLY C 684 -1.70 -29.93 -22.59
N VAL C 685 -1.13 -29.86 -23.79
CA VAL C 685 0.26 -30.32 -24.04
C VAL C 685 1.14 -29.09 -24.18
N PRO C 686 2.22 -28.96 -23.37
CA PRO C 686 3.13 -27.83 -23.50
C PRO C 686 3.71 -27.69 -24.90
N SER C 687 4.16 -26.48 -25.25
CA SER C 687 4.93 -26.23 -26.49
C SER C 687 6.31 -26.90 -26.37
N LEU C 688 7.04 -27.03 -27.48
CA LEU C 688 8.36 -27.70 -27.55
C LEU C 688 9.39 -26.99 -26.67
N GLU C 689 9.27 -25.67 -26.50
CA GLU C 689 10.25 -24.84 -25.73
C GLU C 689 10.02 -25.03 -24.22
N VAL C 690 8.75 -25.00 -23.80
CA VAL C 690 8.32 -25.21 -22.39
C VAL C 690 8.66 -26.67 -22.02
N ALA C 691 8.26 -27.62 -22.86
CA ALA C 691 8.55 -29.07 -22.68
C ALA C 691 10.06 -29.25 -22.46
N SER C 692 10.89 -28.68 -23.34
CA SER C 692 12.38 -28.76 -23.27
C SER C 692 12.89 -28.26 -21.91
N GLU C 693 12.40 -27.11 -21.45
CA GLU C 693 12.68 -26.52 -20.12
C GLU C 693 12.31 -27.54 -19.03
N TYR C 694 11.09 -28.10 -19.04
CA TYR C 694 10.61 -29.06 -18.01
C TYR C 694 11.54 -30.29 -17.97
N ILE C 695 12.01 -30.75 -19.13
CA ILE C 695 12.76 -32.02 -19.27
C ILE C 695 14.21 -31.82 -18.81
N GLU C 696 14.83 -30.70 -19.20
CA GLU C 696 16.29 -30.43 -19.02
C GLU C 696 16.59 -29.68 -17.72
N THR C 697 15.59 -29.10 -17.04
CA THR C 697 15.80 -28.24 -15.83
C THR C 697 15.34 -28.95 -14.55
N LEU C 698 14.19 -29.62 -14.55
CA LEU C 698 13.50 -30.06 -13.30
C LEU C 698 14.21 -31.26 -12.66
N GLY C 699 15.02 -32.02 -13.40
CA GLY C 699 15.73 -33.20 -12.84
C GLY C 699 14.72 -34.28 -12.47
N LEU C 700 13.84 -34.63 -13.41
CA LEU C 700 12.79 -35.65 -13.25
C LEU C 700 13.20 -36.90 -14.01
N LYS C 701 12.71 -38.06 -13.57
CA LYS C 701 12.97 -39.36 -14.21
C LYS C 701 12.24 -39.40 -15.55
N TYR C 702 10.97 -39.00 -15.55
CA TYR C 702 10.13 -38.94 -16.77
C TYR C 702 9.02 -37.93 -16.61
N LEU C 703 8.39 -37.61 -17.74
CA LEU C 703 7.33 -36.59 -17.89
C LEU C 703 6.09 -37.28 -18.43
N GLY C 704 5.00 -37.19 -17.68
CA GLY C 704 3.66 -37.57 -18.13
C GLY C 704 3.06 -36.45 -18.95
N LEU C 705 2.30 -36.82 -19.99
CA LEU C 705 1.49 -35.89 -20.81
C LEU C 705 0.13 -36.53 -21.05
N LYS C 706 -0.91 -35.72 -21.18
CA LYS C 706 -2.30 -36.17 -21.19
C LYS C 706 -3.02 -35.62 -22.42
N PRO C 707 -2.54 -35.95 -23.64
CA PRO C 707 -3.11 -35.38 -24.85
C PRO C 707 -4.61 -35.71 -24.98
N GLY C 708 -5.40 -34.74 -25.43
CA GLY C 708 -6.86 -34.82 -25.56
C GLY C 708 -7.27 -35.38 -26.91
N SER C 709 -6.60 -34.94 -27.99
CA SER C 709 -6.99 -35.14 -29.42
C SER C 709 -5.83 -35.77 -30.19
N ILE C 710 -5.94 -35.89 -31.53
CA ILE C 710 -4.86 -36.40 -32.45
C ILE C 710 -3.81 -35.31 -32.64
N ASP C 711 -4.20 -34.04 -32.63
CA ASP C 711 -3.26 -32.89 -32.78
C ASP C 711 -2.33 -32.84 -31.57
N ALA C 712 -2.88 -33.11 -30.38
CA ALA C 712 -2.14 -33.20 -29.09
C ALA C 712 -1.16 -34.36 -29.14
N ILE C 713 -1.61 -35.54 -29.54
CA ILE C 713 -0.76 -36.76 -29.70
C ILE C 713 0.44 -36.40 -30.58
N SER C 714 0.24 -35.85 -31.78
CA SER C 714 1.34 -35.34 -32.66
C SER C 714 2.29 -34.48 -31.83
N GLN C 715 1.78 -33.51 -31.07
CA GLN C 715 2.62 -32.58 -30.27
C GLN C 715 3.46 -33.36 -29.26
N VAL C 716 2.93 -34.43 -28.66
CA VAL C 716 3.67 -35.31 -27.70
C VAL C 716 4.79 -36.02 -28.46
N ILE C 717 4.45 -36.60 -29.61
CA ILE C 717 5.39 -37.32 -30.54
C ILE C 717 6.57 -36.40 -30.86
N ASN C 718 6.31 -35.12 -31.17
CA ASN C 718 7.34 -34.11 -31.52
C ASN C 718 8.18 -33.77 -30.29
N ILE C 719 7.59 -33.78 -29.09
CA ILE C 719 8.30 -33.50 -27.80
C ILE C 719 9.21 -34.67 -27.46
N ALA C 720 8.81 -35.89 -27.83
CA ALA C 720 9.58 -37.14 -27.61
C ALA C 720 10.75 -37.21 -28.60
N LYS C 721 10.50 -36.87 -29.87
CA LYS C 721 11.52 -36.82 -30.95
C LYS C 721 12.62 -35.82 -30.58
N ALA C 722 12.26 -34.73 -29.90
CA ALA C 722 13.17 -33.64 -29.51
C ALA C 722 14.14 -34.10 -28.41
N HIS C 723 13.77 -35.09 -27.60
CA HIS C 723 14.56 -35.59 -26.43
C HIS C 723 14.61 -37.11 -26.40
N PRO C 724 15.19 -37.75 -27.42
CA PRO C 724 14.95 -39.18 -27.68
C PRO C 724 15.40 -40.14 -26.56
N ASN C 725 16.20 -39.68 -25.59
CA ASN C 725 16.67 -40.52 -24.44
C ASN C 725 15.83 -40.27 -23.19
N PHE C 726 14.87 -39.35 -23.23
CA PHE C 726 14.02 -39.02 -22.07
C PHE C 726 12.69 -39.74 -22.20
N PRO C 727 12.28 -40.52 -21.17
CA PRO C 727 10.99 -41.21 -21.19
C PRO C 727 9.81 -40.25 -21.05
N ILE C 728 8.79 -40.43 -21.88
CA ILE C 728 7.56 -39.59 -21.95
C ILE C 728 6.40 -40.56 -21.74
N ALA C 729 5.63 -40.40 -20.66
CA ALA C 729 4.43 -41.23 -20.38
C ALA C 729 3.18 -40.63 -21.05
N LEU C 730 2.86 -41.06 -22.26
CA LEU C 730 1.68 -40.56 -23.00
C LEU C 730 0.47 -41.25 -22.40
N GLN C 731 -0.23 -40.54 -21.53
CA GLN C 731 -1.43 -41.02 -20.83
C GLN C 731 -2.60 -40.71 -21.74
N TRP C 732 -3.15 -41.70 -22.42
CA TRP C 732 -4.21 -41.46 -23.44
C TRP C 732 -5.56 -41.81 -22.83
N THR C 733 -6.42 -40.81 -22.62
CA THR C 733 -7.78 -40.97 -22.06
C THR C 733 -8.76 -40.46 -23.10
N GLY C 734 -9.83 -41.22 -23.36
CA GLY C 734 -10.97 -40.75 -24.14
C GLY C 734 -11.85 -39.80 -23.34
N GLY C 735 -12.90 -39.31 -24.00
CA GLY C 735 -13.86 -38.41 -23.35
C GLY C 735 -14.69 -39.13 -22.30
N ARG C 736 -14.60 -40.45 -22.21
CA ARG C 736 -15.49 -41.23 -21.32
C ARG C 736 -14.95 -41.17 -19.90
N GLY C 737 -13.83 -40.49 -19.69
CA GLY C 737 -13.20 -40.42 -18.36
C GLY C 737 -13.92 -39.46 -17.42
N GLY C 738 -13.81 -39.70 -16.13
CA GLY C 738 -14.36 -38.79 -15.12
C GLY C 738 -13.65 -37.46 -15.16
N GLY C 739 -14.21 -36.47 -14.45
CA GLY C 739 -13.67 -35.10 -14.39
C GLY C 739 -13.75 -34.44 -15.75
N HIS C 740 -12.83 -33.52 -16.06
CA HIS C 740 -12.85 -32.77 -17.34
C HIS C 740 -12.50 -33.74 -18.47
N HIS C 741 -13.38 -33.83 -19.45
CA HIS C 741 -13.23 -34.79 -20.56
C HIS C 741 -13.24 -34.06 -21.89
N SER C 742 -12.61 -34.70 -22.89
CA SER C 742 -12.66 -34.30 -24.32
C SER C 742 -13.94 -34.86 -24.96
N PHE C 743 -14.09 -34.68 -26.26
CA PHE C 743 -15.24 -35.21 -27.03
C PHE C 743 -14.83 -36.48 -27.78
N GLU C 744 -13.56 -36.89 -27.62
CA GLU C 744 -12.90 -37.93 -28.44
C GLU C 744 -13.37 -39.32 -28.02
N ASP C 745 -13.31 -40.27 -28.96
CA ASP C 745 -13.50 -41.72 -28.69
C ASP C 745 -12.19 -42.26 -28.12
N ALA C 746 -12.29 -43.25 -27.24
CA ALA C 746 -11.15 -43.89 -26.55
C ALA C 746 -10.25 -44.57 -27.60
N HIS C 747 -10.85 -45.33 -28.52
CA HIS C 747 -10.10 -46.23 -29.43
C HIS C 747 -9.60 -45.47 -30.66
N THR C 748 -10.48 -44.83 -31.42
CA THR C 748 -10.23 -44.42 -32.83
C THR C 748 -8.96 -43.56 -32.99
N PRO C 749 -8.62 -42.61 -32.09
CA PRO C 749 -7.33 -41.94 -32.12
C PRO C 749 -6.08 -42.80 -31.91
N MET C 750 -6.16 -43.82 -31.05
CA MET C 750 -5.08 -44.83 -30.87
C MET C 750 -4.93 -45.65 -32.15
N LEU C 751 -6.03 -46.12 -32.74
CA LEU C 751 -5.95 -46.91 -33.99
C LEU C 751 -5.16 -46.12 -35.04
N GLN C 752 -5.40 -44.81 -35.18
CA GLN C 752 -4.65 -43.94 -36.12
C GLN C 752 -3.20 -43.80 -35.64
N MET C 753 -2.98 -43.51 -34.34
CA MET C 753 -1.70 -42.92 -33.87
C MET C 753 -0.74 -43.96 -33.27
N TYR C 754 -1.19 -45.16 -32.97
CA TYR C 754 -0.35 -46.21 -32.35
C TYR C 754 0.94 -46.38 -33.14
N SER C 755 0.82 -46.61 -34.46
CA SER C 755 1.98 -46.82 -35.35
C SER C 755 2.99 -45.68 -35.17
N LYS C 756 2.52 -44.43 -35.16
CA LYS C 756 3.38 -43.22 -35.14
C LYS C 756 4.07 -43.14 -33.79
N ILE C 757 3.34 -43.48 -32.74
CA ILE C 757 3.79 -43.41 -31.32
C ILE C 757 4.91 -44.43 -31.12
N ARG C 758 4.77 -45.66 -31.61
CA ARG C 758 5.76 -46.73 -31.34
C ARG C 758 7.08 -46.52 -32.10
N ARG C 759 7.12 -45.61 -33.09
CA ARG C 759 8.37 -45.25 -33.82
C ARG C 759 9.35 -44.58 -32.86
N HIS C 760 8.87 -44.15 -31.69
CA HIS C 760 9.66 -43.46 -30.65
C HIS C 760 9.78 -44.34 -29.41
N PRO C 761 10.86 -45.11 -29.25
CA PRO C 761 10.95 -46.05 -28.14
C PRO C 761 10.86 -45.36 -26.77
N ASN C 762 11.07 -44.05 -26.69
CA ASN C 762 11.01 -43.33 -25.41
C ASN C 762 9.57 -43.07 -24.97
N ILE C 763 8.59 -43.26 -25.83
CA ILE C 763 7.16 -43.04 -25.43
C ILE C 763 6.56 -44.29 -24.80
N MET C 764 6.29 -44.20 -23.50
CA MET C 764 5.57 -45.23 -22.71
C MET C 764 4.08 -44.89 -22.81
N LEU C 765 3.30 -45.78 -23.40
CA LEU C 765 1.89 -45.51 -23.78
C LEU C 765 0.91 -46.06 -22.73
N ILE C 766 0.48 -45.21 -21.81
CA ILE C 766 -0.52 -45.51 -20.75
C ILE C 766 -1.90 -45.27 -21.35
N PHE C 767 -2.86 -46.13 -21.04
CA PHE C 767 -4.26 -46.05 -21.52
C PHE C 767 -5.16 -45.89 -20.30
N GLY C 768 -5.93 -44.81 -20.25
CA GLY C 768 -6.91 -44.54 -19.17
C GLY C 768 -8.33 -44.52 -19.70
N SER C 769 -9.23 -43.96 -18.91
CA SER C 769 -10.66 -43.70 -19.25
C SER C 769 -11.43 -45.04 -19.25
N GLY C 770 -12.05 -45.34 -18.12
CA GLY C 770 -13.16 -46.31 -18.03
C GLY C 770 -12.72 -47.71 -17.64
N PHE C 771 -11.75 -47.81 -16.73
CA PHE C 771 -11.23 -49.11 -16.27
C PHE C 771 -11.48 -49.27 -14.78
N GLY C 772 -11.80 -50.48 -14.38
CA GLY C 772 -12.06 -50.80 -12.96
C GLY C 772 -11.45 -52.11 -12.52
N SER C 773 -11.32 -53.06 -13.43
CA SER C 773 -10.89 -54.44 -13.10
C SER C 773 -9.81 -54.88 -14.08
N ALA C 774 -9.23 -56.03 -13.81
CA ALA C 774 -8.19 -56.69 -14.65
C ALA C 774 -8.83 -57.26 -15.92
N ASP C 775 -10.11 -57.62 -15.85
CA ASP C 775 -10.85 -58.37 -16.89
C ASP C 775 -11.14 -57.48 -18.11
N ASP C 776 -11.18 -56.15 -17.93
CA ASP C 776 -11.47 -55.19 -19.02
C ASP C 776 -10.22 -54.44 -19.46
N THR C 777 -9.14 -54.47 -18.69
CA THR C 777 -7.81 -53.92 -19.09
C THR C 777 -7.01 -54.97 -19.86
N TYR C 778 -7.21 -56.26 -19.60
CA TYR C 778 -6.32 -57.33 -20.13
C TYR C 778 -6.27 -57.26 -21.65
N PRO C 779 -7.39 -57.09 -22.37
CA PRO C 779 -7.33 -56.90 -23.82
C PRO C 779 -6.41 -55.78 -24.34
N TYR C 780 -6.21 -54.72 -23.56
CA TYR C 780 -5.34 -53.57 -23.92
C TYR C 780 -3.89 -53.92 -23.58
N LEU C 781 -3.68 -54.80 -22.61
CA LEU C 781 -2.34 -55.22 -22.16
C LEU C 781 -1.71 -56.14 -23.22
N THR C 782 -2.49 -57.07 -23.77
CA THR C 782 -2.06 -58.11 -24.73
C THR C 782 -2.24 -57.64 -26.16
N GLY C 783 -2.94 -56.52 -26.37
CA GLY C 783 -3.05 -55.88 -27.69
C GLY C 783 -4.17 -56.48 -28.51
N GLU C 784 -4.97 -57.41 -27.98
CA GLU C 784 -6.06 -58.07 -28.75
C GLU C 784 -7.29 -57.16 -28.85
N TRP C 785 -7.37 -56.09 -28.08
CA TRP C 785 -8.44 -55.07 -28.18
C TRP C 785 -8.58 -54.55 -29.59
N SER C 786 -7.49 -54.38 -30.34
CA SER C 786 -7.54 -53.75 -31.68
C SER C 786 -7.85 -54.80 -32.74
N THR C 787 -8.00 -56.09 -32.40
CA THR C 787 -8.41 -57.14 -33.38
C THR C 787 -9.93 -57.19 -33.52
N LYS C 788 -10.68 -56.32 -32.80
CA LYS C 788 -12.14 -56.13 -32.97
C LYS C 788 -12.42 -55.16 -34.12
N PHE C 789 -11.43 -54.31 -34.47
CA PHE C 789 -11.54 -53.27 -35.53
C PHE C 789 -10.71 -53.64 -36.77
N ASP C 790 -10.34 -54.92 -36.93
CA ASP C 790 -9.57 -55.50 -38.07
C ASP C 790 -8.21 -54.76 -38.21
N TYR C 791 -7.53 -54.57 -37.08
CA TYR C 791 -6.13 -54.09 -37.00
C TYR C 791 -5.28 -55.22 -36.48
N PRO C 792 -3.94 -55.10 -36.56
CA PRO C 792 -3.06 -56.04 -35.87
C PRO C 792 -3.05 -55.70 -34.38
N PRO C 793 -2.74 -56.65 -33.48
CA PRO C 793 -2.69 -56.36 -32.05
C PRO C 793 -1.84 -55.13 -31.69
N MET C 794 -2.29 -54.33 -30.73
CA MET C 794 -1.59 -53.08 -30.30
C MET C 794 -1.46 -53.04 -28.79
N PRO C 795 -0.52 -53.78 -28.19
CA PRO C 795 -0.41 -53.80 -26.75
C PRO C 795 -0.05 -52.42 -26.19
N PHE C 796 -0.55 -52.13 -24.99
CA PHE C 796 -0.28 -50.90 -24.23
C PHE C 796 0.71 -51.22 -23.12
N ASP C 797 1.34 -50.19 -22.58
CA ASP C 797 2.42 -50.31 -21.58
C ASP C 797 1.86 -50.23 -20.16
N GLY C 798 0.77 -49.51 -19.96
CA GLY C 798 0.21 -49.30 -18.61
C GLY C 798 -1.24 -48.88 -18.61
N PHE C 799 -1.79 -48.64 -17.43
CA PHE C 799 -3.22 -48.26 -17.24
C PHE C 799 -3.32 -47.23 -16.15
N LEU C 800 -4.26 -46.29 -16.27
CA LEU C 800 -4.51 -45.39 -15.13
C LEU C 800 -5.97 -45.56 -14.72
N PHE C 801 -6.18 -45.52 -13.39
CA PHE C 801 -7.48 -45.76 -12.72
C PHE C 801 -7.86 -44.53 -11.91
N GLY C 802 -8.73 -43.69 -12.45
CA GLY C 802 -9.17 -42.47 -11.74
C GLY C 802 -10.44 -42.71 -10.93
N SER C 803 -11.55 -42.94 -11.62
CA SER C 803 -12.87 -43.09 -11.01
C SER C 803 -12.90 -44.33 -10.10
N ARG C 804 -12.29 -45.45 -10.52
CA ARG C 804 -12.26 -46.71 -9.73
C ARG C 804 -11.81 -46.47 -8.27
N VAL C 805 -10.85 -45.59 -8.01
CA VAL C 805 -10.22 -45.55 -6.66
C VAL C 805 -10.96 -44.61 -5.70
N MET C 806 -11.98 -43.87 -6.16
CA MET C 806 -12.60 -42.76 -5.40
C MET C 806 -13.31 -43.26 -4.14
N ILE C 807 -13.68 -44.54 -4.09
CA ILE C 807 -14.39 -45.16 -2.93
C ILE C 807 -13.39 -46.01 -2.11
N ALA C 808 -12.09 -45.80 -2.25
CA ALA C 808 -11.09 -46.53 -1.46
C ALA C 808 -11.20 -46.11 0.01
N LYS C 809 -10.69 -46.94 0.91
CA LYS C 809 -10.73 -46.67 2.37
C LYS C 809 -10.03 -45.35 2.66
N GLU C 810 -8.93 -45.05 1.94
CA GLU C 810 -7.97 -43.97 2.31
C GLU C 810 -8.35 -42.65 1.64
N VAL C 811 -9.35 -42.65 0.76
CA VAL C 811 -9.82 -41.42 0.06
C VAL C 811 -10.66 -40.61 1.04
N LYS C 812 -10.58 -39.27 0.94
CA LYS C 812 -11.16 -38.32 1.91
C LYS C 812 -12.64 -38.10 1.61
N THR C 813 -13.09 -38.49 0.41
CA THR C 813 -14.52 -38.51 -0.02
C THR C 813 -15.38 -38.90 1.18
N SER C 814 -16.44 -38.14 1.46
CA SER C 814 -17.34 -38.34 2.62
C SER C 814 -18.15 -39.63 2.45
N PRO C 815 -18.45 -40.37 3.54
CA PRO C 815 -19.18 -41.63 3.44
C PRO C 815 -20.52 -41.59 2.69
N ASP C 816 -21.21 -40.45 2.72
CA ASP C 816 -22.52 -40.29 2.03
C ASP C 816 -22.28 -40.10 0.53
N ALA C 817 -21.10 -39.56 0.16
CA ALA C 817 -20.65 -39.35 -1.24
C ALA C 817 -20.14 -40.67 -1.83
N LYS C 818 -19.52 -41.52 -1.02
CA LYS C 818 -19.07 -42.87 -1.45
C LYS C 818 -20.32 -43.73 -1.74
N LYS C 819 -21.37 -43.65 -0.92
CA LYS C 819 -22.66 -44.37 -1.15
C LYS C 819 -23.27 -43.91 -2.47
N CYS C 820 -23.18 -42.61 -2.77
CA CYS C 820 -23.72 -41.98 -4.01
C CYS C 820 -22.94 -42.45 -5.24
N ILE C 821 -21.62 -42.62 -5.12
CA ILE C 821 -20.73 -43.06 -6.24
C ILE C 821 -21.04 -44.53 -6.56
N ALA C 822 -21.11 -45.38 -5.53
CA ALA C 822 -21.46 -46.82 -5.64
C ALA C 822 -22.84 -46.97 -6.32
N ALA C 823 -23.82 -46.17 -5.93
CA ALA C 823 -25.22 -46.20 -6.43
C ALA C 823 -25.28 -45.91 -7.95
N CYS C 824 -24.35 -45.12 -8.51
CA CYS C 824 -24.22 -44.91 -9.99
C CYS C 824 -23.88 -46.24 -10.63
N THR C 825 -24.73 -46.68 -11.57
CA THR C 825 -24.64 -47.99 -12.24
C THR C 825 -23.61 -47.92 -13.37
N GLY C 826 -23.47 -46.75 -13.99
CA GLY C 826 -22.63 -46.58 -15.17
C GLY C 826 -23.27 -47.17 -16.41
N VAL C 827 -22.63 -46.91 -17.55
CA VAL C 827 -23.08 -47.38 -18.89
C VAL C 827 -21.87 -47.97 -19.60
N PRO C 828 -22.06 -48.91 -20.57
CA PRO C 828 -20.95 -49.41 -21.37
C PRO C 828 -20.46 -48.35 -22.36
N ASP C 829 -19.28 -48.57 -22.95
CA ASP C 829 -18.58 -47.60 -23.84
C ASP C 829 -19.48 -47.08 -24.97
N ASP C 830 -20.47 -47.84 -25.44
CA ASP C 830 -21.25 -47.45 -26.65
C ASP C 830 -22.30 -46.37 -26.34
N LYS C 831 -22.48 -46.00 -25.07
CA LYS C 831 -23.54 -45.08 -24.59
C LYS C 831 -22.96 -43.81 -23.93
N TRP C 832 -21.68 -43.76 -23.61
CA TRP C 832 -21.12 -42.71 -22.72
C TRP C 832 -21.46 -41.31 -23.26
N GLU C 833 -21.66 -41.15 -24.56
CA GLU C 833 -21.90 -39.81 -25.19
C GLU C 833 -23.30 -39.26 -24.85
N GLN C 834 -24.19 -40.11 -24.34
CA GLN C 834 -25.54 -39.67 -23.92
C GLN C 834 -25.48 -38.82 -22.64
N THR C 835 -24.32 -38.71 -21.97
CA THR C 835 -24.09 -37.83 -20.78
C THR C 835 -24.16 -36.34 -21.17
N TYR C 836 -24.01 -35.99 -22.44
CA TYR C 836 -24.09 -34.61 -22.98
C TYR C 836 -25.54 -34.10 -23.04
N LYS C 837 -26.53 -34.98 -22.90
CA LYS C 837 -27.98 -34.67 -23.04
C LYS C 837 -28.69 -34.87 -21.69
N LYS C 838 -28.54 -36.04 -21.09
CA LYS C 838 -29.35 -36.48 -19.92
C LYS C 838 -28.46 -37.28 -18.97
N PRO C 839 -28.92 -37.55 -17.72
CA PRO C 839 -28.24 -38.49 -16.85
C PRO C 839 -28.24 -39.91 -17.44
N THR C 840 -27.04 -40.34 -17.83
CA THR C 840 -26.70 -41.65 -18.42
C THR C 840 -25.97 -42.47 -17.36
N GLY C 841 -26.65 -43.44 -16.75
CA GLY C 841 -26.10 -44.24 -15.66
C GLY C 841 -25.71 -43.39 -14.47
N GLY C 842 -26.45 -42.30 -14.20
CA GLY C 842 -26.29 -41.46 -13.00
C GLY C 842 -25.16 -40.46 -13.10
N ILE C 843 -24.57 -40.29 -14.29
CA ILE C 843 -23.49 -39.30 -14.55
C ILE C 843 -23.98 -38.40 -15.67
N VAL C 844 -23.71 -37.11 -15.57
CA VAL C 844 -24.06 -36.15 -16.64
C VAL C 844 -22.86 -35.26 -16.97
N THR C 845 -22.83 -34.68 -18.17
CA THR C 845 -21.85 -33.65 -18.54
C THR C 845 -22.44 -32.28 -18.19
N VAL C 846 -21.66 -31.46 -17.48
CA VAL C 846 -21.91 -30.01 -17.26
C VAL C 846 -20.66 -29.26 -17.71
N ARG C 847 -20.80 -27.99 -18.08
CA ARG C 847 -19.71 -27.08 -18.53
C ARG C 847 -19.13 -26.38 -17.31
N SER C 848 -17.80 -26.24 -17.22
CA SER C 848 -17.09 -25.50 -16.15
C SER C 848 -17.34 -23.99 -16.30
N GLU C 849 -16.64 -23.15 -15.54
CA GLU C 849 -16.60 -21.67 -15.73
C GLU C 849 -16.20 -21.29 -17.18
N MET C 850 -15.17 -21.96 -17.73
CA MET C 850 -14.49 -21.65 -19.03
C MET C 850 -15.18 -22.39 -20.20
N GLY C 851 -16.25 -23.15 -19.94
CA GLY C 851 -17.06 -23.88 -20.94
C GLY C 851 -16.53 -25.28 -21.26
N GLU C 852 -15.58 -25.81 -20.47
CA GLU C 852 -14.97 -27.16 -20.63
C GLU C 852 -15.89 -28.22 -20.05
N PRO C 853 -16.22 -29.32 -20.76
CA PRO C 853 -17.12 -30.34 -20.25
C PRO C 853 -16.55 -31.15 -19.09
N ILE C 854 -17.38 -31.47 -18.10
CA ILE C 854 -17.00 -32.23 -16.87
C ILE C 854 -18.03 -33.34 -16.66
N HIS C 855 -17.58 -34.56 -16.36
CA HIS C 855 -18.48 -35.67 -15.94
C HIS C 855 -18.63 -35.59 -14.43
N LYS C 856 -19.85 -35.33 -13.96
CA LYS C 856 -20.20 -35.33 -12.52
C LYS C 856 -21.43 -36.22 -12.34
N ILE C 857 -21.54 -36.80 -11.16
CA ILE C 857 -22.75 -37.57 -10.76
C ILE C 857 -23.94 -36.62 -10.82
N ALA C 858 -25.06 -37.11 -11.34
CA ALA C 858 -26.29 -36.34 -11.58
C ALA C 858 -27.05 -36.27 -10.25
N THR C 859 -26.46 -35.54 -9.29
CA THR C 859 -27.11 -35.11 -8.03
C THR C 859 -28.08 -33.95 -8.34
N ARG C 860 -28.87 -33.49 -7.36
CA ARG C 860 -29.86 -32.39 -7.56
C ARG C 860 -29.10 -31.10 -7.88
N GLY C 861 -28.01 -30.87 -7.16
CA GLY C 861 -27.14 -29.70 -7.39
C GLY C 861 -26.50 -29.71 -8.75
N VAL C 862 -26.18 -30.87 -9.30
CA VAL C 862 -25.51 -30.94 -10.64
C VAL C 862 -26.58 -30.75 -11.71
N MET C 863 -27.80 -31.24 -11.45
CA MET C 863 -28.93 -31.11 -12.40
C MET C 863 -29.43 -29.66 -12.44
N LEU C 864 -29.28 -28.93 -11.34
CA LEU C 864 -29.52 -27.47 -11.30
C LEU C 864 -28.41 -26.76 -12.07
N TRP C 865 -27.17 -27.17 -11.88
CA TRP C 865 -26.01 -26.63 -12.64
C TRP C 865 -26.23 -26.81 -14.12
N LYS C 866 -26.76 -27.96 -14.53
CA LYS C 866 -27.03 -28.24 -15.95
C LYS C 866 -28.16 -27.34 -16.46
N GLU C 867 -29.26 -27.24 -15.72
CA GLU C 867 -30.44 -26.38 -16.06
C GLU C 867 -29.98 -24.94 -16.31
N PHE C 868 -29.16 -24.39 -15.41
CA PHE C 868 -28.61 -23.02 -15.52
C PHE C 868 -27.64 -22.91 -16.72
N ASP C 869 -26.92 -23.98 -17.08
CA ASP C 869 -25.98 -23.97 -18.24
C ASP C 869 -26.74 -23.85 -19.56
N GLU C 870 -28.01 -24.29 -19.57
CA GLU C 870 -28.87 -24.40 -20.79
C GLU C 870 -29.78 -23.17 -20.94
N THR C 871 -30.12 -22.46 -19.85
CA THR C 871 -31.17 -21.40 -19.80
C THR C 871 -30.71 -20.05 -19.22
N ILE C 872 -29.53 -19.95 -18.59
CA ILE C 872 -29.04 -18.71 -17.92
C ILE C 872 -27.63 -18.35 -18.37
N PHE C 873 -26.69 -19.30 -18.38
CA PHE C 873 -25.24 -19.06 -18.59
C PHE C 873 -24.88 -19.13 -20.09
N ASN C 874 -25.81 -19.59 -20.93
CA ASN C 874 -25.67 -19.69 -22.42
C ASN C 874 -26.21 -18.41 -23.09
N LEU C 875 -26.67 -17.43 -22.29
CA LEU C 875 -27.25 -16.14 -22.78
C LEU C 875 -26.13 -15.09 -22.95
N PRO C 876 -26.26 -14.16 -23.93
CA PRO C 876 -25.35 -13.01 -24.02
C PRO C 876 -25.53 -12.00 -22.87
N LYS C 877 -24.46 -11.28 -22.51
CA LYS C 877 -24.33 -10.44 -21.28
C LYS C 877 -25.40 -9.34 -21.20
N ASN C 878 -25.85 -8.82 -22.35
CA ASN C 878 -26.89 -7.76 -22.44
C ASN C 878 -28.29 -8.30 -22.08
N LYS C 879 -28.50 -9.63 -22.12
CA LYS C 879 -29.79 -10.31 -21.80
C LYS C 879 -29.70 -11.18 -20.53
N LEU C 880 -28.55 -11.19 -19.83
CA LEU C 880 -28.30 -12.04 -18.63
C LEU C 880 -28.98 -11.42 -17.41
N VAL C 881 -28.71 -10.14 -17.14
CA VAL C 881 -29.22 -9.42 -15.92
C VAL C 881 -30.75 -9.33 -15.96
N PRO C 882 -31.39 -8.94 -17.09
CA PRO C 882 -32.86 -9.01 -17.18
C PRO C 882 -33.46 -10.38 -16.85
N THR C 883 -32.83 -11.47 -17.31
CA THR C 883 -33.32 -12.87 -17.11
C THR C 883 -33.14 -13.25 -15.64
N LEU C 884 -32.04 -12.84 -15.00
CA LEU C 884 -31.79 -13.09 -13.55
C LEU C 884 -32.80 -12.33 -12.68
N GLU C 885 -33.24 -11.14 -13.10
CA GLU C 885 -34.23 -10.30 -12.33
C GLU C 885 -35.65 -10.87 -12.49
N ALA C 886 -35.96 -11.49 -13.63
CA ALA C 886 -37.28 -12.07 -13.98
C ALA C 886 -37.44 -13.45 -13.34
N LYS C 887 -36.36 -14.23 -13.28
CA LYS C 887 -36.35 -15.60 -12.72
C LYS C 887 -36.03 -15.59 -11.21
N ARG C 888 -35.50 -14.47 -10.68
CA ARG C 888 -35.06 -14.28 -9.28
C ARG C 888 -35.70 -15.31 -8.35
N ASP C 889 -37.01 -15.33 -8.22
CA ASP C 889 -37.73 -16.04 -7.13
C ASP C 889 -37.56 -17.56 -7.31
N TYR C 890 -37.72 -18.05 -8.55
CA TYR C 890 -37.45 -19.46 -8.99
C TYR C 890 -35.99 -19.81 -8.68
N ILE C 891 -35.02 -19.06 -9.22
CA ILE C 891 -33.56 -19.25 -8.97
C ILE C 891 -33.29 -19.45 -7.47
N ILE C 892 -33.76 -18.56 -6.62
CA ILE C 892 -33.47 -18.60 -5.16
C ILE C 892 -34.06 -19.87 -4.57
N SER C 893 -35.25 -20.28 -5.03
CA SER C 893 -35.96 -21.47 -4.47
C SER C 893 -35.13 -22.72 -4.78
N ARG C 894 -34.55 -22.76 -6.00
CA ARG C 894 -33.68 -23.86 -6.52
C ARG C 894 -32.38 -23.87 -5.70
N LEU C 895 -31.64 -22.77 -5.66
CA LEU C 895 -30.40 -22.66 -4.83
C LEU C 895 -30.66 -23.16 -3.41
N ASN C 896 -31.77 -22.80 -2.78
CA ASN C 896 -31.99 -23.13 -1.34
C ASN C 896 -32.33 -24.61 -1.17
N ALA C 897 -33.12 -25.19 -2.05
CA ALA C 897 -33.55 -26.62 -2.00
C ALA C 897 -32.38 -27.54 -2.42
N ASP C 898 -31.70 -27.20 -3.52
CA ASP C 898 -30.79 -28.11 -4.28
C ASP C 898 -29.31 -27.77 -4.09
N PHE C 899 -28.84 -26.64 -4.56
CA PHE C 899 -27.40 -26.39 -4.75
C PHE C 899 -26.64 -26.31 -3.41
N GLN C 900 -25.33 -26.53 -3.46
CA GLN C 900 -24.37 -26.60 -2.32
C GLN C 900 -23.95 -25.21 -1.85
N LYS C 901 -24.25 -24.18 -2.64
CA LYS C 901 -24.10 -22.74 -2.29
C LYS C 901 -25.49 -22.14 -2.19
N PRO C 902 -26.12 -22.12 -1.00
CA PRO C 902 -27.48 -21.62 -0.88
C PRO C 902 -27.49 -20.10 -1.02
N TRP C 903 -28.67 -19.54 -1.25
CA TRP C 903 -28.92 -18.09 -1.30
C TRP C 903 -28.71 -17.55 0.10
N PHE C 904 -27.75 -16.65 0.26
CA PHE C 904 -27.28 -16.19 1.57
C PHE C 904 -28.43 -15.58 2.34
N ALA C 905 -29.16 -14.67 1.67
CA ALA C 905 -30.18 -13.83 2.32
C ALA C 905 -31.45 -14.65 2.46
N THR C 906 -31.41 -15.58 3.40
CA THR C 906 -32.53 -16.50 3.70
C THR C 906 -32.58 -16.62 5.22
N VAL C 907 -33.61 -16.01 5.80
CA VAL C 907 -33.83 -15.88 7.27
C VAL C 907 -35.00 -16.79 7.63
N ASN C 908 -34.68 -18.03 8.03
CA ASN C 908 -35.63 -19.06 8.54
C ASN C 908 -36.62 -19.42 7.42
N GLY C 909 -36.07 -19.90 6.30
CA GLY C 909 -36.84 -20.38 5.14
C GLY C 909 -37.24 -19.27 4.18
N GLN C 910 -37.49 -18.05 4.67
CA GLN C 910 -37.99 -16.90 3.88
C GLN C 910 -36.84 -16.35 3.01
N ALA C 911 -37.07 -16.22 1.71
CA ALA C 911 -36.14 -15.63 0.73
C ALA C 911 -36.19 -14.10 0.82
N ARG C 912 -35.18 -13.50 1.44
CA ARG C 912 -35.03 -12.03 1.55
C ARG C 912 -34.05 -11.56 0.47
N ASP C 913 -33.46 -10.40 0.66
CA ASP C 913 -32.28 -9.86 -0.05
C ASP C 913 -31.40 -9.21 1.03
N LEU C 914 -30.14 -8.93 0.76
CA LEU C 914 -29.22 -8.32 1.75
C LEU C 914 -29.78 -6.98 2.23
N ALA C 915 -30.37 -6.24 1.31
CA ALA C 915 -31.04 -4.94 1.57
C ALA C 915 -32.09 -5.11 2.66
N THR C 916 -32.83 -6.23 2.70
CA THR C 916 -33.94 -6.47 3.64
C THR C 916 -33.56 -7.47 4.74
N MET C 917 -32.31 -7.48 5.16
CA MET C 917 -31.84 -8.26 6.34
C MET C 917 -31.25 -7.29 7.35
N THR C 918 -31.45 -7.55 8.63
CA THR C 918 -30.83 -6.79 9.74
C THR C 918 -29.38 -7.23 9.87
N TYR C 919 -28.59 -6.53 10.66
CA TYR C 919 -27.17 -6.86 10.86
C TYR C 919 -27.03 -8.10 11.74
N GLU C 920 -27.98 -8.33 12.64
CA GLU C 920 -28.01 -9.57 13.43
C GLU C 920 -28.25 -10.72 12.45
N GLU C 921 -29.31 -10.64 11.66
CA GLU C 921 -29.69 -11.68 10.68
C GLU C 921 -28.46 -12.08 9.86
N VAL C 922 -27.71 -11.11 9.33
CA VAL C 922 -26.52 -11.35 8.47
C VAL C 922 -25.47 -12.12 9.26
N ALA C 923 -25.00 -11.56 10.38
CA ALA C 923 -24.05 -12.21 11.32
C ALA C 923 -24.48 -13.65 11.66
N LYS C 924 -25.73 -13.90 12.04
CA LYS C 924 -26.18 -15.26 12.45
C LYS C 924 -26.28 -16.21 11.26
N ARG C 925 -26.45 -15.69 10.04
CA ARG C 925 -26.39 -16.47 8.79
C ARG C 925 -24.93 -16.77 8.48
N LEU C 926 -24.03 -15.82 8.69
CA LEU C 926 -22.59 -16.07 8.41
C LEU C 926 -22.04 -17.17 9.33
N VAL C 927 -22.49 -17.22 10.57
CA VAL C 927 -22.08 -18.29 11.53
C VAL C 927 -22.73 -19.62 11.11
N GLU C 928 -23.99 -19.61 10.69
CA GLU C 928 -24.76 -20.81 10.28
C GLU C 928 -24.15 -21.48 9.04
N LEU C 929 -23.49 -20.72 8.18
CA LEU C 929 -23.02 -21.24 6.88
C LEU C 929 -21.52 -21.53 6.91
N MET C 930 -20.74 -20.88 7.79
CA MET C 930 -19.25 -20.90 7.75
C MET C 930 -18.65 -21.58 8.99
N PHE C 931 -19.41 -21.72 10.06
CA PHE C 931 -18.97 -22.34 11.33
C PHE C 931 -19.67 -23.68 11.52
N ILE C 932 -18.88 -24.72 11.76
CA ILE C 932 -19.33 -26.14 11.74
C ILE C 932 -19.61 -26.52 13.19
N ARG C 933 -20.88 -26.82 13.51
CA ARG C 933 -21.30 -27.10 14.91
C ARG C 933 -20.65 -28.40 15.40
N SER C 934 -20.61 -29.43 14.54
CA SER C 934 -20.07 -30.80 14.82
C SER C 934 -18.62 -30.71 15.35
N THR C 935 -17.69 -30.12 14.58
CA THR C 935 -16.25 -29.95 14.97
C THR C 935 -16.07 -28.73 15.90
N ASN C 936 -17.09 -27.85 15.97
CA ASN C 936 -17.14 -26.64 16.83
C ASN C 936 -15.96 -25.73 16.44
N SER C 937 -15.74 -25.56 15.13
CA SER C 937 -14.66 -24.69 14.57
C SER C 937 -15.05 -24.13 13.20
N TRP C 938 -14.43 -23.01 12.84
CA TRP C 938 -14.60 -22.31 11.56
C TRP C 938 -13.97 -23.17 10.46
N PHE C 939 -14.75 -23.54 9.46
CA PHE C 939 -14.32 -24.46 8.38
C PHE C 939 -13.04 -23.95 7.71
N ASP C 940 -12.95 -22.64 7.47
CA ASP C 940 -11.70 -21.98 7.00
C ASP C 940 -11.41 -20.78 7.90
N VAL C 941 -10.14 -20.43 8.09
CA VAL C 941 -9.78 -19.27 8.96
C VAL C 941 -10.21 -17.97 8.26
N THR C 942 -10.14 -17.92 6.92
CA THR C 942 -10.47 -16.69 6.14
C THR C 942 -11.95 -16.37 6.21
N TRP C 943 -12.78 -17.38 6.51
CA TRP C 943 -14.22 -17.23 6.82
C TRP C 943 -14.40 -16.58 8.20
N ARG C 944 -13.62 -16.98 9.17
CA ARG C 944 -13.67 -16.32 10.50
C ARG C 944 -13.26 -14.84 10.35
N THR C 945 -12.25 -14.54 9.55
CA THR C 945 -11.80 -13.15 9.28
C THR C 945 -12.98 -12.37 8.67
N PHE C 946 -13.60 -12.89 7.62
CA PHE C 946 -14.80 -12.31 6.99
C PHE C 946 -15.82 -11.93 8.06
N THR C 947 -16.22 -12.88 8.89
CA THR C 947 -17.23 -12.67 9.94
C THR C 947 -16.75 -11.66 11.00
N GLY C 948 -15.47 -11.61 11.28
CA GLY C 948 -14.96 -10.63 12.25
C GLY C 948 -14.99 -9.24 11.65
N ASP C 949 -14.41 -9.08 10.46
CA ASP C 949 -14.48 -7.83 9.66
C ASP C 949 -15.91 -7.30 9.65
N PHE C 950 -16.92 -8.15 9.42
CA PHE C 950 -18.35 -7.77 9.39
C PHE C 950 -18.81 -7.27 10.77
N LEU C 951 -18.56 -8.03 11.82
CA LEU C 951 -18.93 -7.65 13.21
C LEU C 951 -18.21 -6.37 13.63
N ARG C 952 -17.12 -5.99 12.99
CA ARG C 952 -16.41 -4.76 13.40
C ARG C 952 -17.11 -3.60 12.70
N ARG C 953 -17.46 -3.82 11.44
CA ARG C 953 -18.25 -2.86 10.62
C ARG C 953 -19.57 -2.58 11.35
N VAL C 954 -20.16 -3.57 12.02
CA VAL C 954 -21.44 -3.38 12.76
C VAL C 954 -21.21 -2.36 13.86
N GLU C 955 -20.10 -2.49 14.56
CA GLU C 955 -19.71 -1.56 15.64
C GLU C 955 -19.50 -0.19 15.00
N GLU C 956 -18.64 -0.08 13.99
CA GLU C 956 -18.31 1.21 13.32
C GLU C 956 -19.61 1.95 13.00
N ARG C 957 -20.61 1.24 12.45
CA ARG C 957 -21.87 1.85 11.95
C ARG C 957 -22.71 2.34 13.15
N PHE C 958 -22.72 1.61 14.25
CA PHE C 958 -23.71 1.84 15.32
C PHE C 958 -23.14 2.60 16.50
N THR C 959 -21.83 2.82 16.56
CA THR C 959 -21.21 3.54 17.70
C THR C 959 -21.32 5.05 17.47
N LYS C 960 -21.38 5.80 18.58
CA LYS C 960 -21.58 7.27 18.60
C LYS C 960 -20.23 7.97 18.71
N SER C 961 -19.26 7.32 19.37
CA SER C 961 -17.91 7.87 19.65
C SER C 961 -16.83 6.83 19.33
N LYS C 962 -15.57 7.27 19.31
CA LYS C 962 -14.37 6.41 19.20
C LYS C 962 -14.31 5.52 20.45
N THR C 963 -14.33 4.20 20.26
CA THR C 963 -14.37 3.15 21.33
C THR C 963 -13.40 2.03 20.98
N LEU C 964 -13.22 1.08 21.89
CA LEU C 964 -12.46 -0.17 21.67
C LEU C 964 -13.39 -1.19 21.02
N SER C 965 -12.91 -1.88 19.98
CA SER C 965 -13.59 -3.06 19.39
C SER C 965 -13.82 -4.07 20.50
N LEU C 966 -15.01 -4.68 20.53
CA LEU C 966 -15.35 -5.79 21.46
C LEU C 966 -14.77 -7.12 20.94
N ILE C 967 -14.53 -7.20 19.64
CA ILE C 967 -13.76 -8.29 18.96
C ILE C 967 -12.32 -7.77 18.83
N GLN C 968 -11.50 -7.97 19.87
CA GLN C 968 -10.09 -7.50 19.89
C GLN C 968 -9.25 -8.35 18.93
N SER C 969 -9.35 -9.67 19.06
CA SER C 969 -8.70 -10.65 18.14
C SER C 969 -9.80 -11.57 17.62
N TYR C 970 -9.72 -11.95 16.35
CA TYR C 970 -10.71 -12.82 15.68
C TYR C 970 -10.70 -14.19 16.36
N SER C 971 -9.60 -14.58 17.01
CA SER C 971 -9.46 -15.78 17.89
C SER C 971 -10.59 -15.89 18.93
N LEU C 972 -11.28 -14.78 19.22
CA LEU C 972 -12.48 -14.73 20.11
C LEU C 972 -13.73 -15.28 19.43
N LEU C 973 -13.74 -15.41 18.10
CA LEU C 973 -14.92 -15.89 17.34
C LEU C 973 -15.03 -17.41 17.39
N ASP C 974 -14.07 -18.13 17.99
CA ASP C 974 -14.12 -19.60 18.20
C ASP C 974 -15.24 -19.99 19.17
N LYS C 975 -15.93 -19.01 19.80
CA LYS C 975 -17.31 -19.14 20.37
C LYS C 975 -18.23 -18.12 19.71
N PRO C 976 -18.76 -18.40 18.49
CA PRO C 976 -19.35 -17.36 17.66
C PRO C 976 -20.67 -16.82 18.22
N ASP C 977 -21.48 -17.66 18.86
CA ASP C 977 -22.80 -17.25 19.44
C ASP C 977 -22.60 -16.25 20.59
N GLU C 978 -21.50 -16.34 21.34
CA GLU C 978 -21.20 -15.48 22.52
C GLU C 978 -20.59 -14.17 22.03
N ALA C 979 -19.78 -14.24 20.97
CA ALA C 979 -19.19 -13.06 20.28
C ALA C 979 -20.30 -12.22 19.65
N ILE C 980 -21.27 -12.87 19.01
CA ILE C 980 -22.43 -12.17 18.37
C ILE C 980 -23.23 -11.47 19.46
N GLU C 981 -23.77 -12.21 20.44
CA GLU C 981 -24.55 -11.64 21.58
C GLU C 981 -23.79 -10.46 22.18
N LYS C 982 -22.49 -10.61 22.45
CA LYS C 982 -21.62 -9.56 23.03
C LYS C 982 -21.63 -8.30 22.16
N VAL C 983 -21.62 -8.42 20.83
CA VAL C 983 -21.57 -7.26 19.88
C VAL C 983 -22.96 -6.64 19.80
N PHE C 984 -23.99 -7.45 19.58
CA PHE C 984 -25.40 -6.97 19.41
C PHE C 984 -26.07 -6.70 20.75
N ASN C 985 -25.36 -6.72 21.88
CA ASN C 985 -25.85 -6.19 23.18
C ASN C 985 -25.29 -4.79 23.41
N ALA C 986 -24.08 -4.50 22.92
CA ALA C 986 -23.47 -3.16 22.98
C ALA C 986 -24.19 -2.19 22.04
N TYR C 987 -24.73 -2.72 20.93
CA TYR C 987 -25.32 -1.99 19.79
C TYR C 987 -26.66 -2.63 19.44
N PRO C 988 -27.64 -2.67 20.36
CA PRO C 988 -28.90 -3.37 20.11
C PRO C 988 -29.77 -2.74 19.00
N ALA C 989 -29.43 -1.53 18.54
CA ALA C 989 -30.10 -0.87 17.40
C ALA C 989 -29.97 -1.72 16.14
N ALA C 990 -28.81 -2.38 15.96
CA ALA C 990 -28.46 -3.23 14.80
C ALA C 990 -29.25 -4.54 14.77
N ARG C 991 -30.07 -4.82 15.77
CA ARG C 991 -30.96 -6.01 15.79
C ARG C 991 -32.21 -5.75 14.95
N GLU C 992 -32.52 -4.47 14.67
CA GLU C 992 -33.84 -3.98 14.19
C GLU C 992 -33.72 -3.06 12.97
N GLN C 993 -32.52 -2.85 12.46
CA GLN C 993 -32.27 -1.98 11.30
C GLN C 993 -31.88 -2.89 10.14
N PHE C 994 -32.32 -2.64 8.92
CA PHE C 994 -31.74 -3.35 7.76
C PHE C 994 -30.34 -2.83 7.47
N LEU C 995 -29.60 -3.59 6.69
CA LEU C 995 -28.24 -3.19 6.26
C LEU C 995 -28.34 -1.87 5.51
N ASN C 996 -27.68 -0.83 6.04
CA ASN C 996 -27.26 0.39 5.31
C ASN C 996 -26.71 -0.08 3.96
N ALA C 997 -27.01 0.62 2.88
CA ALA C 997 -26.62 0.25 1.52
C ALA C 997 -25.09 0.36 1.33
N GLN C 998 -24.38 1.10 2.19
CA GLN C 998 -22.90 1.18 2.15
C GLN C 998 -22.29 -0.10 2.71
N ASP C 999 -23.03 -0.77 3.60
CA ASP C 999 -22.62 -2.03 4.23
C ASP C 999 -23.01 -3.19 3.33
N ILE C 1000 -23.99 -3.03 2.46
CA ILE C 1000 -24.28 -4.08 1.45
C ILE C 1000 -23.10 -4.09 0.49
N ASP C 1001 -22.65 -2.92 0.06
CA ASP C 1001 -21.58 -2.81 -0.96
C ASP C 1001 -20.26 -3.30 -0.37
N HIS C 1002 -20.01 -3.01 0.90
CA HIS C 1002 -18.81 -3.53 1.61
C HIS C 1002 -18.87 -5.05 1.68
N PHE C 1003 -20.01 -5.61 2.05
CA PHE C 1003 -20.22 -7.07 2.24
C PHE C 1003 -19.96 -7.77 0.93
N LEU C 1004 -20.45 -7.26 -0.18
CA LEU C 1004 -20.26 -7.88 -1.51
C LEU C 1004 -18.81 -7.71 -1.95
N SER C 1005 -18.16 -6.64 -1.52
CA SER C 1005 -16.73 -6.35 -1.83
C SER C 1005 -15.87 -7.36 -1.07
N MET C 1006 -16.29 -7.75 0.13
CA MET C 1006 -15.61 -8.78 0.97
C MET C 1006 -15.80 -10.17 0.35
N CYS C 1007 -16.97 -10.43 -0.24
CA CYS C 1007 -17.32 -11.69 -0.98
C CYS C 1007 -16.45 -11.93 -2.22
N GLN C 1008 -15.78 -10.91 -2.76
CA GLN C 1008 -14.98 -10.98 -4.02
C GLN C 1008 -13.48 -10.87 -3.73
N ASN C 1009 -13.08 -10.62 -2.47
CA ASN C 1009 -11.66 -10.71 -2.00
C ASN C 1009 -11.05 -11.96 -2.65
N PRO C 1010 -9.94 -11.81 -3.42
CA PRO C 1010 -9.26 -12.98 -4.02
C PRO C 1010 -8.40 -13.79 -3.03
N MET C 1011 -7.94 -13.16 -1.95
CA MET C 1011 -7.02 -13.75 -0.94
C MET C 1011 -7.83 -14.40 0.20
N GLN C 1012 -8.96 -15.05 -0.13
CA GLN C 1012 -9.77 -15.85 0.84
C GLN C 1012 -10.53 -16.95 0.11
N LYS C 1013 -10.86 -18.02 0.85
CA LYS C 1013 -11.63 -19.14 0.30
C LYS C 1013 -12.96 -18.55 -0.12
N PRO C 1014 -13.41 -18.73 -1.37
CA PRO C 1014 -14.70 -18.22 -1.79
C PRO C 1014 -15.79 -18.58 -0.77
N VAL C 1015 -16.68 -17.63 -0.54
CA VAL C 1015 -17.82 -17.70 0.42
C VAL C 1015 -18.73 -18.83 -0.05
N PRO C 1016 -19.23 -19.66 0.89
CA PRO C 1016 -20.03 -20.82 0.54
C PRO C 1016 -21.51 -20.48 0.41
N PHE C 1017 -21.83 -19.56 -0.51
CA PHE C 1017 -23.20 -19.04 -0.71
C PHE C 1017 -23.21 -18.06 -1.90
N VAL C 1018 -24.40 -17.81 -2.43
CA VAL C 1018 -24.66 -16.73 -3.41
C VAL C 1018 -25.19 -15.52 -2.66
N PRO C 1019 -24.50 -14.37 -2.66
CA PRO C 1019 -24.97 -13.18 -1.98
C PRO C 1019 -25.82 -12.23 -2.82
N VAL C 1020 -25.90 -12.44 -4.14
CA VAL C 1020 -26.57 -11.50 -5.09
C VAL C 1020 -26.70 -12.14 -6.48
N LEU C 1021 -27.80 -11.84 -7.18
CA LEU C 1021 -27.94 -12.12 -8.64
C LEU C 1021 -27.52 -10.87 -9.42
N ASP C 1022 -26.38 -10.90 -10.09
CA ASP C 1022 -25.85 -9.78 -10.93
C ASP C 1022 -25.10 -10.39 -12.12
N ARG C 1023 -24.20 -9.63 -12.75
CA ARG C 1023 -23.35 -10.04 -13.91
C ARG C 1023 -22.38 -11.17 -13.51
N ARG C 1024 -22.07 -11.31 -12.21
CA ARG C 1024 -21.04 -12.23 -11.67
C ARG C 1024 -21.69 -13.49 -11.08
N PHE C 1025 -22.89 -13.86 -11.52
CA PHE C 1025 -23.66 -14.98 -10.90
C PHE C 1025 -23.06 -16.32 -11.31
N GLU C 1026 -22.43 -16.42 -12.49
CA GLU C 1026 -21.78 -17.68 -12.94
C GLU C 1026 -20.56 -17.96 -12.05
N ILE C 1027 -19.73 -16.94 -11.81
CA ILE C 1027 -18.53 -17.04 -10.93
C ILE C 1027 -18.99 -17.40 -9.52
N PHE C 1028 -20.04 -16.78 -8.97
CA PHE C 1028 -20.50 -17.16 -7.60
C PHE C 1028 -20.93 -18.63 -7.58
N PHE C 1029 -21.69 -19.04 -8.59
CA PHE C 1029 -22.37 -20.36 -8.65
C PHE C 1029 -21.39 -21.51 -8.87
N LYS C 1030 -20.39 -21.34 -9.72
CA LYS C 1030 -19.49 -22.42 -10.21
C LYS C 1030 -18.10 -22.39 -9.57
N LYS C 1031 -17.67 -21.31 -8.90
CA LYS C 1031 -16.31 -21.25 -8.31
C LYS C 1031 -16.24 -22.18 -7.07
N ASP C 1032 -15.14 -22.92 -6.97
CA ASP C 1032 -14.71 -23.70 -5.78
C ASP C 1032 -15.81 -24.71 -5.46
N SER C 1033 -16.03 -25.65 -6.38
CA SER C 1033 -17.22 -26.52 -6.42
C SER C 1033 -16.90 -27.97 -6.04
N LEU C 1034 -15.65 -28.27 -5.64
CA LEU C 1034 -15.11 -29.66 -5.60
C LEU C 1034 -14.81 -30.13 -4.19
N TRP C 1035 -14.43 -29.25 -3.29
CA TRP C 1035 -14.04 -29.59 -1.89
C TRP C 1035 -15.25 -30.14 -1.13
N GLN C 1036 -16.47 -29.72 -1.50
CA GLN C 1036 -17.71 -29.97 -0.72
C GLN C 1036 -17.92 -31.47 -0.56
N SER C 1037 -17.68 -32.25 -1.61
CA SER C 1037 -17.92 -33.73 -1.67
C SER C 1037 -17.08 -34.47 -0.63
N GLU C 1038 -15.95 -33.88 -0.18
CA GLU C 1038 -15.03 -34.44 0.85
C GLU C 1038 -15.29 -33.88 2.25
N HIS C 1039 -16.23 -32.93 2.39
CA HIS C 1039 -16.43 -32.16 3.64
C HIS C 1039 -17.92 -31.82 3.75
N LEU C 1040 -18.77 -32.82 3.72
CA LEU C 1040 -20.24 -32.65 3.83
C LEU C 1040 -20.62 -32.03 5.18
N GLU C 1041 -19.75 -32.07 6.20
CA GLU C 1041 -19.97 -31.33 7.49
C GLU C 1041 -20.12 -29.81 7.27
N ALA C 1042 -19.64 -29.25 6.16
CA ALA C 1042 -19.71 -27.82 5.81
C ALA C 1042 -20.78 -27.54 4.74
N VAL C 1043 -21.61 -28.52 4.38
CA VAL C 1043 -22.73 -28.36 3.41
C VAL C 1043 -23.99 -28.16 4.26
N VAL C 1044 -25.06 -27.62 3.67
CA VAL C 1044 -26.24 -27.01 4.35
C VAL C 1044 -26.97 -28.07 5.20
N ASP C 1045 -27.42 -29.17 4.58
CA ASP C 1045 -28.16 -30.25 5.29
C ASP C 1045 -27.25 -31.47 5.54
N GLN C 1046 -25.95 -31.31 5.30
CA GLN C 1046 -24.93 -32.37 5.10
C GLN C 1046 -25.38 -33.29 3.94
N ASP C 1047 -26.17 -32.76 3.00
CA ASP C 1047 -26.83 -33.55 1.94
C ASP C 1047 -25.88 -33.66 0.74
N VAL C 1048 -25.45 -34.88 0.43
CA VAL C 1048 -24.56 -35.16 -0.73
C VAL C 1048 -25.20 -34.62 -2.00
N GLN C 1049 -26.54 -34.70 -2.13
CA GLN C 1049 -27.30 -34.34 -3.35
C GLN C 1049 -27.14 -32.88 -3.76
N ARG C 1050 -26.70 -32.01 -2.83
CA ARG C 1050 -26.31 -30.62 -3.17
C ARG C 1050 -25.02 -30.65 -3.99
N THR C 1051 -24.03 -31.45 -3.58
CA THR C 1051 -22.61 -31.35 -4.00
C THR C 1051 -22.36 -31.85 -5.43
N CYS C 1052 -21.15 -31.54 -5.92
CA CYS C 1052 -20.61 -31.95 -7.25
C CYS C 1052 -19.51 -32.99 -7.02
N ILE C 1053 -19.78 -34.23 -7.46
CA ILE C 1053 -18.80 -35.36 -7.40
C ILE C 1053 -18.42 -35.78 -8.82
N LEU C 1054 -17.14 -35.59 -9.17
CA LEU C 1054 -16.59 -35.95 -10.49
C LEU C 1054 -16.49 -37.48 -10.58
N HIS C 1055 -16.87 -38.08 -11.71
CA HIS C 1055 -16.88 -39.55 -11.85
C HIS C 1055 -17.15 -39.89 -13.31
N GLY C 1056 -16.57 -40.97 -13.81
CA GLY C 1056 -16.75 -41.36 -15.22
C GLY C 1056 -17.99 -42.23 -15.41
N PRO C 1057 -18.71 -42.05 -16.53
CA PRO C 1057 -19.87 -42.88 -16.85
C PRO C 1057 -19.55 -44.37 -17.03
N VAL C 1058 -18.40 -44.67 -17.64
CA VAL C 1058 -17.97 -46.06 -18.02
C VAL C 1058 -17.25 -46.73 -16.85
N ALA C 1059 -16.43 -46.00 -16.12
CA ALA C 1059 -15.69 -46.49 -14.93
C ALA C 1059 -16.63 -46.64 -13.72
N ALA C 1060 -17.81 -46.04 -13.77
CA ALA C 1060 -18.86 -46.19 -12.73
C ALA C 1060 -19.44 -47.61 -12.73
N GLN C 1061 -19.22 -48.38 -13.79
CA GLN C 1061 -19.71 -49.77 -13.91
C GLN C 1061 -19.11 -50.66 -12.82
N PHE C 1062 -17.91 -50.34 -12.34
CA PHE C 1062 -17.03 -51.23 -11.52
C PHE C 1062 -16.86 -50.70 -10.09
N THR C 1063 -17.17 -49.42 -9.82
CA THR C 1063 -17.16 -48.83 -8.45
C THR C 1063 -18.44 -49.30 -7.73
N LYS C 1064 -18.31 -50.29 -6.84
CA LYS C 1064 -19.44 -51.00 -6.18
C LYS C 1064 -19.16 -51.23 -4.68
N VAL C 1065 -17.95 -51.65 -4.32
CA VAL C 1065 -17.57 -52.01 -2.91
C VAL C 1065 -16.93 -50.80 -2.24
N ILE C 1066 -17.60 -50.23 -1.24
CA ILE C 1066 -17.18 -49.00 -0.52
C ILE C 1066 -16.17 -49.39 0.58
N ASP C 1067 -15.11 -48.59 0.72
CA ASP C 1067 -14.07 -48.65 1.78
C ASP C 1067 -13.28 -49.98 1.64
N GLU C 1068 -13.03 -50.39 0.39
CA GLU C 1068 -12.01 -51.40 -0.01
C GLU C 1068 -10.64 -50.71 0.03
N PRO C 1069 -9.64 -51.23 0.76
CA PRO C 1069 -8.32 -50.59 0.80
C PRO C 1069 -7.74 -50.39 -0.62
N ILE C 1070 -7.03 -49.30 -0.85
CA ILE C 1070 -6.39 -49.01 -2.17
C ILE C 1070 -5.42 -50.14 -2.54
N LYS C 1071 -4.75 -50.74 -1.56
CA LYS C 1071 -3.80 -51.85 -1.80
C LYS C 1071 -4.54 -53.09 -2.25
N SER C 1072 -5.76 -53.31 -1.78
CA SER C 1072 -6.63 -54.43 -2.22
C SER C 1072 -7.09 -54.19 -3.68
N ILE C 1073 -7.47 -52.97 -4.05
CA ILE C 1073 -8.04 -52.62 -5.39
C ILE C 1073 -6.97 -52.84 -6.45
N MET C 1074 -5.83 -52.19 -6.24
CA MET C 1074 -4.69 -52.12 -7.18
C MET C 1074 -4.07 -53.52 -7.24
N ASP C 1075 -3.85 -54.18 -6.12
CA ASP C 1075 -3.24 -55.55 -6.15
C ASP C 1075 -4.19 -56.45 -6.92
N GLY C 1076 -5.49 -56.36 -6.68
CA GLY C 1076 -6.53 -57.18 -7.33
C GLY C 1076 -6.58 -57.02 -8.84
N ILE C 1077 -6.11 -55.88 -9.36
CA ILE C 1077 -5.99 -55.61 -10.82
C ILE C 1077 -4.71 -56.30 -11.30
N HIS C 1078 -3.60 -56.04 -10.61
CA HIS C 1078 -2.26 -56.61 -10.90
C HIS C 1078 -2.29 -58.14 -10.83
N ASP C 1079 -2.88 -58.72 -9.79
CA ASP C 1079 -2.94 -60.18 -9.55
C ASP C 1079 -3.92 -60.82 -10.55
N GLY C 1080 -4.91 -60.08 -11.05
CA GLY C 1080 -5.78 -60.55 -12.13
C GLY C 1080 -5.00 -60.64 -13.42
N HIS C 1081 -4.18 -59.62 -13.71
CA HIS C 1081 -3.32 -59.59 -14.93
C HIS C 1081 -2.32 -60.73 -14.83
N ILE C 1082 -1.72 -60.94 -13.65
CA ILE C 1082 -0.65 -61.96 -13.47
C ILE C 1082 -1.26 -63.34 -13.71
N LYS C 1083 -2.44 -63.60 -13.14
CA LYS C 1083 -3.16 -64.88 -13.27
C LYS C 1083 -3.40 -65.18 -14.76
N LYS C 1084 -3.92 -64.21 -15.50
CA LYS C 1084 -4.31 -64.38 -16.93
C LYS C 1084 -3.07 -64.49 -17.81
N LEU C 1085 -1.99 -63.76 -17.51
CA LEU C 1085 -0.74 -63.81 -18.31
C LEU C 1085 -0.06 -65.16 -18.06
N LEU C 1086 -0.15 -65.64 -16.83
CA LEU C 1086 0.41 -66.95 -16.41
C LEU C 1086 -0.32 -68.06 -17.13
N HIS C 1087 -1.65 -67.99 -17.21
CA HIS C 1087 -2.51 -69.02 -17.85
C HIS C 1087 -2.20 -69.11 -19.34
N GLN C 1088 -1.95 -67.96 -19.99
CA GLN C 1088 -1.98 -67.81 -21.47
C GLN C 1088 -0.58 -68.05 -22.05
N TYR C 1089 0.49 -67.67 -21.35
CA TYR C 1089 1.88 -67.60 -21.88
C TYR C 1089 2.89 -68.45 -21.09
N TYR C 1090 2.58 -68.88 -19.87
CA TYR C 1090 3.51 -69.68 -19.02
C TYR C 1090 2.84 -70.99 -18.56
N GLY C 1091 1.75 -71.43 -19.19
CA GLY C 1091 1.05 -72.70 -18.89
C GLY C 1091 0.86 -72.94 -17.39
N ASP C 1092 0.45 -71.91 -16.65
CA ASP C 1092 0.02 -71.94 -15.23
C ASP C 1092 1.15 -72.46 -14.32
N ASP C 1093 2.41 -72.28 -14.71
CA ASP C 1093 3.59 -72.71 -13.92
C ASP C 1093 4.44 -71.48 -13.57
N GLU C 1094 4.59 -71.18 -12.28
CA GLU C 1094 5.41 -70.04 -11.78
C GLU C 1094 6.91 -70.29 -11.99
N SER C 1095 7.33 -71.52 -12.34
CA SER C 1095 8.76 -71.89 -12.53
C SER C 1095 9.29 -71.44 -13.90
N LYS C 1096 8.41 -71.04 -14.83
CA LYS C 1096 8.82 -70.57 -16.18
C LYS C 1096 8.97 -69.05 -16.20
N ILE C 1097 8.61 -68.36 -15.12
CA ILE C 1097 8.86 -66.90 -14.94
C ILE C 1097 10.37 -66.69 -14.73
N PRO C 1098 11.04 -65.89 -15.59
CA PRO C 1098 12.43 -65.50 -15.36
C PRO C 1098 12.59 -64.66 -14.09
N ALA C 1099 13.69 -64.85 -13.36
CA ALA C 1099 14.02 -64.10 -12.12
C ALA C 1099 15.18 -63.13 -12.38
N VAL C 1100 15.22 -62.04 -11.62
CA VAL C 1100 16.29 -61.00 -11.59
C VAL C 1100 16.47 -60.55 -10.14
N GLU C 1101 17.61 -59.97 -9.75
CA GLU C 1101 17.83 -59.59 -8.32
C GLU C 1101 16.79 -58.53 -7.94
N TYR C 1102 16.70 -57.47 -8.74
CA TYR C 1102 15.76 -56.35 -8.54
C TYR C 1102 15.12 -56.02 -9.88
N PHE C 1103 13.87 -55.65 -9.84
CA PHE C 1103 13.09 -55.33 -11.05
C PHE C 1103 12.98 -53.82 -11.17
N GLY C 1104 13.46 -53.26 -12.28
CA GLY C 1104 13.30 -51.84 -12.61
C GLY C 1104 14.60 -51.17 -13.00
N GLY C 1105 14.54 -49.85 -13.22
CA GLY C 1105 15.69 -48.97 -13.52
C GLY C 1105 16.10 -49.00 -14.98
N GLU C 1106 15.44 -49.81 -15.81
CA GLU C 1106 15.77 -49.96 -17.25
C GLU C 1106 15.06 -48.83 -18.00
N SER C 1107 15.82 -48.01 -18.74
CA SER C 1107 15.30 -46.90 -19.60
C SER C 1107 14.59 -47.55 -20.77
N PRO C 1108 13.49 -46.97 -21.28
CA PRO C 1108 12.75 -47.56 -22.39
C PRO C 1108 13.51 -47.56 -23.74
N VAL C 1109 14.76 -47.07 -23.75
CA VAL C 1109 15.73 -47.11 -24.89
C VAL C 1109 16.98 -47.92 -24.49
N GLU C 1122 32.77 -62.27 -18.62
CA GLU C 1122 34.21 -62.42 -18.23
C GLU C 1122 34.35 -62.36 -16.70
N ASP C 1123 35.34 -63.08 -16.15
CA ASP C 1123 35.63 -63.18 -14.68
C ASP C 1123 36.60 -62.07 -14.24
N SER C 1124 37.66 -61.79 -15.00
CA SER C 1124 38.71 -60.79 -14.66
C SER C 1124 39.12 -59.95 -15.89
N ALA C 1125 38.50 -58.76 -16.08
CA ALA C 1125 38.75 -57.85 -17.23
C ALA C 1125 39.52 -56.60 -16.75
N VAL C 1126 39.92 -55.75 -17.68
CA VAL C 1126 40.71 -54.50 -17.42
C VAL C 1126 40.31 -53.44 -18.46
N PHE C 1127 39.60 -52.39 -18.03
CA PHE C 1127 39.11 -51.29 -18.90
C PHE C 1127 39.98 -50.05 -18.63
N LYS C 1128 40.76 -49.62 -19.63
CA LYS C 1128 41.50 -48.34 -19.63
C LYS C 1128 40.64 -47.28 -20.29
N ALA C 1129 40.37 -46.20 -19.56
CA ALA C 1129 39.61 -45.04 -20.09
C ALA C 1129 40.56 -44.19 -20.93
N THR C 1130 39.99 -43.44 -21.87
CA THR C 1130 40.68 -42.45 -22.75
C THR C 1130 39.84 -41.16 -22.72
N SER C 1131 40.27 -40.13 -23.46
CA SER C 1131 39.57 -38.82 -23.58
C SER C 1131 38.33 -38.96 -24.49
N SER C 1132 38.29 -40.00 -25.35
CA SER C 1132 37.19 -40.29 -26.31
C SER C 1132 36.15 -41.23 -25.69
N THR C 1133 36.56 -42.14 -24.78
CA THR C 1133 35.72 -43.22 -24.18
C THR C 1133 34.34 -42.65 -23.83
N ASP C 1134 33.29 -43.22 -24.45
CA ASP C 1134 31.87 -42.80 -24.26
C ASP C 1134 31.43 -43.23 -22.86
N GLU C 1135 30.75 -42.32 -22.14
CA GLU C 1135 30.37 -42.48 -20.70
C GLU C 1135 29.40 -43.66 -20.57
N GLU C 1136 28.41 -43.74 -21.46
CA GLU C 1136 27.32 -44.75 -21.45
C GLU C 1136 27.85 -46.16 -21.74
N SER C 1137 28.82 -46.29 -22.65
CA SER C 1137 29.49 -47.59 -22.98
C SER C 1137 30.40 -48.03 -21.83
N TRP C 1138 31.12 -47.07 -21.25
CA TRP C 1138 32.07 -47.25 -20.11
C TRP C 1138 31.31 -47.85 -18.93
N PHE C 1139 30.20 -47.24 -18.56
CA PHE C 1139 29.38 -47.66 -17.38
C PHE C 1139 28.62 -48.96 -17.67
N LYS C 1140 28.30 -49.25 -18.91
CA LYS C 1140 27.66 -50.53 -19.31
C LYS C 1140 28.68 -51.67 -19.14
N ALA C 1141 29.95 -51.43 -19.46
CA ALA C 1141 31.04 -52.43 -19.35
C ALA C 1141 31.40 -52.67 -17.88
N LEU C 1142 31.47 -51.59 -17.10
CA LEU C 1142 31.74 -51.65 -15.65
C LEU C 1142 30.61 -52.39 -14.95
N ALA C 1143 29.36 -52.07 -15.26
CA ALA C 1143 28.14 -52.68 -14.66
C ALA C 1143 28.22 -54.20 -14.79
N GLY C 1144 28.41 -54.70 -16.01
CA GLY C 1144 28.29 -56.13 -16.36
C GLY C 1144 26.88 -56.45 -16.81
N SER C 1145 26.65 -57.71 -17.25
CA SER C 1145 25.39 -58.15 -17.91
C SER C 1145 24.37 -58.63 -16.88
N GLU C 1146 24.79 -59.44 -15.91
CA GLU C 1146 23.98 -59.92 -14.75
C GLU C 1146 23.42 -58.71 -13.98
N ILE C 1147 22.17 -58.82 -13.51
CA ILE C 1147 21.50 -57.79 -12.66
C ILE C 1147 21.85 -58.10 -11.20
N ASN C 1148 22.78 -57.34 -10.61
CA ASN C 1148 23.31 -57.55 -9.24
C ASN C 1148 23.66 -56.20 -8.61
N TRP C 1149 24.33 -56.21 -7.46
CA TRP C 1149 24.79 -54.99 -6.78
C TRP C 1149 25.61 -54.10 -7.72
N ARG C 1150 26.53 -54.64 -8.53
CA ARG C 1150 27.36 -53.72 -9.36
C ARG C 1150 26.62 -53.34 -10.64
N HIS C 1151 25.49 -53.94 -10.94
CA HIS C 1151 24.64 -53.41 -12.03
C HIS C 1151 24.11 -52.07 -11.53
N ALA C 1152 23.47 -52.13 -10.37
CA ALA C 1152 22.85 -50.96 -9.71
C ALA C 1152 23.90 -49.88 -9.50
N SER C 1153 25.03 -50.26 -8.90
CA SER C 1153 26.11 -49.30 -8.58
C SER C 1153 26.46 -48.46 -9.81
N PHE C 1154 26.53 -49.04 -11.00
CA PHE C 1154 27.05 -48.33 -12.20
C PHE C 1154 25.95 -47.81 -13.12
N LEU C 1155 24.67 -48.11 -12.92
CA LEU C 1155 23.62 -47.68 -13.88
C LEU C 1155 22.44 -46.97 -13.20
N CYS C 1156 22.16 -47.25 -11.93
CA CYS C 1156 21.20 -46.42 -11.16
C CYS C 1156 21.67 -44.97 -11.20
N SER C 1157 20.88 -44.07 -11.77
CA SER C 1157 21.22 -42.61 -11.88
C SER C 1157 21.10 -41.95 -10.50
N PHE C 1158 20.32 -42.54 -9.59
CA PHE C 1158 20.05 -42.04 -8.22
C PHE C 1158 20.38 -43.08 -7.15
N ILE C 1159 20.82 -42.59 -6.00
CA ILE C 1159 20.83 -43.35 -4.73
C ILE C 1159 20.00 -42.54 -3.74
N THR C 1160 19.54 -43.20 -2.69
CA THR C 1160 18.72 -42.63 -1.61
C THR C 1160 19.66 -42.17 -0.48
N GLN C 1161 19.38 -41.04 0.17
CA GLN C 1161 20.04 -40.54 1.40
C GLN C 1161 18.94 -40.20 2.42
N ASP C 1162 18.57 -41.17 3.27
CA ASP C 1162 17.38 -41.10 4.16
C ASP C 1162 16.16 -41.22 3.24
N LYS C 1163 15.38 -40.15 3.00
CA LYS C 1163 14.21 -40.19 2.08
C LYS C 1163 14.50 -39.49 0.76
N MET C 1164 15.67 -38.87 0.64
CA MET C 1164 16.04 -37.97 -0.49
C MET C 1164 16.75 -38.79 -1.56
N PHE C 1165 16.64 -38.37 -2.82
CA PHE C 1165 17.21 -39.02 -4.02
C PHE C 1165 18.28 -38.10 -4.55
N VAL C 1166 19.55 -38.45 -4.38
CA VAL C 1166 20.71 -37.66 -4.88
C VAL C 1166 21.37 -38.41 -6.04
N SER C 1167 22.27 -37.73 -6.77
CA SER C 1167 23.02 -38.32 -7.91
C SER C 1167 23.84 -39.50 -7.43
N ASN C 1168 24.06 -40.50 -8.29
CA ASN C 1168 24.82 -41.71 -7.91
C ASN C 1168 26.28 -41.32 -7.77
N PRO C 1169 26.85 -41.43 -6.55
CA PRO C 1169 28.23 -41.02 -6.33
C PRO C 1169 29.22 -42.00 -6.95
N ILE C 1170 28.90 -43.30 -6.98
CA ILE C 1170 29.77 -44.32 -7.64
C ILE C 1170 29.96 -43.93 -9.11
N ARG C 1171 28.92 -43.51 -9.81
CA ARG C 1171 29.03 -43.00 -11.20
C ARG C 1171 29.91 -41.74 -11.21
N LYS C 1172 29.81 -40.81 -10.27
CA LYS C 1172 30.63 -39.57 -10.32
C LYS C 1172 32.13 -39.94 -10.23
N VAL C 1173 32.44 -40.88 -9.36
CA VAL C 1173 33.84 -41.25 -9.01
C VAL C 1173 34.48 -42.00 -10.18
N PHE C 1174 33.77 -42.95 -10.78
CA PHE C 1174 34.23 -43.77 -11.92
C PHE C 1174 33.95 -43.08 -13.26
N LYS C 1175 33.48 -41.82 -13.29
CA LYS C 1175 33.29 -41.10 -14.59
C LYS C 1175 34.59 -41.15 -15.38
N PRO C 1176 34.59 -41.67 -16.64
CA PRO C 1176 35.82 -41.98 -17.37
C PRO C 1176 36.57 -40.70 -17.77
N SER C 1177 37.89 -40.71 -17.53
CA SER C 1177 38.86 -39.64 -17.92
C SER C 1177 40.22 -40.30 -18.20
N GLN C 1178 41.11 -39.62 -18.94
CA GLN C 1178 42.41 -40.18 -19.38
C GLN C 1178 43.27 -40.47 -18.14
N GLY C 1179 43.82 -41.69 -18.05
CA GLY C 1179 44.68 -42.15 -16.95
C GLY C 1179 44.05 -43.27 -16.15
N MET C 1180 42.73 -43.24 -15.97
CA MET C 1180 41.95 -44.19 -15.11
C MET C 1180 42.01 -45.59 -15.71
N VAL C 1181 42.35 -46.57 -14.89
CA VAL C 1181 42.36 -48.02 -15.22
C VAL C 1181 41.54 -48.78 -14.17
N VAL C 1182 40.44 -49.41 -14.60
CA VAL C 1182 39.50 -50.17 -13.74
C VAL C 1182 39.76 -51.65 -13.96
N GLU C 1183 39.91 -52.43 -12.89
CA GLU C 1183 40.31 -53.86 -12.96
C GLU C 1183 39.28 -54.67 -12.18
N ILE C 1184 38.25 -55.13 -12.87
CA ILE C 1184 37.22 -56.04 -12.30
C ILE C 1184 37.83 -57.43 -12.12
N SER C 1185 37.76 -57.96 -10.90
CA SER C 1185 38.18 -59.34 -10.52
C SER C 1185 36.97 -60.10 -9.99
N ASN C 1186 36.75 -61.34 -10.44
CA ASN C 1186 35.63 -62.24 -10.06
C ASN C 1186 34.29 -61.62 -10.49
N GLY C 1187 34.21 -61.17 -11.74
CA GLY C 1187 33.02 -60.56 -12.36
C GLY C 1187 31.81 -61.48 -12.35
N ASN C 1188 32.02 -62.78 -12.56
CA ASN C 1188 30.92 -63.78 -12.70
C ASN C 1188 30.26 -64.05 -11.35
N THR C 1189 31.05 -64.18 -10.27
CA THR C 1189 30.57 -64.43 -8.89
C THR C 1189 30.28 -63.08 -8.21
N SER C 1190 29.01 -62.69 -8.06
CA SER C 1190 28.60 -61.34 -7.57
C SER C 1190 29.22 -61.10 -6.18
N SER C 1191 28.97 -62.01 -5.23
CA SER C 1191 29.40 -61.92 -3.80
C SER C 1191 30.88 -61.51 -3.66
N LYS C 1192 31.76 -62.04 -4.51
CA LYS C 1192 33.24 -61.87 -4.41
C LYS C 1192 33.77 -60.85 -5.43
N THR C 1193 32.93 -60.31 -6.31
CA THR C 1193 33.38 -59.30 -7.32
C THR C 1193 34.04 -58.13 -6.58
N VAL C 1194 35.15 -57.63 -7.11
CA VAL C 1194 35.85 -56.42 -6.61
C VAL C 1194 36.21 -55.55 -7.80
N VAL C 1195 35.70 -54.32 -7.84
CA VAL C 1195 36.00 -53.33 -8.90
C VAL C 1195 37.06 -52.38 -8.35
N THR C 1196 38.24 -52.30 -8.95
CA THR C 1196 39.40 -51.55 -8.39
C THR C 1196 39.87 -50.50 -9.39
N LEU C 1197 39.44 -49.25 -9.21
CA LEU C 1197 39.84 -48.08 -10.04
C LEU C 1197 41.20 -47.59 -9.57
N SER C 1198 42.17 -47.56 -10.47
CA SER C 1198 43.56 -47.13 -10.21
C SER C 1198 43.87 -45.95 -11.13
N GLU C 1199 44.49 -44.89 -10.63
CA GLU C 1199 44.85 -43.67 -11.41
C GLU C 1199 46.33 -43.38 -11.18
N PRO C 1200 46.99 -42.59 -12.04
CA PRO C 1200 48.38 -42.17 -11.81
C PRO C 1200 48.46 -41.19 -10.62
N VAL C 1201 49.22 -41.56 -9.60
CA VAL C 1201 49.48 -40.76 -8.37
C VAL C 1201 51.00 -40.63 -8.21
N GLN C 1202 51.55 -39.44 -8.48
CA GLN C 1202 53.01 -39.13 -8.36
C GLN C 1202 53.79 -39.97 -9.38
N GLY C 1203 53.27 -40.13 -10.60
CA GLY C 1203 53.92 -40.86 -11.71
C GLY C 1203 53.45 -42.30 -11.84
N GLU C 1204 53.62 -43.13 -10.79
CA GLU C 1204 53.24 -44.58 -10.80
C GLU C 1204 51.72 -44.72 -10.63
N LEU C 1205 51.17 -45.90 -10.98
CA LEU C 1205 49.72 -46.23 -10.98
C LEU C 1205 49.32 -46.94 -9.68
N LYS C 1206 48.52 -46.29 -8.84
CA LYS C 1206 48.10 -46.79 -7.49
C LYS C 1206 46.59 -46.96 -7.48
N PRO C 1207 46.02 -47.84 -6.63
CA PRO C 1207 44.58 -47.92 -6.44
C PRO C 1207 44.08 -46.62 -5.78
N THR C 1208 42.90 -46.16 -6.18
CA THR C 1208 42.23 -44.98 -5.58
C THR C 1208 40.91 -45.45 -5.00
N VAL C 1209 40.14 -46.23 -5.74
CA VAL C 1209 38.77 -46.64 -5.32
C VAL C 1209 38.66 -48.16 -5.45
N ILE C 1210 38.06 -48.78 -4.46
CA ILE C 1210 37.88 -50.25 -4.39
C ILE C 1210 36.43 -50.48 -3.97
N LEU C 1211 35.64 -50.93 -4.92
CA LEU C 1211 34.20 -51.15 -4.79
C LEU C 1211 33.99 -52.65 -4.59
N LYS C 1212 33.30 -53.05 -3.54
CA LYS C 1212 32.95 -54.47 -3.32
C LYS C 1212 31.78 -54.60 -2.35
N LEU C 1213 31.14 -55.77 -2.32
CA LEU C 1213 30.18 -56.16 -1.25
C LEU C 1213 30.98 -56.50 -0.01
N LEU C 1214 30.53 -55.97 1.13
CA LEU C 1214 31.13 -56.23 2.46
C LEU C 1214 30.35 -57.37 3.14
N LYS C 1215 29.01 -57.28 3.09
CA LYS C 1215 28.05 -58.27 3.63
C LYS C 1215 27.13 -58.70 2.49
N GLU C 1216 25.98 -59.31 2.81
CA GLU C 1216 24.88 -59.65 1.87
C GLU C 1216 24.32 -58.39 1.19
N ASN C 1217 24.19 -57.27 1.92
CA ASN C 1217 23.42 -56.07 1.51
C ASN C 1217 24.18 -54.78 1.83
N ILE C 1218 25.51 -54.80 1.91
CA ILE C 1218 26.32 -53.58 2.13
C ILE C 1218 27.36 -53.53 1.01
N ILE C 1219 27.25 -52.56 0.13
CA ILE C 1219 28.31 -52.19 -0.85
C ILE C 1219 29.28 -51.28 -0.10
N GLN C 1220 30.57 -51.53 -0.22
CA GLN C 1220 31.59 -50.59 0.28
C GLN C 1220 32.36 -50.03 -0.90
N MET C 1221 32.24 -48.73 -1.13
CA MET C 1221 33.23 -47.94 -1.91
C MET C 1221 34.32 -47.48 -0.96
N GLU C 1222 35.55 -47.95 -1.12
CA GLU C 1222 36.72 -47.51 -0.31
C GLU C 1222 37.43 -46.49 -1.18
N MET C 1223 37.43 -45.21 -0.79
CA MET C 1223 38.20 -44.13 -1.46
C MET C 1223 39.56 -44.04 -0.76
N ILE C 1224 40.64 -43.93 -1.50
CA ILE C 1224 42.02 -44.04 -0.96
C ILE C 1224 42.73 -42.74 -1.29
N GLU C 1225 43.35 -42.16 -0.26
CA GLU C 1225 44.29 -41.02 -0.40
C GLU C 1225 45.68 -41.60 -0.20
N ASN C 1226 46.58 -41.36 -1.15
CA ASN C 1226 47.96 -41.91 -1.17
C ASN C 1226 48.98 -40.84 -0.78
N ARG C 1227 48.65 -39.55 -0.94
CA ARG C 1227 49.46 -38.41 -0.44
C ARG C 1227 49.07 -38.17 1.02
N THR C 1228 49.82 -38.77 1.94
CA THR C 1228 49.54 -38.77 3.39
C THR C 1228 50.76 -38.23 4.14
N MET C 1229 50.64 -38.05 5.45
CA MET C 1229 51.72 -37.55 6.35
C MET C 1229 52.97 -38.44 6.21
N ASP C 1230 52.77 -39.77 6.16
CA ASP C 1230 53.80 -40.83 6.34
C ASP C 1230 53.79 -41.87 5.21
N GLY C 1231 53.28 -41.54 4.01
CA GLY C 1231 53.37 -42.39 2.81
C GLY C 1231 52.33 -43.51 2.74
N LYS C 1232 51.89 -44.06 3.89
CA LYS C 1232 50.88 -45.15 3.98
C LYS C 1232 49.51 -44.60 3.59
N PRO C 1233 48.77 -45.24 2.65
CA PRO C 1233 47.48 -44.75 2.21
C PRO C 1233 46.40 -44.78 3.29
N VAL C 1234 45.48 -43.83 3.22
CA VAL C 1234 44.34 -43.61 4.16
C VAL C 1234 43.06 -43.91 3.39
N SER C 1235 42.24 -44.81 3.92
CA SER C 1235 40.94 -45.23 3.33
C SER C 1235 39.80 -44.44 3.96
N LEU C 1236 38.91 -43.92 3.12
CA LEU C 1236 37.54 -43.54 3.52
C LEU C 1236 36.60 -44.63 3.06
N PRO C 1237 36.00 -45.43 3.98
CA PRO C 1237 34.96 -46.38 3.60
C PRO C 1237 33.57 -45.71 3.57
N LEU C 1238 33.00 -45.60 2.38
CA LEU C 1238 31.59 -45.20 2.23
C LEU C 1238 30.76 -46.49 2.14
N LEU C 1239 29.65 -46.58 2.83
CA LEU C 1239 28.80 -47.80 2.86
C LEU C 1239 27.45 -47.49 2.23
N TYR C 1240 26.92 -48.40 1.43
CA TYR C 1240 25.59 -48.26 0.80
C TYR C 1240 24.75 -49.53 0.99
N ASN C 1241 23.64 -49.45 1.72
CA ASN C 1241 22.65 -50.55 1.77
C ASN C 1241 22.22 -50.83 0.34
N PHE C 1242 22.19 -52.10 -0.07
CA PHE C 1242 21.68 -52.57 -1.39
C PHE C 1242 20.39 -53.38 -1.17
N ASN C 1243 19.23 -52.75 -1.36
CA ASN C 1243 17.90 -53.37 -1.10
C ASN C 1243 17.25 -53.68 -2.43
N PRO C 1244 17.31 -54.94 -2.93
CA PRO C 1244 16.76 -55.28 -4.24
C PRO C 1244 15.22 -55.40 -4.30
N ASP C 1245 14.51 -55.23 -3.18
CA ASP C 1245 13.02 -55.15 -3.17
C ASP C 1245 12.55 -53.81 -3.75
N ASN C 1246 13.42 -52.80 -3.77
CA ASN C 1246 13.14 -51.44 -4.28
C ASN C 1246 13.93 -51.26 -5.57
N GLY C 1247 13.38 -51.72 -6.69
CA GLY C 1247 14.08 -51.75 -7.98
C GLY C 1247 14.41 -50.38 -8.56
N PHE C 1248 13.68 -49.33 -8.21
CA PHE C 1248 13.93 -47.96 -8.74
C PHE C 1248 15.22 -47.39 -8.15
N ALA C 1249 15.39 -47.53 -6.83
CA ALA C 1249 16.55 -47.02 -6.05
C ALA C 1249 17.00 -48.08 -5.07
N PRO C 1250 17.63 -49.16 -5.56
CA PRO C 1250 18.08 -50.26 -4.72
C PRO C 1250 19.18 -49.83 -3.75
N ILE C 1251 19.98 -48.81 -4.11
CA ILE C 1251 21.14 -48.36 -3.31
C ILE C 1251 20.77 -47.12 -2.52
N SER C 1252 20.99 -47.17 -1.21
CA SER C 1252 20.75 -46.07 -0.24
C SER C 1252 22.00 -45.92 0.61
N GLU C 1253 22.51 -44.70 0.78
CA GLU C 1253 23.71 -44.42 1.59
C GLU C 1253 23.38 -44.67 3.07
N VAL C 1254 24.33 -45.24 3.79
CA VAL C 1254 24.31 -45.49 5.28
C VAL C 1254 24.80 -44.22 5.98
N MET C 1255 23.90 -43.46 6.62
CA MET C 1255 24.17 -42.10 7.17
C MET C 1255 24.57 -42.17 8.65
N GLU C 1256 24.43 -43.34 9.26
CA GLU C 1256 24.86 -43.62 10.66
C GLU C 1256 26.39 -43.59 10.71
N ASP C 1257 26.95 -42.62 11.44
CA ASP C 1257 28.42 -42.46 11.66
C ASP C 1257 29.12 -42.19 10.34
N ARG C 1258 28.46 -41.53 9.37
CA ARG C 1258 29.08 -41.14 8.09
C ARG C 1258 30.04 -39.97 8.31
N ASN C 1259 29.64 -39.00 9.14
CA ASN C 1259 30.44 -37.79 9.44
C ASN C 1259 31.64 -38.21 10.29
N GLN C 1260 31.47 -39.16 11.21
CA GLN C 1260 32.60 -39.73 12.02
C GLN C 1260 33.58 -40.44 11.10
N ARG C 1261 33.07 -41.24 10.16
CA ARG C 1261 33.89 -41.96 9.16
C ARG C 1261 34.76 -41.00 8.34
N ILE C 1262 34.20 -39.86 7.92
CA ILE C 1262 34.94 -38.82 7.17
C ILE C 1262 35.91 -38.08 8.10
N LYS C 1263 35.52 -37.80 9.34
CA LYS C 1263 36.39 -37.09 10.32
C LYS C 1263 37.57 -37.97 10.65
N GLU C 1264 37.41 -39.28 10.72
CA GLU C 1264 38.53 -40.21 11.02
C GLU C 1264 39.59 -40.10 9.91
N MET C 1265 39.16 -39.93 8.66
CA MET C 1265 40.03 -39.92 7.46
C MET C 1265 40.82 -38.62 7.40
N TYR C 1266 40.19 -37.50 7.78
CA TYR C 1266 40.80 -36.15 7.73
C TYR C 1266 41.70 -36.00 8.94
N TRP C 1267 41.35 -36.69 10.01
CA TRP C 1267 42.16 -36.65 11.25
C TRP C 1267 43.52 -37.30 10.97
N LYS C 1268 43.56 -38.37 10.17
CA LYS C 1268 44.82 -39.09 9.84
C LYS C 1268 45.64 -38.23 8.88
N LEU C 1269 44.99 -37.47 7.99
CA LEU C 1269 45.67 -36.58 7.00
C LEU C 1269 46.16 -35.27 7.65
N TRP C 1270 45.55 -34.82 8.75
CA TRP C 1270 45.77 -33.45 9.30
C TRP C 1270 46.37 -33.44 10.72
N ILE C 1271 46.06 -34.39 11.57
CA ILE C 1271 46.47 -34.33 13.01
C ILE C 1271 47.36 -35.53 13.32
N ASP C 1272 48.56 -35.29 13.89
CA ASP C 1272 49.49 -36.35 14.36
C ASP C 1272 49.22 -36.62 15.86
N GLU C 1273 47.98 -36.94 16.18
CA GLU C 1273 47.53 -37.30 17.55
C GLU C 1273 46.75 -38.61 17.46
N PRO C 1274 46.47 -39.28 18.60
CA PRO C 1274 45.47 -40.35 18.63
C PRO C 1274 44.07 -39.78 18.42
N PHE C 1275 43.26 -40.45 17.60
CA PHE C 1275 41.90 -40.01 17.20
C PHE C 1275 41.01 -39.97 18.44
N ASN C 1276 40.32 -38.84 18.63
CA ASN C 1276 39.32 -38.62 19.70
C ASN C 1276 38.56 -37.33 19.39
N LEU C 1277 37.27 -37.45 19.04
CA LEU C 1277 36.38 -36.29 18.76
C LEU C 1277 35.64 -35.86 20.03
N ASP C 1278 35.83 -36.53 21.16
CA ASP C 1278 35.21 -36.14 22.45
C ASP C 1278 36.14 -35.17 23.18
N PHE C 1279 35.99 -33.88 22.89
CA PHE C 1279 36.59 -32.73 23.63
C PHE C 1279 35.68 -31.53 23.44
N ASP C 1280 35.84 -30.50 24.28
CA ASP C 1280 34.91 -29.34 24.37
C ASP C 1280 35.35 -28.29 23.35
N PRO C 1281 34.45 -27.85 22.45
CA PRO C 1281 34.78 -26.74 21.55
C PRO C 1281 34.99 -25.40 22.27
N ARG C 1282 34.54 -25.28 23.52
CA ARG C 1282 34.80 -24.10 24.39
C ARG C 1282 36.25 -24.12 24.90
N ASP C 1283 36.91 -25.28 24.92
CA ASP C 1283 38.23 -25.47 25.59
C ASP C 1283 39.35 -25.02 24.64
N VAL C 1284 40.41 -24.47 25.23
CA VAL C 1284 41.64 -24.02 24.50
C VAL C 1284 42.32 -25.26 23.91
N ILE C 1285 42.60 -25.17 22.60
CA ILE C 1285 43.38 -26.19 21.84
C ILE C 1285 44.85 -25.74 21.86
N LYS C 1286 45.74 -26.60 22.37
CA LYS C 1286 47.21 -26.45 22.28
C LYS C 1286 47.65 -27.05 20.94
N GLY C 1287 48.72 -26.49 20.35
CA GLY C 1287 49.43 -27.01 19.16
C GLY C 1287 50.92 -27.20 19.44
N LYS C 1288 51.55 -28.20 18.80
CA LYS C 1288 52.94 -28.63 19.07
C LYS C 1288 53.92 -27.51 18.70
N ASP C 1289 54.84 -27.18 19.63
CA ASP C 1289 55.97 -26.24 19.45
C ASP C 1289 56.66 -26.47 18.10
N PHE C 1290 56.56 -25.49 17.20
CA PHE C 1290 57.09 -25.50 15.82
C PHE C 1290 58.36 -24.65 15.77
N GLU C 1291 59.50 -25.25 15.40
CA GLU C 1291 60.78 -24.53 15.17
C GLU C 1291 60.86 -24.17 13.68
N ILE C 1292 61.01 -22.87 13.37
CA ILE C 1292 61.12 -22.35 11.98
C ILE C 1292 62.54 -22.65 11.50
N THR C 1293 62.67 -23.48 10.46
CA THR C 1293 63.96 -23.83 9.81
C THR C 1293 64.08 -23.06 8.49
N ALA C 1294 65.31 -22.78 8.07
CA ALA C 1294 65.64 -22.11 6.78
C ALA C 1294 65.08 -22.93 5.62
N LYS C 1295 65.16 -24.26 5.70
CA LYS C 1295 64.66 -25.17 4.65
C LYS C 1295 63.13 -25.03 4.51
N GLU C 1296 62.38 -24.93 5.60
CA GLU C 1296 60.89 -24.86 5.58
C GLU C 1296 60.44 -23.54 4.95
N VAL C 1297 61.16 -22.45 5.23
CA VAL C 1297 60.86 -21.10 4.68
C VAL C 1297 61.18 -21.10 3.19
N TYR C 1298 62.32 -21.69 2.81
CA TYR C 1298 62.72 -21.84 1.39
C TYR C 1298 61.59 -22.55 0.64
N ASP C 1299 61.19 -23.72 1.12
CA ASP C 1299 60.17 -24.59 0.47
C ASP C 1299 58.84 -23.83 0.34
N PHE C 1300 58.41 -23.18 1.42
CA PHE C 1300 57.16 -22.38 1.45
C PHE C 1300 57.23 -21.26 0.42
N THR C 1301 58.29 -20.44 0.46
CA THR C 1301 58.36 -19.21 -0.36
C THR C 1301 58.43 -19.55 -1.86
N HIS C 1302 58.97 -20.72 -2.23
CA HIS C 1302 59.04 -21.17 -3.64
C HIS C 1302 57.66 -21.67 -4.10
N ALA C 1303 56.94 -22.39 -3.22
CA ALA C 1303 55.61 -22.96 -3.46
C ALA C 1303 54.55 -21.88 -3.74
N VAL C 1304 54.63 -20.72 -3.09
CA VAL C 1304 53.61 -19.62 -3.18
C VAL C 1304 54.08 -18.52 -4.16
N GLY C 1305 55.38 -18.43 -4.42
CA GLY C 1305 55.99 -17.47 -5.35
C GLY C 1305 56.29 -16.14 -4.69
N ASN C 1306 56.87 -16.19 -3.48
CA ASN C 1306 57.28 -15.02 -2.67
C ASN C 1306 58.79 -14.81 -2.83
N ASN C 1307 59.18 -14.01 -3.84
CA ASN C 1307 60.60 -13.64 -4.14
C ASN C 1307 60.90 -12.29 -3.48
N CYS C 1308 60.84 -12.26 -2.15
CA CYS C 1308 61.17 -11.09 -1.31
C CYS C 1308 62.51 -11.37 -0.64
N GLU C 1309 63.43 -10.41 -0.67
CA GLU C 1309 64.83 -10.59 -0.23
C GLU C 1309 64.88 -10.89 1.27
N ASP C 1310 63.81 -10.60 2.02
CA ASP C 1310 63.69 -10.83 3.49
C ASP C 1310 63.69 -12.33 3.80
N PHE C 1311 63.25 -13.17 2.87
CA PHE C 1311 63.03 -14.62 3.09
C PHE C 1311 64.11 -15.47 2.42
N VAL C 1312 65.08 -14.84 1.76
CA VAL C 1312 66.22 -15.53 1.09
C VAL C 1312 67.41 -15.47 2.05
N SER C 1313 68.26 -16.49 2.03
CA SER C 1313 69.51 -16.57 2.85
C SER C 1313 70.58 -15.70 2.19
N ARG C 1314 70.76 -14.47 2.68
CA ARG C 1314 71.86 -13.56 2.26
C ARG C 1314 72.94 -13.59 3.34
N PRO C 1315 74.22 -13.30 3.01
CA PRO C 1315 75.28 -13.24 4.01
C PRO C 1315 75.14 -12.02 4.95
N ASP C 1316 75.55 -12.16 6.21
CA ASP C 1316 75.65 -11.08 7.24
C ASP C 1316 74.26 -10.54 7.60
N ARG C 1317 73.25 -11.43 7.68
CA ARG C 1317 71.81 -11.05 7.84
C ARG C 1317 71.02 -12.32 8.22
N THR C 1318 70.05 -12.18 9.13
CA THR C 1318 69.20 -13.30 9.62
C THR C 1318 67.95 -13.43 8.73
N MET C 1319 67.67 -14.63 8.22
CA MET C 1319 66.50 -14.93 7.35
C MET C 1319 65.22 -14.77 8.17
N LEU C 1320 64.26 -14.02 7.62
CA LEU C 1320 62.90 -13.87 8.19
C LEU C 1320 61.95 -14.91 7.59
N ALA C 1321 60.79 -15.11 8.19
CA ALA C 1321 59.73 -16.00 7.70
C ALA C 1321 58.57 -15.12 7.32
N PRO C 1322 57.91 -15.39 6.17
CA PRO C 1322 56.72 -14.62 5.80
C PRO C 1322 55.65 -14.83 6.88
N MET C 1323 54.75 -13.87 7.05
CA MET C 1323 53.67 -13.95 8.05
C MET C 1323 52.61 -14.98 7.62
N ASP C 1324 52.55 -15.36 6.34
CA ASP C 1324 51.72 -16.51 5.84
C ASP C 1324 52.18 -17.82 6.48
N PHE C 1325 53.47 -17.92 6.73
CA PHE C 1325 54.08 -19.04 7.49
C PHE C 1325 53.36 -19.24 8.84
N ALA C 1326 52.59 -18.26 9.31
CA ALA C 1326 51.79 -18.40 10.54
C ALA C 1326 50.82 -19.57 10.43
N ILE C 1327 50.22 -19.77 9.26
CA ILE C 1327 49.19 -20.83 9.06
C ILE C 1327 49.87 -22.20 9.04
N VAL C 1328 51.06 -22.31 8.47
CA VAL C 1328 51.88 -23.55 8.48
C VAL C 1328 52.13 -23.99 9.93
N VAL C 1329 52.45 -23.05 10.81
CA VAL C 1329 52.70 -23.28 12.26
C VAL C 1329 51.39 -23.68 12.96
N GLY C 1330 50.30 -22.98 12.62
CA GLY C 1330 49.04 -22.99 13.39
C GLY C 1330 47.96 -23.89 12.81
N TRP C 1331 48.18 -24.55 11.68
CA TRP C 1331 47.11 -25.31 10.96
C TRP C 1331 46.58 -26.40 11.89
N ARG C 1332 47.46 -27.29 12.35
CA ARG C 1332 47.13 -28.45 13.21
C ARG C 1332 46.28 -27.99 14.40
N ALA C 1333 46.51 -26.82 14.98
CA ALA C 1333 45.71 -26.30 16.13
C ALA C 1333 44.36 -25.74 15.63
N ILE C 1334 44.39 -24.89 14.63
CA ILE C 1334 43.19 -24.18 14.11
C ILE C 1334 42.21 -25.20 13.55
N ILE C 1335 42.67 -26.14 12.73
CA ILE C 1335 41.75 -27.07 12.04
C ILE C 1335 41.22 -28.06 13.07
N LYS C 1336 42.00 -28.42 14.07
CA LYS C 1336 41.52 -29.30 15.16
C LYS C 1336 40.21 -28.76 15.74
N ALA C 1337 39.97 -27.46 15.68
CA ALA C 1337 38.76 -26.80 16.22
C ALA C 1337 37.48 -27.22 15.52
N ILE C 1338 37.50 -27.68 14.28
CA ILE C 1338 36.23 -28.04 13.59
C ILE C 1338 35.93 -29.53 13.74
N PHE C 1339 36.68 -30.25 14.58
CA PHE C 1339 36.59 -31.73 14.69
C PHE C 1339 35.66 -32.22 15.79
N PRO C 1340 35.45 -31.52 16.92
CA PRO C 1340 34.71 -32.14 18.02
C PRO C 1340 33.24 -32.47 17.70
N ASN C 1341 32.67 -33.40 18.48
CA ASN C 1341 31.40 -34.12 18.20
C ASN C 1341 30.21 -33.17 18.22
N THR C 1342 30.30 -32.09 18.99
CA THR C 1342 29.27 -31.04 19.14
C THR C 1342 29.25 -30.13 17.90
N VAL C 1343 30.34 -30.09 17.13
CA VAL C 1343 30.48 -29.31 15.87
C VAL C 1343 30.37 -30.31 14.70
N ASP C 1344 29.35 -31.17 14.71
CA ASP C 1344 29.23 -32.33 13.78
C ASP C 1344 28.83 -31.84 12.38
N GLY C 1345 29.78 -31.87 11.44
CA GLY C 1345 29.61 -31.44 10.05
C GLY C 1345 30.24 -32.42 9.05
N ASP C 1346 29.70 -32.44 7.83
CA ASP C 1346 30.18 -33.27 6.69
C ASP C 1346 31.43 -32.59 6.14
N LEU C 1347 32.60 -33.08 6.52
CA LEU C 1347 33.89 -32.38 6.36
C LEU C 1347 34.36 -32.36 4.90
N LEU C 1348 33.64 -33.02 3.98
CA LEU C 1348 33.85 -32.91 2.51
C LEU C 1348 33.27 -31.58 2.05
N LYS C 1349 32.12 -31.21 2.62
CA LYS C 1349 31.36 -29.95 2.35
C LYS C 1349 31.84 -28.79 3.25
N LEU C 1350 33.00 -28.91 3.91
CA LEU C 1350 33.69 -27.79 4.58
C LEU C 1350 34.17 -26.78 3.54
N VAL C 1351 33.99 -25.50 3.82
CA VAL C 1351 34.44 -24.37 2.96
C VAL C 1351 35.22 -23.41 3.85
N HIS C 1352 36.47 -23.15 3.52
CA HIS C 1352 37.26 -22.11 4.20
C HIS C 1352 36.74 -20.77 3.69
N LEU C 1353 36.02 -20.02 4.50
CA LEU C 1353 35.34 -18.76 4.06
C LEU C 1353 36.36 -17.64 4.01
N SER C 1354 37.20 -17.55 5.03
CA SER C 1354 38.09 -16.38 5.22
C SER C 1354 39.23 -16.75 6.13
N ASN C 1355 40.27 -15.92 6.12
CA ASN C 1355 41.46 -16.10 6.99
C ASN C 1355 42.14 -14.75 7.16
N GLY C 1356 42.41 -14.34 8.38
CA GLY C 1356 43.22 -13.14 8.69
C GLY C 1356 44.48 -13.44 9.46
N TYR C 1357 45.51 -12.65 9.26
CA TYR C 1357 46.66 -12.52 10.19
C TYR C 1357 46.68 -11.07 10.70
N LYS C 1358 47.25 -10.88 11.87
CA LYS C 1358 47.31 -9.56 12.53
C LYS C 1358 48.50 -9.61 13.48
N MET C 1359 49.59 -8.95 13.15
CA MET C 1359 50.75 -8.83 14.06
C MET C 1359 50.27 -8.05 15.28
N ILE C 1360 50.64 -8.52 16.46
CA ILE C 1360 50.37 -7.83 17.75
C ILE C 1360 51.35 -6.67 17.87
N PRO C 1361 50.92 -5.43 18.25
CA PRO C 1361 51.79 -4.26 18.17
C PRO C 1361 52.98 -4.40 19.13
N GLY C 1362 54.18 -4.06 18.66
CA GLY C 1362 55.45 -4.27 19.37
C GLY C 1362 56.16 -5.51 18.86
N ALA C 1363 55.42 -6.59 18.57
CA ALA C 1363 55.97 -7.91 18.18
C ALA C 1363 56.71 -7.73 16.86
N LYS C 1364 57.89 -8.32 16.78
CA LYS C 1364 58.74 -8.34 15.56
C LYS C 1364 58.29 -9.50 14.70
N PRO C 1365 58.58 -9.48 13.37
CA PRO C 1365 58.28 -10.63 12.52
C PRO C 1365 59.04 -11.90 12.95
N LEU C 1366 58.48 -13.05 12.61
CA LEU C 1366 59.06 -14.40 12.84
C LEU C 1366 60.36 -14.53 12.06
N GLN C 1367 61.35 -15.14 12.67
CA GLN C 1367 62.71 -15.33 12.11
C GLN C 1367 63.00 -16.82 12.11
N VAL C 1368 63.91 -17.25 11.24
CA VAL C 1368 64.47 -18.61 11.24
C VAL C 1368 65.13 -18.87 12.60
N GLY C 1369 64.91 -20.07 13.17
CA GLY C 1369 65.44 -20.47 14.49
C GLY C 1369 64.60 -19.93 15.64
N ASP C 1370 63.34 -19.55 15.39
CA ASP C 1370 62.33 -19.20 16.43
C ASP C 1370 61.50 -20.44 16.74
N VAL C 1371 61.21 -20.68 18.02
CA VAL C 1371 60.28 -21.76 18.48
C VAL C 1371 58.94 -21.09 18.77
N VAL C 1372 57.89 -21.46 18.03
CA VAL C 1372 56.56 -20.77 18.03
C VAL C 1372 55.50 -21.71 18.58
N SER C 1373 54.99 -21.46 19.79
CA SER C 1373 53.80 -22.13 20.35
C SER C 1373 52.55 -21.63 19.63
N THR C 1374 51.53 -22.47 19.58
CA THR C 1374 50.20 -22.15 18.98
C THR C 1374 49.13 -22.52 20.00
N THR C 1375 48.04 -21.75 20.01
CA THR C 1375 46.92 -21.91 20.97
C THR C 1375 45.67 -21.36 20.29
N ALA C 1376 44.88 -22.22 19.69
CA ALA C 1376 43.63 -21.86 18.99
C ALA C 1376 42.45 -22.07 19.95
N VAL C 1377 41.46 -21.20 19.83
CA VAL C 1377 40.17 -21.25 20.56
C VAL C 1377 39.06 -20.94 19.54
N ILE C 1378 37.93 -21.62 19.62
CA ILE C 1378 36.70 -21.28 18.85
C ILE C 1378 36.01 -20.08 19.54
N GLU C 1379 35.81 -19.03 18.78
CA GLU C 1379 35.21 -17.76 19.22
C GLU C 1379 33.70 -17.91 19.08
N SER C 1380 33.25 -18.43 17.94
CA SER C 1380 31.82 -18.50 17.55
C SER C 1380 31.58 -19.80 16.80
N VAL C 1381 30.43 -20.42 17.03
CA VAL C 1381 29.87 -21.46 16.10
C VAL C 1381 28.35 -21.30 16.00
N VAL C 1382 27.82 -20.87 14.85
CA VAL C 1382 26.37 -20.55 14.72
C VAL C 1382 25.76 -21.32 13.54
N ASN C 1383 24.55 -21.85 13.74
CA ASN C 1383 23.74 -22.45 12.67
C ASN C 1383 23.06 -21.31 11.91
N GLN C 1384 23.47 -21.11 10.67
CA GLN C 1384 22.80 -20.22 9.70
C GLN C 1384 21.78 -21.06 8.93
N PRO C 1385 20.83 -20.43 8.20
CA PRO C 1385 19.89 -21.20 7.38
C PRO C 1385 20.60 -22.22 6.46
N THR C 1386 21.70 -21.80 5.83
CA THR C 1386 22.37 -22.48 4.69
C THR C 1386 23.58 -23.31 5.16
N GLY C 1387 23.91 -23.33 6.46
CA GLY C 1387 25.01 -24.14 7.03
C GLY C 1387 25.44 -23.66 8.41
N LYS C 1388 26.54 -24.19 8.91
CA LYS C 1388 27.12 -23.87 10.24
C LYS C 1388 28.44 -23.14 10.03
N ILE C 1389 28.64 -22.00 10.68
CA ILE C 1389 29.89 -21.18 10.60
C ILE C 1389 30.67 -21.38 11.88
N VAL C 1390 31.95 -21.72 11.78
CA VAL C 1390 32.88 -21.85 12.93
C VAL C 1390 34.00 -20.82 12.73
N ASP C 1391 34.27 -20.02 13.75
CA ASP C 1391 35.25 -18.90 13.71
C ASP C 1391 36.32 -19.23 14.74
N VAL C 1392 37.55 -19.45 14.30
CA VAL C 1392 38.66 -19.89 15.19
C VAL C 1392 39.67 -18.77 15.27
N VAL C 1393 40.26 -18.56 16.43
CA VAL C 1393 41.26 -17.47 16.69
C VAL C 1393 42.47 -18.12 17.35
N GLY C 1394 43.35 -18.63 16.50
CA GLY C 1394 44.70 -19.09 16.90
C GLY C 1394 45.63 -17.93 17.20
N THR C 1395 46.40 -18.09 18.26
CA THR C 1395 47.41 -17.11 18.72
C THR C 1395 48.78 -17.78 18.68
N LEU C 1396 49.68 -17.23 17.87
CA LEU C 1396 51.11 -17.65 17.79
C LEU C 1396 51.93 -16.88 18.82
N SER C 1397 52.52 -17.58 19.79
CA SER C 1397 53.40 -17.01 20.84
C SER C 1397 54.86 -17.37 20.54
N ARG C 1398 55.79 -16.60 21.10
CA ARG C 1398 57.25 -16.85 20.96
C ARG C 1398 57.99 -16.31 22.19
N ASN C 1399 58.58 -17.20 23.01
CA ASN C 1399 59.31 -16.86 24.26
C ASN C 1399 58.31 -16.33 25.30
N GLY C 1400 57.11 -16.93 25.37
CA GLY C 1400 56.03 -16.52 26.29
C GLY C 1400 55.16 -15.38 25.76
N LYS C 1401 55.70 -14.51 24.89
CA LYS C 1401 55.00 -13.30 24.37
C LYS C 1401 54.22 -13.61 23.09
N PRO C 1402 52.94 -13.15 22.98
CA PRO C 1402 52.16 -13.36 21.76
C PRO C 1402 52.59 -12.47 20.57
N VAL C 1403 52.85 -13.12 19.42
CA VAL C 1403 53.46 -12.55 18.19
C VAL C 1403 52.39 -12.16 17.18
N MET C 1404 51.36 -13.00 16.99
CA MET C 1404 50.29 -12.68 16.03
C MET C 1404 49.04 -13.53 16.25
N GLU C 1405 47.93 -13.03 15.72
CA GLU C 1405 46.56 -13.62 15.83
C GLU C 1405 46.08 -14.05 14.44
N VAL C 1406 45.83 -15.35 14.26
CA VAL C 1406 45.33 -15.93 13.00
C VAL C 1406 43.84 -16.25 13.13
N THR C 1407 42.96 -15.38 12.66
CA THR C 1407 41.51 -15.69 12.53
C THR C 1407 41.32 -16.55 11.28
N SER C 1408 40.33 -17.43 11.32
CA SER C 1408 39.87 -18.29 10.21
C SER C 1408 38.37 -18.53 10.44
N SER C 1409 37.53 -18.37 9.45
CA SER C 1409 36.12 -18.80 9.52
C SER C 1409 35.95 -19.97 8.56
N PHE C 1410 35.44 -21.10 9.05
CA PHE C 1410 35.07 -22.29 8.25
C PHE C 1410 33.58 -22.46 8.24
N PHE C 1411 33.03 -23.03 7.18
CA PHE C 1411 31.58 -23.15 6.92
C PHE C 1411 31.21 -24.56 6.45
N TYR C 1412 30.64 -25.36 7.35
CA TYR C 1412 29.98 -26.65 7.03
C TYR C 1412 28.66 -26.37 6.32
N ARG C 1413 28.53 -26.64 5.01
CA ARG C 1413 27.22 -26.54 4.30
C ARG C 1413 26.34 -27.64 4.86
N GLY C 1414 25.02 -27.42 4.85
CA GLY C 1414 24.05 -28.39 5.37
C GLY C 1414 22.92 -27.71 6.14
N ASN C 1415 22.03 -28.51 6.73
CA ASN C 1415 20.86 -28.07 7.53
C ASN C 1415 21.05 -28.60 8.95
N TYR C 1416 21.31 -27.69 9.89
CA TYR C 1416 21.68 -27.98 11.29
C TYR C 1416 20.63 -27.37 12.23
N THR C 1417 20.20 -28.16 13.22
CA THR C 1417 19.18 -27.80 14.24
C THR C 1417 19.69 -28.26 15.62
N ASP C 1418 20.93 -27.89 15.96
CA ASP C 1418 21.63 -28.33 17.20
C ASP C 1418 22.05 -27.07 17.97
N PHE C 1419 21.09 -26.17 18.21
CA PHE C 1419 21.32 -24.81 18.74
C PHE C 1419 21.91 -24.89 20.16
N GLU C 1420 21.64 -25.95 20.92
CA GLU C 1420 22.20 -26.16 22.28
C GLU C 1420 23.75 -26.09 22.24
N ASN C 1421 24.37 -26.45 21.10
CA ASN C 1421 25.83 -26.60 20.94
C ASN C 1421 26.47 -25.30 20.43
N THR C 1422 25.68 -24.41 19.84
CA THR C 1422 26.13 -23.12 19.25
C THR C 1422 26.40 -22.08 20.36
N PHE C 1423 27.14 -21.05 19.98
CA PHE C 1423 27.47 -19.87 20.80
C PHE C 1423 28.19 -18.85 19.93
N GLN C 1424 28.14 -17.57 20.31
CA GLN C 1424 28.86 -16.48 19.62
C GLN C 1424 29.54 -15.60 20.68
N LYS C 1425 30.69 -15.03 20.32
CA LYS C 1425 31.39 -13.98 21.10
C LYS C 1425 31.85 -12.92 20.12
N THR C 1426 31.20 -11.76 20.15
CA THR C 1426 31.50 -10.57 19.32
C THR C 1426 32.22 -9.54 20.19
N VAL C 1427 33.39 -9.06 19.77
CA VAL C 1427 34.00 -7.81 20.27
C VAL C 1427 33.22 -6.70 19.58
N GLU C 1428 32.48 -5.90 20.35
CA GLU C 1428 31.64 -4.80 19.82
C GLU C 1428 32.55 -3.63 19.45
N PRO C 1429 32.14 -2.78 18.49
CA PRO C 1429 32.86 -1.55 18.19
C PRO C 1429 32.78 -0.60 19.40
N VAL C 1430 33.86 0.14 19.66
CA VAL C 1430 33.94 1.09 20.81
C VAL C 1430 32.95 2.23 20.54
N TYR C 1431 31.98 2.40 21.44
CA TYR C 1431 30.98 3.49 21.40
C TYR C 1431 31.41 4.62 22.34
N GLN C 1432 31.01 5.83 21.99
CA GLN C 1432 31.40 7.09 22.65
C GLN C 1432 30.12 7.88 22.92
N MET C 1433 29.94 8.39 24.14
CA MET C 1433 28.85 9.30 24.55
C MET C 1433 29.45 10.54 25.19
N HIS C 1434 29.11 11.72 24.66
CA HIS C 1434 29.33 13.02 25.34
C HIS C 1434 28.11 13.20 26.24
N ILE C 1435 28.33 13.21 27.56
CA ILE C 1435 27.30 13.44 28.62
C ILE C 1435 27.23 14.95 28.83
N LYS C 1436 26.31 15.65 28.15
CA LYS C 1436 26.21 17.14 28.10
C LYS C 1436 25.25 17.65 29.18
N THR C 1437 24.10 16.99 29.37
CA THR C 1437 22.99 17.43 30.28
C THR C 1437 22.79 16.39 31.39
N SER C 1438 22.17 16.82 32.49
CA SER C 1438 21.75 15.96 33.64
C SER C 1438 20.63 14.99 33.21
N LYS C 1439 20.00 15.22 32.06
CA LYS C 1439 19.05 14.27 31.43
C LYS C 1439 19.78 13.00 30.97
N ASP C 1440 20.89 13.16 30.24
CA ASP C 1440 21.73 12.04 29.74
C ASP C 1440 22.24 11.23 30.93
N ILE C 1441 22.68 11.87 32.01
CA ILE C 1441 23.10 11.19 33.27
C ILE C 1441 21.93 10.33 33.77
N ALA C 1442 20.75 10.92 33.93
CA ALA C 1442 19.59 10.27 34.58
C ALA C 1442 19.17 9.05 33.76
N VAL C 1443 19.27 9.15 32.42
CA VAL C 1443 19.01 8.02 31.47
C VAL C 1443 20.01 6.90 31.74
N LEU C 1444 21.31 7.21 31.76
CA LEU C 1444 22.39 6.23 32.05
C LEU C 1444 22.18 5.57 33.41
N ARG C 1445 21.76 6.31 34.44
CA ARG C 1445 21.59 5.77 35.82
C ARG C 1445 20.37 4.84 35.87
N SER C 1446 19.38 5.07 35.01
CA SER C 1446 18.17 4.22 34.85
C SER C 1446 18.55 2.78 34.49
N LYS C 1447 19.60 2.63 33.66
CA LYS C 1447 20.16 1.34 33.15
C LYS C 1447 20.83 0.58 34.30
N GLU C 1448 20.38 -0.65 34.54
CA GLU C 1448 20.87 -1.53 35.63
C GLU C 1448 22.34 -1.85 35.35
N TRP C 1449 22.64 -2.15 34.08
CA TRP C 1449 23.95 -2.60 33.55
C TRP C 1449 25.05 -1.55 33.65
N PHE C 1450 24.70 -0.27 33.73
CA PHE C 1450 25.69 0.84 33.85
C PHE C 1450 26.14 0.96 35.31
N GLN C 1451 27.22 0.26 35.67
CA GLN C 1451 27.73 0.16 37.06
C GLN C 1451 29.06 0.92 37.22
N LEU C 1452 28.99 2.18 37.64
CA LEU C 1452 30.18 3.00 37.99
C LEU C 1452 30.87 2.45 39.24
N ASP C 1453 32.20 2.52 39.24
CA ASP C 1453 33.12 2.05 40.31
C ASP C 1453 32.89 2.94 41.54
N ASP C 1454 32.73 4.25 41.32
CA ASP C 1454 32.33 5.28 42.30
C ASP C 1454 30.92 5.76 41.93
N GLU C 1455 29.90 5.49 42.76
CA GLU C 1455 28.46 5.68 42.43
C GLU C 1455 28.12 7.18 42.28
N ASP C 1456 28.89 8.06 42.93
CA ASP C 1456 28.69 9.54 42.98
C ASP C 1456 29.63 10.28 42.01
N PHE C 1457 30.29 9.58 41.08
CA PHE C 1457 31.22 10.17 40.08
C PHE C 1457 30.47 11.26 39.29
N ASP C 1458 31.15 12.39 39.05
CA ASP C 1458 30.62 13.56 38.31
C ASP C 1458 30.73 13.29 36.81
N LEU C 1459 29.61 13.01 36.14
CA LEU C 1459 29.59 12.60 34.70
C LEU C 1459 29.38 13.81 33.78
N LEU C 1460 29.09 15.00 34.32
CA LEU C 1460 28.65 16.15 33.50
C LEU C 1460 29.83 16.71 32.70
N ASN C 1461 29.64 16.90 31.39
CA ASN C 1461 30.61 17.45 30.41
C ASN C 1461 31.76 16.46 30.18
N LYS C 1462 31.59 15.19 30.58
CA LYS C 1462 32.60 14.12 30.36
C LYS C 1462 32.26 13.42 29.05
N THR C 1463 33.24 12.71 28.50
CA THR C 1463 33.12 11.84 27.31
C THR C 1463 33.37 10.40 27.77
N LEU C 1464 32.40 9.50 27.57
CA LEU C 1464 32.50 8.09 27.99
C LEU C 1464 32.69 7.23 26.75
N THR C 1465 33.63 6.29 26.83
CA THR C 1465 33.85 5.20 25.85
C THR C 1465 33.40 3.88 26.49
N PHE C 1466 32.66 3.07 25.73
CA PHE C 1466 32.18 1.72 26.11
C PHE C 1466 32.85 0.67 25.23
N GLU C 1467 33.82 -0.04 25.80
CA GLU C 1467 34.54 -1.17 25.13
C GLU C 1467 33.94 -2.48 25.65
N THR C 1468 32.86 -2.94 25.01
CA THR C 1468 32.03 -4.10 25.41
C THR C 1468 32.35 -5.31 24.52
N GLU C 1469 32.01 -6.50 25.01
CA GLU C 1469 32.10 -7.82 24.35
C GLU C 1469 30.81 -8.58 24.64
N THR C 1470 30.09 -9.04 23.64
CA THR C 1470 28.77 -9.71 23.77
C THR C 1470 28.90 -11.23 23.61
N GLU C 1471 29.02 -12.00 24.68
CA GLU C 1471 28.82 -13.48 24.63
C GLU C 1471 27.32 -13.73 24.45
N VAL C 1472 26.95 -14.82 23.81
CA VAL C 1472 25.53 -15.17 23.56
C VAL C 1472 25.46 -16.70 23.34
N THR C 1473 24.27 -17.27 23.50
CA THR C 1473 23.94 -18.68 23.19
C THR C 1473 22.56 -18.71 22.58
N PHE C 1474 22.27 -19.68 21.72
CA PHE C 1474 21.03 -19.67 20.92
C PHE C 1474 20.04 -20.67 21.53
N LYS C 1475 18.76 -20.37 21.35
CA LYS C 1475 17.62 -21.30 21.58
C LYS C 1475 17.12 -21.80 20.23
N ASN C 1476 17.04 -20.89 19.26
CA ASN C 1476 16.68 -21.19 17.85
C ASN C 1476 17.40 -20.17 16.95
N ALA C 1477 16.95 -20.00 15.70
CA ALA C 1477 17.66 -19.18 14.66
C ALA C 1477 17.56 -17.67 14.96
N ASN C 1478 16.65 -17.26 15.86
CA ASN C 1478 16.31 -15.83 16.15
C ASN C 1478 16.51 -15.53 17.65
N ILE C 1479 15.74 -16.20 18.51
CA ILE C 1479 15.76 -16.01 19.99
C ILE C 1479 17.13 -16.47 20.54
N PHE C 1480 17.75 -15.68 21.42
CA PHE C 1480 18.94 -16.10 22.20
C PHE C 1480 18.47 -16.81 23.46
N SER C 1481 19.33 -17.60 24.10
CA SER C 1481 19.00 -18.35 25.34
C SER C 1481 19.87 -17.83 26.48
N SER C 1482 20.70 -16.84 26.21
CA SER C 1482 21.59 -16.16 27.18
C SER C 1482 22.21 -14.99 26.44
N VAL C 1483 22.36 -13.85 27.11
CA VAL C 1483 23.10 -12.69 26.57
C VAL C 1483 23.93 -12.14 27.72
N LYS C 1484 25.14 -11.76 27.44
CA LYS C 1484 26.15 -11.41 28.47
C LYS C 1484 27.03 -10.37 27.81
N CYS C 1485 26.62 -9.11 27.87
CA CYS C 1485 27.39 -7.92 27.44
C CYS C 1485 28.16 -7.42 28.67
N PHE C 1486 29.48 -7.37 28.60
CA PHE C 1486 30.35 -6.93 29.71
C PHE C 1486 31.52 -6.17 29.12
N GLY C 1487 32.13 -5.32 29.93
CA GLY C 1487 33.30 -4.53 29.50
C GLY C 1487 33.48 -3.27 30.31
N PRO C 1488 34.69 -2.68 30.25
CA PRO C 1488 34.97 -1.42 30.94
C PRO C 1488 34.30 -0.20 30.30
N ILE C 1489 33.83 0.72 31.14
CA ILE C 1489 33.39 2.09 30.78
C ILE C 1489 34.53 3.02 31.17
N LYS C 1490 35.06 3.74 30.20
CA LYS C 1490 36.22 4.64 30.41
C LYS C 1490 35.74 6.08 30.24
N VAL C 1491 36.31 6.99 31.01
CA VAL C 1491 36.10 8.47 30.89
C VAL C 1491 37.32 9.02 30.17
N GLU C 1492 37.14 10.07 29.39
CA GLU C 1492 38.27 10.79 28.73
C GLU C 1492 38.80 11.83 29.73
N LEU C 1493 40.10 11.75 30.04
CA LEU C 1493 40.81 12.79 30.82
C LEU C 1493 41.04 14.00 29.91
N PRO C 1494 41.42 15.17 30.48
CA PRO C 1494 41.82 16.32 29.69
C PRO C 1494 43.05 16.15 28.77
N THR C 1495 43.83 15.08 28.96
CA THR C 1495 45.00 14.74 28.10
C THR C 1495 44.62 13.80 26.96
N LYS C 1496 43.33 13.52 26.74
CA LYS C 1496 42.79 12.56 25.74
C LYS C 1496 43.07 11.09 26.13
N GLU C 1497 43.76 10.84 27.24
CA GLU C 1497 43.96 9.48 27.83
C GLU C 1497 42.62 9.04 28.42
N THR C 1498 42.27 7.76 28.26
CA THR C 1498 41.02 7.13 28.77
C THR C 1498 41.36 6.31 30.01
N VAL C 1499 40.58 6.46 31.07
CA VAL C 1499 40.74 5.73 32.37
C VAL C 1499 39.45 4.99 32.67
N GLU C 1500 39.53 3.77 33.20
CA GLU C 1500 38.32 2.95 33.54
C GLU C 1500 37.67 3.51 34.81
N ILE C 1501 36.37 3.84 34.73
CA ILE C 1501 35.55 4.38 35.86
C ILE C 1501 34.38 3.48 36.16
N GLY C 1502 34.27 2.31 35.53
CA GLY C 1502 33.18 1.36 35.82
C GLY C 1502 33.06 0.28 34.76
N ILE C 1503 32.00 -0.53 34.85
CA ILE C 1503 31.74 -1.68 33.94
C ILE C 1503 30.33 -1.60 33.37
N VAL C 1504 30.15 -2.16 32.18
CA VAL C 1504 28.86 -2.71 31.72
C VAL C 1504 28.81 -4.12 32.27
N ASP C 1505 27.68 -4.56 32.82
CA ASP C 1505 27.54 -5.95 33.31
C ASP C 1505 26.12 -6.38 33.07
N TYR C 1506 25.70 -6.35 31.82
CA TYR C 1506 24.40 -6.90 31.39
C TYR C 1506 24.47 -8.43 31.41
N GLU C 1507 23.34 -9.05 31.74
CA GLU C 1507 23.16 -10.52 31.78
C GLU C 1507 21.67 -10.81 31.68
N ALA C 1508 21.24 -11.51 30.63
CA ALA C 1508 19.84 -11.89 30.39
C ALA C 1508 19.73 -13.40 30.12
N GLY C 1509 18.52 -13.93 30.28
CA GLY C 1509 18.08 -15.24 29.73
C GLY C 1509 17.49 -15.04 28.35
N ALA C 1510 16.36 -15.70 28.06
CA ALA C 1510 15.74 -15.76 26.72
C ALA C 1510 15.36 -14.35 26.23
N SER C 1511 16.10 -13.86 25.25
CA SER C 1511 16.05 -12.46 24.73
C SER C 1511 15.94 -12.54 23.21
N HIS C 1512 15.55 -11.46 22.54
CA HIS C 1512 15.54 -11.40 21.07
C HIS C 1512 16.65 -10.47 20.59
N GLY C 1513 17.40 -9.85 21.52
CA GLY C 1513 18.36 -8.78 21.19
C GLY C 1513 19.26 -8.39 22.35
N ASN C 1514 20.28 -7.58 22.05
CA ASN C 1514 21.22 -7.03 23.06
C ASN C 1514 20.93 -5.56 23.30
N PRO C 1515 20.27 -5.21 24.42
CA PRO C 1515 19.76 -3.86 24.61
C PRO C 1515 20.84 -2.82 24.91
N VAL C 1516 22.00 -3.27 25.40
CA VAL C 1516 23.18 -2.40 25.68
C VAL C 1516 23.70 -1.79 24.36
N VAL C 1517 23.93 -2.62 23.35
CA VAL C 1517 24.41 -2.18 22.02
C VAL C 1517 23.32 -1.37 21.32
N ASP C 1518 22.05 -1.72 21.52
CA ASP C 1518 20.94 -0.97 20.86
C ASP C 1518 20.90 0.42 21.48
N PHE C 1519 21.15 0.52 22.79
CA PHE C 1519 21.19 1.83 23.50
C PHE C 1519 22.38 2.68 23.02
N LEU C 1520 23.56 2.08 22.90
CA LEU C 1520 24.82 2.81 22.57
C LEU C 1520 24.84 3.21 21.08
N LYS C 1521 24.08 2.54 20.22
CA LYS C 1521 23.92 2.91 18.78
C LYS C 1521 23.10 4.20 18.65
N ARG C 1522 21.94 4.25 19.31
CA ARG C 1522 20.98 5.38 19.25
C ARG C 1522 21.57 6.61 19.95
N ASN C 1523 22.15 6.44 21.15
CA ASN C 1523 22.49 7.56 22.07
C ASN C 1523 23.98 7.90 22.01
N GLY C 1524 24.76 7.11 21.30
CA GLY C 1524 26.23 7.27 21.20
C GLY C 1524 26.68 7.33 19.75
N SER C 1525 27.97 7.22 19.54
CA SER C 1525 28.61 7.25 18.19
C SER C 1525 29.78 6.27 18.20
N THR C 1526 29.85 5.40 17.19
CA THR C 1526 30.94 4.41 17.00
C THR C 1526 32.25 5.15 16.77
N LEU C 1527 33.24 4.98 17.66
CA LEU C 1527 34.65 5.30 17.33
C LEU C 1527 35.08 4.28 16.27
N GLU C 1528 35.43 4.77 15.08
CA GLU C 1528 36.00 3.93 14.00
C GLU C 1528 37.51 4.24 13.89
N GLN C 1529 38.33 3.18 13.97
CA GLN C 1529 39.81 3.22 13.76
C GLN C 1529 40.13 3.53 12.30
N LYS C 1530 39.47 2.83 11.36
CA LYS C 1530 39.62 2.96 9.88
C LYS C 1530 38.97 4.25 9.40
N VAL C 1531 39.79 5.22 9.02
CA VAL C 1531 39.36 6.46 8.33
C VAL C 1531 39.68 6.31 6.86
N ASN C 1532 38.67 6.38 6.00
CA ASN C 1532 38.82 6.36 4.52
C ASN C 1532 39.56 7.62 4.09
N LEU C 1533 40.32 7.53 3.00
CA LEU C 1533 40.83 8.72 2.27
C LEU C 1533 39.64 9.32 1.51
N GLU C 1534 39.79 10.54 0.99
CA GLU C 1534 38.79 11.22 0.13
C GLU C 1534 38.50 10.35 -1.11
N ASN C 1535 39.56 10.05 -1.88
CA ASN C 1535 39.53 9.18 -3.08
C ASN C 1535 40.51 8.03 -2.89
N PRO C 1536 40.20 6.78 -3.33
CA PRO C 1536 41.18 5.70 -3.34
C PRO C 1536 42.36 5.99 -4.30
N ILE C 1537 43.54 5.51 -3.96
CA ILE C 1537 44.77 5.70 -4.76
C ILE C 1537 45.18 4.35 -5.35
N PRO C 1538 44.98 4.13 -6.67
CA PRO C 1538 45.43 2.91 -7.33
C PRO C 1538 46.93 2.69 -7.17
N ILE C 1539 47.33 1.50 -6.74
CA ILE C 1539 48.76 1.11 -6.58
C ILE C 1539 49.19 0.34 -7.84
N ALA C 1540 48.59 -0.83 -8.04
CA ALA C 1540 48.84 -1.66 -9.24
C ALA C 1540 47.63 -2.51 -9.59
N VAL C 1541 47.68 -3.08 -10.80
CA VAL C 1541 46.90 -4.27 -11.24
C VAL C 1541 47.91 -5.32 -11.70
N LEU C 1542 47.90 -6.50 -11.06
CA LEU C 1542 48.99 -7.48 -11.17
C LEU C 1542 48.45 -8.84 -11.60
N ASP C 1543 49.20 -9.54 -12.47
CA ASP C 1543 48.86 -10.89 -13.00
C ASP C 1543 49.64 -11.93 -12.19
N SER C 1544 48.94 -12.94 -11.66
CA SER C 1544 49.51 -14.15 -11.01
C SER C 1544 48.91 -15.38 -11.67
N TYR C 1545 49.55 -16.54 -11.51
CA TYR C 1545 49.11 -17.86 -12.05
C TYR C 1545 49.05 -18.86 -10.89
N THR C 1546 47.92 -19.56 -10.75
CA THR C 1546 47.81 -20.74 -9.85
C THR C 1546 48.64 -21.88 -10.44
N PRO C 1547 49.30 -22.69 -9.60
CA PRO C 1547 50.23 -23.71 -10.11
C PRO C 1547 49.47 -24.88 -10.73
N SER C 1548 50.11 -25.63 -11.65
CA SER C 1548 49.58 -26.80 -12.40
C SER C 1548 49.13 -27.91 -11.43
N THR C 1549 49.83 -28.07 -10.32
CA THR C 1549 49.62 -29.11 -9.29
C THR C 1549 49.54 -28.44 -7.92
N ASN C 1550 48.71 -28.96 -7.03
CA ASN C 1550 48.62 -28.44 -5.64
C ASN C 1550 49.49 -29.28 -4.68
N GLU C 1551 50.24 -30.25 -5.16
CA GLU C 1551 51.06 -31.13 -4.29
C GLU C 1551 52.11 -30.31 -3.55
N PRO C 1552 52.88 -29.39 -4.18
CA PRO C 1552 53.89 -28.60 -3.48
C PRO C 1552 53.31 -27.81 -2.28
N TYR C 1553 52.29 -26.98 -2.51
CA TYR C 1553 51.68 -26.18 -1.43
C TYR C 1553 51.22 -27.10 -0.28
N ALA C 1554 50.59 -28.23 -0.60
CA ALA C 1554 50.07 -29.22 0.38
C ALA C 1554 51.24 -29.78 1.21
N ARG C 1555 52.39 -30.04 0.59
CA ARG C 1555 53.56 -30.64 1.30
C ARG C 1555 54.10 -29.65 2.34
N VAL C 1556 54.31 -28.40 1.94
CA VAL C 1556 54.94 -27.33 2.78
C VAL C 1556 53.98 -26.93 3.90
N SER C 1557 52.67 -26.82 3.63
CA SER C 1557 51.63 -26.33 4.57
C SER C 1557 51.17 -27.42 5.56
N GLY C 1558 50.93 -28.62 5.04
CA GLY C 1558 50.33 -29.74 5.79
C GLY C 1558 48.82 -29.85 5.56
N ASP C 1559 48.22 -28.95 4.79
CA ASP C 1559 46.83 -29.10 4.27
C ASP C 1559 46.83 -30.21 3.21
N LEU C 1560 46.73 -31.46 3.67
CA LEU C 1560 46.65 -32.66 2.81
C LEU C 1560 45.20 -32.99 2.42
N ASN C 1561 44.27 -32.04 2.54
CA ASN C 1561 42.86 -32.22 2.11
C ASN C 1561 42.90 -32.83 0.71
N PRO C 1562 42.29 -34.02 0.52
CA PRO C 1562 42.27 -34.70 -0.77
C PRO C 1562 41.63 -33.93 -1.94
N ILE C 1563 40.68 -33.03 -1.69
CA ILE C 1563 39.93 -32.34 -2.78
C ILE C 1563 40.90 -31.51 -3.64
N HIS C 1564 42.12 -31.24 -3.17
CA HIS C 1564 43.10 -30.37 -3.88
C HIS C 1564 44.11 -31.21 -4.69
N VAL C 1565 44.08 -32.53 -4.60
CA VAL C 1565 45.12 -33.39 -5.22
C VAL C 1565 44.47 -34.57 -5.97
N SER C 1566 43.51 -35.23 -5.33
CA SER C 1566 42.86 -36.48 -5.81
C SER C 1566 41.57 -36.14 -6.54
N ARG C 1567 41.52 -36.42 -7.85
CA ARG C 1567 40.35 -36.18 -8.73
C ARG C 1567 39.13 -36.92 -8.16
N HIS C 1568 39.26 -38.15 -7.69
CA HIS C 1568 38.08 -38.93 -7.23
C HIS C 1568 37.37 -38.21 -6.08
N PHE C 1569 38.12 -37.80 -5.07
CA PHE C 1569 37.62 -37.02 -3.91
C PHE C 1569 37.01 -35.69 -4.35
N ALA C 1570 37.56 -35.03 -5.36
CA ALA C 1570 37.02 -33.74 -5.83
C ALA C 1570 35.69 -33.99 -6.53
N SER C 1571 35.63 -35.02 -7.40
CA SER C 1571 34.40 -35.48 -8.11
C SER C 1571 33.30 -35.85 -7.13
N TYR C 1572 33.67 -36.51 -6.03
CA TYR C 1572 32.74 -36.90 -4.93
C TYR C 1572 32.20 -35.67 -4.20
N ALA C 1573 33.04 -34.66 -4.02
CA ALA C 1573 32.72 -33.42 -3.28
C ALA C 1573 31.92 -32.45 -4.16
N ASN C 1574 31.58 -32.84 -5.40
CA ASN C 1574 30.79 -32.07 -6.39
C ASN C 1574 31.58 -30.84 -6.85
N LEU C 1575 32.90 -30.85 -6.74
CA LEU C 1575 33.75 -29.70 -7.13
C LEU C 1575 34.09 -29.79 -8.62
N PRO C 1576 34.29 -28.64 -9.29
CA PRO C 1576 34.66 -28.62 -10.70
C PRO C 1576 35.86 -29.52 -11.04
N GLY C 1577 36.88 -29.48 -10.18
CA GLY C 1577 38.07 -30.33 -10.29
C GLY C 1577 38.91 -30.23 -9.03
N THR C 1578 40.19 -30.58 -9.13
CA THR C 1578 41.20 -30.40 -8.07
C THR C 1578 41.44 -28.90 -7.91
N ILE C 1579 40.58 -28.23 -7.14
CA ILE C 1579 40.64 -26.77 -6.89
C ILE C 1579 41.95 -26.43 -6.17
N THR C 1580 42.53 -25.28 -6.52
CA THR C 1580 43.70 -24.68 -5.84
C THR C 1580 43.36 -24.39 -4.39
N HIS C 1581 44.31 -24.66 -3.47
CA HIS C 1581 44.15 -24.33 -2.02
C HIS C 1581 43.78 -22.85 -1.87
N GLY C 1582 42.75 -22.54 -1.07
CA GLY C 1582 42.41 -21.12 -0.79
C GLY C 1582 43.63 -20.38 -0.27
N MET C 1583 44.34 -21.00 0.68
CA MET C 1583 45.49 -20.43 1.41
C MET C 1583 46.67 -20.14 0.47
N PHE C 1584 46.78 -20.87 -0.64
CA PHE C 1584 47.80 -20.57 -1.69
C PHE C 1584 47.51 -19.18 -2.28
N SER C 1585 46.27 -18.95 -2.72
CA SER C 1585 45.85 -17.66 -3.33
C SER C 1585 46.04 -16.53 -2.31
N SER C 1586 45.69 -16.76 -1.05
CA SER C 1586 45.95 -15.87 0.10
C SER C 1586 47.41 -15.41 0.01
N ALA C 1587 48.34 -16.36 0.08
CA ALA C 1587 49.78 -16.14 0.26
C ALA C 1587 50.38 -15.61 -1.03
N SER C 1588 49.78 -15.94 -2.18
CA SER C 1588 50.27 -15.49 -3.50
C SER C 1588 49.96 -14.01 -3.67
N VAL C 1589 48.73 -13.60 -3.33
CA VAL C 1589 48.30 -12.17 -3.31
C VAL C 1589 49.07 -11.44 -2.22
N ARG C 1590 49.24 -12.04 -1.04
CA ARG C 1590 49.94 -11.31 0.05
C ARG C 1590 51.36 -10.98 -0.38
N ALA C 1591 51.98 -11.80 -1.24
CA ALA C 1591 53.35 -11.55 -1.76
C ALA C 1591 53.30 -10.39 -2.76
N LEU C 1592 52.19 -10.24 -3.50
CA LEU C 1592 51.99 -9.10 -4.43
C LEU C 1592 51.84 -7.78 -3.66
N ILE C 1593 50.93 -7.70 -2.68
CA ILE C 1593 50.75 -6.54 -1.76
C ILE C 1593 52.11 -6.19 -1.13
N GLU C 1594 52.84 -7.18 -0.64
CA GLU C 1594 54.11 -7.03 0.12
C GLU C 1594 55.21 -6.48 -0.77
N ASN C 1595 55.09 -6.61 -2.09
CA ASN C 1595 56.08 -6.17 -3.10
C ASN C 1595 55.71 -4.76 -3.57
N TRP C 1596 54.43 -4.50 -3.82
CA TRP C 1596 53.95 -3.32 -4.58
C TRP C 1596 53.47 -2.21 -3.65
N ALA C 1597 52.87 -2.57 -2.50
CA ALA C 1597 52.26 -1.64 -1.52
C ALA C 1597 53.23 -1.36 -0.37
N ALA C 1598 53.99 -2.36 0.06
CA ALA C 1598 55.02 -2.29 1.14
C ALA C 1598 56.42 -1.97 0.57
N ASP C 1599 56.59 -1.95 -0.77
CA ASP C 1599 57.88 -1.66 -1.46
C ASP C 1599 58.92 -2.73 -1.09
N SER C 1600 58.46 -3.99 -0.98
CA SER C 1600 59.26 -5.22 -0.73
C SER C 1600 60.01 -5.08 0.60
N VAL C 1601 59.32 -4.60 1.63
CA VAL C 1601 59.80 -4.59 3.05
C VAL C 1601 58.79 -5.36 3.89
N SER C 1602 58.97 -6.68 4.05
CA SER C 1602 58.01 -7.59 4.73
C SER C 1602 57.56 -7.04 6.10
N SER C 1603 58.46 -6.44 6.89
CA SER C 1603 58.22 -5.94 8.27
C SER C 1603 57.06 -4.94 8.30
N ARG C 1604 56.79 -4.28 7.18
CA ARG C 1604 55.77 -3.22 7.07
C ARG C 1604 54.36 -3.81 7.05
N VAL C 1605 54.18 -5.07 6.66
CA VAL C 1605 52.81 -5.67 6.55
C VAL C 1605 52.44 -6.16 7.94
N ARG C 1606 51.53 -5.47 8.62
CA ARG C 1606 51.20 -5.76 10.05
C ARG C 1606 49.83 -6.42 10.13
N GLY C 1607 49.12 -6.49 9.02
CA GLY C 1607 47.75 -7.03 8.98
C GLY C 1607 47.38 -7.41 7.57
N TYR C 1608 46.55 -8.43 7.44
CA TYR C 1608 46.13 -9.01 6.15
C TYR C 1608 44.96 -9.94 6.40
N THR C 1609 43.81 -9.68 5.78
CA THR C 1609 42.59 -10.55 5.83
C THR C 1609 42.09 -10.75 4.42
N CYS C 1610 41.93 -12.01 3.98
CA CYS C 1610 41.38 -12.37 2.65
C CYS C 1610 40.14 -13.21 2.88
N GLN C 1611 39.01 -12.79 2.29
CA GLN C 1611 37.76 -13.56 2.13
C GLN C 1611 37.89 -14.36 0.83
N PHE C 1612 37.60 -15.66 0.87
CA PHE C 1612 37.56 -16.54 -0.32
C PHE C 1612 36.15 -16.53 -0.90
N VAL C 1613 35.96 -15.81 -2.00
CA VAL C 1613 34.61 -15.54 -2.57
C VAL C 1613 34.18 -16.78 -3.34
N ASP C 1614 34.99 -17.19 -4.34
CA ASP C 1614 34.81 -18.40 -5.18
C ASP C 1614 36.05 -19.28 -5.09
N MET C 1615 36.03 -20.40 -5.81
CA MET C 1615 37.13 -21.39 -5.91
C MET C 1615 37.82 -21.24 -7.26
N VAL C 1616 39.13 -21.47 -7.26
CA VAL C 1616 40.05 -21.31 -8.41
C VAL C 1616 40.54 -22.69 -8.82
N LEU C 1617 40.56 -22.99 -10.12
CA LEU C 1617 41.17 -24.23 -10.66
C LEU C 1617 42.64 -23.98 -10.99
N PRO C 1618 43.47 -25.03 -11.09
CA PRO C 1618 44.87 -24.89 -11.50
C PRO C 1618 45.08 -24.24 -12.88
N ASN C 1619 46.23 -23.61 -13.07
CA ASN C 1619 46.66 -22.96 -14.32
C ASN C 1619 45.75 -21.78 -14.69
N THR C 1620 44.90 -21.31 -13.76
CA THR C 1620 44.09 -20.08 -13.92
C THR C 1620 45.03 -18.89 -13.86
N ALA C 1621 44.68 -17.81 -14.55
CA ALA C 1621 45.35 -16.50 -14.49
C ALA C 1621 44.47 -15.55 -13.67
N LEU C 1622 44.99 -15.05 -12.55
CA LEU C 1622 44.28 -14.10 -11.66
C LEU C 1622 44.78 -12.67 -11.89
N LYS C 1623 43.87 -11.69 -11.85
CA LYS C 1623 44.15 -10.23 -11.97
C LYS C 1623 43.74 -9.51 -10.68
N THR C 1624 44.73 -9.16 -9.87
CA THR C 1624 44.56 -8.57 -8.53
C THR C 1624 44.72 -7.05 -8.62
N SER C 1625 43.65 -6.29 -8.39
CA SER C 1625 43.65 -4.81 -8.35
C SER C 1625 43.90 -4.36 -6.91
N ILE C 1626 44.90 -3.51 -6.66
CA ILE C 1626 45.35 -3.12 -5.29
C ILE C 1626 45.22 -1.61 -5.11
N GLN C 1627 44.45 -1.19 -4.11
CA GLN C 1627 44.12 0.23 -3.86
C GLN C 1627 44.50 0.60 -2.43
N HIS C 1628 45.12 1.77 -2.25
CA HIS C 1628 45.29 2.45 -0.93
C HIS C 1628 44.00 3.21 -0.72
N VAL C 1629 43.18 2.73 0.19
CA VAL C 1629 41.78 3.18 0.33
C VAL C 1629 41.55 3.94 1.65
N GLY C 1630 42.47 3.86 2.60
CA GLY C 1630 42.27 4.42 3.95
C GLY C 1630 43.52 4.45 4.79
N MET C 1631 43.34 4.84 6.05
CA MET C 1631 44.40 4.83 7.11
C MET C 1631 43.80 4.26 8.37
N ILE C 1632 44.62 3.64 9.21
CA ILE C 1632 44.21 3.12 10.54
C ILE C 1632 45.44 3.20 11.45
N ASN C 1633 45.41 4.08 12.45
CA ASN C 1633 46.52 4.26 13.43
C ASN C 1633 47.87 4.39 12.70
N GLY C 1634 47.90 5.08 11.57
CA GLY C 1634 49.15 5.40 10.86
C GLY C 1634 49.63 4.26 10.00
N ARG C 1635 48.72 3.36 9.67
CA ARG C 1635 48.96 2.22 8.75
C ARG C 1635 48.09 2.45 7.53
N LYS C 1636 48.68 2.40 6.33
CA LYS C 1636 47.91 2.46 5.09
C LYS C 1636 47.01 1.26 5.06
N LEU C 1637 45.74 1.44 4.81
CA LEU C 1637 44.76 0.34 4.67
C LEU C 1637 44.64 0.08 3.17
N ILE C 1638 45.13 -1.07 2.72
CA ILE C 1638 45.19 -1.47 1.29
C ILE C 1638 44.06 -2.46 1.04
N LYS C 1639 43.09 -2.14 0.20
CA LYS C 1639 42.08 -3.12 -0.27
C LYS C 1639 42.60 -3.72 -1.56
N PHE C 1640 42.42 -5.02 -1.75
CA PHE C 1640 42.62 -5.71 -3.04
C PHE C 1640 41.35 -6.47 -3.40
N GLU C 1641 41.26 -6.84 -4.67
CA GLU C 1641 40.20 -7.67 -5.28
C GLU C 1641 40.89 -8.51 -6.33
N THR C 1642 40.61 -9.80 -6.43
CA THR C 1642 41.27 -10.72 -7.39
C THR C 1642 40.20 -11.40 -8.22
N ARG C 1643 40.35 -11.33 -9.54
CA ARG C 1643 39.38 -11.79 -10.56
C ARG C 1643 40.07 -12.83 -11.43
N ASN C 1644 39.38 -13.93 -11.77
CA ASN C 1644 39.83 -14.96 -12.73
C ASN C 1644 39.66 -14.43 -14.17
N GLU C 1645 39.78 -15.28 -15.19
CA GLU C 1645 39.78 -14.87 -16.63
C GLU C 1645 38.36 -14.49 -17.08
N ASP C 1646 37.33 -15.00 -16.39
CA ASP C 1646 35.89 -14.70 -16.65
C ASP C 1646 35.44 -13.43 -15.92
N ASP C 1647 36.38 -12.70 -15.29
CA ASP C 1647 36.17 -11.42 -14.52
C ASP C 1647 35.14 -11.68 -13.42
N VAL C 1648 35.26 -12.84 -12.76
CA VAL C 1648 34.52 -13.21 -11.52
C VAL C 1648 35.45 -12.90 -10.34
N VAL C 1649 34.93 -12.22 -9.32
CA VAL C 1649 35.70 -11.91 -8.08
C VAL C 1649 35.85 -13.21 -7.31
N VAL C 1650 37.08 -13.57 -7.01
CA VAL C 1650 37.45 -14.88 -6.41
C VAL C 1650 38.21 -14.71 -5.09
N LEU C 1651 38.67 -13.50 -4.74
CA LEU C 1651 39.47 -13.28 -3.51
C LEU C 1651 39.55 -11.79 -3.22
N THR C 1652 38.68 -11.28 -2.35
CA THR C 1652 38.78 -9.89 -1.81
C THR C 1652 39.64 -9.91 -0.54
N GLY C 1653 39.94 -8.74 0.00
CA GLY C 1653 40.61 -8.57 1.30
C GLY C 1653 41.26 -7.21 1.51
N GLU C 1654 41.84 -7.02 2.69
CA GLU C 1654 42.52 -5.78 3.16
C GLU C 1654 43.92 -6.15 3.62
N ALA C 1655 44.84 -5.19 3.59
CA ALA C 1655 46.10 -5.22 4.35
C ALA C 1655 46.24 -3.92 5.14
N GLU C 1656 47.21 -3.89 6.06
CA GLU C 1656 47.61 -2.76 6.92
C GLU C 1656 49.11 -2.60 6.79
N ILE C 1657 49.56 -1.71 5.93
CA ILE C 1657 51.01 -1.49 5.66
C ILE C 1657 51.47 -0.31 6.50
N GLU C 1658 52.48 -0.52 7.36
CA GLU C 1658 53.16 0.57 8.10
C GLU C 1658 53.57 1.64 7.09
N GLN C 1659 53.39 2.90 7.45
CA GLN C 1659 54.01 4.03 6.72
C GLN C 1659 55.53 3.93 6.84
N PRO C 1660 56.29 4.53 5.90
CA PRO C 1660 57.74 4.63 6.01
C PRO C 1660 58.15 5.38 7.29
N VAL C 1661 59.28 4.99 7.89
CA VAL C 1661 59.80 5.56 9.17
C VAL C 1661 59.71 7.09 9.13
N THR C 1662 58.85 7.67 9.97
CA THR C 1662 58.53 9.13 10.03
C THR C 1662 59.12 9.74 11.30
N THR C 1663 59.48 11.01 11.23
CA THR C 1663 59.68 11.90 12.39
C THR C 1663 58.83 13.15 12.17
N PHE C 1664 58.31 13.71 13.25
CA PHE C 1664 57.63 15.03 13.26
C PHE C 1664 58.60 16.03 13.87
N VAL C 1665 58.82 17.15 13.22
CA VAL C 1665 59.57 18.27 13.83
C VAL C 1665 58.57 19.43 13.96
N PHE C 1666 58.63 20.16 15.06
CA PHE C 1666 57.72 21.29 15.38
C PHE C 1666 58.52 22.58 15.40
N THR C 1667 58.07 23.55 14.60
CA THR C 1667 58.74 24.86 14.47
C THR C 1667 58.53 25.61 15.78
N GLY C 1668 59.54 26.35 16.23
CA GLY C 1668 59.40 27.38 17.28
C GLY C 1668 59.17 28.76 16.68
N GLN C 1669 59.60 29.81 17.40
CA GLN C 1669 59.23 31.22 17.16
C GLN C 1669 59.83 31.76 15.85
N GLY C 1670 59.29 32.87 15.35
CA GLY C 1670 59.75 33.58 14.15
C GLY C 1670 58.89 33.29 12.94
N SER C 1671 58.39 32.06 12.86
CA SER C 1671 57.54 31.57 11.75
C SER C 1671 56.11 32.17 11.82
N GLN C 1672 55.67 32.58 13.02
CA GLN C 1672 54.26 33.00 13.30
C GLN C 1672 53.85 34.16 12.36
N GLU C 1673 52.60 34.10 11.91
CA GLU C 1673 52.00 35.05 10.93
C GLU C 1673 50.51 35.19 11.27
N GLN C 1674 49.93 36.33 10.92
CA GLN C 1674 48.50 36.63 11.17
C GLN C 1674 47.62 35.57 10.49
N GLY C 1675 46.56 35.15 11.18
CA GLY C 1675 45.57 34.18 10.68
C GLY C 1675 46.15 32.81 10.42
N MET C 1676 47.15 32.38 11.22
CA MET C 1676 47.85 31.08 11.04
C MET C 1676 47.03 29.94 11.65
N GLY C 1677 46.78 28.89 10.88
CA GLY C 1677 45.99 27.73 11.32
C GLY C 1677 44.49 28.02 11.28
N MET C 1678 44.05 29.15 10.69
CA MET C 1678 42.62 29.56 10.65
C MET C 1678 41.87 28.91 9.48
N ASP C 1679 42.57 28.55 8.40
CA ASP C 1679 41.98 27.73 7.31
C ASP C 1679 41.56 26.36 7.88
N LEU C 1680 42.45 25.73 8.65
CA LEU C 1680 42.22 24.41 9.29
C LEU C 1680 41.16 24.54 10.40
N TYR C 1681 41.03 25.71 11.01
CA TYR C 1681 40.12 25.96 12.15
C TYR C 1681 38.66 25.87 11.67
N LYS C 1682 38.38 26.31 10.43
CA LYS C 1682 37.02 26.28 9.85
C LYS C 1682 36.62 24.84 9.49
N THR C 1683 37.52 24.10 8.81
CA THR C 1683 37.26 22.75 8.24
C THR C 1683 37.28 21.70 9.37
N SER C 1684 38.45 21.48 9.99
CA SER C 1684 38.74 20.37 10.94
C SER C 1684 37.95 20.54 12.23
N LYS C 1685 37.28 19.50 12.67
CA LYS C 1685 36.58 19.41 13.98
C LYS C 1685 37.59 19.24 15.12
N ALA C 1686 38.73 18.61 14.88
CA ALA C 1686 39.80 18.39 15.88
C ALA C 1686 40.50 19.71 16.18
N ALA C 1687 40.92 20.46 15.15
CA ALA C 1687 41.51 21.80 15.31
C ALA C 1687 40.53 22.72 16.04
N GLN C 1688 39.24 22.68 15.68
CA GLN C 1688 38.18 23.44 16.39
C GLN C 1688 38.26 23.11 17.87
N ASP C 1689 38.21 21.82 18.23
CA ASP C 1689 38.21 21.36 19.65
C ASP C 1689 39.46 21.89 20.39
N VAL C 1690 40.63 21.95 19.74
CA VAL C 1690 41.89 22.46 20.34
C VAL C 1690 41.72 23.96 20.63
N TRP C 1691 41.63 24.75 19.57
CA TRP C 1691 41.49 26.23 19.67
C TRP C 1691 40.40 26.61 20.68
N ASN C 1692 39.25 25.93 20.65
CA ASN C 1692 38.08 26.33 21.47
C ASN C 1692 38.41 26.12 22.96
N ARG C 1693 39.07 25.03 23.30
CA ARG C 1693 39.45 24.73 24.71
C ARG C 1693 40.47 25.76 25.21
N ALA C 1694 41.37 26.21 24.35
CA ALA C 1694 42.40 27.22 24.68
C ALA C 1694 41.74 28.59 24.86
N ASP C 1695 40.92 28.99 23.90
CA ASP C 1695 40.19 30.27 23.88
C ASP C 1695 39.27 30.33 25.11
N ASN C 1696 38.47 29.31 25.37
CA ASN C 1696 37.58 29.27 26.57
C ASN C 1696 38.39 29.34 27.86
N HIS C 1697 39.62 28.86 27.88
CA HIS C 1697 40.48 28.89 29.09
C HIS C 1697 41.06 30.30 29.25
N PHE C 1698 41.53 30.90 28.18
CA PHE C 1698 42.16 32.23 28.21
C PHE C 1698 41.11 33.27 28.60
N LYS C 1699 39.94 33.25 27.96
CA LYS C 1699 38.80 34.19 28.19
C LYS C 1699 38.35 34.11 29.65
N ASP C 1700 38.18 32.91 30.20
CA ASP C 1700 37.66 32.68 31.58
C ASP C 1700 38.73 33.02 32.63
N THR C 1701 40.01 33.02 32.26
CA THR C 1701 41.14 33.14 33.22
C THR C 1701 41.80 34.51 33.09
N TYR C 1702 42.14 34.97 31.89
CA TYR C 1702 42.93 36.22 31.68
C TYR C 1702 42.17 37.25 30.83
N GLY C 1703 40.90 36.97 30.51
CA GLY C 1703 40.00 37.91 29.82
C GLY C 1703 40.52 38.38 28.47
N PHE C 1704 41.26 37.54 27.74
CA PHE C 1704 41.51 37.77 26.31
C PHE C 1704 41.28 36.46 25.56
N SER C 1705 40.99 36.61 24.26
CA SER C 1705 40.82 35.51 23.28
C SER C 1705 42.11 35.39 22.46
N ILE C 1706 42.75 34.23 22.52
CA ILE C 1706 43.96 33.93 21.70
C ILE C 1706 43.56 33.89 20.21
N LEU C 1707 42.35 33.39 19.91
CA LEU C 1707 41.79 33.36 18.54
C LEU C 1707 41.74 34.79 17.97
N ASP C 1708 41.15 35.72 18.71
CA ASP C 1708 41.04 37.16 18.34
C ASP C 1708 42.43 37.71 18.03
N ILE C 1709 43.45 37.39 18.82
CA ILE C 1709 44.85 37.91 18.60
C ILE C 1709 45.44 37.34 17.31
N VAL C 1710 45.33 36.04 17.09
CA VAL C 1710 45.83 35.35 15.86
C VAL C 1710 45.10 35.91 14.63
N ILE C 1711 43.77 36.01 14.66
CA ILE C 1711 42.97 36.49 13.49
C ILE C 1711 43.25 37.98 13.21
N ASN C 1712 43.20 38.86 14.21
CA ASN C 1712 43.17 40.34 14.03
C ASN C 1712 44.51 41.03 14.34
N ASN C 1713 45.40 40.37 15.08
CA ASN C 1713 46.77 40.85 15.42
C ASN C 1713 46.69 42.31 15.85
N PRO C 1714 45.99 42.63 16.96
CA PRO C 1714 45.90 44.01 17.41
C PRO C 1714 47.26 44.49 17.90
N VAL C 1715 47.44 45.81 17.99
CA VAL C 1715 48.72 46.46 18.41
C VAL C 1715 48.75 46.63 19.93
N ASN C 1716 47.59 46.98 20.52
CA ASN C 1716 47.37 47.06 21.98
C ASN C 1716 46.13 46.23 22.29
N LEU C 1717 46.05 45.67 23.49
CA LEU C 1717 44.87 44.91 23.98
C LEU C 1717 44.69 45.24 25.45
N THR C 1718 43.61 45.92 25.78
CA THR C 1718 43.27 46.32 27.18
C THR C 1718 42.39 45.22 27.79
N ILE C 1719 42.66 44.87 29.04
CA ILE C 1719 41.87 43.87 29.80
C ILE C 1719 41.15 44.66 30.88
N HIS C 1720 39.82 44.54 30.98
CA HIS C 1720 39.04 45.36 31.94
C HIS C 1720 38.72 44.49 33.15
N PHE C 1721 38.95 45.03 34.36
CA PHE C 1721 38.66 44.36 35.65
C PHE C 1721 37.42 44.97 36.31
N GLY C 1722 36.38 45.25 35.51
CA GLY C 1722 35.08 45.70 36.03
C GLY C 1722 34.13 44.53 36.19
N GLY C 1723 33.24 44.61 37.19
CA GLY C 1723 32.15 43.65 37.41
C GLY C 1723 32.59 42.56 38.37
N GLU C 1724 31.84 41.47 38.45
CA GLU C 1724 32.22 40.27 39.24
C GLU C 1724 33.27 39.47 38.47
N LYS C 1725 33.10 39.30 37.15
CA LYS C 1725 34.05 38.52 36.31
C LYS C 1725 35.42 39.21 36.36
N GLY C 1726 35.46 40.53 36.24
CA GLY C 1726 36.70 41.33 36.21
C GLY C 1726 37.49 41.24 37.50
N LYS C 1727 36.86 40.99 38.64
CA LYS C 1727 37.56 40.76 39.94
C LYS C 1727 38.27 39.41 39.89
N ARG C 1728 37.60 38.35 39.42
CA ARG C 1728 38.23 37.00 39.22
C ARG C 1728 39.43 37.16 38.30
N ILE C 1729 39.24 37.77 37.13
CA ILE C 1729 40.33 37.91 36.12
C ILE C 1729 41.49 38.68 36.74
N ARG C 1730 41.24 39.74 37.50
CA ARG C 1730 42.35 40.55 38.08
C ARG C 1730 43.05 39.74 39.18
N GLU C 1731 42.35 38.86 39.89
CA GLU C 1731 42.94 37.97 40.93
C GLU C 1731 43.91 36.98 40.27
N ASN C 1732 43.57 36.48 39.08
CA ASN C 1732 44.38 35.52 38.28
C ASN C 1732 45.63 36.20 37.70
N TYR C 1733 45.58 37.48 37.35
CA TYR C 1733 46.79 38.25 36.93
C TYR C 1733 47.66 38.51 38.15
N SER C 1734 47.03 38.70 39.31
CA SER C 1734 47.71 39.02 40.60
C SER C 1734 48.41 37.75 41.10
N ALA C 1735 47.67 36.63 41.14
CA ALA C 1735 48.08 35.32 41.73
C ALA C 1735 49.29 34.73 40.98
N MET C 1736 49.46 35.06 39.70
CA MET C 1736 50.55 34.54 38.84
C MET C 1736 51.87 35.20 39.26
N ILE C 1737 52.77 34.40 39.86
CA ILE C 1737 53.98 34.82 40.63
C ILE C 1737 55.19 33.96 40.25
N PHE C 1738 56.39 34.38 40.66
CA PHE C 1738 57.68 33.66 40.48
C PHE C 1738 58.12 33.01 41.79
N GLU C 1739 57.82 31.72 41.99
CA GLU C 1739 58.15 30.95 43.22
C GLU C 1739 59.64 30.57 43.20
N THR C 1740 60.52 31.57 43.33
CA THR C 1740 62.00 31.38 43.44
C THR C 1740 62.27 30.86 44.86
N ILE C 1741 63.26 29.96 45.01
CA ILE C 1741 63.60 29.31 46.32
C ILE C 1741 65.02 29.75 46.71
N VAL C 1742 65.11 30.90 47.39
CA VAL C 1742 66.39 31.64 47.70
C VAL C 1742 66.64 31.59 49.22
N ASP C 1743 67.77 31.00 49.62
CA ASP C 1743 68.27 30.87 51.02
C ASP C 1743 67.30 30.01 51.84
N GLY C 1744 66.91 28.85 51.29
CA GLY C 1744 65.99 27.86 51.91
C GLY C 1744 64.63 28.43 52.28
N LYS C 1745 64.11 29.39 51.47
CA LYS C 1745 62.83 30.12 51.71
C LYS C 1745 62.23 30.62 50.39
N LEU C 1746 60.89 30.59 50.26
CA LEU C 1746 60.14 31.04 49.04
C LEU C 1746 60.12 32.56 49.00
N LYS C 1747 60.92 33.17 48.10
CA LYS C 1747 60.95 34.63 47.79
C LYS C 1747 60.07 34.86 46.56
N THR C 1748 58.76 35.11 46.77
CA THR C 1748 57.72 35.22 45.70
C THR C 1748 57.65 36.67 45.20
N GLU C 1749 57.96 36.86 43.91
CA GLU C 1749 57.79 38.14 43.16
C GLU C 1749 56.50 38.02 42.34
N LYS C 1750 55.92 39.17 41.95
CA LYS C 1750 54.68 39.26 41.13
C LYS C 1750 55.04 39.68 39.70
N ILE C 1751 54.49 38.95 38.72
CA ILE C 1751 54.47 39.36 37.29
C ILE C 1751 53.34 40.37 37.15
N PHE C 1752 53.50 41.41 36.34
CA PHE C 1752 52.55 42.56 36.32
C PHE C 1752 52.57 43.20 37.72
N LYS C 1753 53.67 43.91 38.00
CA LYS C 1753 53.85 44.73 39.22
C LYS C 1753 52.80 45.85 39.23
N GLU C 1754 52.42 46.36 38.06
CA GLU C 1754 51.48 47.49 37.83
C GLU C 1754 50.01 47.02 37.78
N ILE C 1755 49.68 45.89 38.41
CA ILE C 1755 48.29 45.43 38.69
C ILE C 1755 48.14 45.23 40.20
N ASN C 1756 47.36 46.10 40.85
CA ASN C 1756 47.07 46.11 42.31
C ASN C 1756 45.57 45.92 42.49
N GLU C 1757 45.05 46.00 43.72
CA GLU C 1757 43.61 45.76 44.04
C GLU C 1757 42.71 46.84 43.40
N HIS C 1758 43.22 48.06 43.20
CA HIS C 1758 42.51 49.26 42.67
C HIS C 1758 42.76 49.45 41.17
N SER C 1759 43.32 48.45 40.49
CA SER C 1759 43.54 48.49 39.02
C SER C 1759 42.21 48.17 38.36
N THR C 1760 41.78 49.05 37.45
CA THR C 1760 40.53 48.93 36.67
C THR C 1760 40.84 48.20 35.37
N SER C 1761 42.03 48.40 34.83
CA SER C 1761 42.47 47.76 33.57
C SER C 1761 43.94 47.34 33.66
N TYR C 1762 44.42 46.79 32.55
CA TYR C 1762 45.85 46.53 32.27
C TYR C 1762 45.99 46.31 30.78
N THR C 1763 46.85 47.08 30.14
CA THR C 1763 47.10 47.06 28.68
C THR C 1763 48.38 46.25 28.40
N PHE C 1764 48.30 45.38 27.40
CA PHE C 1764 49.43 44.69 26.73
C PHE C 1764 49.81 45.54 25.53
N ARG C 1765 51.09 45.89 25.35
CA ARG C 1765 51.57 46.80 24.28
C ARG C 1765 52.61 46.12 23.38
N SER C 1766 52.59 46.49 22.09
CA SER C 1766 53.61 46.17 21.05
C SER C 1766 53.72 47.34 20.06
N GLU C 1767 54.43 47.14 18.94
CA GLU C 1767 54.64 48.18 17.88
C GLU C 1767 53.84 47.83 16.61
N LYS C 1768 54.00 46.60 16.09
CA LYS C 1768 53.38 46.13 14.82
C LYS C 1768 52.15 45.26 15.11
N GLY C 1769 52.25 44.39 16.12
CA GLY C 1769 51.17 43.49 16.54
C GLY C 1769 51.56 42.68 17.76
N LEU C 1770 50.56 42.29 18.55
CA LEU C 1770 50.78 41.46 19.76
C LEU C 1770 51.08 40.02 19.37
N LEU C 1771 50.83 39.62 18.13
CA LEU C 1771 51.18 38.24 17.68
C LEU C 1771 52.71 38.10 17.60
N SER C 1772 53.47 39.20 17.54
CA SER C 1772 54.96 39.17 17.62
C SER C 1772 55.48 39.31 19.07
N ALA C 1773 54.65 39.61 20.06
CA ALA C 1773 55.04 39.65 21.51
C ALA C 1773 55.06 38.24 22.10
N THR C 1774 56.18 37.83 22.68
CA THR C 1774 56.52 36.40 22.97
C THR C 1774 55.45 35.74 23.85
N GLN C 1775 54.74 36.48 24.70
CA GLN C 1775 53.72 35.88 25.61
C GLN C 1775 52.48 35.45 24.82
N PHE C 1776 52.20 36.00 23.63
CA PHE C 1776 51.06 35.60 22.79
C PHE C 1776 51.56 34.72 21.64
N THR C 1777 52.76 34.99 21.13
CA THR C 1777 53.39 34.17 20.07
C THR C 1777 53.51 32.72 20.55
N GLN C 1778 53.93 32.51 21.80
CA GLN C 1778 54.19 31.14 22.29
C GLN C 1778 52.90 30.33 22.35
N PRO C 1779 51.80 30.80 22.98
CA PRO C 1779 50.53 30.07 22.96
C PRO C 1779 49.97 29.96 21.53
N ALA C 1780 50.03 31.01 20.73
CA ALA C 1780 49.39 30.98 19.40
C ALA C 1780 50.03 29.84 18.60
N LEU C 1781 51.35 29.85 18.54
CA LEU C 1781 52.16 29.01 17.64
C LEU C 1781 52.15 27.57 18.11
N THR C 1782 51.98 27.35 19.40
CA THR C 1782 51.82 26.03 20.04
C THR C 1782 50.46 25.43 19.67
N LEU C 1783 49.39 26.22 19.81
CA LEU C 1783 47.99 25.77 19.52
C LEU C 1783 47.84 25.46 18.05
N MET C 1784 48.43 26.27 17.17
CA MET C 1784 48.43 26.04 15.71
C MET C 1784 49.00 24.65 15.41
N GLU C 1785 50.16 24.37 16.01
CA GLU C 1785 50.89 23.08 15.85
C GLU C 1785 50.06 21.96 16.47
N LYS C 1786 49.63 22.08 17.71
CA LYS C 1786 48.86 21.01 18.36
C LYS C 1786 47.60 20.77 17.54
N ALA C 1787 46.98 21.79 16.96
CA ALA C 1787 45.72 21.67 16.19
C ALA C 1787 45.99 20.98 14.87
N ALA C 1788 47.07 21.35 14.18
CA ALA C 1788 47.57 20.62 13.01
C ALA C 1788 47.60 19.14 13.33
N PHE C 1789 48.42 18.78 14.31
CA PHE C 1789 48.68 17.38 14.68
C PHE C 1789 47.38 16.67 14.98
N GLU C 1790 46.49 17.29 15.76
CA GLU C 1790 45.21 16.65 16.19
C GLU C 1790 44.33 16.37 14.98
N ASP C 1791 44.46 17.12 13.90
CA ASP C 1791 43.74 16.83 12.63
C ASP C 1791 44.31 15.56 12.00
N LEU C 1792 45.64 15.56 11.74
CA LEU C 1792 46.43 14.40 11.24
C LEU C 1792 46.08 13.13 12.03
N LYS C 1793 45.89 13.22 13.35
CA LYS C 1793 45.66 12.04 14.22
C LYS C 1793 44.23 11.54 13.99
N SER C 1794 43.30 12.45 13.71
CA SER C 1794 41.87 12.15 13.48
C SER C 1794 41.73 11.44 12.14
N LYS C 1795 42.68 11.64 11.23
CA LYS C 1795 42.75 11.02 9.88
C LYS C 1795 43.58 9.74 9.89
N GLY C 1796 43.99 9.26 11.06
CA GLY C 1796 44.81 8.04 11.23
C GLY C 1796 46.20 8.15 10.63
N LEU C 1797 46.80 9.33 10.54
CA LEU C 1797 48.04 9.48 9.76
C LEU C 1797 49.27 9.42 10.65
N ILE C 1798 49.12 9.19 11.95
CA ILE C 1798 50.28 9.26 12.89
C ILE C 1798 50.72 7.84 13.23
N PRO C 1799 51.90 7.40 12.74
CA PRO C 1799 52.46 6.10 13.13
C PRO C 1799 52.64 5.96 14.64
N ALA C 1800 52.39 4.75 15.16
CA ALA C 1800 52.41 4.44 16.61
C ALA C 1800 53.85 4.59 17.17
N ASP C 1801 54.89 4.40 16.34
CA ASP C 1801 56.34 4.37 16.73
C ASP C 1801 57.14 5.46 16.00
N ALA C 1802 56.55 6.62 15.75
CA ALA C 1802 57.22 7.80 15.15
C ALA C 1802 58.06 8.51 16.21
N THR C 1803 59.25 8.97 15.81
CA THR C 1803 60.13 9.86 16.62
C THR C 1803 59.68 11.30 16.36
N PHE C 1804 60.10 12.21 17.23
CA PHE C 1804 59.61 13.60 17.23
C PHE C 1804 60.54 14.52 18.01
N ALA C 1805 60.56 15.76 17.58
CA ALA C 1805 61.50 16.80 18.03
C ALA C 1805 60.90 18.16 17.73
N GLY C 1806 61.37 19.18 18.43
CA GLY C 1806 60.80 20.52 18.30
C GLY C 1806 61.88 21.52 18.53
N HIS C 1807 62.09 22.37 17.55
CA HIS C 1807 63.07 23.47 17.62
C HIS C 1807 62.56 24.49 18.62
N LEU C 1809 60.68 26.32 21.01
CA LEU C 1809 59.36 26.39 21.63
C LEU C 1809 58.62 25.12 21.24
N GLY C 1810 58.74 24.74 19.96
CA GLY C 1810 57.99 23.63 19.35
C GLY C 1810 58.15 22.35 20.14
N GLU C 1811 59.19 22.27 20.97
CA GLU C 1811 59.36 21.18 21.95
C GLU C 1811 58.04 20.93 22.67
N TYR C 1812 57.36 21.99 23.14
CA TYR C 1812 56.19 21.85 24.06
C TYR C 1812 54.99 21.32 23.26
N ALA C 1813 54.85 21.82 22.03
CA ALA C 1813 53.81 21.40 21.06
C ALA C 1813 54.00 19.93 20.68
N ALA C 1814 55.25 19.49 20.50
CA ALA C 1814 55.64 18.08 20.25
C ALA C 1814 55.28 17.19 21.46
N LEU C 1815 55.67 17.57 22.66
CA LEU C 1815 55.42 16.76 23.88
C LEU C 1815 53.93 16.70 24.21
N ALA C 1816 53.18 17.76 23.95
CA ALA C 1816 51.72 17.76 24.11
C ALA C 1816 51.05 16.94 22.99
N SER C 1817 51.61 16.94 21.79
CA SER C 1817 51.02 16.27 20.59
C SER C 1817 51.26 14.75 20.60
N LEU C 1818 52.52 14.33 20.66
CA LEU C 1818 52.92 12.91 20.50
C LEU C 1818 52.84 12.15 21.82
N ALA C 1819 53.06 12.80 22.98
CA ALA C 1819 53.17 12.11 24.29
C ALA C 1819 52.01 12.45 25.23
N ASP C 1820 51.16 13.43 24.89
CA ASP C 1820 49.99 13.88 25.70
C ASP C 1820 50.43 14.02 27.17
N VAL C 1821 51.48 14.81 27.38
CA VAL C 1821 52.11 15.09 28.70
C VAL C 1821 51.24 16.08 29.46
N MET C 1822 50.72 17.06 28.74
CA MET C 1822 49.82 18.13 29.24
C MET C 1822 48.53 18.10 28.43
N SER C 1823 47.42 18.52 29.05
CA SER C 1823 46.18 18.98 28.38
C SER C 1823 46.46 20.24 27.55
N ILE C 1824 45.46 20.70 26.78
CA ILE C 1824 45.48 21.99 26.05
C ILE C 1824 45.55 23.12 27.08
N GLU C 1825 44.72 23.08 28.12
CA GLU C 1825 44.65 24.15 29.14
C GLU C 1825 45.98 24.27 29.91
N SER C 1826 46.58 23.15 30.32
CA SER C 1826 47.91 23.13 30.99
C SER C 1826 48.97 23.65 30.03
N LEU C 1827 48.94 23.21 28.78
CA LEU C 1827 49.96 23.57 27.76
C LEU C 1827 49.95 25.08 27.55
N VAL C 1828 48.78 25.69 27.33
CA VAL C 1828 48.72 27.14 26.95
C VAL C 1828 49.03 27.99 28.17
N GLU C 1829 48.71 27.52 29.38
CA GLU C 1829 49.06 28.22 30.64
C GLU C 1829 50.59 28.23 30.77
N VAL C 1830 51.23 27.06 30.65
CA VAL C 1830 52.72 26.86 30.72
C VAL C 1830 53.46 27.73 29.71
N VAL C 1831 53.11 27.72 28.43
CA VAL C 1831 53.82 28.56 27.43
C VAL C 1831 53.53 30.05 27.68
N PHE C 1832 52.35 30.43 28.16
CA PHE C 1832 52.01 31.85 28.42
C PHE C 1832 52.94 32.36 29.53
N TYR C 1833 53.02 31.60 30.62
CA TYR C 1833 53.92 31.86 31.76
C TYR C 1833 55.34 31.97 31.25
N ARG C 1834 55.73 31.04 30.38
CA ARG C 1834 57.09 31.00 29.83
C ARG C 1834 57.35 32.33 29.11
N GLY C 1835 56.49 32.72 28.17
CA GLY C 1835 56.55 34.02 27.50
C GLY C 1835 56.50 35.20 28.47
N MET C 1836 55.83 35.08 29.61
CA MET C 1836 55.78 36.17 30.62
C MET C 1836 57.16 36.26 31.28
N THR C 1837 57.64 35.15 31.84
CA THR C 1837 59.01 35.01 32.43
C THR C 1837 60.04 35.68 31.51
N MET C 1838 59.99 35.42 30.21
CA MET C 1838 60.98 35.96 29.25
C MET C 1838 60.80 37.47 29.08
N GLN C 1839 59.57 37.96 29.13
CA GLN C 1839 59.22 39.39 28.92
C GLN C 1839 59.69 40.25 30.10
N VAL C 1840 59.52 39.76 31.33
CA VAL C 1840 59.92 40.46 32.59
C VAL C 1840 61.44 40.61 32.63
N ALA C 1841 62.18 39.59 32.21
CA ALA C 1841 63.66 39.53 32.28
C ALA C 1841 64.29 40.63 31.41
N VAL C 1842 63.62 41.05 30.33
CA VAL C 1842 64.15 42.02 29.32
C VAL C 1842 63.44 43.36 29.46
N PRO C 1843 64.16 44.47 29.85
CA PRO C 1843 63.61 45.83 29.83
C PRO C 1843 63.11 46.32 28.47
N ARG C 1844 61.90 46.89 28.43
CA ARG C 1844 61.23 47.41 27.21
C ARG C 1844 61.18 48.96 27.29
N ASP C 1845 60.90 49.62 26.18
CA ASP C 1845 60.72 51.11 26.10
C ASP C 1845 59.23 51.42 26.34
N GLU C 1846 58.74 52.57 25.84
CA GLU C 1846 57.33 53.07 25.97
C GLU C 1846 56.37 52.31 25.03
N LEU C 1847 56.80 52.05 23.78
CA LEU C 1847 56.02 51.36 22.71
C LEU C 1847 56.00 49.84 22.91
N GLY C 1848 56.98 49.27 23.62
CA GLY C 1848 57.21 47.81 23.78
C GLY C 1848 58.28 47.30 22.83
N ARG C 1849 59.44 47.97 22.80
CA ARG C 1849 60.64 47.65 21.98
C ARG C 1849 61.84 47.47 22.91
N SER C 1850 62.51 46.32 22.85
CA SER C 1850 63.68 45.99 23.70
C SER C 1850 64.98 46.31 22.96
N ASN C 1851 66.09 46.25 23.69
CA ASN C 1851 67.46 46.40 23.14
C ASN C 1851 68.08 45.01 22.97
N TYR C 1852 67.34 44.07 22.38
CA TYR C 1852 67.77 42.67 22.16
C TYR C 1852 67.12 42.17 20.87
N GLY C 1853 67.83 41.28 20.19
CA GLY C 1853 67.38 40.63 18.95
C GLY C 1853 68.26 39.44 18.62
N MET C 1854 68.13 38.95 17.39
CA MET C 1854 68.87 37.76 16.91
C MET C 1854 69.28 38.01 15.46
N ILE C 1855 70.38 37.38 15.06
CA ILE C 1855 70.85 37.30 13.65
C ILE C 1855 71.09 35.82 13.35
N ALA C 1856 70.60 35.35 12.21
CA ALA C 1856 71.12 34.15 11.51
C ALA C 1856 72.48 34.53 10.89
N ILE C 1857 73.43 33.59 10.91
CA ILE C 1857 74.81 33.73 10.37
C ILE C 1857 75.15 32.53 9.49
N ASN C 1858 75.65 32.78 8.27
CA ASN C 1858 76.13 31.76 7.28
C ASN C 1858 77.65 31.85 7.18
N PRO C 1859 78.41 31.04 7.94
CA PRO C 1859 79.87 31.03 7.81
C PRO C 1859 80.39 30.67 6.40
N GLY C 1860 79.60 29.92 5.61
CA GLY C 1860 79.91 29.59 4.21
C GLY C 1860 79.84 30.78 3.26
N ARG C 1861 79.12 31.84 3.64
CA ARG C 1861 78.92 33.07 2.82
C ARG C 1861 80.02 34.10 3.14
N VAL C 1862 80.49 34.17 4.39
CA VAL C 1862 81.53 35.16 4.82
C VAL C 1862 82.85 34.82 4.11
N ALA C 1863 83.26 33.56 4.12
CA ALA C 1863 84.50 33.08 3.47
C ALA C 1863 84.45 31.55 3.34
N ALA C 1864 84.93 31.01 2.22
CA ALA C 1864 84.96 29.56 1.90
C ALA C 1864 85.65 28.78 3.03
N SER C 1865 86.76 29.30 3.55
CA SER C 1865 87.63 28.67 4.59
C SER C 1865 87.02 28.81 5.99
N PHE C 1866 86.19 29.84 6.23
CA PHE C 1866 85.61 30.25 7.54
C PHE C 1866 84.76 29.13 8.16
N SER C 1867 85.28 28.49 9.21
CA SER C 1867 84.64 27.36 9.93
C SER C 1867 83.75 27.87 11.07
N GLN C 1868 82.94 26.98 11.66
CA GLN C 1868 82.04 27.26 12.81
C GLN C 1868 82.81 27.48 14.12
N GLU C 1869 84.11 27.14 14.17
CA GLU C 1869 85.02 27.40 15.33
C GLU C 1869 85.67 28.79 15.20
N ALA C 1870 85.85 29.28 13.97
CA ALA C 1870 86.21 30.68 13.64
C ALA C 1870 85.08 31.60 14.13
N LEU C 1871 83.84 31.34 13.70
CA LEU C 1871 82.61 32.08 14.11
C LEU C 1871 82.54 32.10 15.64
N GLN C 1872 82.66 30.94 16.28
CA GLN C 1872 82.58 30.77 17.76
C GLN C 1872 83.64 31.63 18.45
N TYR C 1873 84.83 31.73 17.86
CA TYR C 1873 85.98 32.52 18.37
C TYR C 1873 85.74 34.02 18.13
N VAL C 1874 85.24 34.43 16.95
CA VAL C 1874 84.96 35.86 16.61
C VAL C 1874 83.86 36.41 17.52
N VAL C 1875 82.76 35.67 17.71
CA VAL C 1875 81.58 36.09 18.53
C VAL C 1875 81.95 36.08 20.01
N GLU C 1876 82.83 35.17 20.45
CA GLU C 1876 83.38 35.16 21.83
C GLU C 1876 84.11 36.49 22.08
N ARG C 1877 85.06 36.84 21.22
CA ARG C 1877 85.93 38.05 21.35
C ARG C 1877 85.08 39.32 21.29
N VAL C 1878 84.06 39.38 20.42
CA VAL C 1878 83.17 40.58 20.28
C VAL C 1878 82.42 40.80 21.59
N GLY C 1879 81.98 39.71 22.24
CA GLY C 1879 81.25 39.75 23.53
C GLY C 1879 82.14 40.20 24.69
N LYS C 1880 83.43 39.85 24.66
CA LYS C 1880 84.43 40.11 25.73
C LYS C 1880 84.99 41.53 25.63
N ARG C 1881 85.06 42.10 24.43
CA ARG C 1881 85.67 43.42 24.12
C ARG C 1881 84.72 44.56 24.54
N THR C 1882 83.54 44.60 23.93
CA THR C 1882 82.51 45.67 24.13
C THR C 1882 81.89 45.51 25.53
N GLY C 1883 81.84 44.28 26.05
CA GLY C 1883 81.26 43.94 27.36
C GLY C 1883 79.76 43.75 27.29
N TRP C 1884 79.16 43.83 26.10
CA TRP C 1884 77.72 43.61 25.82
C TRP C 1884 77.47 42.11 25.70
N LEU C 1885 76.20 41.71 25.50
CA LEU C 1885 75.81 40.28 25.42
C LEU C 1885 75.70 39.88 23.94
N VAL C 1886 76.38 38.78 23.57
CA VAL C 1886 76.18 38.07 22.28
C VAL C 1886 76.70 36.64 22.46
N GLU C 1887 75.86 35.66 22.13
CA GLU C 1887 76.14 34.19 22.23
C GLU C 1887 75.57 33.48 21.02
N ILE C 1888 76.09 32.30 20.72
CA ILE C 1888 75.53 31.37 19.70
C ILE C 1888 74.50 30.51 20.42
N VAL C 1889 73.22 30.65 20.04
CA VAL C 1889 72.09 30.05 20.78
C VAL C 1889 71.55 28.86 19.98
N ASN C 1890 71.35 29.02 18.66
CA ASN C 1890 70.86 27.92 17.78
C ASN C 1890 72.00 27.49 16.84
N TYR C 1891 72.38 26.23 16.92
CA TYR C 1891 73.16 25.49 15.91
C TYR C 1891 72.16 24.80 14.97
N ASN C 1892 71.88 25.39 13.81
CA ASN C 1892 70.79 24.95 12.91
C ASN C 1892 71.33 23.97 11.86
N VAL C 1893 72.16 24.46 10.92
CA VAL C 1893 72.68 23.69 9.75
C VAL C 1893 74.19 23.82 9.68
N GLU C 1894 74.93 22.71 9.55
CA GLU C 1894 76.39 22.72 9.84
C GLU C 1894 77.12 23.53 8.78
N ASN C 1895 77.92 24.52 9.24
CA ASN C 1895 78.70 25.49 8.42
C ASN C 1895 77.78 26.19 7.40
N GLN C 1896 76.52 26.46 7.76
CA GLN C 1896 75.57 27.18 6.86
C GLN C 1896 74.52 27.99 7.62
N GLN C 1897 74.34 27.84 8.93
CA GLN C 1897 73.32 28.62 9.69
C GLN C 1897 73.53 28.47 11.21
N TYR C 1898 73.98 29.54 11.86
CA TYR C 1898 74.08 29.64 13.33
C TYR C 1898 73.37 30.92 13.75
N VAL C 1899 72.43 30.79 14.68
CA VAL C 1899 71.64 31.95 15.20
C VAL C 1899 72.35 32.43 16.46
N ALA C 1900 72.68 33.72 16.47
CA ALA C 1900 73.31 34.43 17.59
C ALA C 1900 72.34 35.48 18.10
N ALA C 1901 72.09 35.45 19.41
CA ALA C 1901 71.15 36.33 20.14
C ALA C 1901 71.96 37.21 21.07
N GLY C 1902 71.45 38.42 21.30
CA GLY C 1902 71.94 39.30 22.38
C GLY C 1902 71.57 40.75 22.14
N ASP C 1903 72.37 41.64 22.73
CA ASP C 1903 72.18 43.11 22.75
C ASP C 1903 72.26 43.64 21.32
N LEU C 1904 71.23 44.34 20.86
CA LEU C 1904 71.03 44.74 19.44
C LEU C 1904 72.26 45.52 18.94
N ARG C 1905 73.00 46.17 19.84
CA ARG C 1905 74.24 46.94 19.50
C ARG C 1905 75.37 45.96 19.15
N ALA C 1906 75.61 44.93 19.98
CA ALA C 1906 76.70 43.92 19.82
C ALA C 1906 76.45 43.06 18.57
N LEU C 1907 75.19 42.77 18.28
CA LEU C 1907 74.75 42.06 17.04
C LEU C 1907 75.00 42.94 15.81
N ASP C 1908 75.02 44.25 15.97
CA ASP C 1908 75.33 45.20 14.85
C ASP C 1908 76.85 45.30 14.63
N THR C 1909 77.69 44.83 15.57
CA THR C 1909 79.17 44.85 15.43
C THR C 1909 79.58 43.65 14.58
N VAL C 1910 79.25 42.43 15.02
CA VAL C 1910 79.49 41.16 14.25
C VAL C 1910 78.91 41.30 12.84
N THR C 1911 77.72 41.90 12.67
CA THR C 1911 77.10 42.17 11.34
C THR C 1911 78.03 43.08 10.51
N ASN C 1912 78.78 43.98 11.16
CA ASN C 1912 79.74 44.93 10.51
C ASN C 1912 81.18 44.39 10.53
N VAL C 1913 81.47 43.35 11.34
CA VAL C 1913 82.79 42.66 11.43
C VAL C 1913 82.86 41.57 10.37
N LEU C 1914 81.87 40.68 10.36
CA LEU C 1914 81.76 39.56 9.37
C LEU C 1914 81.54 40.16 7.97
N ASN C 1915 80.84 41.30 7.86
CA ASN C 1915 80.70 42.06 6.59
C ASN C 1915 82.06 42.57 6.11
N PHE C 1916 82.97 42.88 7.03
CA PHE C 1916 84.33 43.41 6.73
C PHE C 1916 85.28 42.27 6.32
N ILE C 1917 85.32 41.16 7.08
CA ILE C 1917 86.25 40.01 6.86
C ILE C 1917 86.04 39.40 5.46
N LYS C 1918 84.79 39.38 4.96
CA LYS C 1918 84.44 38.97 3.56
C LYS C 1918 85.00 39.99 2.56
N LEU C 1919 84.88 41.30 2.86
CA LEU C 1919 85.31 42.42 1.97
C LEU C 1919 86.81 42.74 2.12
N GLN C 1920 87.54 42.00 2.96
CA GLN C 1920 89.03 42.01 3.02
C GLN C 1920 89.60 40.67 2.49
N LYS C 1921 88.84 39.57 2.58
CA LYS C 1921 89.21 38.21 2.08
C LYS C 1921 90.40 37.68 2.89
N ILE C 1922 90.28 37.70 4.22
CA ILE C 1922 91.30 37.23 5.19
C ILE C 1922 90.68 36.11 6.04
N ASP C 1923 91.30 34.92 6.04
CA ASP C 1923 90.92 33.77 6.89
C ASP C 1923 91.53 34.02 8.28
N ILE C 1924 90.85 33.58 9.35
CA ILE C 1924 91.32 33.68 10.77
C ILE C 1924 92.06 32.39 11.16
N ILE C 1925 91.62 31.22 10.65
CA ILE C 1925 92.16 29.88 11.01
C ILE C 1925 93.60 29.74 10.46
N GLU C 1926 93.84 30.18 9.23
CA GLU C 1926 95.17 30.15 8.55
C GLU C 1926 96.16 31.07 9.28
N LEU C 1927 95.72 32.27 9.68
CA LEU C 1927 96.58 33.32 10.30
C LEU C 1927 96.85 33.01 11.79
N GLN C 1928 95.91 32.40 12.51
CA GLN C 1928 96.03 32.16 13.99
C GLN C 1928 96.95 30.95 14.26
N LYS C 1929 97.22 30.11 13.25
CA LYS C 1929 97.97 28.82 13.39
C LYS C 1929 99.33 28.91 12.69
N SER C 1930 99.33 29.07 11.36
CA SER C 1930 100.52 28.94 10.47
C SER C 1930 101.24 30.28 10.23
N LEU C 1931 100.78 31.39 10.83
CA LEU C 1931 101.39 32.74 10.70
C LEU C 1931 101.85 33.25 12.07
N SER C 1932 100.92 33.48 13.02
CA SER C 1932 101.19 34.12 14.34
C SER C 1932 100.25 33.55 15.42
N LEU C 1933 100.78 33.33 16.63
CA LEU C 1933 100.02 32.82 17.82
C LEU C 1933 99.58 34.01 18.69
N GLU C 1934 98.25 34.20 18.84
CA GLU C 1934 97.60 35.17 19.77
C GLU C 1934 97.65 36.61 19.21
N GLU C 1935 98.51 36.89 18.23
CA GLU C 1935 98.65 38.25 17.60
C GLU C 1935 97.33 38.65 16.94
N VAL C 1936 96.67 37.70 16.25
CA VAL C 1936 95.40 37.90 15.50
C VAL C 1936 94.29 38.41 16.44
N GLU C 1937 94.27 37.93 17.70
CA GLU C 1937 93.31 38.38 18.76
C GLU C 1937 93.45 39.89 18.96
N GLY C 1938 94.66 40.34 19.33
CA GLY C 1938 95.00 41.77 19.49
C GLY C 1938 94.82 42.56 18.20
N HIS C 1939 94.96 41.90 17.04
CA HIS C 1939 94.76 42.49 15.69
C HIS C 1939 93.27 42.74 15.44
N LEU C 1940 92.41 41.73 15.59
CA LEU C 1940 90.95 41.83 15.30
C LEU C 1940 90.25 42.72 16.34
N PHE C 1941 90.86 42.97 17.51
CA PHE C 1941 90.37 43.93 18.54
C PHE C 1941 90.18 45.33 17.94
N GLU C 1942 91.01 45.73 16.96
CA GLU C 1942 90.94 47.04 16.25
C GLU C 1942 89.88 47.01 15.13
N ILE C 1943 89.62 45.83 14.53
CA ILE C 1943 88.56 45.63 13.50
C ILE C 1943 87.18 45.66 14.19
N ILE C 1944 87.03 44.98 15.33
CA ILE C 1944 85.75 44.93 16.11
C ILE C 1944 85.51 46.28 16.78
N ASP C 1945 86.56 46.99 17.23
CA ASP C 1945 86.43 48.34 17.86
C ASP C 1945 86.07 49.40 16.82
N GLU C 1946 86.47 49.22 15.55
CA GLU C 1946 86.07 50.13 14.43
C GLU C 1946 84.53 50.08 14.29
N ALA C 1947 83.94 48.89 14.39
CA ALA C 1947 82.48 48.62 14.20
C ALA C 1947 81.69 48.84 15.50
N SER C 1948 82.33 48.76 16.68
CA SER C 1948 81.68 48.93 18.02
C SER C 1948 81.31 50.39 18.28
N LYS C 1949 82.11 51.34 17.79
CA LYS C 1949 81.88 52.81 17.94
C LYS C 1949 80.86 53.29 16.91
N LYS C 1950 80.87 52.71 15.70
CA LYS C 1950 79.90 53.00 14.61
C LYS C 1950 78.51 52.46 14.97
N SER C 1951 78.42 51.45 15.85
CA SER C 1951 77.17 50.82 16.36
C SER C 1951 76.67 51.51 17.66
N ALA C 1952 77.58 52.06 18.48
CA ALA C 1952 77.29 52.70 19.79
C ALA C 1952 76.72 54.12 19.61
N VAL C 1953 76.95 54.75 18.46
CA VAL C 1953 76.37 56.07 18.06
C VAL C 1953 74.85 55.90 17.87
N LYS C 1954 74.43 54.92 17.05
CA LYS C 1954 73.03 54.71 16.56
C LYS C 1954 72.06 54.77 17.74
N PRO C 1955 70.85 55.37 17.58
CA PRO C 1955 69.85 55.41 18.65
C PRO C 1955 69.44 54.01 19.18
N ARG C 1956 68.80 53.94 20.35
CA ARG C 1956 68.60 52.66 21.11
C ARG C 1956 67.80 51.65 20.31
N PRO C 1957 66.59 51.97 19.77
CA PRO C 1957 65.84 51.02 18.94
C PRO C 1957 66.36 50.99 17.48
N LEU C 1958 67.66 50.68 17.30
CA LEU C 1958 68.35 50.74 15.97
C LEU C 1958 67.84 49.60 15.09
N LYS C 1959 67.51 49.92 13.83
CA LYS C 1959 67.14 48.91 12.82
C LYS C 1959 68.40 48.12 12.48
N LEU C 1960 68.32 46.78 12.59
CA LEU C 1960 69.40 45.82 12.25
C LEU C 1960 69.28 45.46 10.76
N GLU C 1961 70.38 45.56 10.01
CA GLU C 1961 70.42 45.46 8.53
C GLU C 1961 70.94 44.08 8.10
N ARG C 1962 70.42 43.54 6.99
CA ARG C 1962 70.91 42.28 6.36
C ARG C 1962 72.30 42.54 5.78
N GLY C 1963 73.34 41.99 6.41
CA GLY C 1963 74.74 42.08 5.96
C GLY C 1963 75.00 41.19 4.76
N PHE C 1964 76.17 40.55 4.72
CA PHE C 1964 76.59 39.58 3.67
C PHE C 1964 76.40 38.16 4.22
N ALA C 1965 76.83 37.92 5.47
CA ALA C 1965 76.73 36.62 6.18
C ALA C 1965 75.98 36.76 7.51
N CYS C 1966 75.04 37.72 7.62
CA CYS C 1966 74.21 37.98 8.84
C CYS C 1966 72.88 38.60 8.45
N ILE C 1967 71.78 37.86 8.59
CA ILE C 1967 70.39 38.36 8.34
C ILE C 1967 69.67 38.40 9.68
N PRO C 1968 69.06 39.54 10.06
CA PRO C 1968 68.35 39.64 11.34
C PRO C 1968 67.00 38.90 11.28
N LEU C 1969 66.60 38.28 12.39
CA LEU C 1969 65.29 37.60 12.52
C LEU C 1969 64.22 38.65 12.84
N VAL C 1970 63.13 38.64 12.08
CA VAL C 1970 61.94 39.51 12.26
C VAL C 1970 61.16 39.04 13.49
N GLY C 1971 60.55 39.96 14.24
CA GLY C 1971 59.64 39.67 15.37
C GLY C 1971 60.32 38.92 16.50
N ILE C 1972 61.62 39.12 16.69
CA ILE C 1972 62.41 38.58 17.84
C ILE C 1972 62.94 39.79 18.62
N SER C 1973 62.62 39.84 19.91
CA SER C 1973 62.95 40.96 20.84
C SER C 1973 63.67 40.44 22.09
N VAL C 1974 63.59 39.13 22.37
CA VAL C 1974 64.26 38.50 23.53
C VAL C 1974 65.52 37.80 23.03
N PRO C 1975 66.59 37.70 23.85
CA PRO C 1975 67.71 36.80 23.55
C PRO C 1975 67.45 35.36 24.02
N PHE C 1976 66.52 34.67 23.35
CA PHE C 1976 66.11 33.29 23.68
C PHE C 1976 67.36 32.41 23.80
N HIS C 1977 67.36 31.45 24.73
CA HIS C 1977 68.40 30.39 24.86
C HIS C 1977 69.77 30.96 25.24
N SER C 1978 69.88 32.29 25.45
CA SER C 1978 71.11 32.93 25.98
C SER C 1978 71.30 32.57 27.47
N THR C 1979 72.29 33.17 28.15
CA THR C 1979 72.55 33.01 29.61
C THR C 1979 71.94 34.19 30.39
N TYR C 1980 71.47 35.23 29.68
CA TYR C 1980 70.68 36.36 30.22
C TYR C 1980 69.39 35.84 30.87
N LEU C 1981 68.82 34.75 30.30
CA LEU C 1981 67.53 34.13 30.74
C LEU C 1981 67.77 33.04 31.80
N MET C 1982 68.98 32.90 32.35
CA MET C 1982 69.33 31.79 33.29
C MET C 1982 68.64 31.97 34.64
N ASN C 1983 68.32 33.21 35.03
CA ASN C 1983 67.72 33.53 36.36
C ASN C 1983 66.26 33.07 36.39
N GLY C 1984 65.59 33.12 35.23
CA GLY C 1984 64.20 32.66 35.02
C GLY C 1984 64.03 31.15 35.16
N VAL C 1985 65.11 30.35 35.12
CA VAL C 1985 65.04 28.86 35.07
C VAL C 1985 64.42 28.35 36.37
N LYS C 1986 64.90 28.87 37.51
CA LYS C 1986 64.52 28.41 38.88
C LYS C 1986 63.02 28.61 39.11
N PRO C 1987 62.42 29.80 38.89
CA PRO C 1987 60.97 29.96 38.96
C PRO C 1987 60.22 29.08 37.97
N PHE C 1988 60.62 29.10 36.69
CA PHE C 1988 59.95 28.37 35.60
C PHE C 1988 59.88 26.89 36.00
N LYS C 1989 61.01 26.31 36.35
CA LYS C 1989 61.09 24.91 36.81
C LYS C 1989 60.01 24.66 37.87
N SER C 1990 59.95 25.48 38.93
CA SER C 1990 58.99 25.28 40.05
C SER C 1990 57.56 25.37 39.52
N PHE C 1991 57.31 26.17 38.46
CA PHE C 1991 55.99 26.28 37.76
C PHE C 1991 55.68 25.01 36.95
N LEU C 1992 56.65 24.45 36.22
CA LEU C 1992 56.47 23.21 35.41
C LEU C 1992 56.06 22.05 36.32
N LYS C 1993 56.70 21.91 37.49
CA LYS C 1993 56.45 20.80 38.44
C LYS C 1993 55.02 20.83 38.99
N LYS C 1994 54.31 21.95 38.85
CA LYS C 1994 52.89 22.11 39.27
C LYS C 1994 51.93 21.72 38.14
N ASN C 1995 52.41 21.73 36.88
CA ASN C 1995 51.57 21.62 35.65
C ASN C 1995 51.81 20.30 34.88
N ILE C 1996 53.04 19.79 34.86
CA ILE C 1996 53.37 18.41 34.39
C ILE C 1996 53.12 17.47 35.57
N ILE C 1997 51.90 16.96 35.71
CA ILE C 1997 51.55 15.91 36.70
C ILE C 1997 52.25 14.63 36.25
N LYS C 1998 52.92 13.90 37.16
CA LYS C 1998 53.72 12.70 36.80
C LYS C 1998 52.81 11.58 36.28
N GLU C 1999 51.55 11.51 36.71
CA GLU C 1999 50.54 10.51 36.24
C GLU C 1999 50.25 10.67 34.74
N ASN C 2000 50.53 11.84 34.16
CA ASN C 2000 50.32 12.17 32.72
C ASN C 2000 51.58 11.90 31.88
N VAL C 2001 52.68 11.47 32.51
CA VAL C 2001 53.94 11.07 31.82
C VAL C 2001 53.88 9.57 31.56
N LYS C 2002 53.87 9.19 30.28
CA LYS C 2002 53.99 7.79 29.81
C LYS C 2002 55.38 7.65 29.19
N VAL C 2003 56.19 6.74 29.72
CA VAL C 2003 57.61 6.54 29.30
C VAL C 2003 57.59 5.93 27.89
N ALA C 2004 56.69 4.96 27.66
CA ALA C 2004 56.46 4.28 26.37
C ALA C 2004 56.33 5.30 25.22
N ARG C 2005 55.72 6.47 25.46
CA ARG C 2005 55.46 7.49 24.40
C ARG C 2005 56.60 8.49 24.28
N LEU C 2006 57.61 8.42 25.14
CA LEU C 2006 58.81 9.29 25.10
C LEU C 2006 60.05 8.48 24.74
N ALA C 2007 60.31 7.41 25.52
CA ALA C 2007 61.54 6.56 25.46
C ALA C 2007 61.87 6.21 24.00
N GLY C 2008 63.01 6.71 23.52
CA GLY C 2008 63.59 6.40 22.21
C GLY C 2008 63.00 7.25 21.11
N LYS C 2009 61.92 7.99 21.39
CA LYS C 2009 61.11 8.73 20.38
C LYS C 2009 61.33 10.23 20.50
N TYR C 2010 61.48 10.77 21.70
CA TYR C 2010 61.60 12.23 21.92
C TYR C 2010 63.07 12.63 21.99
N ILE C 2011 63.50 13.55 21.13
CA ILE C 2011 64.88 14.09 21.12
C ILE C 2011 64.86 15.52 21.64
N PRO C 2012 65.23 15.77 22.91
CA PRO C 2012 65.25 17.13 23.44
C PRO C 2012 66.38 17.98 22.83
N ASN C 2013 66.19 19.30 22.80
CA ASN C 2013 67.19 20.30 22.33
C ASN C 2013 68.39 20.36 23.28
N LEU C 2014 68.16 20.27 24.57
CA LEU C 2014 69.20 20.47 25.61
C LEU C 2014 70.29 19.42 25.37
N THR C 2015 69.87 18.15 25.33
CA THR C 2015 70.67 16.91 25.15
C THR C 2015 70.23 16.24 23.85
N ALA C 2016 70.84 16.50 22.70
CA ALA C 2016 70.30 16.00 21.42
C ALA C 2016 70.52 14.48 21.32
N LYS C 2017 69.81 13.72 22.16
CA LYS C 2017 69.88 12.24 22.26
C LYS C 2017 68.51 11.68 22.64
N PRO C 2018 68.02 10.61 21.96
CA PRO C 2018 66.70 10.06 22.22
C PRO C 2018 66.48 9.84 23.72
N PHE C 2019 65.36 10.33 24.21
CA PHE C 2019 65.00 10.37 25.65
C PHE C 2019 65.08 8.94 26.17
N GLN C 2020 65.86 8.72 27.22
CA GLN C 2020 66.01 7.39 27.86
C GLN C 2020 66.02 7.62 29.37
N VAL C 2021 65.23 6.84 30.09
CA VAL C 2021 65.25 6.79 31.58
C VAL C 2021 66.35 5.80 31.97
N THR C 2022 67.59 6.29 32.04
CA THR C 2022 68.82 5.50 32.33
C THR C 2022 69.89 6.44 32.92
N LYS C 2023 70.78 5.91 33.77
CA LYS C 2023 71.76 6.70 34.55
C LYS C 2023 72.68 7.50 33.60
N GLU C 2024 73.03 6.93 32.44
CA GLU C 2024 73.94 7.58 31.46
C GLU C 2024 73.29 8.86 30.91
N TYR C 2025 71.98 8.85 30.64
CA TYR C 2025 71.23 10.02 30.14
C TYR C 2025 71.27 11.11 31.22
N PHE C 2026 70.85 10.76 32.44
CA PHE C 2026 70.85 11.66 33.63
C PHE C 2026 72.23 12.31 33.76
N GLN C 2027 73.28 11.49 33.74
CA GLN C 2027 74.69 11.96 33.87
C GLN C 2027 74.96 13.01 32.79
N ASP C 2028 74.50 12.78 31.56
CA ASP C 2028 74.76 13.71 30.42
C ASP C 2028 73.97 15.01 30.62
N VAL C 2029 72.76 14.94 31.20
CA VAL C 2029 71.93 16.16 31.48
C VAL C 2029 72.63 16.97 32.56
N TYR C 2030 73.13 16.31 33.61
CA TYR C 2030 73.88 16.95 34.72
C TYR C 2030 75.17 17.62 34.22
N ASP C 2031 75.86 17.02 33.25
CA ASP C 2031 77.11 17.58 32.65
C ASP C 2031 76.79 18.88 31.90
N LEU C 2032 75.70 18.90 31.10
CA LEU C 2032 75.26 20.06 30.28
C LEU C 2032 74.78 21.20 31.19
N THR C 2033 73.96 20.89 32.20
CA THR C 2033 73.31 21.88 33.11
C THR C 2033 73.23 21.36 34.54
N GLY C 2034 74.17 21.79 35.39
CA GLY C 2034 74.46 21.21 36.72
C GLY C 2034 73.34 21.46 37.73
N SER C 2035 72.38 20.53 37.81
CA SER C 2035 71.12 20.64 38.58
C SER C 2035 71.13 19.65 39.76
N GLU C 2036 70.64 20.09 40.92
CA GLU C 2036 70.74 19.32 42.19
C GLU C 2036 69.85 18.09 42.11
N PRO C 2037 68.55 18.17 41.69
CA PRO C 2037 67.68 17.00 41.69
C PRO C 2037 68.14 15.87 40.75
N ILE C 2038 68.75 16.20 39.61
CA ILE C 2038 69.29 15.20 38.64
C ILE C 2038 70.45 14.47 39.31
N LYS C 2039 71.36 15.22 39.94
CA LYS C 2039 72.56 14.69 40.64
C LYS C 2039 72.10 13.77 41.78
N GLU C 2040 71.11 14.20 42.57
CA GLU C 2040 70.50 13.37 43.65
C GLU C 2040 70.06 12.02 43.08
N ILE C 2041 69.37 12.01 41.94
CA ILE C 2041 68.86 10.76 41.27
C ILE C 2041 70.06 9.91 40.83
N ILE C 2042 71.09 10.52 40.24
CA ILE C 2042 72.34 9.82 39.77
C ILE C 2042 72.96 9.06 40.94
N ASP C 2043 73.23 9.75 42.05
CA ASP C 2043 73.90 9.18 43.25
C ASP C 2043 73.09 7.99 43.77
N ASN C 2044 71.78 8.18 43.95
CA ASN C 2044 70.84 7.19 44.54
C ASN C 2044 70.19 6.34 43.44
N TRP C 2045 70.84 6.18 42.28
CA TRP C 2045 70.25 5.42 41.12
C TRP C 2045 69.94 3.99 41.57
N GLU C 2046 70.88 3.38 42.30
CA GLU C 2046 70.80 1.99 42.81
C GLU C 2046 69.56 1.84 43.71
N LYS C 2047 69.26 2.85 44.51
CA LYS C 2047 68.11 2.85 45.47
C LYS C 2047 66.77 2.82 44.71
N TYR C 2048 66.71 3.52 43.56
CA TYR C 2048 65.50 3.62 42.70
C TYR C 2048 65.38 2.36 41.82
N GLU C 2049 66.50 1.73 41.45
CA GLU C 2049 66.54 0.50 40.59
C GLU C 2049 65.64 -0.62 41.17
N GLN C 2050 65.59 -0.77 42.50
CA GLN C 2050 64.73 -1.78 43.20
C GLN C 2050 63.86 -1.06 44.24
#